data_9HNE
#
_entry.id   9HNE
#
_cell.length_a   158.340
_cell.length_b   112.380
_cell.length_c   177.940
_cell.angle_alpha   90.00
_cell.angle_beta   95.25
_cell.angle_gamma   90.00
#
_symmetry.space_group_name_H-M   'P 1 2 1'
#
loop_
_entity.id
_entity.type
_entity.pdbx_description
1 polymer 'Eukaryotic peptide chain release factor GTP-binding subunit ERF3A'
2 polymer 'DNA damage-binding protein 1'
3 polymer 'Protein cereblon'
4 non-polymer 'ZINC ION'
5 non-polymer '2-[(3~{S})-2,6-bis(oxidanylidene)piperidin-3-yl]-6-fluoranyl-1-oxidanylidene-3~{H}-isoindole-5-carboxylic acid'
#
loop_
_entity_poly.entity_id
_entity_poly.type
_entity_poly.pdbx_seq_one_letter_code
_entity_poly.pdbx_strand_id
1 'polypeptide(L)'
;GPIRLPIVDKYKDMGTVVLGKLESGSICKGQQLVMMPNKHNVEVLGILSDDVETDTVAPGENLKIRLKGIEEEEILPGFI
LCDPNNLCHSGRTFDAQIVIIEHKSIICPGYNAVLHIHTCIEEVEITALICLVDKKSGEKSKTRPRFVKQDQVCIARLRT
AGTICLETFKDFPQMGRFTLRDEGKTIAIGKVLKLVP
;
A,D
2 'polypeptide(L)'
;MSYNYVVTAQKPTAVNGCVTGHFTSAEDLNLLIAKNTRLEIYVVTAEGLRPVKEVGMYGKIAVMELFRPKGESKDLLFIL
TAKYNACILEYKQSGESIDIITRAHGNVQDRIGRPSETGIIGIIDPECRMIGLRLYDGLFKVIPLDRDNKELKAFNIRLE
ELHVIDVKFLYGCQAPTICFVYQDPQGRHVKTYEVSLREKEFNKGPWKQENVEAEASMVIAVPEPFGGAIIIGQESITYH
NGDKYLAIAPPIIKQSTIVCHNRVDPNGSRYLLGDMEGRLFMLLLEKEEQMDGTVTLKDLRVELLGETSIAECLTYLDNG
VVFVGSRLGDSQLVKLNVDSNEQGSYVVAMETFTNLGPIVDMCVVDLERQGQGQLVTCSGAFKEGSLRIIRNGIGIHEHA
SIDLPGIKGLWPLRSDPNRETDDTLVLSFVGQTRVLMLNGEEVEETELMGFVDDQQTFFCGNVAHQQLIQITSASVRLVS
QEPKALVSEWKEPQAKNISVASCNSSQVVVAVGRALYYLQIHPQELRQISHTEMEHEVACLDITPLGDSNGLSPLCAIGL
WTDISARILKLPSFELLHKEMLGGEIIPRSILMTTFESSHYLLCALGDGALFYFGLNIETGLLSDRKKVTLGTQPTVLRT
FRSLSTTNVFACSDRPTVIYSSNHKLVFSNVNLKEVNYMCPLNSDGYPDSLALANNSTLTIGTIDEIQKLHIRTVPLYES
PRKICYQEVSQCFGVLSSRIEVQDTSGGTTALRPSASTQALSSSVSSSKLFSSSTAPHETSFGEEVEVHNLLIIDQHTFE
VLHAHQFLQNEYALSLVSCKLGKDPNTYFIVGTAMVYPEEAEPKQGRIVVFQYSDGKLQTVAEKEVKGAVYSMVEFNGKL
LASINSTVRLYEWTTEKELRTECNHYNNIMALYLKTKGDFILVGDLMRSVLLLAYKPMEGNFEEIARDFNPNWMSAVEIL
DDDNFLGAENAFNLFVCQKDSAATTDEERQHLQEVGLFHLGEFVNVFCHGSLVMQNLGETSTPTQGSVLFGTVNGMIGLV
TSLSESWYNLLLDMQNRLNKVIKSVGKIEHSFWRSFHTERKTEPATGFIDGDLIESFLDISRPKMQEVVANLQYDDGSGM
KREATADDLIKVVEELTRIH
;
B,E
3 'polypeptide(L)'
;SEAKKPNIINFDTSLPTSHTYLGADMEEFHGRTLHDDDSCQVIPVLPQVMMILIPGQTLPLQLFHPQEVSMVRNLIQKDR
TFAVLAYSNVQEREAQFGTTAEIYAYREEQDFGIEIVKVKAIGRQRFKVLELRTQSDGIQQAKVQILPECVLPSTMSAVQ
LESLNKCQIFPSKPVSREDQCSYKWWQKYQKRKFHCANLTSWPRWLYSLYDAETLMDRIKKQLREWDENLKDDSLPSNPI
DFSYRVAACLPIDDVLRIQLLKIGSAIQRLRCELDIMNKCTSLCCKQCQETEITTKNEIFSLSLCGPMAAYVNPHGYVHE
TLTVYKACNLNLIGRPSTEHSWFPGYAWTVAQCKICASHIGWKFTATKKDMSPQKFWGLTRSALLPTIPDTEDEISPDKV
ILCL
;
C,F
#
# COMPACT_ATOMS: atom_id res chain seq x y z
N ILE A 3 10.10 92.97 -57.95
CA ILE A 3 8.84 93.70 -57.60
C ILE A 3 7.82 93.49 -58.72
N ARG A 4 6.54 93.68 -58.37
CA ARG A 4 5.44 93.59 -59.31
C ARG A 4 4.29 94.44 -58.78
N LEU A 5 3.48 95.01 -59.68
CA LEU A 5 2.26 95.72 -59.28
C LEU A 5 1.22 95.64 -60.40
N PRO A 6 0.12 94.88 -60.20
CA PRO A 6 -1.04 94.93 -61.10
C PRO A 6 -1.51 96.38 -61.26
N ILE A 7 -2.17 96.65 -62.39
CA ILE A 7 -2.62 98.00 -62.69
C ILE A 7 -4.13 97.97 -62.87
N VAL A 8 -4.84 98.57 -61.90
CA VAL A 8 -6.28 98.43 -61.77
C VAL A 8 -6.99 99.58 -62.48
N ASP A 9 -6.45 100.80 -62.36
CA ASP A 9 -6.88 101.90 -63.23
C ASP A 9 -5.96 103.11 -63.12
N LYS A 10 -5.96 103.90 -64.20
CA LYS A 10 -5.07 105.03 -64.45
C LYS A 10 -5.85 106.35 -64.47
N TYR A 11 -5.85 107.06 -63.34
CA TYR A 11 -6.55 108.33 -63.27
C TYR A 11 -5.56 109.41 -63.66
N LYS A 12 -6.03 110.34 -64.52
CA LYS A 12 -5.18 111.36 -65.13
C LYS A 12 -5.22 112.65 -64.31
N ASP A 13 -4.22 112.81 -63.43
CA ASP A 13 -4.05 113.97 -62.56
C ASP A 13 -2.55 114.25 -62.41
N MET A 14 -2.21 115.48 -61.99
CA MET A 14 -0.84 115.97 -62.07
C MET A 14 -0.23 115.48 -63.38
N GLY A 15 0.67 114.49 -63.32
CA GLY A 15 1.27 113.89 -64.50
C GLY A 15 0.44 112.70 -64.98
N THR A 16 0.54 111.59 -64.25
CA THR A 16 -0.33 110.44 -64.44
C THR A 16 -0.23 109.55 -63.21
N VAL A 17 -1.33 108.85 -62.89
CA VAL A 17 -1.41 108.00 -61.72
C VAL A 17 -1.95 106.62 -62.13
N VAL A 18 -2.04 105.71 -61.15
CA VAL A 18 -2.60 104.39 -61.35
C VAL A 18 -3.00 103.80 -59.99
N LEU A 19 -3.64 102.62 -60.01
CA LEU A 19 -4.05 101.92 -58.80
C LEU A 19 -3.62 100.46 -58.83
N GLY A 20 -3.55 99.81 -57.66
CA GLY A 20 -3.47 98.37 -57.59
C GLY A 20 -2.82 97.86 -56.30
N LYS A 21 -3.11 96.60 -55.95
CA LYS A 21 -2.50 95.94 -54.80
C LYS A 21 -1.07 95.55 -55.18
N LEU A 22 -0.10 96.01 -54.38
CA LEU A 22 1.32 95.73 -54.60
C LEU A 22 1.64 94.31 -54.12
N GLU A 23 1.80 93.38 -55.07
CA GLU A 23 1.80 91.96 -54.78
C GLU A 23 3.22 91.43 -54.53
N SER A 24 4.21 91.97 -55.25
CA SER A 24 5.59 91.53 -55.08
C SER A 24 6.50 92.72 -54.83
N GLY A 25 7.42 92.53 -53.87
CA GLY A 25 8.61 93.33 -53.74
C GLY A 25 8.33 94.77 -53.35
N SER A 26 9.13 95.29 -52.41
CA SER A 26 9.02 96.66 -51.94
C SER A 26 9.41 97.62 -53.07
N ILE A 27 8.81 98.82 -53.04
CA ILE A 27 8.94 99.76 -54.15
C ILE A 27 9.33 101.14 -53.59
N CYS A 28 10.59 101.51 -53.82
CA CYS A 28 11.16 102.75 -53.29
C CYS A 28 10.57 103.98 -53.98
N LYS A 29 10.79 105.13 -53.34
CA LYS A 29 10.62 106.44 -53.97
C LYS A 29 11.64 106.58 -55.10
N GLY A 30 11.23 107.23 -56.19
CA GLY A 30 12.10 107.43 -57.34
C GLY A 30 12.85 106.16 -57.73
N GLN A 31 12.18 105.00 -57.65
CA GLN A 31 12.75 103.72 -58.05
C GLN A 31 12.37 103.45 -59.51
N GLN A 32 13.39 103.18 -60.34
CA GLN A 32 13.19 102.92 -61.76
C GLN A 32 12.55 101.55 -61.98
N LEU A 33 11.37 101.55 -62.59
CA LEU A 33 10.63 100.32 -62.85
C LEU A 33 10.21 100.28 -64.33
N VAL A 34 9.68 99.12 -64.74
CA VAL A 34 9.22 98.89 -66.09
C VAL A 34 7.71 98.66 -66.03
N MET A 35 7.02 98.94 -67.15
CA MET A 35 5.59 98.67 -67.25
C MET A 35 5.29 97.94 -68.55
N MET A 36 4.58 96.82 -68.42
CA MET A 36 4.73 95.67 -69.32
C MET A 36 3.82 95.84 -70.54
N PRO A 37 3.09 94.79 -71.02
CA PRO A 37 2.94 94.49 -72.45
C PRO A 37 3.25 95.47 -73.58
N ASN A 38 4.11 96.46 -73.34
CA ASN A 38 4.56 97.37 -74.38
C ASN A 38 6.02 97.73 -74.16
N LYS A 39 6.63 97.22 -73.08
CA LYS A 39 7.94 97.61 -72.64
C LYS A 39 8.00 99.13 -72.56
N HIS A 40 7.81 99.67 -71.35
CA HIS A 40 7.94 101.11 -71.15
C HIS A 40 8.67 101.44 -69.86
N ASN A 41 9.52 102.47 -69.98
CA ASN A 41 10.34 103.00 -68.89
C ASN A 41 9.51 104.04 -68.13
N VAL A 42 9.78 104.16 -66.83
CA VAL A 42 8.99 105.00 -65.96
C VAL A 42 9.78 105.31 -64.69
N GLU A 43 9.48 106.47 -64.07
CA GLU A 43 10.12 106.94 -62.85
C GLU A 43 9.05 107.21 -61.79
N VAL A 44 9.30 106.74 -60.56
CA VAL A 44 8.39 106.92 -59.43
C VAL A 44 8.49 108.35 -58.93
N LEU A 45 7.35 109.06 -58.91
CA LEU A 45 7.27 110.44 -58.44
C LEU A 45 6.65 110.49 -57.05
N GLY A 46 5.39 110.03 -56.96
CA GLY A 46 4.60 110.14 -55.74
C GLY A 46 3.84 108.85 -55.48
N ILE A 47 4.12 108.25 -54.31
CA ILE A 47 3.32 107.15 -53.81
C ILE A 47 2.22 107.74 -52.94
N LEU A 48 1.03 107.14 -52.98
CA LEU A 48 -0.09 107.56 -52.16
C LEU A 48 -0.75 106.32 -51.55
N SER A 49 0.05 105.59 -50.75
CA SER A 49 -0.34 104.33 -50.15
C SER A 49 -1.58 104.52 -49.29
N ASP A 50 -2.74 104.11 -49.82
CA ASP A 50 -4.02 104.25 -49.16
C ASP A 50 -4.37 105.74 -49.14
N ASP A 51 -4.43 106.33 -47.94
CA ASP A 51 -4.51 107.78 -47.77
C ASP A 51 -3.10 108.34 -47.71
N VAL A 52 -2.27 107.71 -46.88
CA VAL A 52 -0.95 108.21 -46.49
C VAL A 52 0.02 108.16 -47.69
N GLU A 53 1.18 108.82 -47.54
CA GLU A 53 2.32 108.69 -48.45
C GLU A 53 3.56 108.27 -47.65
N THR A 54 3.90 106.98 -47.73
CA THR A 54 5.18 106.47 -47.26
C THR A 54 6.04 106.21 -48.51
N ASP A 55 7.23 106.82 -48.55
CA ASP A 55 8.04 106.84 -49.76
C ASP A 55 8.50 105.43 -50.14
N THR A 56 8.52 104.51 -49.16
CA THR A 56 8.62 103.09 -49.42
C THR A 56 7.28 102.44 -49.03
N VAL A 57 6.98 101.26 -49.59
CA VAL A 57 5.82 100.50 -49.18
C VAL A 57 5.93 99.06 -49.67
N ALA A 58 5.85 98.11 -48.72
CA ALA A 58 6.05 96.69 -48.97
C ALA A 58 4.77 96.06 -49.51
N PRO A 59 4.77 94.75 -49.87
CA PRO A 59 3.56 94.10 -50.40
C PRO A 59 2.33 94.06 -49.49
N GLY A 60 1.18 93.75 -50.09
CA GLY A 60 -0.08 93.61 -49.39
C GLY A 60 -0.69 94.96 -49.01
N GLU A 61 -0.31 96.01 -49.75
CA GLU A 61 -0.75 97.37 -49.47
C GLU A 61 -1.28 98.00 -50.77
N ASN A 62 -2.33 98.84 -50.65
CA ASN A 62 -3.07 99.37 -51.79
C ASN A 62 -2.51 100.73 -52.20
N LEU A 63 -1.90 100.78 -53.40
CA LEU A 63 -1.10 101.93 -53.81
C LEU A 63 -1.81 102.71 -54.90
N LYS A 64 -1.58 104.03 -54.91
CA LYS A 64 -2.04 104.93 -55.97
C LYS A 64 -0.83 105.65 -56.57
N ILE A 65 -0.10 104.94 -57.45
CA ILE A 65 1.24 105.34 -57.86
C ILE A 65 1.15 106.38 -58.97
N ARG A 66 2.02 107.40 -58.89
CA ARG A 66 2.03 108.52 -59.82
C ARG A 66 3.22 108.41 -60.79
N LEU A 67 2.94 107.91 -62.00
CA LEU A 67 3.98 107.47 -62.93
C LEU A 67 4.50 108.64 -63.77
N LYS A 68 5.72 108.47 -64.27
CA LYS A 68 6.34 109.39 -65.22
C LYS A 68 7.17 108.58 -66.21
N GLY A 69 6.67 108.49 -67.45
CA GLY A 69 7.35 107.79 -68.52
C GLY A 69 6.92 108.34 -69.88
N ILE A 70 7.14 107.55 -70.94
CA ILE A 70 6.66 107.90 -72.26
C ILE A 70 5.14 107.77 -72.25
N GLU A 71 4.65 106.57 -71.90
CA GLU A 71 3.24 106.26 -71.95
C GLU A 71 2.58 106.85 -70.70
N GLU A 72 1.70 107.85 -70.91
CA GLU A 72 1.07 108.58 -69.80
C GLU A 72 -0.40 108.17 -69.66
N GLU A 73 -1.11 107.99 -70.78
CA GLU A 73 -2.30 107.14 -70.81
C GLU A 73 -2.35 106.51 -72.20
N GLU A 74 -3.04 105.36 -72.30
CA GLU A 74 -2.69 104.28 -73.21
C GLU A 74 -2.01 103.19 -72.39
N ILE A 75 -2.27 103.22 -71.07
CA ILE A 75 -2.06 102.09 -70.18
C ILE A 75 -3.44 101.59 -69.75
N LEU A 76 -3.63 100.26 -69.77
CA LEU A 76 -4.92 99.65 -69.48
C LEU A 76 -4.86 98.84 -68.19
N PRO A 77 -6.03 98.46 -67.62
CA PRO A 77 -6.07 97.39 -66.64
C PRO A 77 -5.80 96.06 -67.33
N GLY A 78 -4.84 95.31 -66.79
CA GLY A 78 -4.32 94.12 -67.43
C GLY A 78 -2.86 94.30 -67.86
N PHE A 79 -2.22 95.37 -67.38
CA PHE A 79 -0.78 95.54 -67.42
C PHE A 79 -0.27 95.53 -65.97
N ILE A 80 1.06 95.52 -65.81
CA ILE A 80 1.67 95.40 -64.50
C ILE A 80 2.87 96.34 -64.44
N LEU A 81 3.53 96.36 -63.28
CA LEU A 81 4.80 97.06 -63.11
C LEU A 81 5.86 96.06 -62.66
N CYS A 82 7.08 96.20 -63.18
CA CYS A 82 8.07 95.13 -63.12
C CYS A 82 9.42 95.68 -62.69
N ASP A 83 10.24 94.81 -62.09
CA ASP A 83 11.65 95.05 -61.88
C ASP A 83 12.37 94.79 -63.20
N PRO A 84 13.24 95.70 -63.70
CA PRO A 84 13.80 95.58 -65.05
C PRO A 84 14.76 94.42 -65.32
N ASN A 85 15.10 93.64 -64.28
CA ASN A 85 16.08 92.57 -64.40
C ASN A 85 15.34 91.27 -64.77
N ASN A 86 14.85 90.54 -63.77
CA ASN A 86 13.92 89.44 -63.99
C ASN A 86 12.50 89.98 -63.94
N LEU A 87 11.96 90.32 -65.13
CA LEU A 87 10.66 90.97 -65.25
C LEU A 87 9.61 89.92 -65.64
N CYS A 88 8.47 90.38 -66.17
CA CYS A 88 7.30 89.55 -66.31
C CYS A 88 7.23 88.92 -67.71
N HIS A 89 6.81 87.64 -67.74
CA HIS A 89 6.45 86.98 -68.98
C HIS A 89 5.20 87.66 -69.55
N SER A 90 4.77 87.23 -70.74
CA SER A 90 3.50 87.67 -71.30
C SER A 90 3.10 86.73 -72.44
N GLY A 91 2.96 87.28 -73.65
CA GLY A 91 2.53 86.50 -74.80
C GLY A 91 1.01 86.33 -74.77
N ARG A 92 0.51 85.33 -75.51
CA ARG A 92 -0.92 85.14 -75.63
C ARG A 92 -1.30 83.66 -75.74
N THR A 93 -0.38 82.75 -75.39
CA THR A 93 -0.73 81.34 -75.27
C THR A 93 -0.09 80.77 -74.02
N PHE A 94 -0.83 79.84 -73.40
CA PHE A 94 -0.41 79.22 -72.14
C PHE A 94 -1.17 77.92 -71.93
N ASP A 95 -0.65 77.09 -71.02
CA ASP A 95 -1.30 75.87 -70.62
C ASP A 95 -1.68 75.98 -69.16
N ALA A 96 -2.80 75.35 -68.81
CA ALA A 96 -3.43 75.59 -67.54
C ALA A 96 -4.21 74.36 -67.11
N GLN A 97 -4.01 73.96 -65.85
CA GLN A 97 -4.92 73.05 -65.17
C GLN A 97 -6.21 73.82 -64.98
N ILE A 98 -7.34 73.17 -65.27
CA ILE A 98 -8.63 73.85 -65.31
C ILE A 98 -9.71 72.93 -64.75
N VAL A 99 -9.97 73.08 -63.45
CA VAL A 99 -11.06 72.39 -62.79
C VAL A 99 -12.35 73.13 -63.17
N ILE A 100 -13.19 72.44 -63.95
CA ILE A 100 -14.49 72.95 -64.37
C ILE A 100 -15.44 72.83 -63.20
N ILE A 101 -16.27 73.87 -62.98
CA ILE A 101 -17.05 73.95 -61.75
C ILE A 101 -18.55 74.05 -62.04
N GLU A 102 -18.95 74.67 -63.15
CA GLU A 102 -20.37 74.78 -63.42
C GLU A 102 -20.61 74.74 -64.92
N HIS A 103 -21.53 73.87 -65.36
CA HIS A 103 -21.89 73.75 -66.77
C HIS A 103 -22.98 72.69 -66.97
N LYS A 104 -23.92 73.01 -67.88
CA LYS A 104 -25.16 72.25 -68.04
C LYS A 104 -24.97 71.01 -68.92
N SER A 105 -23.82 70.95 -69.61
CA SER A 105 -23.43 69.77 -70.36
C SER A 105 -21.91 69.74 -70.54
N ILE A 106 -21.43 69.98 -71.77
CA ILE A 106 -20.10 69.55 -72.19
C ILE A 106 -19.37 70.67 -72.93
N ILE A 107 -18.46 71.36 -72.21
CA ILE A 107 -17.44 72.19 -72.84
C ILE A 107 -16.59 71.26 -73.69
N CYS A 108 -16.26 71.74 -74.89
CA CYS A 108 -15.84 70.86 -75.97
C CYS A 108 -15.02 71.67 -76.96
N PRO A 109 -13.80 71.20 -77.31
CA PRO A 109 -12.75 72.07 -77.86
C PRO A 109 -13.20 73.07 -78.92
N GLY A 110 -12.74 74.31 -78.76
CA GLY A 110 -13.26 75.44 -79.52
C GLY A 110 -14.35 76.16 -78.73
N TYR A 111 -14.07 76.43 -77.46
CA TYR A 111 -15.01 77.10 -76.58
C TYR A 111 -14.56 78.55 -76.39
N ASN A 112 -15.53 79.42 -76.14
CA ASN A 112 -15.32 80.87 -76.11
C ASN A 112 -15.75 81.42 -74.75
N ALA A 113 -14.76 81.93 -73.99
CA ALA A 113 -15.00 82.45 -72.66
C ALA A 113 -14.04 83.60 -72.34
N VAL A 114 -14.33 84.29 -71.24
CA VAL A 114 -13.55 85.44 -70.79
C VAL A 114 -12.57 84.97 -69.73
N LEU A 115 -11.46 85.70 -69.56
CA LEU A 115 -10.38 85.22 -68.72
C LEU A 115 -9.94 86.27 -67.71
N HIS A 116 -10.52 86.22 -66.52
CA HIS A 116 -10.23 87.22 -65.50
C HIS A 116 -8.89 86.89 -64.85
N ILE A 117 -7.83 87.57 -65.29
CA ILE A 117 -6.52 87.36 -64.68
C ILE A 117 -6.15 88.62 -63.90
N HIS A 118 -5.77 88.41 -62.63
CA HIS A 118 -5.43 89.46 -61.68
C HIS A 118 -6.38 90.65 -61.82
N THR A 119 -6.06 91.56 -62.77
CA THR A 119 -6.89 92.70 -63.10
C THR A 119 -7.42 92.53 -64.53
N CYS A 120 -6.56 92.02 -65.43
CA CYS A 120 -6.90 91.95 -66.84
C CYS A 120 -8.18 91.15 -67.07
N ILE A 121 -8.98 91.64 -68.02
CA ILE A 121 -10.20 91.00 -68.43
C ILE A 121 -10.21 90.96 -69.96
N GLU A 122 -9.93 89.78 -70.53
CA GLU A 122 -9.90 89.63 -71.97
C GLU A 122 -10.55 88.30 -72.39
N GLU A 123 -11.01 88.26 -73.65
CA GLU A 123 -11.71 87.11 -74.20
C GLU A 123 -10.71 86.03 -74.58
N VAL A 124 -11.13 84.75 -74.47
CA VAL A 124 -10.21 83.61 -74.60
C VAL A 124 -10.92 82.42 -75.26
N GLU A 125 -10.11 81.53 -75.85
CA GLU A 125 -10.57 80.25 -76.35
C GLU A 125 -9.61 79.16 -75.90
N ILE A 126 -10.17 78.10 -75.30
CA ILE A 126 -9.44 76.86 -75.09
C ILE A 126 -9.32 76.17 -76.45
N THR A 127 -8.09 76.09 -76.93
CA THR A 127 -7.79 75.73 -78.31
C THR A 127 -7.87 74.23 -78.47
N ALA A 128 -7.11 73.52 -77.63
CA ALA A 128 -7.21 72.08 -77.45
C ALA A 128 -6.95 71.74 -75.99
N LEU A 129 -7.44 70.56 -75.57
CA LEU A 129 -7.26 70.11 -74.21
C LEU A 129 -6.20 69.02 -74.25
N ILE A 130 -5.36 68.96 -73.22
CA ILE A 130 -4.23 68.06 -73.20
C ILE A 130 -4.65 66.76 -72.53
N CYS A 131 -4.91 66.84 -71.22
CA CYS A 131 -5.18 65.68 -70.38
C CYS A 131 -6.33 66.00 -69.44
N LEU A 132 -6.78 64.94 -68.76
CA LEU A 132 -7.79 64.99 -67.71
C LEU A 132 -7.12 64.60 -66.40
N VAL A 133 -7.86 64.69 -65.29
CA VAL A 133 -7.31 64.31 -63.99
C VAL A 133 -8.39 63.62 -63.16
N ASP A 134 -8.06 62.41 -62.68
CA ASP A 134 -8.83 61.74 -61.63
C ASP A 134 -8.49 62.42 -60.31
N LYS A 135 -9.31 63.42 -59.97
CA LYS A 135 -9.04 64.37 -58.89
C LYS A 135 -8.79 63.67 -57.55
N LYS A 136 -9.07 62.36 -57.49
CA LYS A 136 -8.73 61.56 -56.33
C LYS A 136 -7.23 61.75 -56.06
N SER A 137 -6.41 61.35 -57.04
CA SER A 137 -4.97 61.17 -56.83
C SER A 137 -4.17 62.23 -57.58
N GLY A 138 -4.70 62.69 -58.71
CA GLY A 138 -3.91 63.46 -59.66
C GLY A 138 -3.31 62.58 -60.75
N GLU A 139 -4.06 61.54 -61.13
CA GLU A 139 -3.66 60.67 -62.23
C GLU A 139 -3.69 61.51 -63.52
N LYS A 140 -2.49 61.80 -64.04
CA LYS A 140 -2.34 62.48 -65.32
C LYS A 140 -2.88 61.59 -66.44
N SER A 141 -3.99 61.99 -67.07
CA SER A 141 -4.78 61.07 -67.87
C SER A 141 -3.94 60.41 -68.96
N LYS A 142 -4.24 59.14 -69.23
CA LYS A 142 -3.45 58.34 -70.15
C LYS A 142 -3.59 58.96 -71.54
N THR A 143 -4.84 58.94 -72.04
CA THR A 143 -5.16 59.37 -73.39
C THR A 143 -5.53 60.85 -73.38
N ARG A 144 -5.89 61.34 -74.58
CA ARG A 144 -6.29 62.72 -74.82
C ARG A 144 -7.80 62.83 -74.66
N PRO A 145 -8.30 63.77 -73.84
CA PRO A 145 -9.74 63.99 -73.73
C PRO A 145 -10.26 64.67 -75.00
N ARG A 146 -11.58 64.59 -75.20
CA ARG A 146 -12.21 65.13 -76.40
C ARG A 146 -13.39 66.03 -75.99
N PHE A 147 -13.46 66.36 -74.70
CA PHE A 147 -14.53 67.14 -74.10
C PHE A 147 -14.51 66.90 -72.59
N VAL A 148 -14.55 67.98 -71.83
CA VAL A 148 -14.53 67.87 -70.37
C VAL A 148 -15.91 68.32 -69.87
N LYS A 149 -16.31 67.82 -68.69
CA LYS A 149 -17.64 68.05 -68.15
C LYS A 149 -17.51 68.88 -66.87
N GLN A 150 -18.55 68.86 -66.02
CA GLN A 150 -18.53 69.55 -64.75
C GLN A 150 -17.77 68.72 -63.73
N ASP A 151 -17.30 69.34 -62.64
CA ASP A 151 -16.55 68.67 -61.58
C ASP A 151 -15.11 68.43 -62.00
N GLN A 152 -14.93 68.22 -63.31
CA GLN A 152 -13.86 67.40 -63.85
C GLN A 152 -12.66 68.25 -64.21
N VAL A 153 -11.47 67.78 -63.88
CA VAL A 153 -10.29 68.59 -64.07
C VAL A 153 -9.65 68.21 -65.40
N CYS A 154 -9.07 69.23 -66.07
CA CYS A 154 -8.32 69.06 -67.31
C CYS A 154 -7.24 70.13 -67.44
N ILE A 155 -6.02 69.68 -67.78
CA ILE A 155 -4.97 70.57 -68.30
C ILE A 155 -5.35 70.92 -69.73
N ALA A 156 -5.08 72.15 -70.16
CA ALA A 156 -5.49 72.58 -71.49
C ALA A 156 -4.78 73.88 -71.89
N ARG A 157 -4.83 74.16 -73.20
CA ARG A 157 -4.09 75.26 -73.82
C ARG A 157 -5.07 76.36 -74.24
N LEU A 158 -4.79 77.59 -73.78
CA LEU A 158 -5.62 78.75 -74.06
C LEU A 158 -4.81 79.74 -74.89
N ARG A 159 -5.47 80.31 -75.92
CA ARG A 159 -4.99 81.47 -76.64
C ARG A 159 -5.97 82.63 -76.48
N THR A 160 -5.57 83.61 -75.67
CA THR A 160 -6.32 84.85 -75.54
C THR A 160 -6.17 85.58 -76.87
N ALA A 161 -7.24 86.26 -77.30
CA ALA A 161 -7.25 86.86 -78.63
C ALA A 161 -6.36 88.10 -78.68
N GLY A 162 -6.01 88.66 -77.50
CA GLY A 162 -5.19 89.86 -77.46
C GLY A 162 -3.81 89.58 -76.87
N THR A 163 -3.55 90.09 -75.65
CA THR A 163 -2.30 89.84 -74.96
C THR A 163 -2.47 90.10 -73.45
N ILE A 164 -1.70 89.33 -72.69
CA ILE A 164 -1.84 89.21 -71.25
C ILE A 164 -0.58 89.79 -70.63
N CYS A 165 -0.31 89.43 -69.38
CA CYS A 165 1.06 89.25 -68.90
C CYS A 165 1.04 88.22 -67.77
N LEU A 166 1.09 86.94 -68.17
CA LEU A 166 0.91 85.81 -67.27
C LEU A 166 2.01 85.75 -66.23
N GLU A 167 1.80 84.88 -65.24
CA GLU A 167 2.90 84.13 -64.68
C GLU A 167 2.50 82.66 -64.64
N THR A 168 3.49 81.79 -64.49
CA THR A 168 3.21 80.42 -64.10
C THR A 168 2.81 80.48 -62.64
N PHE A 169 1.79 79.70 -62.25
CA PHE A 169 1.57 79.43 -60.85
C PHE A 169 2.83 78.74 -60.33
N LYS A 170 3.21 79.04 -59.08
CA LYS A 170 4.41 78.52 -58.43
C LYS A 170 5.53 79.54 -58.63
N ASP A 171 5.89 79.79 -59.89
CA ASP A 171 6.78 80.90 -60.21
C ASP A 171 6.16 82.17 -59.58
N PHE A 172 4.83 82.30 -59.74
CA PHE A 172 4.04 83.29 -59.01
C PHE A 172 2.64 82.77 -58.72
N PRO A 173 2.14 82.88 -57.48
CA PRO A 173 0.77 82.45 -57.17
C PRO A 173 -0.24 83.49 -57.67
N GLN A 174 -0.43 84.56 -56.89
CA GLN A 174 -1.52 85.50 -57.07
C GLN A 174 -1.72 85.89 -58.54
N MET A 175 -0.63 85.89 -59.31
CA MET A 175 -0.65 86.40 -60.67
C MET A 175 -1.22 85.34 -61.62
N GLY A 176 -0.99 84.07 -61.29
CA GLY A 176 -1.38 82.96 -62.15
C GLY A 176 -2.85 82.59 -61.99
N ARG A 177 -3.32 82.55 -60.74
CA ARG A 177 -4.69 82.13 -60.45
C ARG A 177 -5.61 82.99 -61.30
N PHE A 178 -6.57 82.34 -61.96
CA PHE A 178 -7.49 83.04 -62.84
C PHE A 178 -8.80 82.28 -62.94
N THR A 179 -9.81 82.97 -63.50
CA THR A 179 -11.15 82.43 -63.63
C THR A 179 -11.64 82.64 -65.05
N LEU A 180 -11.94 81.54 -65.74
CA LEU A 180 -12.82 81.60 -66.89
C LEU A 180 -14.18 82.04 -66.37
N ARG A 181 -14.97 82.73 -67.21
CA ARG A 181 -16.20 83.39 -66.77
C ARG A 181 -17.09 83.68 -67.98
N ASP A 182 -18.05 82.78 -68.24
CA ASP A 182 -19.02 82.98 -69.31
C ASP A 182 -20.35 83.44 -68.71
N GLU A 183 -20.99 84.42 -69.35
CA GLU A 183 -22.30 84.91 -68.94
C GLU A 183 -22.31 85.26 -67.46
N GLY A 184 -21.14 85.54 -66.88
CA GLY A 184 -21.06 85.98 -65.49
C GLY A 184 -20.69 84.84 -64.52
N LYS A 185 -21.40 83.71 -64.62
CA LYS A 185 -21.09 82.58 -63.75
C LYS A 185 -19.66 82.14 -64.04
N THR A 186 -18.81 82.25 -63.02
CA THR A 186 -17.55 81.52 -63.01
C THR A 186 -17.88 80.11 -63.50
N ILE A 187 -17.03 79.56 -64.37
CA ILE A 187 -17.32 78.30 -65.03
C ILE A 187 -16.12 77.36 -64.88
N ALA A 188 -14.93 77.93 -64.68
CA ALA A 188 -13.79 77.22 -64.09
C ALA A 188 -12.85 78.20 -63.40
N ILE A 189 -12.15 77.71 -62.37
CA ILE A 189 -10.95 78.35 -61.87
C ILE A 189 -9.77 77.45 -62.22
N GLY A 190 -8.64 78.07 -62.50
CA GLY A 190 -7.49 77.35 -63.02
C GLY A 190 -6.18 78.00 -62.59
N LYS A 191 -5.12 77.22 -62.71
CA LYS A 191 -3.75 77.69 -62.53
C LYS A 191 -3.12 77.69 -63.92
N VAL A 192 -2.05 78.48 -64.11
CA VAL A 192 -1.32 78.49 -65.38
C VAL A 192 0.05 77.86 -65.13
N LEU A 193 0.35 76.78 -65.88
CA LEU A 193 1.54 75.98 -65.66
C LEU A 193 2.70 76.50 -66.51
N LYS A 194 2.45 76.61 -67.81
CA LYS A 194 3.49 76.77 -68.81
C LYS A 194 3.00 77.75 -69.87
N LEU A 195 3.91 78.61 -70.35
CA LEU A 195 3.59 79.65 -71.32
C LEU A 195 4.08 79.18 -72.69
N VAL A 196 3.15 79.08 -73.64
CA VAL A 196 3.46 78.60 -74.98
C VAL A 196 3.88 79.83 -75.78
N PRO A 197 4.87 79.73 -76.71
CA PRO A 197 5.64 80.88 -77.18
C PRO A 197 5.19 82.27 -76.72
N SER B 2 -34.33 33.96 -15.29
CA SER B 2 -33.90 32.81 -14.44
C SER B 2 -33.95 33.24 -12.98
N TYR B 3 -34.34 32.27 -12.12
CA TYR B 3 -34.61 32.50 -10.71
C TYR B 3 -33.88 31.44 -9.91
N ASN B 4 -33.03 31.88 -8.97
CA ASN B 4 -32.04 31.02 -8.36
C ASN B 4 -32.14 31.14 -6.83
N TYR B 5 -31.26 30.43 -6.11
CA TYR B 5 -31.22 30.49 -4.66
C TYR B 5 -29.80 30.16 -4.20
N VAL B 6 -29.32 30.98 -3.27
CA VAL B 6 -27.97 30.92 -2.74
C VAL B 6 -28.02 30.52 -1.27
N VAL B 7 -26.90 30.02 -0.76
CA VAL B 7 -26.74 29.77 0.66
C VAL B 7 -25.29 29.36 0.96
N THR B 8 -24.83 29.76 2.15
CA THR B 8 -23.52 29.41 2.67
C THR B 8 -23.62 28.05 3.37
N ALA B 9 -22.83 27.07 2.93
CA ALA B 9 -22.70 25.83 3.67
C ALA B 9 -21.79 26.08 4.87
N GLN B 10 -20.54 26.44 4.58
CA GLN B 10 -19.56 26.73 5.61
C GLN B 10 -19.27 28.22 5.59
N LYS B 11 -19.41 28.86 6.75
CA LYS B 11 -19.10 30.27 6.91
C LYS B 11 -17.64 30.51 6.55
N PRO B 12 -17.29 31.73 6.07
CA PRO B 12 -15.90 32.06 5.77
C PRO B 12 -15.00 31.91 7.00
N THR B 13 -13.73 31.60 6.75
CA THR B 13 -12.83 31.15 7.79
C THR B 13 -11.67 32.11 7.97
N ALA B 14 -11.41 32.95 6.96
CA ALA B 14 -10.21 33.78 6.95
C ALA B 14 -10.39 34.96 7.91
N VAL B 15 -9.28 35.38 8.53
CA VAL B 15 -9.29 36.41 9.57
C VAL B 15 -8.89 37.76 8.98
N ASN B 16 -9.85 38.69 8.86
CA ASN B 16 -9.57 40.03 8.36
C ASN B 16 -8.79 40.84 9.39
N GLY B 17 -9.27 40.81 10.63
CA GLY B 17 -8.69 41.61 11.71
C GLY B 17 -9.01 41.04 13.10
N CYS B 18 -8.19 41.45 14.07
CA CYS B 18 -8.30 41.04 15.46
C CYS B 18 -7.93 42.23 16.35
N VAL B 19 -8.56 42.34 17.51
CA VAL B 19 -8.24 43.43 18.43
C VAL B 19 -8.64 43.06 19.85
N THR B 20 -7.75 43.41 20.80
CA THR B 20 -8.01 43.25 22.22
C THR B 20 -8.88 44.40 22.69
N GLY B 21 -9.68 44.15 23.73
CA GLY B 21 -10.45 45.20 24.36
C GLY B 21 -11.50 44.70 25.35
N HIS B 22 -12.10 45.68 26.03
CA HIS B 22 -13.14 45.48 27.03
C HIS B 22 -14.46 45.91 26.40
N PHE B 23 -15.34 44.94 26.11
CA PHE B 23 -16.50 45.21 25.27
C PHE B 23 -17.74 44.51 25.80
N THR B 24 -17.60 43.27 26.27
CA THR B 24 -18.69 42.61 26.94
C THR B 24 -18.83 43.19 28.34
N SER B 25 -17.67 43.49 28.94
CA SER B 25 -17.59 43.90 30.34
C SER B 25 -16.23 44.53 30.63
N ALA B 26 -16.23 45.57 31.47
CA ALA B 26 -15.01 46.31 31.80
C ALA B 26 -14.11 45.48 32.71
N GLU B 27 -14.67 44.49 33.39
CA GLU B 27 -13.89 43.48 34.11
C GLU B 27 -13.17 42.62 33.07
N ASP B 28 -13.96 42.11 32.12
CA ASP B 28 -13.54 41.07 31.19
C ASP B 28 -12.49 41.62 30.22
N LEU B 29 -11.81 40.72 29.50
CA LEU B 29 -10.90 41.07 28.42
C LEU B 29 -11.23 40.23 27.19
N ASN B 30 -11.38 40.89 26.03
CA ASN B 30 -11.97 40.27 24.86
C ASN B 30 -10.99 40.28 23.68
N LEU B 31 -10.96 39.15 22.96
CA LEU B 31 -10.53 39.12 21.58
C LEU B 31 -11.77 39.27 20.70
N LEU B 32 -11.68 40.21 19.74
CA LEU B 32 -12.68 40.32 18.70
C LEU B 32 -12.05 39.97 17.35
N ILE B 33 -12.58 38.91 16.73
CA ILE B 33 -12.10 38.42 15.43
C ILE B 33 -13.11 38.84 14.36
N ALA B 34 -12.58 39.18 13.17
CA ALA B 34 -13.39 39.58 12.04
C ALA B 34 -13.17 38.61 10.89
N LYS B 35 -14.18 37.78 10.65
CA LYS B 35 -14.15 36.86 9.53
C LYS B 35 -15.02 37.46 8.42
N ASN B 36 -14.49 38.50 7.78
CA ASN B 36 -15.08 39.08 6.58
C ASN B 36 -16.48 39.66 6.90
N THR B 37 -17.54 38.89 6.65
CA THR B 37 -18.89 39.40 6.91
C THR B 37 -19.26 39.11 8.36
N ARG B 38 -18.47 38.26 9.03
CA ARG B 38 -18.81 37.82 10.38
C ARG B 38 -17.90 38.50 11.41
N LEU B 39 -18.42 38.58 12.65
CA LEU B 39 -17.75 39.25 13.76
C LEU B 39 -17.84 38.37 15.00
N GLU B 40 -16.68 37.83 15.42
CA GLU B 40 -16.62 36.93 16.58
C GLU B 40 -16.07 37.69 17.78
N ILE B 41 -16.70 37.46 18.93
CA ILE B 41 -16.26 37.96 20.23
C ILE B 41 -15.88 36.77 21.10
N TYR B 42 -14.78 36.90 21.83
CA TYR B 42 -14.35 35.85 22.76
C TYR B 42 -14.11 36.51 24.11
N VAL B 43 -13.76 35.67 25.11
CA VAL B 43 -13.37 36.10 26.44
C VAL B 43 -12.13 35.32 26.88
N VAL B 44 -11.19 36.03 27.52
CA VAL B 44 -9.88 35.47 27.83
C VAL B 44 -9.94 34.75 29.17
N THR B 45 -9.32 33.55 29.23
CA THR B 45 -9.18 32.79 30.46
C THR B 45 -7.78 32.19 30.54
N ALA B 46 -7.59 31.30 31.52
CA ALA B 46 -6.47 30.38 31.55
C ALA B 46 -6.99 28.97 31.85
N LEU B 49 -9.69 30.30 25.69
CA LEU B 49 -10.75 31.29 25.35
C LEU B 49 -12.11 30.69 25.72
N ARG B 50 -13.13 31.56 25.68
CA ARG B 50 -14.51 31.16 25.91
C ARG B 50 -15.38 32.11 25.07
N PRO B 51 -16.18 31.57 24.12
CA PRO B 51 -16.96 32.43 23.22
C PRO B 51 -18.10 33.16 23.93
N VAL B 52 -18.83 33.98 23.17
CA VAL B 52 -19.97 34.70 23.70
C VAL B 52 -20.97 34.96 22.58
N LYS B 53 -20.55 35.70 21.54
CA LYS B 53 -21.45 36.04 20.45
C LYS B 53 -20.69 36.26 19.13
N GLU B 54 -21.19 35.56 18.08
CA GLU B 54 -20.80 35.72 16.68
C GLU B 54 -22.00 36.25 15.91
N VAL B 55 -21.76 37.27 15.06
CA VAL B 55 -22.85 38.02 14.45
C VAL B 55 -22.48 38.43 13.02
N GLY B 56 -23.50 38.44 12.15
CA GLY B 56 -23.31 38.61 10.73
C GLY B 56 -23.65 40.03 10.26
N MET B 57 -22.62 40.74 9.76
CA MET B 57 -22.77 42.02 9.09
C MET B 57 -23.40 41.83 7.70
N TYR B 58 -23.98 42.92 7.20
CA TYR B 58 -24.41 43.00 5.81
C TYR B 58 -23.33 43.74 5.02
N GLY B 59 -22.08 43.30 5.16
CA GLY B 59 -20.96 44.09 4.71
C GLY B 59 -19.66 43.32 4.84
N LYS B 60 -18.67 43.70 4.04
CA LYS B 60 -17.31 43.23 4.28
C LYS B 60 -16.69 44.20 5.27
N ILE B 61 -16.65 43.82 6.55
CA ILE B 61 -15.93 44.59 7.55
C ILE B 61 -14.64 45.07 6.90
N ALA B 62 -14.48 46.39 6.83
CA ALA B 62 -13.33 47.01 6.20
C ALA B 62 -12.43 47.66 7.25
N VAL B 63 -13.01 48.14 8.36
CA VAL B 63 -12.20 48.51 9.50
C VAL B 63 -12.95 48.12 10.78
N MET B 64 -12.16 47.63 11.73
CA MET B 64 -12.66 47.26 13.04
C MET B 64 -11.72 47.85 14.08
N GLU B 65 -12.28 48.67 14.97
CA GLU B 65 -11.53 49.29 16.05
C GLU B 65 -12.45 49.53 17.26
N LEU B 66 -11.99 49.05 18.41
CA LEU B 66 -12.57 49.38 19.70
C LEU B 66 -11.91 50.66 20.19
N PHE B 67 -12.65 51.42 21.00
CA PHE B 67 -12.21 52.72 21.49
C PHE B 67 -13.13 53.17 22.61
N ARG B 68 -12.55 53.87 23.60
CA ARG B 68 -13.22 54.22 24.84
C ARG B 68 -13.51 55.72 24.87
N PRO B 69 -14.69 56.19 24.37
CA PRO B 69 -15.08 57.59 24.55
C PRO B 69 -15.22 57.89 26.04
N LYS B 70 -14.97 59.16 26.41
CA LYS B 70 -14.95 59.57 27.81
C LYS B 70 -16.33 59.41 28.42
N GLY B 71 -16.37 58.86 29.65
CA GLY B 71 -17.60 58.75 30.42
C GLY B 71 -18.54 57.68 29.88
N GLU B 72 -18.00 56.48 29.63
CA GLU B 72 -18.76 55.34 29.20
C GLU B 72 -18.19 54.10 29.89
N SER B 73 -19.05 53.08 30.09
CA SER B 73 -18.73 51.95 30.94
C SER B 73 -17.70 51.01 30.31
N LYS B 74 -17.83 50.75 28.99
CA LYS B 74 -16.95 49.82 28.31
C LYS B 74 -16.67 50.31 26.89
N ASP B 75 -15.51 49.87 26.35
CA ASP B 75 -15.07 50.28 25.03
C ASP B 75 -16.22 50.07 24.04
N LEU B 76 -16.23 50.88 22.98
CA LEU B 76 -17.21 50.75 21.90
C LEU B 76 -16.50 50.37 20.60
N LEU B 77 -17.21 49.56 19.80
CA LEU B 77 -16.65 49.00 18.58
C LEU B 77 -17.12 49.85 17.40
N PHE B 78 -16.21 50.06 16.45
CA PHE B 78 -16.54 50.73 15.21
C PHE B 78 -16.29 49.78 14.04
N ILE B 79 -17.30 49.60 13.18
CA ILE B 79 -17.20 48.81 11.96
C ILE B 79 -17.37 49.74 10.77
N LEU B 80 -16.44 49.68 9.80
CA LEU B 80 -16.64 50.27 8.48
C LEU B 80 -16.54 49.16 7.43
N THR B 81 -17.42 49.18 6.43
CA THR B 81 -17.53 48.07 5.48
C THR B 81 -16.95 48.46 4.13
N ALA B 82 -17.17 47.60 3.12
CA ALA B 82 -16.53 47.71 1.81
C ALA B 82 -17.37 48.51 0.83
N LYS B 83 -18.66 48.71 1.14
CA LYS B 83 -19.50 49.62 0.38
C LYS B 83 -19.65 50.94 1.14
N TYR B 84 -18.70 51.16 2.08
CA TYR B 84 -18.45 52.43 2.77
C TYR B 84 -19.46 52.62 3.91
N ASN B 85 -19.96 51.51 4.49
CA ASN B 85 -20.91 51.56 5.59
C ASN B 85 -20.15 51.65 6.90
N ALA B 86 -20.59 52.60 7.76
CA ALA B 86 -19.96 52.89 9.04
C ALA B 86 -20.99 52.69 10.17
N CYS B 87 -20.48 52.50 11.40
CA CYS B 87 -21.32 52.36 12.57
C CYS B 87 -20.50 52.07 13.82
N ILE B 88 -21.00 52.57 14.95
CA ILE B 88 -20.46 52.30 16.28
C ILE B 88 -21.43 51.38 17.02
N LEU B 89 -20.89 50.56 17.91
CA LEU B 89 -21.68 49.49 18.51
C LEU B 89 -21.48 49.46 20.03
N GLU B 90 -22.42 48.79 20.72
CA GLU B 90 -22.36 48.53 22.15
C GLU B 90 -22.93 47.14 22.44
N TYR B 91 -22.40 46.47 23.48
CA TYR B 91 -22.86 45.14 23.89
C TYR B 91 -23.85 45.27 25.04
N LYS B 92 -25.01 44.62 24.93
CA LYS B 92 -26.00 44.59 26.00
C LYS B 92 -26.12 43.18 26.56
N GLN B 93 -26.43 43.05 27.87
CA GLN B 93 -26.66 41.76 28.49
C GLN B 93 -28.14 41.60 28.90
N SER B 97 -31.54 38.31 25.58
CA SER B 97 -30.79 38.99 26.67
C SER B 97 -29.57 39.69 26.07
N ILE B 98 -28.72 38.92 25.36
CA ILE B 98 -27.56 39.46 24.66
C ILE B 98 -28.04 40.11 23.35
N ASP B 99 -27.66 41.38 23.16
CA ASP B 99 -27.94 42.10 21.93
C ASP B 99 -26.79 43.09 21.67
N ILE B 100 -26.21 43.01 20.46
CA ILE B 100 -25.26 44.02 19.99
C ILE B 100 -26.09 45.08 19.28
N ILE B 101 -25.85 46.34 19.67
CA ILE B 101 -26.79 47.41 19.41
C ILE B 101 -26.08 48.57 18.72
N THR B 102 -26.62 48.91 17.55
CA THR B 102 -26.10 49.98 16.73
C THR B 102 -26.51 51.32 17.36
N ARG B 103 -25.52 51.99 17.97
CA ARG B 103 -25.70 53.35 18.46
C ARG B 103 -25.76 54.31 17.27
N ALA B 104 -24.67 54.35 16.50
CA ALA B 104 -24.51 55.24 15.36
C ALA B 104 -24.37 54.44 14.07
N HIS B 105 -24.67 55.08 12.92
CA HIS B 105 -24.54 54.41 11.63
C HIS B 105 -24.50 55.43 10.48
N GLY B 106 -24.18 54.93 9.28
CA GLY B 106 -24.34 55.71 8.06
C GLY B 106 -23.36 55.32 6.95
N ASN B 107 -23.78 55.58 5.70
CA ASN B 107 -22.98 55.33 4.51
C ASN B 107 -22.20 56.60 4.14
N VAL B 108 -20.86 56.57 4.33
CA VAL B 108 -20.02 57.73 4.12
C VAL B 108 -19.53 57.79 2.67
N GLN B 109 -20.33 57.29 1.72
CA GLN B 109 -19.91 57.23 0.33
C GLN B 109 -19.92 58.64 -0.27
N ASP B 110 -18.77 59.08 -0.79
CA ASP B 110 -18.65 60.33 -1.53
C ASP B 110 -19.18 60.13 -2.94
N ARG B 111 -19.32 61.22 -3.72
CA ARG B 111 -19.80 61.14 -5.09
C ARG B 111 -18.61 61.10 -6.05
N ILE B 112 -17.63 62.00 -5.84
CA ILE B 112 -16.45 62.05 -6.68
C ILE B 112 -15.29 61.45 -5.90
N GLY B 113 -14.46 60.67 -6.62
CA GLY B 113 -13.24 60.13 -6.07
C GLY B 113 -12.86 58.81 -6.75
N ARG B 114 -11.56 58.54 -6.79
CA ARG B 114 -11.04 57.22 -7.08
C ARG B 114 -10.34 56.72 -5.81
N PRO B 115 -10.71 55.52 -5.28
CA PRO B 115 -10.14 55.01 -4.04
C PRO B 115 -8.61 54.96 -4.02
N SER B 116 -8.05 54.97 -2.81
CA SER B 116 -6.62 54.97 -2.63
C SER B 116 -6.06 53.61 -3.03
N GLU B 117 -4.85 53.62 -3.57
CA GLU B 117 -4.18 52.41 -4.00
C GLU B 117 -3.72 51.65 -2.77
N THR B 118 -3.49 52.36 -1.66
CA THR B 118 -3.11 51.77 -0.39
C THR B 118 -4.31 51.11 0.28
N GLY B 119 -5.51 51.49 -0.15
CA GLY B 119 -6.74 50.92 0.40
C GLY B 119 -7.11 51.61 1.71
N ILE B 120 -8.23 51.15 2.29
CA ILE B 120 -8.95 51.91 3.29
C ILE B 120 -8.21 51.82 4.62
N ILE B 121 -7.89 53.00 5.19
CA ILE B 121 -7.20 53.11 6.46
C ILE B 121 -8.05 53.97 7.40
N GLY B 122 -8.77 53.29 8.29
CA GLY B 122 -9.54 53.92 9.35
C GLY B 122 -8.74 53.94 10.66
N ILE B 123 -8.78 55.09 11.34
CA ILE B 123 -8.01 55.30 12.55
C ILE B 123 -8.79 56.22 13.47
N ILE B 124 -8.72 55.95 14.78
CA ILE B 124 -9.27 56.81 15.80
C ILE B 124 -8.11 57.46 16.54
N ASP B 125 -8.35 58.62 17.14
CA ASP B 125 -7.32 59.29 17.92
C ASP B 125 -7.38 58.76 19.36
N PRO B 126 -6.23 58.68 20.08
CA PRO B 126 -6.21 58.10 21.43
C PRO B 126 -7.03 58.83 22.49
N GLU B 127 -7.46 60.06 22.16
CA GLU B 127 -8.22 60.91 23.07
C GLU B 127 -9.70 60.58 23.01
N CYS B 128 -10.11 59.89 21.93
CA CYS B 128 -11.51 59.70 21.60
C CYS B 128 -12.11 61.04 21.17
N ARG B 129 -11.62 61.53 20.03
CA ARG B 129 -12.05 62.78 19.45
C ARG B 129 -12.65 62.54 18.06
N MET B 130 -11.96 61.72 17.26
CA MET B 130 -12.34 61.51 15.87
C MET B 130 -11.87 60.15 15.34
N ILE B 131 -12.67 59.61 14.42
CA ILE B 131 -12.22 58.55 13.53
C ILE B 131 -11.62 59.22 12.29
N GLY B 132 -10.59 58.60 11.73
CA GLY B 132 -9.90 59.12 10.56
C GLY B 132 -9.95 58.10 9.42
N LEU B 133 -10.67 58.44 8.35
CA LEU B 133 -10.88 57.53 7.24
C LEU B 133 -10.17 58.05 5.99
N ARG B 134 -8.96 57.56 5.72
CA ARG B 134 -8.27 57.93 4.49
C ARG B 134 -8.95 57.20 3.35
N LEU B 135 -10.14 57.67 2.97
CA LEU B 135 -10.94 57.00 1.97
C LEU B 135 -10.31 57.22 0.60
N TYR B 136 -10.61 58.36 -0.05
CA TYR B 136 -10.18 58.54 -1.43
C TYR B 136 -8.79 59.18 -1.49
N ASP B 137 -8.22 59.25 -2.71
CA ASP B 137 -6.87 59.78 -2.88
C ASP B 137 -6.90 61.29 -2.71
N GLY B 138 -6.20 61.76 -1.65
CA GLY B 138 -5.98 63.19 -1.42
C GLY B 138 -7.06 63.84 -0.58
N LEU B 139 -7.63 63.08 0.37
CA LEU B 139 -8.75 63.52 1.19
C LEU B 139 -8.78 62.75 2.51
N PHE B 140 -8.60 63.45 3.65
CA PHE B 140 -8.65 62.81 4.96
C PHE B 140 -9.99 63.09 5.61
N LYS B 141 -10.88 62.10 5.56
CA LYS B 141 -12.22 62.23 6.11
C LYS B 141 -12.14 62.10 7.63
N VAL B 142 -13.00 62.88 8.32
CA VAL B 142 -12.98 62.99 9.76
C VAL B 142 -14.41 62.87 10.29
N ILE B 143 -14.63 61.91 11.20
CA ILE B 143 -15.88 61.82 11.93
C ILE B 143 -15.59 62.28 13.35
N PRO B 144 -16.12 63.46 13.79
CA PRO B 144 -15.90 63.94 15.15
C PRO B 144 -16.83 63.35 16.21
N LEU B 145 -16.24 62.96 17.34
CA LEU B 145 -16.93 62.23 18.39
C LEU B 145 -17.58 63.22 19.35
N ASP B 146 -18.60 63.91 18.85
CA ASP B 146 -19.63 64.51 19.67
C ASP B 146 -20.90 63.68 19.48
N ARG B 147 -21.88 63.91 20.37
CA ARG B 147 -23.14 63.19 20.34
C ARG B 147 -24.11 63.82 19.34
N ASP B 148 -23.61 64.77 18.53
CA ASP B 148 -24.36 65.34 17.42
C ASP B 148 -24.09 64.55 16.14
N ASN B 149 -22.94 63.87 16.08
CA ASN B 149 -22.57 63.09 14.91
C ASN B 149 -23.27 61.73 14.90
N LYS B 150 -24.06 61.45 15.94
CA LYS B 150 -24.92 60.28 15.97
C LYS B 150 -25.33 59.90 14.55
N GLU B 151 -25.94 60.85 13.83
CA GLU B 151 -26.36 60.62 12.46
C GLU B 151 -25.13 60.82 11.57
N LEU B 152 -24.99 59.97 10.55
CA LEU B 152 -24.00 60.14 9.49
C LEU B 152 -23.78 61.61 9.20
N LYS B 153 -22.58 62.12 9.51
CA LYS B 153 -22.23 63.48 9.12
C LYS B 153 -20.72 63.64 9.26
N ALA B 154 -20.07 64.07 8.18
CA ALA B 154 -18.61 64.18 8.16
C ALA B 154 -18.16 65.24 7.17
N PHE B 155 -16.83 65.43 7.08
CA PHE B 155 -16.21 66.44 6.25
C PHE B 155 -14.80 65.99 5.84
N ASN B 156 -14.38 66.38 4.63
CA ASN B 156 -13.06 66.04 4.12
C ASN B 156 -12.10 67.22 4.36
N ILE B 157 -10.81 66.91 4.29
CA ILE B 157 -9.73 67.88 4.32
C ILE B 157 -8.86 67.63 3.10
N ARG B 158 -8.19 68.68 2.59
CA ARG B 158 -7.33 68.53 1.42
C ARG B 158 -5.95 68.00 1.81
N LEU B 159 -5.46 67.02 1.05
CA LEU B 159 -4.08 66.60 1.07
C LEU B 159 -3.39 67.14 -0.19
N GLU B 160 -2.20 67.74 0.00
CA GLU B 160 -1.25 67.92 -1.09
C GLU B 160 -0.95 66.58 -1.73
N GLU B 161 -0.71 65.59 -0.86
CA GLU B 161 -0.09 64.35 -1.26
C GLU B 161 -1.18 63.36 -1.67
N LEU B 162 -0.87 62.54 -2.68
CA LEU B 162 -1.80 61.54 -3.20
C LEU B 162 -1.39 60.17 -2.65
N HIS B 163 -0.13 59.82 -2.88
CA HIS B 163 0.40 58.51 -2.55
C HIS B 163 0.69 58.44 -1.05
N VAL B 164 -0.26 57.88 -0.30
CA VAL B 164 -0.15 57.77 1.15
C VAL B 164 -0.04 56.29 1.50
N ILE B 165 1.07 55.88 2.09
CA ILE B 165 1.28 54.47 2.35
C ILE B 165 0.54 54.07 3.61
N ASP B 166 0.65 54.90 4.66
CA ASP B 166 0.22 54.48 5.99
C ASP B 166 0.02 55.72 6.86
N VAL B 167 -1.13 55.79 7.54
CA VAL B 167 -1.51 56.94 8.36
C VAL B 167 -2.00 56.45 9.73
N LYS B 168 -1.66 57.21 10.77
CA LYS B 168 -1.84 56.80 12.15
C LYS B 168 -1.88 58.04 13.03
N PHE B 169 -2.71 58.04 14.09
CA PHE B 169 -2.76 59.17 15.02
C PHE B 169 -1.63 59.03 16.06
N LEU B 170 -1.13 60.16 16.56
CA LEU B 170 0.00 60.15 17.47
C LEU B 170 -0.47 60.34 18.91
N TYR B 171 -0.10 59.37 19.76
CA TYR B 171 -0.31 59.43 21.20
C TYR B 171 0.53 60.58 21.76
N GLY B 172 0.06 61.14 22.88
CA GLY B 172 0.80 62.15 23.61
C GLY B 172 0.97 63.43 22.81
N CYS B 173 -0.17 64.07 22.48
CA CYS B 173 -0.19 65.43 21.97
C CYS B 173 -1.47 66.11 22.44
N GLN B 174 -1.41 67.45 22.57
CA GLN B 174 -2.44 68.25 23.20
C GLN B 174 -3.54 68.60 22.18
N ALA B 175 -3.29 68.30 20.90
CA ALA B 175 -4.28 68.43 19.85
C ALA B 175 -4.09 67.28 18.86
N PRO B 176 -5.19 66.65 18.37
CA PRO B 176 -5.09 65.40 17.61
C PRO B 176 -4.08 65.52 16.46
N THR B 177 -3.25 64.48 16.32
CA THR B 177 -2.12 64.49 15.41
C THR B 177 -2.13 63.23 14.57
N ILE B 178 -2.15 63.41 13.24
CA ILE B 178 -1.94 62.31 12.31
C ILE B 178 -0.51 62.37 11.81
N CYS B 179 0.04 61.18 11.50
CA CYS B 179 1.40 61.02 11.03
C CYS B 179 1.41 59.96 9.92
N PHE B 180 2.15 60.21 8.83
CA PHE B 180 2.09 59.30 7.71
C PHE B 180 3.30 59.43 6.79
N VAL B 181 3.64 58.29 6.18
CA VAL B 181 4.57 58.23 5.06
C VAL B 181 3.78 58.55 3.80
N TYR B 182 4.49 59.05 2.79
CA TYR B 182 3.91 59.32 1.49
C TYR B 182 5.04 59.36 0.47
N GLN B 183 4.76 58.92 -0.76
CA GLN B 183 5.79 58.85 -1.78
C GLN B 183 5.52 59.88 -2.87
N ASP B 184 6.62 60.37 -3.47
CA ASP B 184 6.57 61.19 -4.67
C ASP B 184 7.92 61.03 -5.39
N PRO B 185 8.03 61.38 -6.69
CA PRO B 185 9.31 61.35 -7.41
C PRO B 185 10.54 61.96 -6.73
N GLN B 186 10.37 62.49 -5.50
CA GLN B 186 11.47 62.95 -4.67
C GLN B 186 11.76 61.93 -3.56
N GLY B 187 11.08 60.77 -3.58
CA GLY B 187 11.32 59.72 -2.61
C GLY B 187 10.23 59.67 -1.55
N ARG B 188 10.33 58.67 -0.66
CA ARG B 188 9.37 58.46 0.42
C ARG B 188 9.77 59.30 1.63
N HIS B 189 8.83 60.11 2.13
CA HIS B 189 9.05 60.91 3.32
C HIS B 189 7.95 60.63 4.34
N VAL B 190 8.26 60.86 5.63
CA VAL B 190 7.29 60.77 6.71
C VAL B 190 6.93 62.19 7.16
N LYS B 191 5.63 62.46 7.26
CA LYS B 191 5.15 63.80 7.57
C LYS B 191 4.07 63.74 8.63
N THR B 192 3.92 64.85 9.38
CA THR B 192 2.94 64.96 10.44
C THR B 192 2.09 66.22 10.24
N TYR B 193 0.78 66.07 10.52
CA TYR B 193 -0.14 67.18 10.58
C TYR B 193 -0.88 67.13 11.91
N GLU B 194 -1.25 68.32 12.41
CA GLU B 194 -2.14 68.47 13.54
C GLU B 194 -3.53 68.78 13.00
N VAL B 195 -4.53 67.99 13.43
CA VAL B 195 -5.88 68.11 12.90
C VAL B 195 -6.52 69.33 13.56
N SER B 196 -7.12 70.20 12.73
CA SER B 196 -7.69 71.46 13.19
C SER B 196 -9.22 71.40 13.13
N LEU B 197 -9.79 70.46 13.90
CA LEU B 197 -11.22 70.15 13.90
C LEU B 197 -12.06 71.42 13.77
N ARG B 198 -11.79 72.41 14.63
CA ARG B 198 -12.62 73.60 14.68
C ARG B 198 -12.71 74.22 13.30
N GLU B 199 -11.56 74.36 12.62
CA GLU B 199 -11.50 75.08 11.36
C GLU B 199 -11.63 74.12 10.17
N LYS B 200 -11.34 72.83 10.40
CA LYS B 200 -11.44 71.80 9.36
C LYS B 200 -10.25 71.94 8.41
N GLU B 201 -9.05 71.60 8.90
CA GLU B 201 -7.85 71.50 8.06
C GLU B 201 -6.68 70.93 8.85
N PHE B 202 -5.50 70.93 8.20
CA PHE B 202 -4.24 70.55 8.82
C PHE B 202 -3.42 71.80 9.16
N ASN B 203 -2.68 71.74 10.28
CA ASN B 203 -1.80 72.83 10.72
C ASN B 203 -0.43 72.30 11.10
N LYS B 204 0.62 72.94 10.55
CA LYS B 204 1.97 72.41 10.50
C LYS B 204 2.31 71.64 11.78
N GLY B 205 2.80 70.40 11.59
CA GLY B 205 3.00 69.45 12.67
C GLY B 205 4.37 69.63 13.33
N PRO B 206 4.59 68.99 14.49
CA PRO B 206 5.87 69.10 15.21
C PRO B 206 7.14 68.76 14.42
N TRP B 207 7.18 67.57 13.80
CA TRP B 207 8.40 67.09 13.15
C TRP B 207 8.13 66.59 11.73
N LYS B 208 9.25 66.34 11.03
CA LYS B 208 9.24 65.79 9.69
C LYS B 208 10.69 65.41 9.35
N GLN B 209 10.87 64.20 8.80
CA GLN B 209 12.15 63.69 8.34
C GLN B 209 12.23 63.83 6.82
N GLU B 210 13.44 63.78 6.26
CA GLU B 210 13.65 63.75 4.82
C GLU B 210 13.22 62.40 4.26
N ASN B 211 14.17 61.62 3.72
CA ASN B 211 13.88 60.36 3.05
C ASN B 211 14.15 59.19 4.00
N VAL B 212 13.15 58.31 4.18
CA VAL B 212 13.30 57.12 5.01
C VAL B 212 13.82 55.98 4.14
N GLU B 213 13.54 54.73 4.53
CA GLU B 213 13.89 53.57 3.74
C GLU B 213 13.05 53.53 2.46
N ALA B 214 13.66 53.02 1.39
CA ALA B 214 13.02 52.94 0.08
C ALA B 214 11.62 52.32 0.19
N GLU B 215 11.53 51.16 0.85
CA GLU B 215 10.31 50.36 0.85
C GLU B 215 9.64 50.40 2.23
N ALA B 216 9.66 51.59 2.88
CA ALA B 216 9.09 51.75 4.21
C ALA B 216 7.59 51.91 4.10
N SER B 217 6.83 50.99 4.72
CA SER B 217 5.41 50.85 4.43
C SER B 217 4.54 50.81 5.69
N MET B 218 5.15 50.87 6.88
CA MET B 218 4.41 50.71 8.12
C MET B 218 4.77 51.82 9.10
N VAL B 219 3.76 52.28 9.87
CA VAL B 219 3.89 53.39 10.81
C VAL B 219 3.16 53.05 12.11
N ILE B 220 3.92 52.63 13.13
CA ILE B 220 3.36 52.38 14.45
C ILE B 220 3.39 53.70 15.23
N ALA B 221 2.38 53.90 16.09
CA ALA B 221 2.25 55.07 16.93
C ALA B 221 2.28 54.66 18.41
N VAL B 222 3.36 55.04 19.10
CA VAL B 222 3.75 54.39 20.35
C VAL B 222 3.15 55.16 21.54
N PRO B 223 2.67 54.44 22.58
CA PRO B 223 1.99 55.08 23.74
C PRO B 223 2.72 56.23 24.41
N GLU B 224 2.13 56.79 25.48
CA GLU B 224 2.62 58.01 26.09
C GLU B 224 3.33 57.74 27.43
N PRO B 225 4.18 56.70 27.54
CA PRO B 225 5.46 56.87 28.22
C PRO B 225 6.46 57.55 27.29
N PHE B 226 6.54 57.07 26.04
CA PHE B 226 7.50 57.54 25.03
C PHE B 226 6.83 58.56 24.12
N GLY B 227 5.81 58.12 23.38
CA GLY B 227 5.14 58.96 22.40
C GLY B 227 5.84 58.87 21.04
N GLY B 228 5.17 59.38 20.00
CA GLY B 228 5.73 59.37 18.66
C GLY B 228 5.46 58.06 17.94
N ALA B 229 6.35 57.70 16.99
CA ALA B 229 6.10 56.64 16.03
C ALA B 229 7.35 55.84 15.70
N ILE B 230 7.13 54.63 15.19
CA ILE B 230 8.17 53.78 14.61
C ILE B 230 7.87 53.64 13.11
N ILE B 231 8.91 53.36 12.32
CA ILE B 231 8.81 53.21 10.88
C ILE B 231 9.48 51.91 10.44
N ILE B 232 8.67 51.01 9.87
CA ILE B 232 9.15 49.70 9.41
C ILE B 232 9.39 49.80 7.91
N GLY B 233 10.23 48.89 7.38
CA GLY B 233 10.39 48.70 5.94
C GLY B 233 10.86 47.28 5.62
N GLN B 234 11.80 47.16 4.67
CA GLN B 234 12.45 45.89 4.39
C GLN B 234 13.62 45.70 5.35
N GLU B 235 14.57 46.66 5.28
CA GLU B 235 15.86 46.53 5.94
C GLU B 235 15.89 47.33 7.25
N SER B 236 14.99 48.33 7.40
CA SER B 236 15.13 49.33 8.47
C SER B 236 13.83 49.53 9.26
N ILE B 237 13.96 49.43 10.59
CA ILE B 237 12.98 49.93 11.53
C ILE B 237 13.55 51.22 12.12
N THR B 238 12.78 52.30 12.03
CA THR B 238 13.27 53.63 12.35
C THR B 238 12.28 54.31 13.28
N TYR B 239 12.75 54.72 14.46
CA TYR B 239 11.92 55.39 15.45
C TYR B 239 12.05 56.90 15.30
N HIS B 240 10.94 57.61 15.59
CA HIS B 240 10.91 59.06 15.51
C HIS B 240 9.91 59.61 16.52
N ASN B 241 10.39 60.53 17.37
CA ASN B 241 9.55 61.43 18.15
C ASN B 241 10.33 62.74 18.31
N GLY B 242 9.68 63.87 17.98
CA GLY B 242 10.32 65.17 18.01
C GLY B 242 11.59 65.18 17.15
N ASP B 243 12.74 65.26 17.82
CA ASP B 243 14.03 65.27 17.14
C ASP B 243 14.91 64.16 17.71
N LYS B 244 14.27 63.01 18.00
CA LYS B 244 14.97 61.78 18.33
C LYS B 244 14.92 60.89 17.09
N TYR B 245 15.98 60.10 16.86
CA TYR B 245 16.12 59.29 15.66
C TYR B 245 16.85 58.00 15.99
N LEU B 246 16.13 56.86 15.90
CA LEU B 246 16.74 55.55 16.08
C LEU B 246 16.59 54.76 14.77
N ALA B 247 17.69 54.11 14.37
CA ALA B 247 17.75 53.37 13.11
C ALA B 247 18.67 52.17 13.27
N ILE B 248 18.06 50.96 13.32
CA ILE B 248 18.81 49.73 13.22
C ILE B 248 18.41 49.03 11.93
N ALA B 249 19.34 48.28 11.34
CA ALA B 249 19.12 47.58 10.09
C ALA B 249 19.46 46.11 10.27
N PRO B 250 18.73 45.38 11.15
CA PRO B 250 19.16 44.06 11.58
C PRO B 250 19.23 43.07 10.42
N PRO B 251 20.24 42.18 10.39
CA PRO B 251 20.29 41.13 9.37
C PRO B 251 19.17 40.13 9.64
N ILE B 252 18.61 40.16 10.85
CA ILE B 252 17.68 39.15 11.31
C ILE B 252 16.28 39.46 10.78
N ILE B 253 16.15 40.43 9.85
CA ILE B 253 14.92 40.60 9.09
C ILE B 253 15.22 40.77 7.59
N LYS B 254 16.42 40.35 7.16
CA LYS B 254 16.87 40.57 5.79
C LYS B 254 16.00 39.77 4.82
N GLN B 255 15.77 38.48 5.13
CA GLN B 255 15.28 37.52 4.15
C GLN B 255 13.81 37.74 3.78
N SER B 256 13.07 38.59 4.52
CA SER B 256 11.70 38.86 4.14
C SER B 256 11.16 40.15 4.78
N THR B 257 9.84 40.36 4.62
CA THR B 257 9.20 41.66 4.78
C THR B 257 8.35 41.69 6.05
N ILE B 258 8.09 42.89 6.56
CA ILE B 258 7.26 43.08 7.74
C ILE B 258 5.92 43.67 7.32
N VAL B 259 4.82 43.02 7.76
CA VAL B 259 3.49 43.28 7.24
C VAL B 259 2.48 43.48 8.37
N CYS B 260 2.58 42.68 9.43
CA CYS B 260 1.66 42.79 10.54
C CYS B 260 2.46 43.03 11.81
N HIS B 261 1.79 43.67 12.79
CA HIS B 261 2.40 44.03 14.05
C HIS B 261 1.31 44.25 15.10
N ASN B 262 1.74 44.41 16.35
CA ASN B 262 0.84 44.77 17.43
C ASN B 262 1.67 45.07 18.68
N ARG B 263 1.08 45.88 19.57
CA ARG B 263 1.68 46.15 20.87
C ARG B 263 1.41 44.97 21.81
N VAL B 264 2.47 44.56 22.53
CA VAL B 264 2.35 43.50 23.53
C VAL B 264 1.79 44.11 24.80
N ASP B 265 2.62 44.87 25.53
CA ASP B 265 2.25 45.45 26.82
C ASP B 265 1.94 46.93 26.64
N PRO B 266 0.90 47.47 27.35
CA PRO B 266 0.44 48.85 27.12
C PRO B 266 1.55 49.89 27.20
N ASN B 267 2.45 49.71 28.15
CA ASN B 267 3.66 50.51 28.28
C ASN B 267 4.19 50.80 26.87
N GLY B 268 4.31 49.75 26.06
CA GLY B 268 4.77 49.87 24.69
C GLY B 268 6.27 49.61 24.56
N SER B 269 6.84 48.91 25.55
CA SER B 269 8.21 48.40 25.46
C SER B 269 8.27 47.30 24.40
N ARG B 270 7.38 46.31 24.54
CA ARG B 270 7.38 45.11 23.71
C ARG B 270 6.35 45.27 22.59
N TYR B 271 6.65 44.65 21.44
CA TYR B 271 5.83 44.76 20.25
C TYR B 271 5.98 43.48 19.42
N LEU B 272 4.85 42.91 18.99
CA LEU B 272 4.91 41.77 18.10
C LEU B 272 5.17 42.26 16.66
N LEU B 273 5.96 41.49 15.92
CA LEU B 273 6.26 41.74 14.51
C LEU B 273 6.28 40.43 13.73
N GLY B 274 5.32 40.26 12.82
CA GLY B 274 5.18 39.06 12.02
C GLY B 274 5.74 39.23 10.62
N ASP B 275 6.08 38.10 9.98
CA ASP B 275 6.83 38.05 8.74
C ASP B 275 5.88 37.64 7.61
N MET B 276 6.18 38.05 6.37
CA MET B 276 5.34 37.65 5.24
C MET B 276 5.44 36.13 5.04
N GLU B 277 6.54 35.54 5.55
CA GLU B 277 6.76 34.10 5.54
C GLU B 277 6.70 33.51 6.95
N GLY B 278 5.88 34.11 7.84
CA GLY B 278 5.53 33.50 9.12
C GLY B 278 6.39 34.02 10.28
N ARG B 279 7.72 33.85 10.14
CA ARG B 279 8.67 34.17 11.19
C ARG B 279 8.13 35.29 12.06
N LEU B 280 7.50 34.92 13.18
CA LEU B 280 7.09 35.87 14.19
C LEU B 280 8.33 36.44 14.88
N PHE B 281 8.39 37.78 14.99
CA PHE B 281 9.48 38.44 15.70
C PHE B 281 8.87 39.30 16.80
N MET B 282 9.63 39.51 17.87
CA MET B 282 9.31 40.56 18.82
C MET B 282 10.25 41.72 18.59
N LEU B 283 9.74 42.94 18.82
CA LEU B 283 10.54 44.15 18.89
C LEU B 283 10.62 44.60 20.34
N LEU B 284 11.77 45.18 20.70
CA LEU B 284 11.97 45.77 22.02
C LEU B 284 12.26 47.27 21.84
N LEU B 285 11.76 48.07 22.79
CA LEU B 285 12.14 49.46 22.95
C LEU B 285 12.84 49.59 24.31
N GLU B 286 14.18 49.74 24.27
CA GLU B 286 14.98 49.86 25.48
C GLU B 286 14.85 51.28 26.00
N LYS B 287 14.74 51.43 27.32
CA LYS B 287 14.50 52.72 27.95
C LYS B 287 15.70 53.09 28.84
N THR B 296 14.86 58.63 28.50
CA THR B 296 13.88 57.63 28.05
C THR B 296 14.50 56.76 26.95
N LEU B 297 14.08 56.91 25.68
CA LEU B 297 14.39 55.91 24.66
C LEU B 297 15.85 55.98 24.23
N LYS B 298 16.44 54.80 24.02
CA LYS B 298 17.88 54.61 23.86
C LYS B 298 18.17 53.86 22.56
N ASP B 299 17.72 52.60 22.47
CA ASP B 299 18.00 51.70 21.35
C ASP B 299 16.81 50.78 21.08
N LEU B 300 17.00 49.86 20.13
CA LEU B 300 16.00 48.84 19.80
C LEU B 300 16.69 47.48 19.72
N ARG B 301 15.92 46.41 19.93
CA ARG B 301 16.41 45.05 19.75
C ARG B 301 15.28 44.22 19.16
N VAL B 302 15.64 43.31 18.24
CA VAL B 302 14.71 42.36 17.68
C VAL B 302 15.28 40.96 17.93
N GLU B 303 14.40 40.01 18.30
CA GLU B 303 14.81 38.65 18.59
C GLU B 303 13.84 37.69 17.90
N LEU B 304 14.41 36.67 17.23
CA LEU B 304 13.62 35.58 16.69
C LEU B 304 12.73 35.04 17.80
N LEU B 305 11.44 34.84 17.49
CA LEU B 305 10.51 34.19 18.40
C LEU B 305 10.14 32.82 17.86
N GLY B 306 9.85 32.74 16.55
CA GLY B 306 9.66 31.48 15.86
C GLY B 306 8.70 31.60 14.68
N GLU B 307 8.49 30.47 14.01
CA GLU B 307 7.56 30.39 12.90
C GLU B 307 6.16 30.44 13.49
N THR B 308 5.31 31.31 12.91
CA THR B 308 3.86 31.22 13.09
C THR B 308 3.24 30.84 11.75
N SER B 309 1.97 30.45 11.81
CA SER B 309 1.12 30.49 10.64
C SER B 309 1.27 31.89 10.05
N ILE B 310 1.18 32.01 8.72
CA ILE B 310 1.50 33.25 8.05
C ILE B 310 0.52 34.32 8.53
N ALA B 311 1.03 35.16 9.45
CA ALA B 311 0.22 36.07 10.23
C ALA B 311 -0.27 37.24 9.38
N GLU B 312 -1.60 37.37 9.31
CA GLU B 312 -2.25 38.52 8.71
C GLU B 312 -2.34 39.66 9.74
N CYS B 313 -2.62 39.30 11.00
CA CYS B 313 -2.77 40.28 12.07
C CYS B 313 -2.54 39.61 13.42
N LEU B 314 -2.08 40.41 14.39
CA LEU B 314 -1.53 39.87 15.64
C LEU B 314 -2.15 40.58 16.84
N THR B 315 -2.25 39.86 17.96
CA THR B 315 -3.04 40.26 19.11
C THR B 315 -2.58 39.52 20.37
N TYR B 316 -1.94 40.27 21.29
CA TYR B 316 -1.37 39.73 22.52
C TYR B 316 -2.38 39.89 23.64
N LEU B 317 -2.75 38.77 24.25
CA LEU B 317 -3.76 38.77 25.30
C LEU B 317 -3.04 39.03 26.63
N ASP B 318 -2.60 37.97 27.31
CA ASP B 318 -1.71 38.12 28.46
C ASP B 318 -1.05 36.77 28.72
N ASN B 319 -0.09 36.75 29.67
CA ASN B 319 0.55 35.54 30.15
C ASN B 319 1.55 34.99 29.12
N GLY B 320 1.86 35.77 28.07
CA GLY B 320 2.73 35.33 27.00
C GLY B 320 2.00 34.49 25.94
N VAL B 321 0.69 34.74 25.74
CA VAL B 321 -0.10 34.00 24.77
C VAL B 321 -0.61 34.98 23.72
N VAL B 322 -0.68 34.52 22.47
CA VAL B 322 -0.99 35.38 21.34
C VAL B 322 -1.96 34.67 20.41
N PHE B 323 -2.92 35.45 19.90
CA PHE B 323 -3.78 35.03 18.82
C PHE B 323 -3.19 35.50 17.49
N VAL B 324 -2.72 34.55 16.67
CA VAL B 324 -2.27 34.82 15.33
C VAL B 324 -3.45 34.58 14.39
N GLY B 325 -3.94 35.64 13.76
CA GLY B 325 -4.94 35.51 12.71
C GLY B 325 -4.25 35.26 11.37
N SER B 326 -4.87 34.45 10.49
CA SER B 326 -4.32 34.26 9.16
C SER B 326 -5.43 34.04 8.13
N ARG B 327 -5.09 34.40 6.88
CA ARG B 327 -5.96 34.26 5.73
C ARG B 327 -5.55 33.04 4.91
N LEU B 328 -4.26 32.70 4.94
CA LEU B 328 -3.72 31.62 4.14
C LEU B 328 -4.00 30.29 4.85
N GLY B 329 -3.55 30.20 6.10
CA GLY B 329 -3.57 28.96 6.85
C GLY B 329 -4.41 29.03 8.12
N ASP B 330 -4.27 27.98 8.93
CA ASP B 330 -5.02 27.83 10.17
C ASP B 330 -4.59 28.93 11.14
N SER B 331 -5.56 29.53 11.84
CA SER B 331 -5.28 30.51 12.86
C SER B 331 -4.91 29.80 14.16
N GLN B 332 -4.05 30.46 14.96
CA GLN B 332 -3.39 29.80 16.08
C GLN B 332 -3.70 30.51 17.40
N LEU B 333 -3.28 29.87 18.49
CA LEU B 333 -3.02 30.52 19.76
C LEU B 333 -1.65 30.06 20.24
N VAL B 334 -0.71 30.99 20.41
CA VAL B 334 0.69 30.61 20.53
C VAL B 334 1.25 31.06 21.88
N LYS B 335 1.54 30.07 22.74
CA LYS B 335 2.30 30.28 23.96
C LYS B 335 3.74 30.63 23.58
N LEU B 336 4.30 31.65 24.25
CA LEU B 336 5.71 32.00 24.09
C LEU B 336 6.36 32.17 25.46
N ASN B 337 7.30 31.25 25.77
CA ASN B 337 7.99 31.23 27.05
C ASN B 337 9.07 32.31 27.05
N VAL B 338 9.94 32.28 28.07
CA VAL B 338 11.17 33.07 28.13
C VAL B 338 12.39 32.15 28.11
N ASP B 339 12.17 30.84 28.30
CA ASP B 339 13.23 29.85 28.27
C ASP B 339 13.08 28.98 27.01
N SER B 340 13.93 29.26 26.00
CA SER B 340 13.83 28.61 24.69
C SER B 340 14.31 27.16 24.78
N ASN B 341 13.62 26.29 24.04
CA ASN B 341 14.01 24.90 23.91
C ASN B 341 15.10 24.81 22.85
N GLU B 342 15.81 23.68 22.83
CA GLU B 342 16.85 23.43 21.86
C GLU B 342 16.22 22.84 20.59
N GLN B 343 14.91 22.54 20.66
CA GLN B 343 14.09 22.32 19.49
C GLN B 343 14.39 23.40 18.45
N GLY B 344 14.38 24.65 18.90
CA GLY B 344 14.71 25.78 18.05
C GLY B 344 14.65 27.10 18.82
N SER B 345 13.43 27.55 19.12
CA SER B 345 13.19 28.92 19.56
C SER B 345 12.04 28.99 20.56
N TYR B 346 11.37 30.15 20.63
CA TYR B 346 10.62 30.57 21.80
C TYR B 346 9.12 30.70 21.51
N VAL B 347 8.48 29.65 20.94
CA VAL B 347 7.06 29.73 20.64
C VAL B 347 6.47 28.33 20.47
N VAL B 348 5.24 28.13 20.98
CA VAL B 348 4.64 26.80 21.08
C VAL B 348 3.15 26.86 20.74
N ALA B 349 2.70 25.94 19.88
CA ALA B 349 1.36 25.94 19.29
C ALA B 349 0.35 25.32 20.25
N MET B 350 -0.75 26.04 20.52
CA MET B 350 -1.70 25.63 21.54
C MET B 350 -3.05 25.24 20.95
N GLU B 351 -3.57 26.01 19.98
CA GLU B 351 -4.86 25.70 19.39
C GLU B 351 -4.86 26.05 17.90
N THR B 352 -5.27 25.07 17.09
CA THR B 352 -5.37 25.22 15.65
C THR B 352 -6.83 25.50 15.27
N PHE B 353 -7.10 26.75 14.86
CA PHE B 353 -8.39 27.14 14.30
C PHE B 353 -8.40 26.84 12.80
N THR B 354 -9.20 25.85 12.40
CA THR B 354 -9.27 25.41 11.02
C THR B 354 -9.56 26.63 10.14
N ASN B 355 -9.14 26.54 8.86
CA ASN B 355 -9.25 27.64 7.92
C ASN B 355 -9.19 27.10 6.49
N LEU B 356 -10.36 27.00 5.84
CA LEU B 356 -10.39 26.57 4.45
C LEU B 356 -9.76 27.66 3.60
N GLY B 357 -8.65 28.22 4.10
CA GLY B 357 -7.97 29.32 3.45
C GLY B 357 -7.82 29.08 1.96
N PRO B 358 -7.46 30.12 1.18
CA PRO B 358 -7.82 30.21 -0.23
C PRO B 358 -8.31 28.90 -0.81
N ILE B 359 -9.63 28.79 -1.01
CA ILE B 359 -10.17 27.70 -1.81
C ILE B 359 -9.91 28.03 -3.28
N VAL B 360 -9.14 27.13 -3.91
CA VAL B 360 -8.45 27.35 -5.18
C VAL B 360 -8.96 26.36 -6.23
N ASP B 361 -9.07 25.07 -5.88
CA ASP B 361 -9.90 24.12 -6.60
C ASP B 361 -10.62 23.23 -5.59
N MET B 362 -11.70 22.60 -6.07
CA MET B 362 -12.36 21.58 -5.29
C MET B 362 -13.16 20.64 -6.21
N CYS B 363 -13.48 19.46 -5.66
CA CYS B 363 -14.16 18.38 -6.37
C CYS B 363 -15.04 17.56 -5.42
N VAL B 364 -15.96 16.83 -6.04
CA VAL B 364 -16.94 16.05 -5.32
C VAL B 364 -16.72 14.57 -5.60
N VAL B 365 -17.04 13.74 -4.60
CA VAL B 365 -16.49 12.42 -4.42
C VAL B 365 -17.57 11.47 -3.89
N ASP B 366 -17.30 10.16 -3.93
CA ASP B 366 -18.17 9.10 -3.43
C ASP B 366 -19.54 9.22 -4.11
N GLN B 370 -20.57 4.87 -1.80
CA GLN B 370 -21.25 5.17 -3.11
C GLN B 370 -22.65 5.71 -2.85
N GLY B 371 -22.72 7.01 -2.52
CA GLY B 371 -23.98 7.73 -2.37
C GLY B 371 -23.73 9.22 -2.25
N GLN B 372 -24.63 9.91 -1.54
CA GLN B 372 -24.43 11.26 -1.05
C GLN B 372 -23.23 11.94 -1.70
N GLY B 373 -22.05 11.83 -1.07
CA GLY B 373 -20.85 12.50 -1.52
C GLY B 373 -20.25 13.44 -0.47
N GLN B 374 -18.93 13.59 -0.51
CA GLN B 374 -18.19 14.47 0.38
C GLN B 374 -17.45 15.47 -0.50
N LEU B 375 -16.52 16.26 0.10
CA LEU B 375 -15.93 17.38 -0.61
C LEU B 375 -14.43 17.51 -0.31
N VAL B 376 -13.62 17.60 -1.36
CA VAL B 376 -12.17 17.72 -1.21
C VAL B 376 -11.67 18.95 -1.95
N THR B 377 -10.83 19.74 -1.26
CA THR B 377 -10.41 21.06 -1.69
C THR B 377 -8.89 21.12 -1.70
N CYS B 378 -8.32 21.89 -2.65
CA CYS B 378 -7.02 22.52 -2.46
C CYS B 378 -7.23 23.65 -1.47
N SER B 379 -6.33 23.86 -0.50
CA SER B 379 -6.67 24.76 0.58
C SER B 379 -5.43 25.31 1.29
N GLY B 380 -5.41 26.64 1.43
CA GLY B 380 -4.29 27.38 1.98
C GLY B 380 -3.30 27.79 0.90
N ALA B 381 -2.08 28.11 1.32
CA ALA B 381 -0.97 28.28 0.39
C ALA B 381 0.36 28.20 1.14
N PHE B 382 1.43 28.07 0.36
CA PHE B 382 2.78 27.89 0.84
C PHE B 382 2.80 26.77 1.89
N LYS B 383 3.29 27.05 3.09
CA LYS B 383 3.54 26.02 4.08
C LYS B 383 2.22 25.55 4.68
N GLU B 384 1.20 26.40 4.61
CA GLU B 384 -0.11 26.13 5.18
C GLU B 384 -0.90 25.21 4.24
N GLY B 385 -0.66 25.37 2.94
CA GLY B 385 -1.29 24.61 1.88
C GLY B 385 -1.59 23.17 2.29
N SER B 386 -2.77 22.70 1.86
CA SER B 386 -3.37 21.50 2.41
C SER B 386 -4.65 21.17 1.64
N LEU B 387 -4.90 19.87 1.42
CA LEU B 387 -6.23 19.45 1.00
C LEU B 387 -7.13 19.65 2.20
N ARG B 388 -8.44 19.65 1.95
CA ARG B 388 -9.39 19.52 3.04
C ARG B 388 -10.47 18.54 2.58
N ILE B 389 -10.81 17.63 3.48
CA ILE B 389 -11.95 16.75 3.29
C ILE B 389 -13.07 17.31 4.16
N ILE B 390 -14.25 17.50 3.54
CA ILE B 390 -15.36 18.12 4.20
C ILE B 390 -16.60 17.26 4.00
N ARG B 391 -17.21 16.85 5.13
CA ARG B 391 -18.23 15.83 5.15
C ARG B 391 -19.36 16.22 6.11
N ASN B 392 -20.57 15.79 5.74
CA ASN B 392 -21.80 16.34 6.28
C ASN B 392 -22.55 15.30 7.10
N GLY B 393 -22.22 15.18 8.40
CA GLY B 393 -22.76 14.09 9.21
C GLY B 393 -22.57 14.31 10.72
N ILE B 394 -22.90 13.27 11.50
CA ILE B 394 -23.05 13.36 12.95
C ILE B 394 -21.81 12.81 13.65
N GLY B 395 -21.23 13.59 14.56
CA GLY B 395 -19.96 13.26 15.19
C GLY B 395 -20.15 12.45 16.48
N ILE B 396 -19.05 11.82 16.93
CA ILE B 396 -19.04 10.98 18.12
C ILE B 396 -17.65 11.05 18.76
N HIS B 397 -17.61 11.32 20.06
CA HIS B 397 -16.37 11.53 20.79
C HIS B 397 -15.96 10.22 21.46
N GLU B 398 -14.95 9.53 20.92
CA GLU B 398 -14.58 8.19 21.35
C GLU B 398 -13.91 8.23 22.74
N HIS B 399 -14.68 7.85 23.76
CA HIS B 399 -14.17 7.65 25.12
C HIS B 399 -13.50 6.28 25.23
N ALA B 400 -14.22 5.22 24.84
CA ALA B 400 -13.73 3.86 25.01
C ALA B 400 -13.78 3.07 23.70
N SER B 401 -12.60 2.60 23.28
CA SER B 401 -12.46 1.52 22.31
C SER B 401 -11.78 0.33 22.97
N ILE B 402 -12.22 -0.88 22.59
CA ILE B 402 -11.65 -2.12 23.09
C ILE B 402 -11.67 -3.17 21.98
N ASP B 403 -10.50 -3.73 21.66
CA ASP B 403 -10.40 -4.85 20.73
C ASP B 403 -11.19 -6.02 21.32
N LEU B 404 -12.43 -6.16 20.85
CA LEU B 404 -13.33 -7.20 21.31
C LEU B 404 -14.18 -7.63 20.10
N PRO B 405 -13.99 -8.86 19.59
CA PRO B 405 -14.60 -9.24 18.33
C PRO B 405 -16.02 -9.79 18.40
N GLY B 406 -16.63 -10.01 17.23
CA GLY B 406 -17.74 -10.94 17.02
C GLY B 406 -18.94 -10.68 17.94
N ILE B 407 -19.18 -9.41 18.26
CA ILE B 407 -20.31 -9.03 19.08
C ILE B 407 -21.55 -9.01 18.18
N LYS B 408 -22.53 -9.87 18.51
CA LYS B 408 -23.72 -10.06 17.69
C LYS B 408 -24.96 -9.54 18.42
N GLY B 409 -24.74 -9.00 19.62
CA GLY B 409 -25.80 -8.41 20.42
C GLY B 409 -25.22 -7.71 21.65
N LEU B 410 -25.91 -6.65 22.09
CA LEU B 410 -25.43 -5.81 23.18
C LEU B 410 -26.61 -5.17 23.90
N TRP B 411 -26.57 -5.19 25.24
CA TRP B 411 -27.64 -4.64 26.07
C TRP B 411 -27.07 -4.09 27.38
N PRO B 412 -27.71 -3.06 27.98
CA PRO B 412 -27.31 -2.53 29.28
C PRO B 412 -28.20 -3.05 30.40
N LEU B 413 -27.68 -3.00 31.63
CA LEU B 413 -28.37 -3.60 32.76
C LEU B 413 -28.10 -2.81 34.03
N ARG B 414 -28.94 -3.07 35.03
CA ARG B 414 -29.06 -2.23 36.21
C ARG B 414 -29.07 -3.13 37.43
N SER B 415 -27.90 -3.26 38.08
CA SER B 415 -27.63 -4.35 38.99
C SER B 415 -28.09 -4.05 40.41
N ASP B 416 -28.69 -2.88 40.64
CA ASP B 416 -29.01 -2.47 41.99
C ASP B 416 -29.90 -1.23 41.98
N PRO B 417 -31.23 -1.37 42.18
CA PRO B 417 -32.08 -0.25 42.60
C PRO B 417 -32.10 -0.14 44.13
N GLU B 420 -31.68 2.92 38.44
CA GLU B 420 -30.92 4.19 38.65
C GLU B 420 -29.99 4.41 37.45
N THR B 421 -28.71 4.04 37.61
CA THR B 421 -27.69 4.26 36.59
C THR B 421 -27.12 2.91 36.18
N ASP B 422 -27.20 2.62 34.87
CA ASP B 422 -26.68 1.37 34.34
C ASP B 422 -25.25 1.18 34.87
N ASP B 423 -24.82 -0.10 34.91
CA ASP B 423 -23.52 -0.47 35.46
C ASP B 423 -23.01 -1.77 34.84
N THR B 424 -23.69 -2.22 33.76
CA THR B 424 -23.67 -3.61 33.34
C THR B 424 -23.93 -3.67 31.83
N LEU B 425 -22.99 -4.26 31.10
CA LEU B 425 -23.18 -4.45 29.68
C LEU B 425 -23.15 -5.95 29.39
N VAL B 426 -24.17 -6.45 28.69
CA VAL B 426 -24.31 -7.86 28.32
C VAL B 426 -24.03 -8.00 26.81
N LEU B 427 -23.18 -8.98 26.48
CA LEU B 427 -22.67 -9.17 25.13
C LEU B 427 -23.01 -10.58 24.67
N SER B 428 -23.30 -10.76 23.38
CA SER B 428 -23.55 -12.08 22.82
C SER B 428 -22.58 -12.41 21.68
N PHE B 429 -22.29 -13.71 21.54
CA PHE B 429 -21.52 -14.30 20.43
C PHE B 429 -22.20 -15.61 20.06
N VAL B 430 -21.95 -16.14 18.85
CA VAL B 430 -22.76 -17.23 18.34
C VAL B 430 -22.80 -18.32 19.40
N GLY B 431 -24.02 -18.74 19.76
CA GLY B 431 -24.25 -19.70 20.83
C GLY B 431 -23.43 -19.40 22.08
N GLN B 432 -23.63 -18.22 22.68
CA GLN B 432 -22.99 -17.90 23.95
C GLN B 432 -23.51 -16.55 24.47
N THR B 433 -22.94 -16.12 25.62
CA THR B 433 -23.13 -14.78 26.15
C THR B 433 -21.92 -14.45 27.04
N ARG B 434 -21.81 -13.19 27.45
CA ARG B 434 -20.89 -12.79 28.51
C ARG B 434 -21.41 -11.53 29.16
N VAL B 435 -20.70 -11.04 30.18
CA VAL B 435 -21.14 -9.87 30.91
C VAL B 435 -19.94 -9.05 31.40
N LEU B 436 -20.07 -7.72 31.21
CA LEU B 436 -19.10 -6.73 31.65
C LEU B 436 -19.76 -5.81 32.67
N MET B 437 -19.14 -5.66 33.84
CA MET B 437 -19.63 -4.75 34.88
C MET B 437 -18.84 -3.45 34.83
N LEU B 438 -19.54 -2.32 35.02
CA LEU B 438 -18.95 -1.02 34.77
C LEU B 438 -18.63 -0.32 36.09
N ASN B 439 -17.36 0.08 36.25
CA ASN B 439 -16.85 0.83 37.41
C ASN B 439 -16.05 2.04 36.95
N GLY B 440 -16.74 3.11 36.53
CA GLY B 440 -16.08 4.31 36.05
C GLY B 440 -15.56 4.12 34.62
N GLU B 441 -14.27 4.42 34.41
CA GLU B 441 -13.63 4.31 33.10
C GLU B 441 -12.83 3.01 33.01
N GLU B 442 -13.46 1.89 33.41
CA GLU B 442 -12.77 0.62 33.53
C GLU B 442 -13.78 -0.51 33.41
N VAL B 443 -13.77 -1.18 32.25
CA VAL B 443 -14.67 -2.28 31.96
C VAL B 443 -14.00 -3.59 32.39
N GLU B 444 -14.82 -4.57 32.79
CA GLU B 444 -14.38 -5.71 33.58
C GLU B 444 -15.30 -6.90 33.38
N GLU B 445 -14.72 -8.11 33.40
CA GLU B 445 -15.45 -9.36 33.33
C GLU B 445 -16.35 -9.51 34.55
N THR B 446 -17.51 -10.16 34.38
CA THR B 446 -18.37 -10.50 35.53
C THR B 446 -19.31 -11.64 35.17
N GLU B 447 -19.79 -12.34 36.21
CA GLU B 447 -20.88 -13.31 36.09
C GLU B 447 -22.08 -12.75 36.86
N LEU B 448 -23.27 -13.04 36.31
CA LEU B 448 -24.53 -12.50 36.78
C LEU B 448 -25.49 -13.66 37.02
N MET B 449 -25.64 -14.03 38.30
CA MET B 449 -26.26 -15.29 38.68
C MET B 449 -27.68 -15.34 38.09
N GLY B 450 -28.06 -16.50 37.56
CA GLY B 450 -29.38 -16.66 36.96
C GLY B 450 -29.41 -16.25 35.49
N PHE B 451 -28.23 -15.90 34.96
CA PHE B 451 -28.04 -15.74 33.52
C PHE B 451 -27.22 -16.92 33.01
N VAL B 452 -27.62 -17.44 31.84
CA VAL B 452 -26.99 -18.58 31.23
C VAL B 452 -25.89 -18.11 30.27
N ASP B 453 -24.62 -18.42 30.61
CA ASP B 453 -23.45 -17.89 29.93
C ASP B 453 -23.06 -18.72 28.71
N ASP B 454 -23.97 -19.58 28.21
CA ASP B 454 -23.60 -20.51 27.15
C ASP B 454 -24.81 -20.79 26.24
N GLN B 455 -25.58 -19.73 25.96
CA GLN B 455 -26.52 -19.72 24.84
C GLN B 455 -26.60 -18.28 24.34
N GLN B 456 -26.83 -18.10 23.03
CA GLN B 456 -26.81 -16.78 22.43
C GLN B 456 -28.02 -16.00 22.94
N THR B 457 -27.73 -14.90 23.68
CA THR B 457 -28.75 -14.00 24.17
C THR B 457 -29.31 -13.18 23.00
N PHE B 458 -30.65 -13.05 22.95
CA PHE B 458 -31.35 -12.29 21.93
C PHE B 458 -31.90 -10.97 22.49
N PHE B 459 -32.22 -10.95 23.79
CA PHE B 459 -32.57 -9.72 24.47
C PHE B 459 -32.29 -9.85 25.96
N CYS B 460 -31.78 -8.77 26.55
CA CYS B 460 -31.87 -8.61 27.99
C CYS B 460 -31.99 -7.12 28.29
N GLY B 461 -32.17 -6.81 29.58
CA GLY B 461 -32.59 -5.50 30.03
C GLY B 461 -33.30 -5.62 31.38
N ASN B 462 -33.84 -4.50 31.86
CA ASN B 462 -34.60 -4.50 33.10
C ASN B 462 -36.09 -4.61 32.78
N VAL B 463 -36.86 -4.99 33.82
CA VAL B 463 -38.28 -5.24 33.70
C VAL B 463 -38.94 -4.88 35.03
N ALA B 464 -40.24 -5.17 35.11
CA ALA B 464 -41.09 -4.74 36.21
C ALA B 464 -40.88 -5.63 37.42
N HIS B 465 -41.45 -5.19 38.55
CA HIS B 465 -41.50 -5.93 39.80
C HIS B 465 -40.09 -6.19 40.33
N GLN B 466 -39.15 -5.33 39.93
CA GLN B 466 -37.75 -5.43 40.31
C GLN B 466 -37.18 -6.78 39.86
N GLN B 467 -36.89 -6.90 38.56
CA GLN B 467 -36.46 -8.15 37.95
C GLN B 467 -35.60 -7.90 36.71
N LEU B 468 -34.96 -8.99 36.25
CA LEU B 468 -34.16 -9.04 35.03
C LEU B 468 -34.78 -10.09 34.10
N ILE B 469 -34.61 -9.92 32.80
CA ILE B 469 -35.04 -10.94 31.85
C ILE B 469 -33.99 -11.09 30.75
N GLN B 470 -33.27 -12.21 30.80
CA GLN B 470 -32.56 -12.75 29.66
C GLN B 470 -33.56 -13.42 28.71
N ILE B 471 -33.22 -13.48 27.42
CA ILE B 471 -33.93 -14.35 26.51
C ILE B 471 -32.89 -15.01 25.61
N THR B 472 -32.90 -16.34 25.56
CA THR B 472 -31.97 -17.11 24.74
C THR B 472 -32.72 -17.79 23.61
N SER B 473 -31.93 -18.40 22.72
CA SER B 473 -32.42 -19.34 21.72
C SER B 473 -33.37 -20.35 22.35
N ALA B 474 -33.15 -20.66 23.63
CA ALA B 474 -33.82 -21.75 24.34
C ALA B 474 -34.89 -21.25 25.32
N SER B 475 -34.47 -20.39 26.25
CA SER B 475 -35.22 -20.14 27.47
C SER B 475 -35.44 -18.65 27.69
N VAL B 476 -36.66 -18.29 28.07
CA VAL B 476 -37.00 -16.93 28.48
C VAL B 476 -36.94 -16.88 30.00
N ARG B 477 -35.90 -16.23 30.54
CA ARG B 477 -35.48 -16.50 31.91
C ARG B 477 -35.64 -15.27 32.80
N LEU B 478 -36.75 -15.21 33.55
CA LEU B 478 -36.99 -14.11 34.46
C LEU B 478 -36.20 -14.33 35.75
N VAL B 479 -35.51 -13.27 36.20
CA VAL B 479 -34.55 -13.37 37.27
C VAL B 479 -34.91 -12.40 38.38
N SER B 480 -34.25 -12.57 39.53
CA SER B 480 -34.42 -11.71 40.70
C SER B 480 -33.31 -10.68 40.75
N GLN B 481 -33.64 -9.52 41.33
CA GLN B 481 -32.68 -8.44 41.53
C GLN B 481 -32.16 -8.50 42.96
N GLU B 482 -33.07 -8.60 43.94
CA GLU B 482 -32.67 -8.86 45.31
C GLU B 482 -32.20 -10.31 45.36
N PRO B 483 -31.19 -10.65 46.20
CA PRO B 483 -30.26 -11.75 45.93
C PRO B 483 -30.53 -12.54 44.65
N LYS B 484 -29.69 -12.29 43.63
CA LYS B 484 -30.04 -12.58 42.25
C LYS B 484 -30.14 -14.09 42.03
N ALA B 485 -31.11 -14.51 41.21
CA ALA B 485 -31.33 -15.91 40.88
C ALA B 485 -32.61 -16.08 40.07
N LEU B 486 -32.56 -17.00 39.09
CA LEU B 486 -33.72 -17.36 38.29
C LEU B 486 -34.89 -17.61 39.22
N VAL B 487 -36.06 -17.15 38.81
CA VAL B 487 -37.25 -17.34 39.63
C VAL B 487 -38.34 -18.03 38.83
N SER B 488 -38.41 -17.76 37.52
CA SER B 488 -39.34 -18.45 36.66
C SER B 488 -38.76 -18.49 35.25
N GLU B 489 -38.89 -19.64 34.60
CA GLU B 489 -38.34 -19.83 33.27
C GLU B 489 -39.43 -20.32 32.33
N TRP B 490 -39.34 -19.90 31.07
CA TRP B 490 -40.28 -20.31 30.05
C TRP B 490 -39.52 -21.11 29.02
N LYS B 491 -40.21 -22.10 28.42
CA LYS B 491 -39.65 -22.92 27.37
C LYS B 491 -40.73 -23.21 26.35
N GLU B 492 -40.32 -23.58 25.13
CA GLU B 492 -41.27 -24.04 24.12
C GLU B 492 -41.89 -25.35 24.61
N PRO B 493 -43.23 -25.46 24.65
CA PRO B 493 -43.90 -26.71 25.05
C PRO B 493 -43.18 -28.01 24.66
N GLN B 494 -42.67 -28.05 23.43
CA GLN B 494 -42.07 -29.26 22.87
C GLN B 494 -40.55 -29.24 23.02
N ALA B 495 -39.97 -28.03 23.24
CA ALA B 495 -38.57 -27.84 23.61
C ALA B 495 -37.68 -27.64 22.38
N LYS B 496 -38.10 -26.75 21.47
CA LYS B 496 -37.34 -26.37 20.30
C LYS B 496 -36.54 -25.09 20.60
N ASN B 497 -36.14 -24.36 19.55
CA ASN B 497 -35.41 -23.10 19.70
C ASN B 497 -36.31 -21.91 19.39
N ILE B 498 -36.06 -20.82 20.10
CA ILE B 498 -36.63 -19.51 19.81
C ILE B 498 -35.76 -18.85 18.74
N SER B 499 -36.43 -18.24 17.75
CA SER B 499 -35.74 -17.67 16.60
C SER B 499 -35.69 -16.14 16.67
N VAL B 500 -36.78 -15.50 17.12
CA VAL B 500 -36.86 -14.04 17.24
C VAL B 500 -37.54 -13.69 18.56
N ALA B 501 -37.08 -12.63 19.24
CA ALA B 501 -37.51 -12.32 20.60
C ALA B 501 -37.60 -10.82 20.82
N SER B 502 -38.75 -10.35 21.35
CA SER B 502 -39.07 -8.93 21.46
C SER B 502 -39.83 -8.63 22.75
N CYS B 503 -39.23 -7.78 23.59
CA CYS B 503 -39.67 -7.60 24.97
C CYS B 503 -39.87 -6.11 25.22
N ASN B 504 -40.37 -5.79 26.42
CA ASN B 504 -40.36 -4.43 26.97
C ASN B 504 -40.18 -4.49 28.50
N SER B 505 -41.13 -3.92 29.24
CA SER B 505 -41.09 -3.84 30.70
C SER B 505 -41.90 -4.98 31.34
N SER B 506 -42.68 -5.68 30.51
CA SER B 506 -43.86 -6.38 31.02
C SER B 506 -44.21 -7.56 30.12
N GLN B 507 -44.39 -7.28 28.83
CA GLN B 507 -44.85 -8.25 27.86
C GLN B 507 -43.67 -8.78 27.05
N VAL B 508 -43.67 -10.09 26.78
CA VAL B 508 -42.73 -10.67 25.86
C VAL B 508 -43.52 -11.35 24.74
N VAL B 509 -42.99 -11.27 23.53
CA VAL B 509 -43.58 -11.93 22.37
C VAL B 509 -42.45 -12.62 21.62
N VAL B 510 -42.15 -13.86 21.99
CA VAL B 510 -41.10 -14.61 21.31
C VAL B 510 -41.76 -15.40 20.17
N ALA B 511 -40.95 -15.74 19.17
CA ALA B 511 -41.38 -16.48 18.00
C ALA B 511 -40.58 -17.78 17.90
N VAL B 512 -41.21 -18.78 17.28
CA VAL B 512 -40.50 -19.98 16.89
C VAL B 512 -40.90 -20.28 15.45
N GLY B 513 -39.94 -20.09 14.54
CA GLY B 513 -40.16 -20.28 13.12
C GLY B 513 -41.49 -19.68 12.67
N ARG B 514 -42.53 -20.52 12.65
CA ARG B 514 -43.74 -20.26 11.90
C ARG B 514 -44.90 -19.96 12.85
N ALA B 515 -44.60 -19.74 14.13
CA ALA B 515 -45.61 -19.45 15.13
C ALA B 515 -44.96 -18.77 16.34
N LEU B 516 -45.78 -18.05 17.11
CA LEU B 516 -45.28 -17.13 18.12
C LEU B 516 -46.20 -17.10 19.34
N TYR B 517 -45.66 -16.55 20.43
CA TYR B 517 -46.22 -16.67 21.77
C TYR B 517 -46.31 -15.27 22.38
N TYR B 518 -47.12 -15.14 23.44
CA TYR B 518 -47.29 -13.87 24.12
C TYR B 518 -47.22 -14.10 25.63
N LEU B 519 -46.10 -13.66 26.24
CA LEU B 519 -45.89 -13.79 27.67
C LEU B 519 -46.19 -12.46 28.37
N GLN B 520 -46.56 -12.56 29.65
CA GLN B 520 -46.61 -11.42 30.55
C GLN B 520 -45.58 -11.59 31.64
N ILE B 521 -45.01 -10.49 32.11
CA ILE B 521 -44.14 -10.55 33.28
C ILE B 521 -44.99 -10.25 34.51
N HIS B 522 -44.89 -11.15 35.49
CA HIS B 522 -45.34 -10.92 36.86
C HIS B 522 -44.11 -11.10 37.76
N PRO B 523 -44.25 -10.97 39.10
CA PRO B 523 -43.25 -11.50 40.03
C PRO B 523 -43.19 -13.03 40.03
N GLN B 524 -41.95 -13.53 40.04
CA GLN B 524 -41.63 -14.94 40.14
C GLN B 524 -42.36 -15.76 39.07
N GLU B 525 -42.80 -15.11 37.99
CA GLU B 525 -43.70 -15.74 37.06
C GLU B 525 -43.80 -14.96 35.75
N LEU B 526 -43.27 -15.55 34.67
CA LEU B 526 -43.75 -15.23 33.33
C LEU B 526 -45.02 -16.05 33.15
N ARG B 527 -45.98 -15.54 32.37
CA ARG B 527 -47.25 -16.22 32.22
C ARG B 527 -47.74 -16.10 30.79
N GLN B 528 -48.17 -17.24 30.23
CA GLN B 528 -48.50 -17.39 28.82
C GLN B 528 -49.96 -16.99 28.58
N ILE B 529 -50.29 -16.67 27.32
CA ILE B 529 -51.60 -16.15 26.95
C ILE B 529 -51.96 -16.58 25.53
N SER B 530 -51.25 -16.05 24.53
CA SER B 530 -51.71 -16.08 23.15
C SER B 530 -50.74 -16.86 22.28
N HIS B 531 -51.24 -17.94 21.67
CA HIS B 531 -50.46 -18.79 20.77
C HIS B 531 -51.19 -18.91 19.43
N THR B 532 -50.59 -18.30 18.39
CA THR B 532 -51.19 -18.18 17.07
C THR B 532 -50.42 -19.07 16.10
N GLU B 533 -50.74 -18.94 14.80
CA GLU B 533 -50.03 -19.68 13.76
C GLU B 533 -50.06 -18.84 12.47
N MET B 534 -48.87 -18.47 11.98
CA MET B 534 -48.71 -17.42 10.98
C MET B 534 -48.72 -18.05 9.58
N GLU B 535 -48.73 -17.22 8.54
CA GLU B 535 -48.71 -17.70 7.16
C GLU B 535 -47.34 -18.25 6.81
N HIS B 536 -46.27 -17.56 7.22
CA HIS B 536 -44.90 -17.98 6.92
C HIS B 536 -43.99 -17.58 8.08
N GLU B 537 -42.71 -18.00 8.01
CA GLU B 537 -41.82 -17.94 9.17
C GLU B 537 -41.38 -16.50 9.38
N VAL B 538 -41.38 -16.06 10.65
CA VAL B 538 -41.24 -14.66 10.98
C VAL B 538 -39.76 -14.29 11.10
N ALA B 539 -39.45 -13.00 10.92
CA ALA B 539 -38.07 -12.53 10.81
C ALA B 539 -37.76 -11.38 11.79
N CYS B 540 -38.73 -10.49 12.03
CA CYS B 540 -38.51 -9.32 12.84
C CYS B 540 -39.75 -9.00 13.67
N LEU B 541 -39.53 -8.62 14.93
CA LEU B 541 -40.63 -8.36 15.86
C LEU B 541 -40.34 -7.06 16.61
N ASP B 542 -41.41 -6.32 16.94
CA ASP B 542 -41.30 -5.25 17.93
C ASP B 542 -42.65 -4.97 18.61
N ILE B 543 -42.54 -4.46 19.84
CA ILE B 543 -43.65 -4.37 20.77
C ILE B 543 -43.62 -3.02 21.50
N THR B 544 -42.80 -2.08 21.03
CA THR B 544 -42.48 -0.89 21.79
C THR B 544 -43.76 -0.09 22.05
N PRO B 545 -43.96 0.46 23.28
CA PRO B 545 -45.28 0.89 23.73
C PRO B 545 -45.62 2.37 23.55
N LEU B 546 -46.88 2.64 23.17
CA LEU B 546 -47.37 4.00 23.04
C LEU B 546 -48.86 4.05 23.46
N ASN B 550 -48.90 4.70 27.73
CA ASN B 550 -49.49 4.46 29.08
C ASN B 550 -48.54 3.59 29.90
N GLY B 551 -48.32 2.35 29.46
CA GLY B 551 -47.45 1.41 30.15
C GLY B 551 -47.18 0.15 29.34
N LEU B 552 -48.26 -0.54 28.93
CA LEU B 552 -48.19 -1.84 28.26
C LEU B 552 -48.73 -1.71 26.84
N SER B 553 -48.02 -2.34 25.88
CA SER B 553 -48.25 -2.15 24.45
C SER B 553 -49.34 -3.09 23.94
N PRO B 554 -50.50 -2.57 23.47
CA PRO B 554 -51.55 -3.41 22.89
C PRO B 554 -51.47 -3.68 21.38
N LEU B 555 -50.26 -3.57 20.81
CA LEU B 555 -50.05 -3.86 19.40
C LEU B 555 -48.63 -4.38 19.21
N CYS B 556 -48.35 -4.87 17.99
CA CYS B 556 -47.13 -5.64 17.74
C CYS B 556 -46.74 -5.58 16.26
N ALA B 557 -45.43 -5.43 16.00
CA ALA B 557 -44.90 -5.34 14.65
C ALA B 557 -44.29 -6.68 14.22
N ILE B 558 -44.64 -7.12 13.00
CA ILE B 558 -44.23 -8.41 12.47
C ILE B 558 -43.71 -8.22 11.06
N GLY B 559 -42.80 -9.12 10.63
CA GLY B 559 -42.33 -9.18 9.25
C GLY B 559 -42.06 -10.63 8.83
N LEU B 560 -42.58 -11.00 7.66
CA LEU B 560 -42.67 -12.39 7.23
C LEU B 560 -41.59 -12.73 6.19
N TRP B 561 -41.27 -14.03 6.08
CA TRP B 561 -40.06 -14.48 5.40
C TRP B 561 -40.33 -14.74 3.91
N THR B 562 -41.57 -15.09 3.57
CA THR B 562 -41.94 -15.42 2.20
C THR B 562 -42.99 -14.42 1.70
N ASP B 563 -43.95 -14.10 2.58
CA ASP B 563 -44.95 -13.09 2.28
C ASP B 563 -44.28 -11.72 2.26
N ILE B 564 -43.07 -11.63 2.84
CA ILE B 564 -42.23 -10.42 2.81
C ILE B 564 -43.08 -9.20 3.14
N SER B 565 -43.79 -9.29 4.27
CA SER B 565 -44.89 -8.42 4.58
C SER B 565 -44.79 -7.89 6.01
N ALA B 566 -44.72 -6.57 6.14
CA ALA B 566 -44.89 -5.89 7.41
C ALA B 566 -46.35 -6.01 7.85
N ARG B 567 -46.55 -6.58 9.04
CA ARG B 567 -47.88 -6.71 9.61
C ARG B 567 -47.90 -5.98 10.95
N ILE B 568 -49.07 -5.41 11.28
CA ILE B 568 -49.37 -4.94 12.61
C ILE B 568 -50.52 -5.79 13.17
N LEU B 569 -50.31 -6.33 14.37
CA LEU B 569 -51.26 -7.21 15.02
C LEU B 569 -51.77 -6.57 16.31
N LYS B 570 -53.00 -6.91 16.69
CA LYS B 570 -53.52 -6.58 18.01
C LYS B 570 -52.90 -7.53 19.03
N LEU B 571 -52.66 -7.02 20.24
CA LEU B 571 -52.28 -7.89 21.35
C LEU B 571 -53.51 -8.68 21.79
N PRO B 572 -53.53 -9.34 22.97
CA PRO B 572 -54.08 -10.69 23.08
C PRO B 572 -54.58 -11.39 21.81
N SER B 573 -55.49 -10.74 21.06
CA SER B 573 -56.20 -11.33 19.95
C SER B 573 -55.27 -11.79 18.81
N PHE B 574 -54.29 -10.96 18.45
CA PHE B 574 -53.45 -11.19 17.28
C PHE B 574 -54.30 -11.19 16.02
N GLU B 575 -55.27 -10.25 15.97
CA GLU B 575 -56.02 -9.93 14.76
C GLU B 575 -55.22 -8.94 13.92
N LEU B 576 -55.51 -8.92 12.61
CA LEU B 576 -54.65 -8.30 11.62
C LEU B 576 -54.72 -6.76 11.72
N LEU B 577 -55.29 -6.10 10.69
CA LEU B 577 -55.29 -4.65 10.54
C LEU B 577 -54.05 -4.24 9.72
N HIS B 578 -54.28 -4.00 8.42
CA HIS B 578 -53.28 -3.56 7.47
C HIS B 578 -52.16 -4.59 7.32
N LYS B 579 -51.86 -4.89 6.05
CA LYS B 579 -50.82 -5.85 5.70
C LYS B 579 -50.06 -5.29 4.50
N GLU B 580 -49.61 -4.03 4.61
CA GLU B 580 -48.94 -3.37 3.50
C GLU B 580 -47.82 -4.26 2.97
N MET B 581 -48.11 -4.92 1.83
CA MET B 581 -47.21 -5.88 1.23
C MET B 581 -46.16 -5.19 0.36
N LEU B 582 -44.92 -5.18 0.86
CA LEU B 582 -43.79 -4.64 0.11
C LEU B 582 -43.38 -5.73 -0.89
N GLY B 583 -42.93 -5.31 -2.08
CA GLY B 583 -42.51 -6.24 -3.12
C GLY B 583 -41.10 -6.76 -2.84
N GLY B 584 -40.87 -8.04 -3.16
CA GLY B 584 -39.57 -8.66 -2.88
C GLY B 584 -39.52 -10.11 -3.30
N ILE B 586 -36.89 -10.37 -1.24
CA ILE B 586 -35.92 -10.13 -0.14
C ILE B 586 -36.72 -9.90 1.16
N ILE B 587 -36.05 -10.04 2.31
CA ILE B 587 -36.69 -10.31 3.60
C ILE B 587 -36.52 -9.14 4.56
N PRO B 588 -37.59 -8.75 5.32
CA PRO B 588 -37.45 -7.82 6.44
C PRO B 588 -36.34 -8.21 7.42
N ARG B 589 -35.60 -7.24 7.97
CA ARG B 589 -34.47 -7.52 8.84
C ARG B 589 -34.60 -6.87 10.22
N SER B 590 -35.44 -5.84 10.33
CA SER B 590 -35.97 -5.43 11.61
C SER B 590 -37.28 -4.65 11.40
N ILE B 591 -37.88 -4.21 12.51
CA ILE B 591 -39.09 -3.41 12.49
C ILE B 591 -39.25 -2.75 13.86
N LEU B 592 -39.99 -1.64 13.90
CA LEU B 592 -40.09 -0.81 15.09
C LEU B 592 -41.32 0.09 15.00
N MET B 593 -41.79 0.49 16.18
CA MET B 593 -42.69 1.61 16.37
C MET B 593 -42.02 2.53 17.39
N THR B 594 -41.67 3.75 16.98
CA THR B 594 -41.22 4.78 17.91
C THR B 594 -41.91 6.09 17.50
N THR B 595 -41.55 7.17 18.22
CA THR B 595 -42.23 8.44 18.10
C THR B 595 -41.20 9.55 17.94
N PHE B 596 -41.53 10.54 17.10
CA PHE B 596 -40.70 11.70 16.85
C PHE B 596 -41.55 12.96 17.00
N GLU B 597 -41.15 13.83 17.94
CA GLU B 597 -41.83 15.09 18.20
C GLU B 597 -43.22 14.82 18.77
N SER B 598 -44.21 14.45 17.92
CA SER B 598 -45.54 14.11 18.43
C SER B 598 -46.39 13.37 17.40
N SER B 599 -45.75 12.61 16.50
CA SER B 599 -46.48 11.73 15.60
C SER B 599 -45.83 10.34 15.64
N HIS B 600 -46.63 9.29 15.40
CA HIS B 600 -46.21 7.92 15.67
C HIS B 600 -45.99 7.16 14.36
N TYR B 601 -44.82 6.51 14.25
CA TYR B 601 -44.35 5.92 13.01
C TYR B 601 -44.11 4.43 13.22
N LEU B 602 -44.08 3.68 12.10
CA LEU B 602 -43.57 2.31 12.03
C LEU B 602 -42.50 2.23 10.94
N LEU B 603 -41.31 1.74 11.33
CA LEU B 603 -40.21 1.59 10.39
C LEU B 603 -40.08 0.11 10.07
N CYS B 604 -39.42 -0.21 8.94
CA CYS B 604 -39.31 -1.59 8.50
C CYS B 604 -38.06 -1.80 7.64
N ALA B 605 -36.90 -1.97 8.28
CA ALA B 605 -35.61 -2.06 7.61
C ALA B 605 -35.36 -3.46 7.07
N LEU B 606 -34.95 -3.54 5.80
CA LEU B 606 -34.81 -4.79 5.07
C LEU B 606 -33.33 -5.16 4.97
N GLY B 607 -33.09 -6.34 4.39
CA GLY B 607 -31.75 -6.86 4.19
C GLY B 607 -31.01 -6.09 3.09
N ASP B 608 -31.64 -5.99 1.91
CA ASP B 608 -31.09 -5.24 0.78
C ASP B 608 -30.80 -3.81 1.24
N GLY B 609 -31.39 -3.43 2.37
CA GLY B 609 -30.94 -2.29 3.17
C GLY B 609 -31.87 -1.09 3.05
N ALA B 610 -32.94 -1.24 2.26
CA ALA B 610 -33.99 -0.23 2.19
C ALA B 610 -34.57 0.00 3.58
N LEU B 611 -35.30 1.11 3.75
CA LEU B 611 -36.03 1.37 4.99
C LEU B 611 -37.38 2.00 4.63
N PHE B 612 -38.42 1.18 4.55
CA PHE B 612 -39.76 1.70 4.49
C PHE B 612 -40.04 2.37 5.84
N TYR B 613 -40.61 3.58 5.78
CA TYR B 613 -40.98 4.30 6.99
C TYR B 613 -42.40 4.82 6.83
N PHE B 614 -43.28 4.39 7.75
CA PHE B 614 -44.71 4.60 7.64
C PHE B 614 -45.22 5.49 8.77
N GLY B 615 -46.47 5.94 8.64
CA GLY B 615 -47.19 6.68 9.66
C GLY B 615 -48.19 5.77 10.39
N LEU B 616 -48.04 5.70 11.72
CA LEU B 616 -48.69 4.68 12.53
C LEU B 616 -49.80 5.31 13.38
N ASN B 617 -50.86 4.53 13.59
CA ASN B 617 -51.98 4.92 14.45
C ASN B 617 -52.11 3.91 15.60
N ILE B 618 -51.61 4.31 16.78
CA ILE B 618 -51.78 3.56 18.01
C ILE B 618 -53.20 3.01 18.06
N GLU B 619 -54.16 3.93 18.06
CA GLU B 619 -55.55 3.63 18.39
C GLU B 619 -56.21 2.83 17.27
N THR B 620 -56.11 3.31 16.03
CA THR B 620 -56.89 2.76 14.92
C THR B 620 -56.22 1.48 14.44
N GLY B 621 -54.89 1.52 14.30
CA GLY B 621 -54.11 0.37 13.87
C GLY B 621 -53.57 0.52 12.45
N LEU B 622 -54.06 1.54 11.71
CA LEU B 622 -53.80 1.64 10.28
C LEU B 622 -52.39 2.15 10.01
N LEU B 623 -51.82 1.71 8.89
CA LEU B 623 -50.67 2.34 8.28
C LEU B 623 -51.14 3.07 7.03
N SER B 624 -50.30 3.99 6.55
CA SER B 624 -50.49 4.65 5.26
C SER B 624 -49.45 5.75 5.13
N ASP B 625 -49.46 6.48 4.01
CA ASP B 625 -48.52 7.58 3.80
C ASP B 625 -47.11 7.04 3.80
N ARG B 626 -46.91 5.95 3.06
CA ARG B 626 -45.63 5.29 2.96
C ARG B 626 -44.55 6.24 2.43
N LYS B 627 -43.32 6.03 2.90
CA LYS B 627 -42.13 6.52 2.22
C LYS B 627 -41.10 5.40 2.21
N LYS B 628 -40.34 5.29 1.12
CA LYS B 628 -39.29 4.29 0.96
C LYS B 628 -37.96 4.98 0.64
N VAL B 629 -36.94 4.70 1.46
CA VAL B 629 -35.61 5.22 1.27
C VAL B 629 -34.64 4.05 1.36
N THR B 630 -33.37 4.26 0.97
CA THR B 630 -32.35 3.23 1.06
C THR B 630 -31.20 3.74 1.91
N LEU B 631 -30.59 2.84 2.70
CA LEU B 631 -29.54 3.20 3.64
C LEU B 631 -28.24 2.43 3.39
N GLY B 632 -28.30 1.40 2.53
CA GLY B 632 -27.11 0.69 2.08
C GLY B 632 -27.41 -0.75 1.66
N THR B 633 -26.47 -1.41 0.99
CA THR B 633 -26.64 -2.78 0.56
C THR B 633 -26.29 -3.75 1.70
N GLN B 634 -26.26 -3.26 2.95
CA GLN B 634 -26.19 -4.14 4.11
C GLN B 634 -27.53 -4.15 4.84
N PRO B 635 -27.98 -5.33 5.30
CA PRO B 635 -29.07 -5.42 6.28
C PRO B 635 -28.91 -4.45 7.44
N THR B 636 -30.06 -3.91 7.89
CA THR B 636 -30.08 -2.73 8.73
C THR B 636 -30.88 -3.02 10.01
N VAL B 637 -30.41 -2.44 11.13
CA VAL B 637 -30.76 -2.84 12.49
C VAL B 637 -31.29 -1.63 13.26
N LEU B 638 -32.57 -1.65 13.67
CA LEU B 638 -33.26 -0.44 14.15
C LEU B 638 -33.26 -0.37 15.68
N ARG B 639 -32.72 0.74 16.23
CA ARG B 639 -32.52 0.89 17.67
C ARG B 639 -32.91 2.29 18.15
N THR B 640 -33.83 2.34 19.14
CA THR B 640 -34.28 3.54 19.81
C THR B 640 -33.19 4.00 20.79
N PHE B 641 -33.21 5.28 21.18
CA PHE B 641 -32.28 5.80 22.18
C PHE B 641 -32.58 7.27 22.49
N ARG B 642 -32.10 7.72 23.66
CA ARG B 642 -32.20 9.12 24.07
C ARG B 642 -30.80 9.74 24.10
N SER B 643 -30.75 11.07 23.92
CA SER B 643 -29.56 11.86 24.19
C SER B 643 -29.93 13.34 24.35
N SER B 645 -32.93 15.62 24.79
CA SER B 645 -33.60 14.45 25.43
C SER B 645 -34.90 14.14 24.69
N THR B 646 -34.76 13.72 23.43
CA THR B 646 -35.87 13.22 22.62
C THR B 646 -35.51 11.84 22.07
N THR B 647 -36.49 11.16 21.46
CA THR B 647 -36.38 9.74 21.12
C THR B 647 -35.96 9.56 19.66
N ASN B 648 -34.66 9.25 19.46
CA ASN B 648 -34.05 9.13 18.14
C ASN B 648 -34.18 7.69 17.64
N VAL B 649 -33.59 7.41 16.45
CA VAL B 649 -33.43 6.07 15.91
C VAL B 649 -32.00 5.93 15.39
N PHE B 650 -31.27 4.93 15.92
CA PHE B 650 -29.97 4.58 15.38
C PHE B 650 -30.14 3.32 14.54
N ALA B 651 -30.01 3.46 13.22
CA ALA B 651 -29.98 2.31 12.32
C ALA B 651 -28.53 1.84 12.17
N CYS B 652 -28.33 0.55 11.85
CA CYS B 652 -26.99 0.01 11.66
C CYS B 652 -26.87 -0.56 10.26
N SER B 653 -25.77 -0.25 9.56
CA SER B 653 -25.47 -0.87 8.28
C SER B 653 -24.05 -0.49 7.82
N ASP B 654 -23.84 -0.51 6.50
CA ASP B 654 -22.63 -0.02 5.89
C ASP B 654 -22.48 1.44 6.29
N ARG B 655 -23.51 2.22 5.96
CA ARG B 655 -23.60 3.63 6.30
C ARG B 655 -24.46 3.79 7.55
N PRO B 656 -23.84 4.01 8.73
CA PRO B 656 -24.58 4.27 9.95
C PRO B 656 -25.53 5.44 9.72
N THR B 657 -26.59 5.51 10.52
CA THR B 657 -27.71 6.38 10.22
C THR B 657 -28.43 6.71 11.53
N VAL B 658 -28.45 7.99 11.89
CA VAL B 658 -29.30 8.47 12.97
C VAL B 658 -30.54 9.10 12.36
N ILE B 659 -31.70 8.85 12.96
CA ILE B 659 -32.93 9.47 12.50
C ILE B 659 -33.46 10.34 13.63
N TYR B 660 -34.08 11.47 13.28
CA TYR B 660 -34.80 12.30 14.25
C TYR B 660 -35.87 13.13 13.55
N SER B 661 -36.80 13.64 14.39
CA SER B 661 -37.88 14.53 13.98
C SER B 661 -38.63 13.98 12.76
N ASN B 663 -39.85 18.95 14.25
CA ASN B 663 -40.02 19.94 13.13
C ASN B 663 -40.88 19.32 12.03
N HIS B 664 -41.12 18.00 12.09
CA HIS B 664 -42.24 17.33 11.45
C HIS B 664 -41.94 16.92 10.01
N LYS B 665 -40.69 16.49 9.80
CA LYS B 665 -40.27 15.78 8.61
C LYS B 665 -39.06 14.93 9.01
N LEU B 666 -39.15 13.61 8.85
CA LEU B 666 -38.07 12.74 9.30
C LEU B 666 -36.77 13.13 8.59
N VAL B 667 -35.66 13.14 9.34
CA VAL B 667 -34.39 13.63 8.85
C VAL B 667 -33.32 12.55 8.98
N PHE B 668 -32.99 11.90 7.86
CA PHE B 668 -31.99 10.84 7.83
C PHE B 668 -30.60 11.43 7.63
N SER B 669 -29.75 11.28 8.66
CA SER B 669 -28.43 11.88 8.65
C SER B 669 -27.39 10.78 8.82
N ASN B 670 -26.32 10.88 8.03
CA ASN B 670 -25.24 9.92 8.12
C ASN B 670 -24.42 10.23 9.37
N VAL B 671 -23.63 9.23 9.78
CA VAL B 671 -22.88 9.29 11.01
C VAL B 671 -21.42 9.05 10.64
N ASN B 672 -20.51 9.76 11.33
CA ASN B 672 -19.08 9.72 11.05
C ASN B 672 -18.45 8.52 11.77
N LEU B 673 -18.60 7.35 11.15
CA LEU B 673 -17.96 6.13 11.62
C LEU B 673 -18.11 5.06 10.55
N LYS B 674 -17.09 4.20 10.42
CA LYS B 674 -17.13 3.06 9.53
C LYS B 674 -18.01 1.97 10.16
N GLU B 675 -18.86 1.35 9.33
CA GLU B 675 -19.95 0.47 9.73
C GLU B 675 -20.06 0.28 11.24
N VAL B 676 -21.31 0.33 11.73
CA VAL B 676 -21.67 -0.17 13.05
C VAL B 676 -22.68 -1.29 12.85
N ASN B 677 -22.38 -2.45 13.44
CA ASN B 677 -23.19 -3.65 13.27
C ASN B 677 -24.32 -3.62 14.31
N TYR B 678 -23.93 -3.31 15.55
CA TYR B 678 -24.90 -3.21 16.63
C TYR B 678 -24.47 -2.09 17.56
N MET B 679 -25.44 -1.56 18.30
CA MET B 679 -25.21 -0.52 19.28
C MET B 679 -26.19 -0.71 20.42
N CYS B 680 -26.01 0.09 21.47
CA CYS B 680 -27.00 0.22 22.51
C CYS B 680 -26.79 1.56 23.20
N PRO B 681 -27.84 2.14 23.82
CA PRO B 681 -27.66 3.32 24.68
C PRO B 681 -26.87 2.92 25.92
N LEU B 682 -26.07 3.84 26.42
CA LEU B 682 -25.47 3.62 27.73
C LEU B 682 -25.83 4.80 28.60
N ASN B 683 -25.70 4.62 29.92
CA ASN B 683 -25.98 5.68 30.88
C ASN B 683 -25.39 5.23 32.22
N SER B 684 -24.06 5.18 32.29
CA SER B 684 -23.38 4.58 33.43
C SER B 684 -22.90 5.66 34.39
N ASP B 685 -22.35 5.20 35.51
CA ASP B 685 -21.68 6.05 36.50
C ASP B 685 -20.30 6.46 35.97
N GLY B 686 -19.98 6.07 34.72
CA GLY B 686 -18.71 6.37 34.08
C GLY B 686 -18.89 7.06 32.72
N TYR B 687 -19.93 6.68 31.96
CA TYR B 687 -20.15 7.16 30.61
C TYR B 687 -21.61 7.59 30.44
N PRO B 688 -22.01 8.79 30.92
CA PRO B 688 -23.43 9.20 30.95
C PRO B 688 -24.06 9.68 29.63
N ASP B 689 -25.31 9.24 29.43
CA ASP B 689 -26.16 9.50 28.26
C ASP B 689 -25.49 9.03 26.97
N SER B 690 -24.56 8.08 27.13
CA SER B 690 -23.58 7.75 26.10
C SER B 690 -24.16 6.76 25.09
N LEU B 691 -23.26 6.06 24.40
CA LEU B 691 -23.64 5.14 23.36
C LEU B 691 -22.52 4.10 23.18
N ALA B 692 -22.85 2.84 23.45
CA ALA B 692 -21.98 1.71 23.16
C ALA B 692 -22.35 1.12 21.80
N LEU B 693 -21.33 0.89 20.97
CA LEU B 693 -21.52 0.44 19.60
C LEU B 693 -20.40 -0.51 19.23
N ALA B 694 -20.74 -1.49 18.39
CA ALA B 694 -19.88 -2.63 18.12
C ALA B 694 -19.79 -2.88 16.61
N ASN B 695 -18.55 -2.85 16.11
CA ASN B 695 -18.24 -3.31 14.76
C ASN B 695 -17.64 -4.71 14.88
N ASN B 696 -17.28 -5.30 13.73
CA ASN B 696 -16.84 -6.68 13.67
C ASN B 696 -15.66 -6.94 14.59
N SER B 697 -14.95 -5.88 15.01
CA SER B 697 -13.67 -6.03 15.69
C SER B 697 -13.56 -5.25 17.00
N THR B 698 -14.33 -4.15 17.18
CA THR B 698 -14.09 -3.25 18.30
C THR B 698 -15.40 -2.76 18.94
N LEU B 699 -15.36 -2.63 20.28
CA LEU B 699 -16.44 -2.07 21.07
C LEU B 699 -16.12 -0.61 21.33
N THR B 700 -17.06 0.28 20.98
CA THR B 700 -16.87 1.71 21.12
C THR B 700 -17.96 2.28 22.02
N ILE B 701 -17.54 3.09 23.01
CA ILE B 701 -18.45 3.80 23.89
C ILE B 701 -18.07 5.28 23.89
N GLY B 702 -19.03 6.13 23.51
CA GLY B 702 -18.82 7.58 23.55
C GLY B 702 -20.15 8.33 23.60
N THR B 703 -20.07 9.66 23.48
CA THR B 703 -21.23 10.54 23.48
C THR B 703 -21.36 11.23 22.13
N ILE B 704 -22.58 11.25 21.61
CA ILE B 704 -22.86 11.75 20.27
C ILE B 704 -23.14 13.24 20.37
N ASP B 705 -22.96 14.00 19.28
CA ASP B 705 -23.33 15.40 19.25
C ASP B 705 -24.76 15.52 18.70
N GLU B 706 -25.32 16.73 18.79
CA GLU B 706 -26.77 16.92 18.89
C GLU B 706 -27.41 17.12 17.51
N ILE B 707 -26.77 17.89 16.63
CA ILE B 707 -27.21 18.07 15.25
C ILE B 707 -25.99 18.06 14.31
N GLN B 708 -26.23 17.57 13.08
CA GLN B 708 -25.16 17.35 12.12
C GLN B 708 -24.53 18.67 11.71
N LYS B 709 -23.20 18.69 11.76
CA LYS B 709 -22.37 19.81 11.35
C LYS B 709 -21.57 19.38 10.13
N LEU B 710 -20.69 20.26 9.65
CA LEU B 710 -19.65 19.86 8.72
C LEU B 710 -18.39 19.56 9.52
N HIS B 711 -17.74 18.44 9.17
CA HIS B 711 -16.46 18.09 9.77
C HIS B 711 -15.39 18.11 8.67
N ILE B 712 -14.17 18.48 9.07
CA ILE B 712 -13.13 18.79 8.09
C ILE B 712 -11.87 18.01 8.42
N ARG B 713 -11.37 17.29 7.40
CA ARG B 713 -10.10 16.58 7.50
C ARG B 713 -9.02 17.43 6.82
N THR B 714 -7.87 17.48 7.50
CA THR B 714 -6.80 18.43 7.29
C THR B 714 -5.54 17.67 6.85
N VAL B 715 -5.07 17.95 5.62
CA VAL B 715 -4.03 17.16 4.96
C VAL B 715 -2.81 18.04 4.68
N PRO B 716 -1.91 18.25 5.65
CA PRO B 716 -0.80 19.20 5.50
C PRO B 716 0.19 18.83 4.41
N LEU B 717 0.41 19.77 3.48
CA LEU B 717 1.26 19.54 2.31
C LEU B 717 2.60 20.23 2.53
N TYR B 718 2.57 21.50 2.95
CA TYR B 718 3.76 22.33 3.12
C TYR B 718 4.25 22.79 1.74
N GLU B 719 3.32 22.86 0.78
CA GLU B 719 3.52 23.50 -0.50
C GLU B 719 2.13 23.83 -1.03
N SER B 720 2.05 24.72 -2.03
CA SER B 720 0.75 25.17 -2.49
C SER B 720 0.15 24.13 -3.44
N PRO B 721 -1.06 23.61 -3.13
CA PRO B 721 -1.84 22.85 -4.10
C PRO B 721 -2.37 23.80 -5.15
N ARG B 722 -2.77 23.30 -6.32
CA ARG B 722 -3.27 24.20 -7.36
C ARG B 722 -4.37 23.57 -8.21
N LYS B 723 -4.52 22.24 -8.22
CA LYS B 723 -5.65 21.60 -8.87
C LYS B 723 -5.89 20.21 -8.27
N ILE B 724 -7.04 19.60 -8.61
CA ILE B 724 -7.43 18.33 -8.02
C ILE B 724 -8.47 17.62 -8.88
N CYS B 725 -8.45 16.28 -8.82
CA CYS B 725 -9.44 15.42 -9.48
C CYS B 725 -9.41 14.01 -8.86
N TYR B 726 -10.47 13.24 -9.16
CA TYR B 726 -10.67 11.90 -8.60
C TYR B 726 -10.75 10.87 -9.73
N GLN B 727 -9.79 9.94 -9.72
CA GLN B 727 -9.83 8.75 -10.54
C GLN B 727 -10.47 7.64 -9.69
N GLU B 728 -11.76 7.40 -9.95
CA GLU B 728 -12.54 6.42 -9.20
C GLU B 728 -11.85 5.06 -9.22
N VAL B 729 -11.45 4.64 -10.44
CA VAL B 729 -11.08 3.26 -10.72
C VAL B 729 -9.64 3.00 -10.29
N SER B 730 -9.03 3.94 -9.55
CA SER B 730 -7.77 3.68 -8.89
C SER B 730 -7.72 4.36 -7.52
N GLN B 731 -8.90 4.71 -6.98
CA GLN B 731 -9.05 5.17 -5.60
C GLN B 731 -7.87 6.05 -5.21
N CYS B 732 -7.72 7.17 -5.92
CA CYS B 732 -6.61 8.08 -5.71
C CYS B 732 -6.94 9.46 -6.25
N PHE B 733 -6.32 10.47 -5.65
CA PHE B 733 -6.41 11.83 -6.14
C PHE B 733 -5.13 12.18 -6.90
N GLY B 734 -5.32 12.78 -8.08
CA GLY B 734 -4.29 13.52 -8.78
C GLY B 734 -4.37 14.99 -8.39
N VAL B 735 -3.21 15.59 -8.08
CA VAL B 735 -3.12 16.93 -7.51
C VAL B 735 -1.89 17.63 -8.06
N LEU B 736 -2.09 18.73 -8.80
CA LEU B 736 -0.99 19.59 -9.18
C LEU B 736 -0.65 20.48 -8.00
N SER B 737 0.61 20.94 -7.91
CA SER B 737 1.10 21.62 -6.73
C SER B 737 2.35 22.42 -7.06
N SER B 738 2.79 23.27 -6.11
CA SER B 738 3.97 24.11 -6.32
C SER B 738 4.70 24.39 -5.03
N ARG B 739 5.96 23.96 -4.99
CA ARG B 739 6.85 24.33 -3.91
C ARG B 739 7.66 25.53 -4.38
N ILE B 740 8.51 26.02 -3.46
CA ILE B 740 9.41 27.13 -3.72
C ILE B 740 10.83 26.68 -3.40
N GLU B 741 11.80 27.15 -4.20
CA GLU B 741 13.20 26.79 -4.07
C GLU B 741 14.11 27.98 -4.39
N VAL B 742 15.36 27.93 -3.89
CA VAL B 742 16.37 28.96 -4.13
C VAL B 742 17.33 28.45 -5.22
N GLN B 743 18.28 29.30 -5.64
CA GLN B 743 19.17 28.97 -6.75
C GLN B 743 20.44 28.28 -6.27
N ASP B 744 21.00 27.41 -7.14
CA ASP B 744 22.25 26.72 -6.87
C ASP B 744 23.38 27.74 -6.69
N THR B 749 19.36 24.04 -7.63
CA THR B 749 18.02 24.37 -7.08
C THR B 749 17.72 23.45 -5.89
N THR B 750 17.87 23.99 -4.67
CA THR B 750 17.68 23.25 -3.44
C THR B 750 16.68 23.97 -2.53
N ALA B 751 15.73 23.18 -1.98
CA ALA B 751 14.51 23.71 -1.38
C ALA B 751 14.74 24.21 0.05
N LEU B 752 13.65 24.62 0.70
CA LEU B 752 13.67 25.23 2.03
C LEU B 752 13.43 24.14 3.08
N ARG B 753 12.48 23.26 2.75
CA ARG B 753 11.88 22.35 3.70
C ARG B 753 11.38 21.12 2.95
N PRO B 754 11.14 19.98 3.62
CA PRO B 754 10.39 18.89 3.00
C PRO B 754 8.95 19.33 2.77
N SER B 755 8.42 19.00 1.58
CA SER B 755 7.04 19.28 1.22
C SER B 755 6.39 17.99 0.72
N ALA B 756 5.14 18.08 0.26
CA ALA B 756 4.44 16.96 -0.33
C ALA B 756 4.87 16.75 -1.79
N SER B 757 6.17 16.92 -2.07
CA SER B 757 6.71 16.60 -3.39
C SER B 757 8.18 16.24 -3.30
N THR B 758 8.79 16.34 -2.10
CA THR B 758 10.15 15.88 -1.91
C THR B 758 10.16 14.64 -1.03
N GLN B 759 8.97 14.07 -0.76
CA GLN B 759 8.83 12.87 0.05
C GLN B 759 7.57 12.12 -0.38
N ALA B 760 7.71 11.33 -1.45
CA ALA B 760 6.71 10.35 -1.85
C ALA B 760 7.34 8.97 -1.75
N LEU B 761 6.50 7.94 -1.98
CA LEU B 761 7.00 6.58 -2.13
C LEU B 761 7.81 6.54 -3.42
N SER B 762 7.11 6.53 -4.56
CA SER B 762 7.74 6.68 -5.87
C SER B 762 7.81 8.18 -6.22
N SER B 763 8.94 8.59 -6.79
CA SER B 763 9.21 9.99 -7.07
C SER B 763 9.90 10.11 -8.44
N SER B 764 9.16 10.64 -9.43
CA SER B 764 9.65 10.70 -10.79
C SER B 764 10.08 12.12 -11.15
N VAL B 765 10.38 12.31 -12.44
CA VAL B 765 10.79 13.59 -13.00
C VAL B 765 10.59 13.51 -14.52
N SER B 766 10.58 14.68 -15.19
CA SER B 766 10.48 14.74 -16.64
C SER B 766 11.81 15.13 -17.29
N SER B 767 12.75 15.70 -16.51
CA SER B 767 14.09 15.99 -17.01
C SER B 767 15.10 16.02 -15.87
N SER B 768 16.36 15.85 -16.26
CA SER B 768 17.46 15.56 -15.36
C SER B 768 18.32 16.80 -15.16
N LYS B 769 19.51 16.58 -14.58
CA LYS B 769 20.59 17.55 -14.64
C LYS B 769 21.43 17.28 -15.89
N LEU B 770 20.92 17.78 -17.03
CA LEU B 770 21.63 17.83 -18.31
C LEU B 770 21.91 19.29 -18.68
N GLU B 784 17.69 33.80 -5.46
CA GLU B 784 16.37 34.18 -6.06
C GLU B 784 15.45 32.95 -6.01
N GLU B 785 14.13 33.20 -6.05
CA GLU B 785 13.12 32.15 -5.97
C GLU B 785 12.92 31.48 -7.33
N VAL B 786 12.28 30.31 -7.32
CA VAL B 786 11.80 29.65 -8.53
C VAL B 786 10.69 28.66 -8.14
N GLU B 787 9.71 28.50 -9.04
CA GLU B 787 8.50 27.73 -8.76
C GLU B 787 8.60 26.38 -9.49
N VAL B 788 8.63 25.30 -8.69
CA VAL B 788 8.73 23.96 -9.21
C VAL B 788 7.33 23.34 -9.20
N HIS B 789 6.94 22.74 -10.33
CA HIS B 789 5.61 22.15 -10.49
C HIS B 789 5.67 20.63 -10.39
N ASN B 790 4.67 20.04 -9.71
CA ASN B 790 4.62 18.61 -9.47
C ASN B 790 3.19 18.12 -9.63
N LEU B 791 2.98 17.05 -10.38
CA LEU B 791 1.74 16.30 -10.26
C LEU B 791 1.92 15.29 -9.14
N LEU B 792 1.20 15.49 -8.03
CA LEU B 792 1.20 14.52 -6.95
C LEU B 792 0.16 13.44 -7.27
N ILE B 793 0.33 12.25 -6.66
CA ILE B 793 -0.74 11.26 -6.63
C ILE B 793 -1.00 10.92 -5.18
N ILE B 794 -2.29 10.85 -4.82
CA ILE B 794 -2.68 10.68 -3.43
C ILE B 794 -3.78 9.63 -3.30
N ASP B 795 -3.67 8.85 -2.22
CA ASP B 795 -4.55 7.72 -1.95
C ASP B 795 -5.72 8.19 -1.09
N GLN B 796 -6.93 7.78 -1.50
CA GLN B 796 -8.16 8.36 -1.00
C GLN B 796 -8.52 7.83 0.39
N HIS B 797 -7.71 6.91 0.92
CA HIS B 797 -7.92 6.41 2.27
C HIS B 797 -6.85 6.98 3.18
N THR B 798 -5.58 6.79 2.79
CA THR B 798 -4.45 7.00 3.67
C THR B 798 -4.11 8.49 3.76
N PHE B 799 -4.30 9.18 2.62
CA PHE B 799 -3.78 10.53 2.38
C PHE B 799 -2.29 10.57 2.73
N GLU B 800 -1.57 9.60 2.16
CA GLU B 800 -0.14 9.72 1.94
C GLU B 800 0.05 10.09 0.47
N VAL B 801 1.29 10.45 0.14
CA VAL B 801 1.66 10.84 -1.22
C VAL B 801 2.32 9.67 -1.92
N LEU B 802 1.59 9.02 -2.83
CA LEU B 802 2.12 7.85 -3.48
C LEU B 802 3.25 8.27 -4.42
N HIS B 803 2.94 9.16 -5.36
CA HIS B 803 3.89 9.54 -6.39
C HIS B 803 3.86 11.06 -6.57
N ALA B 804 5.04 11.66 -6.75
CA ALA B 804 5.17 13.10 -6.97
C ALA B 804 6.04 13.39 -8.21
N HIS B 805 5.42 13.23 -9.39
CA HIS B 805 6.01 13.61 -10.66
C HIS B 805 6.48 15.07 -10.59
N GLN B 806 7.47 15.42 -11.42
CA GLN B 806 8.04 16.76 -11.42
C GLN B 806 8.24 17.24 -12.86
N PHE B 807 7.46 18.25 -13.23
CA PHE B 807 7.42 18.76 -14.60
C PHE B 807 8.75 19.44 -14.93
N LEU B 808 8.82 19.91 -16.17
CA LEU B 808 10.03 20.46 -16.74
C LEU B 808 10.48 21.70 -15.96
N GLN B 809 11.75 22.05 -16.16
CA GLN B 809 12.24 23.38 -15.83
C GLN B 809 11.44 24.41 -16.61
N ASN B 810 11.12 25.53 -15.94
CA ASN B 810 10.38 26.62 -16.56
C ASN B 810 9.15 26.09 -17.28
N GLU B 811 8.48 25.12 -16.65
CA GLU B 811 7.18 24.67 -17.11
C GLU B 811 6.16 25.05 -16.05
N TYR B 812 4.93 25.32 -16.52
CA TYR B 812 3.84 25.72 -15.66
C TYR B 812 2.64 24.82 -15.94
N ALA B 813 2.23 24.11 -14.88
CA ALA B 813 1.13 23.16 -14.92
C ALA B 813 -0.20 23.90 -14.73
N LEU B 814 -1.01 23.89 -15.79
CA LEU B 814 -2.21 24.70 -15.85
C LEU B 814 -3.43 23.84 -15.54
N SER B 815 -3.63 22.79 -16.34
CA SER B 815 -4.83 21.96 -16.28
C SER B 815 -4.52 20.52 -15.84
N LEU B 816 -5.57 19.83 -15.39
CA LEU B 816 -5.47 18.47 -14.91
C LEU B 816 -6.85 17.82 -15.02
N VAL B 817 -6.89 16.50 -15.21
CA VAL B 817 -8.15 15.82 -15.45
C VAL B 817 -7.96 14.31 -15.37
N SER B 818 -9.01 13.60 -14.92
CA SER B 818 -9.07 12.15 -14.90
C SER B 818 -10.20 11.66 -15.80
N CYS B 819 -9.89 10.79 -16.78
CA CYS B 819 -10.86 10.46 -17.83
C CYS B 819 -10.49 9.23 -18.65
N LYS B 820 -11.55 8.55 -19.17
CA LYS B 820 -11.48 7.50 -20.17
C LYS B 820 -11.64 8.14 -21.54
N LEU B 821 -10.90 7.64 -22.56
CA LEU B 821 -10.86 8.32 -23.84
C LEU B 821 -11.01 7.33 -25.00
N GLY B 822 -11.79 7.75 -26.02
CA GLY B 822 -12.05 6.96 -27.20
C GLY B 822 -12.93 5.74 -26.90
N LYS B 823 -12.52 4.58 -27.43
CA LYS B 823 -12.92 3.29 -26.89
C LYS B 823 -11.64 2.63 -26.34
N ASP B 824 -11.54 2.65 -25.02
CA ASP B 824 -10.38 2.15 -24.29
C ASP B 824 -10.78 2.12 -22.81
N PRO B 825 -10.62 0.98 -22.10
CA PRO B 825 -11.00 0.91 -20.69
C PRO B 825 -10.03 1.45 -19.64
N ASN B 826 -8.88 1.98 -20.09
CA ASN B 826 -7.93 2.65 -19.23
C ASN B 826 -8.40 4.05 -18.87
N THR B 827 -8.09 4.48 -17.65
CA THR B 827 -8.40 5.83 -17.22
C THR B 827 -7.10 6.54 -16.87
N TYR B 828 -6.81 7.63 -17.59
CA TYR B 828 -5.52 8.30 -17.51
C TYR B 828 -5.65 9.58 -16.69
N PHE B 829 -4.50 10.12 -16.25
CA PHE B 829 -4.44 11.40 -15.55
C PHE B 829 -3.78 12.47 -16.42
N ILE B 830 -4.57 13.18 -17.23
CA ILE B 830 -4.01 14.11 -18.23
C ILE B 830 -3.72 15.46 -17.57
N VAL B 831 -2.55 16.00 -17.94
CA VAL B 831 -2.11 17.32 -17.56
C VAL B 831 -1.97 18.13 -18.85
N GLY B 832 -2.18 19.44 -18.73
CA GLY B 832 -1.78 20.40 -19.74
C GLY B 832 -0.82 21.42 -19.14
N THR B 833 0.13 21.90 -19.94
CA THR B 833 1.07 22.85 -19.39
C THR B 833 1.10 24.10 -20.25
N ALA B 834 1.86 25.05 -19.75
CA ALA B 834 2.43 26.10 -20.58
C ALA B 834 3.88 26.29 -20.17
N MET B 835 4.66 26.84 -21.10
CA MET B 835 6.07 27.06 -20.89
C MET B 835 6.31 28.55 -20.60
N VAL B 836 6.88 28.80 -19.42
CA VAL B 836 6.97 30.13 -18.88
C VAL B 836 8.42 30.56 -18.86
N TYR B 837 8.83 31.25 -19.93
CA TYR B 837 10.07 32.01 -19.90
C TYR B 837 9.72 33.46 -19.56
N PRO B 838 10.51 34.15 -18.70
CA PRO B 838 10.20 35.54 -18.34
C PRO B 838 10.50 36.56 -19.45
N GLU B 839 11.44 36.24 -20.35
CA GLU B 839 11.79 37.08 -21.49
C GLU B 839 10.61 37.15 -22.46
N GLU B 840 9.96 36.01 -22.67
CA GLU B 840 8.82 35.88 -23.55
C GLU B 840 7.58 36.28 -22.76
N ALA B 841 6.72 37.13 -23.34
CA ALA B 841 5.66 37.78 -22.59
C ALA B 841 4.34 37.01 -22.71
N GLU B 842 4.08 36.42 -23.88
CA GLU B 842 3.07 35.38 -23.99
C GLU B 842 3.75 34.04 -23.69
N PRO B 843 3.00 32.92 -23.67
CA PRO B 843 3.61 31.60 -23.67
C PRO B 843 3.58 30.97 -25.06
N LYS B 844 4.73 30.45 -25.50
CA LYS B 844 4.90 30.06 -26.89
C LYS B 844 4.64 28.57 -27.08
N GLN B 845 4.77 27.78 -26.01
CA GLN B 845 4.67 26.33 -26.11
C GLN B 845 4.14 25.75 -24.79
N GLY B 846 3.68 24.50 -24.88
CA GLY B 846 3.20 23.75 -23.75
C GLY B 846 2.93 22.29 -24.13
N ARG B 847 2.40 21.51 -23.17
CA ARG B 847 2.20 20.08 -23.36
C ARG B 847 0.80 19.66 -22.93
N ILE B 848 0.31 18.58 -23.54
CA ILE B 848 -0.82 17.82 -23.04
C ILE B 848 -0.33 16.40 -22.73
N VAL B 849 0.04 16.18 -21.47
CA VAL B 849 0.74 14.97 -21.07
C VAL B 849 -0.26 14.00 -20.48
N VAL B 850 -0.50 12.89 -21.18
CA VAL B 850 -1.27 11.79 -20.64
C VAL B 850 -0.39 11.04 -19.64
N PHE B 851 -0.98 10.57 -18.54
CA PHE B 851 -0.30 9.65 -17.65
C PHE B 851 -1.23 8.46 -17.39
N GLN B 852 -0.75 7.50 -16.61
CA GLN B 852 -1.57 6.40 -16.14
C GLN B 852 -1.07 6.00 -14.77
N TYR B 853 -1.99 5.57 -13.91
CA TYR B 853 -1.59 5.04 -12.61
C TYR B 853 -2.01 3.58 -12.51
N SER B 854 -0.99 2.72 -12.42
CA SER B 854 -1.12 1.28 -12.54
C SER B 854 -0.17 0.58 -11.57
N ASP B 855 -0.72 -0.42 -10.85
CA ASP B 855 0.01 -1.20 -9.87
C ASP B 855 0.55 -0.28 -8.77
N GLY B 856 1.84 0.09 -8.87
CA GLY B 856 2.47 0.91 -7.86
C GLY B 856 3.36 1.97 -8.48
N LYS B 857 3.01 2.40 -9.70
CA LYS B 857 3.88 3.26 -10.49
C LYS B 857 3.04 4.21 -11.33
N LEU B 858 3.68 5.29 -11.81
CA LEU B 858 3.05 6.32 -12.63
C LEU B 858 3.70 6.39 -14.01
N GLN B 859 3.02 5.79 -15.00
CA GLN B 859 3.55 5.67 -16.35
C GLN B 859 3.37 7.01 -17.09
N THR B 860 4.36 7.33 -17.93
CA THR B 860 4.29 8.49 -18.82
C THR B 860 3.87 7.99 -20.20
N VAL B 861 2.55 7.94 -20.49
CA VAL B 861 2.08 7.30 -21.70
C VAL B 861 2.49 8.15 -22.91
N ALA B 862 1.71 9.18 -23.20
CA ALA B 862 1.86 9.93 -24.43
C ALA B 862 2.27 11.36 -24.12
N GLU B 863 2.55 12.13 -25.18
CA GLU B 863 2.67 13.58 -25.10
C GLU B 863 1.99 14.19 -26.34
N LYS B 864 1.66 15.47 -26.23
CA LYS B 864 1.49 16.33 -27.39
C LYS B 864 2.14 17.66 -27.05
N GLU B 865 3.22 18.00 -27.77
CA GLU B 865 3.75 19.36 -27.76
C GLU B 865 2.71 20.27 -28.39
N VAL B 866 2.47 21.43 -27.77
CA VAL B 866 1.46 22.37 -28.25
C VAL B 866 2.11 23.73 -28.37
N LYS B 867 1.63 24.53 -29.34
CA LYS B 867 2.28 25.76 -29.73
C LYS B 867 1.90 26.89 -28.78
N GLY B 868 1.39 26.55 -27.58
CA GLY B 868 1.01 27.55 -26.60
C GLY B 868 0.65 26.96 -25.24
N ALA B 869 -0.44 27.49 -24.65
CA ALA B 869 -0.76 27.28 -23.24
C ALA B 869 -2.06 26.49 -23.13
N VAL B 870 -2.02 25.40 -22.36
CA VAL B 870 -3.21 24.59 -22.16
C VAL B 870 -3.88 25.08 -20.88
N TYR B 871 -4.77 26.05 -21.03
CA TYR B 871 -5.40 26.68 -19.87
C TYR B 871 -6.36 25.67 -19.25
N SER B 872 -7.27 25.14 -20.08
CA SER B 872 -8.29 24.24 -19.62
C SER B 872 -8.46 23.08 -20.61
N MET B 873 -8.73 21.88 -20.06
CA MET B 873 -9.08 20.68 -20.81
C MET B 873 -10.31 20.06 -20.15
N VAL B 874 -11.04 19.19 -20.86
CA VAL B 874 -12.24 18.59 -20.29
C VAL B 874 -12.67 17.33 -21.04
N GLU B 875 -13.16 16.33 -20.29
CA GLU B 875 -13.81 15.16 -20.86
C GLU B 875 -15.02 15.61 -21.67
N PHE B 876 -15.04 15.26 -22.96
CA PHE B 876 -16.13 15.68 -23.84
C PHE B 876 -16.42 14.58 -24.85
N ASN B 877 -17.51 13.82 -24.64
CA ASN B 877 -17.96 12.79 -25.56
C ASN B 877 -16.83 11.78 -25.84
N GLY B 878 -16.02 11.43 -24.82
CA GLY B 878 -14.94 10.47 -24.98
C GLY B 878 -13.75 11.02 -25.76
N LYS B 879 -13.75 12.34 -25.95
CA LYS B 879 -12.70 13.04 -26.68
C LYS B 879 -12.07 14.05 -25.75
N LEU B 880 -10.76 14.25 -25.90
CA LEU B 880 -10.07 15.30 -25.17
C LEU B 880 -10.31 16.61 -25.92
N LEU B 881 -10.70 17.64 -25.14
CA LEU B 881 -10.99 18.96 -25.68
C LEU B 881 -10.22 19.98 -24.85
N ALA B 882 -9.35 20.76 -25.49
CA ALA B 882 -8.44 21.60 -24.73
C ALA B 882 -8.52 23.04 -25.21
N SER B 883 -8.35 23.93 -24.23
CA SER B 883 -8.06 25.32 -24.50
C SER B 883 -6.57 25.44 -24.69
N ILE B 884 -6.19 26.16 -25.75
CA ILE B 884 -4.82 26.59 -25.93
C ILE B 884 -4.83 28.00 -26.49
N ASN B 885 -4.01 28.88 -25.90
CA ASN B 885 -4.13 30.32 -26.06
C ASN B 885 -5.56 30.66 -26.46
N SER B 886 -5.77 30.90 -27.76
CA SER B 886 -6.98 31.54 -28.26
C SER B 886 -7.82 30.56 -29.07
N THR B 887 -7.78 29.29 -28.65
CA THR B 887 -8.21 28.20 -29.50
C THR B 887 -8.80 27.09 -28.65
N VAL B 888 -9.74 26.36 -29.26
CA VAL B 888 -10.36 25.20 -28.65
C VAL B 888 -10.13 23.99 -29.56
N ARG B 889 -9.25 23.09 -29.11
CA ARG B 889 -8.80 21.98 -29.94
C ARG B 889 -9.39 20.68 -29.40
N LEU B 890 -9.82 19.83 -30.33
CA LEU B 890 -10.50 18.59 -30.02
C LEU B 890 -9.66 17.43 -30.55
N TYR B 891 -9.14 16.63 -29.62
CA TYR B 891 -8.35 15.46 -29.95
C TYR B 891 -9.23 14.21 -29.92
N GLU B 892 -8.92 13.23 -30.76
CA GLU B 892 -9.42 11.87 -30.57
C GLU B 892 -8.28 11.02 -30.00
N TRP B 893 -8.64 9.87 -29.40
CA TRP B 893 -7.67 8.96 -28.82
C TRP B 893 -7.56 7.70 -29.67
N THR B 894 -6.52 7.64 -30.52
CA THR B 894 -6.35 6.57 -31.50
C THR B 894 -5.97 5.28 -30.78
N THR B 895 -6.18 4.16 -31.49
CA THR B 895 -5.82 2.85 -30.97
C THR B 895 -4.33 2.81 -30.65
N GLU B 896 -3.50 3.45 -31.49
CA GLU B 896 -2.05 3.46 -31.33
C GLU B 896 -1.66 4.11 -29.99
N LYS B 897 -2.58 4.88 -29.40
CA LYS B 897 -2.46 5.41 -28.04
C LYS B 897 -1.79 6.78 -28.08
N GLU B 898 -2.42 7.69 -28.85
CA GLU B 898 -1.95 9.05 -29.09
C GLU B 898 -3.16 9.97 -29.28
N LEU B 899 -2.90 11.27 -29.48
CA LEU B 899 -3.94 12.28 -29.73
C LEU B 899 -3.89 12.74 -31.19
N ARG B 900 -4.95 12.47 -31.95
CA ARG B 900 -5.10 13.06 -33.29
C ARG B 900 -6.11 14.19 -33.21
N THR B 901 -5.80 15.29 -33.89
CA THR B 901 -6.61 16.48 -33.83
C THR B 901 -7.81 16.32 -34.76
N GLU B 902 -8.97 15.98 -34.17
CA GLU B 902 -10.19 15.83 -34.96
C GLU B 902 -10.55 17.17 -35.58
N CYS B 903 -10.71 18.19 -34.72
CA CYS B 903 -11.34 19.45 -35.11
C CYS B 903 -10.80 20.64 -34.31
N ASN B 904 -10.75 21.79 -34.99
CA ASN B 904 -10.06 22.98 -34.55
C ASN B 904 -11.05 24.14 -34.60
N HIS B 905 -10.91 25.11 -33.68
CA HIS B 905 -11.72 26.32 -33.72
C HIS B 905 -11.03 27.43 -32.94
N TYR B 906 -10.88 28.58 -33.62
CA TYR B 906 -10.17 29.72 -33.08
C TYR B 906 -11.22 30.69 -32.56
N ASN B 907 -10.94 31.27 -31.38
CA ASN B 907 -11.80 32.30 -30.81
C ASN B 907 -11.01 33.58 -30.67
N ASN B 908 -11.72 34.65 -30.29
CA ASN B 908 -11.12 35.94 -30.01
C ASN B 908 -10.68 35.97 -28.55
N ILE B 909 -11.57 35.52 -27.66
CA ILE B 909 -11.28 35.49 -26.23
C ILE B 909 -10.16 34.48 -25.97
N MET B 910 -9.21 34.84 -25.10
CA MET B 910 -8.29 33.85 -24.58
C MET B 910 -9.08 32.77 -23.82
N ALA B 911 -9.25 31.60 -24.44
CA ALA B 911 -10.02 30.52 -23.83
C ALA B 911 -9.35 30.10 -22.51
N LEU B 912 -9.72 30.81 -21.43
CA LEU B 912 -9.23 30.55 -20.08
C LEU B 912 -10.20 29.62 -19.39
N TYR B 913 -11.48 29.99 -19.45
CA TYR B 913 -12.54 29.19 -18.86
C TYR B 913 -13.06 28.23 -19.91
N LEU B 914 -13.40 27.03 -19.43
CA LEU B 914 -14.10 26.05 -20.24
C LEU B 914 -14.92 25.13 -19.35
N LYS B 915 -16.19 24.93 -19.74
CA LYS B 915 -17.12 23.99 -19.15
C LYS B 915 -18.01 23.48 -20.28
N THR B 916 -18.78 22.42 -20.04
CA THR B 916 -19.57 21.85 -21.11
C THR B 916 -20.66 20.94 -20.57
N LYS B 917 -21.66 20.70 -21.43
CA LYS B 917 -22.78 19.81 -21.17
C LYS B 917 -23.45 19.51 -22.50
N GLY B 918 -23.78 18.24 -22.75
CA GLY B 918 -24.25 17.83 -24.06
C GLY B 918 -23.19 18.20 -25.10
N ASP B 919 -23.64 18.74 -26.24
CA ASP B 919 -22.73 19.15 -27.30
C ASP B 919 -22.12 20.52 -27.02
N PHE B 920 -22.66 21.25 -26.03
CA PHE B 920 -22.44 22.68 -25.90
C PHE B 920 -21.15 22.95 -25.12
N ILE B 921 -20.47 24.03 -25.52
CA ILE B 921 -19.22 24.43 -24.92
C ILE B 921 -19.35 25.88 -24.47
N LEU B 922 -18.86 26.18 -23.25
CA LEU B 922 -18.86 27.55 -22.76
C LEU B 922 -17.42 28.00 -22.54
N VAL B 923 -17.09 29.17 -23.11
CA VAL B 923 -15.72 29.63 -23.18
C VAL B 923 -15.65 31.02 -22.55
N GLY B 924 -14.80 31.16 -21.52
CA GLY B 924 -14.69 32.41 -20.81
C GLY B 924 -13.28 32.99 -20.91
N ASP B 925 -13.20 34.31 -20.78
CA ASP B 925 -11.91 34.97 -20.61
C ASP B 925 -11.98 35.91 -19.41
N LEU B 926 -10.79 36.28 -18.91
CA LEU B 926 -10.63 37.04 -17.68
C LEU B 926 -11.41 38.36 -17.77
N MET B 927 -11.94 38.66 -18.96
CA MET B 927 -12.65 39.90 -19.21
C MET B 927 -14.14 39.59 -19.39
N ARG B 928 -14.65 38.57 -18.67
CA ARG B 928 -16.07 38.35 -18.56
C ARG B 928 -16.71 38.18 -19.95
N SER B 929 -15.89 37.93 -20.98
CA SER B 929 -16.42 37.72 -22.31
C SER B 929 -16.73 36.24 -22.45
N VAL B 930 -17.97 35.91 -22.83
CA VAL B 930 -18.49 34.55 -22.73
C VAL B 930 -18.97 34.08 -24.10
N LEU B 931 -18.78 32.78 -24.37
CA LEU B 931 -18.91 32.25 -25.72
C LEU B 931 -19.45 30.82 -25.67
N LEU B 932 -20.62 30.62 -26.26
CA LEU B 932 -21.22 29.31 -26.31
C LEU B 932 -20.97 28.70 -27.68
N LEU B 933 -20.41 27.47 -27.69
CA LEU B 933 -20.10 26.72 -28.90
C LEU B 933 -20.76 25.35 -28.88
N ALA B 934 -21.04 24.81 -30.07
CA ALA B 934 -21.62 23.49 -30.25
C ALA B 934 -20.88 22.68 -31.32
N TYR B 935 -20.32 21.54 -30.92
CA TYR B 935 -19.90 20.50 -31.86
C TYR B 935 -21.14 20.02 -32.61
N LYS B 936 -21.03 19.95 -33.94
CA LYS B 936 -22.09 19.37 -34.77
C LYS B 936 -21.50 18.17 -35.50
N PRO B 937 -21.83 16.91 -35.08
CA PRO B 937 -21.17 15.71 -35.61
C PRO B 937 -21.21 15.54 -37.13
N MET B 938 -22.32 15.96 -37.75
CA MET B 938 -22.62 15.71 -39.15
C MET B 938 -21.80 16.65 -40.04
N GLU B 939 -21.01 17.55 -39.41
CA GLU B 939 -20.00 18.32 -40.10
C GLU B 939 -18.62 17.82 -39.69
N GLY B 940 -18.35 17.86 -38.38
CA GLY B 940 -17.01 17.71 -37.84
C GLY B 940 -16.39 19.08 -37.58
N ASN B 941 -17.22 19.97 -37.04
CA ASN B 941 -16.90 21.39 -36.92
C ASN B 941 -17.63 21.97 -35.71
N PHE B 942 -16.99 22.97 -35.09
CA PHE B 942 -17.61 23.79 -34.06
C PHE B 942 -18.36 24.94 -34.72
N GLU B 943 -19.41 25.43 -34.04
CA GLU B 943 -20.27 26.48 -34.55
C GLU B 943 -20.66 27.39 -33.39
N GLU B 944 -20.63 28.71 -33.63
CA GLU B 944 -20.95 29.66 -32.58
C GLU B 944 -22.46 29.78 -32.44
N ILE B 945 -22.96 29.49 -31.24
CA ILE B 945 -24.37 29.60 -30.93
C ILE B 945 -24.63 30.95 -30.26
N ALA B 946 -23.80 31.31 -29.27
CA ALA B 946 -24.03 32.54 -28.52
C ALA B 946 -22.75 33.05 -27.85
N ARG B 947 -22.83 34.33 -27.41
CA ARG B 947 -21.69 35.09 -26.94
C ARG B 947 -22.18 36.26 -26.09
N ASP B 948 -21.34 36.75 -25.16
CA ASP B 948 -21.61 38.00 -24.47
C ASP B 948 -20.32 38.59 -23.89
N PHE B 949 -20.17 39.92 -24.07
CA PHE B 949 -18.93 40.62 -23.76
C PHE B 949 -19.25 41.93 -23.03
N ASN B 950 -19.25 41.88 -21.70
CA ASN B 950 -19.40 43.08 -20.89
C ASN B 950 -18.14 43.19 -20.04
N PRO B 951 -17.21 44.11 -20.40
CA PRO B 951 -15.90 44.17 -19.74
C PRO B 951 -15.87 44.20 -18.22
N ASN B 952 -15.40 43.10 -17.63
CA ASN B 952 -15.21 42.99 -16.19
C ASN B 952 -14.29 41.79 -15.88
N TRP B 953 -13.67 41.81 -14.71
CA TRP B 953 -12.89 40.68 -14.24
C TRP B 953 -13.78 39.47 -13.93
N MET B 954 -13.36 38.27 -14.40
CA MET B 954 -14.03 37.02 -14.08
C MET B 954 -13.07 36.10 -13.32
N SER B 955 -13.61 35.21 -12.47
CA SER B 955 -12.80 34.35 -11.63
C SER B 955 -13.26 32.88 -11.67
N ALA B 956 -14.41 32.61 -12.31
CA ALA B 956 -14.80 31.28 -12.79
C ALA B 956 -16.14 31.42 -13.52
N VAL B 957 -16.64 30.31 -14.08
CA VAL B 957 -18.00 30.27 -14.59
C VAL B 957 -18.51 28.84 -14.45
N GLU B 958 -19.76 28.62 -14.88
CA GLU B 958 -20.35 27.31 -14.86
C GLU B 958 -21.57 27.28 -15.79
N ILE B 959 -22.07 26.07 -16.06
CA ILE B 959 -23.36 25.87 -16.66
C ILE B 959 -24.28 25.24 -15.62
N LEU B 960 -25.47 25.82 -15.44
CA LEU B 960 -26.49 25.33 -14.53
C LEU B 960 -27.45 24.42 -15.28
N ASP B 961 -27.88 24.87 -16.46
CA ASP B 961 -28.51 24.01 -17.45
C ASP B 961 -28.13 24.53 -18.84
N ASP B 962 -28.74 23.96 -19.87
CA ASP B 962 -28.51 24.35 -21.25
C ASP B 962 -28.44 25.87 -21.41
N ASP B 963 -29.38 26.58 -20.75
CA ASP B 963 -29.72 27.94 -21.12
C ASP B 963 -28.99 28.99 -20.29
N ASN B 964 -28.48 28.64 -19.10
CA ASN B 964 -28.07 29.65 -18.15
C ASN B 964 -26.64 29.41 -17.66
N PHE B 965 -25.94 30.47 -17.22
CA PHE B 965 -24.51 30.37 -16.96
C PHE B 965 -24.10 31.26 -15.78
N LEU B 966 -23.82 30.59 -14.65
CA LEU B 966 -23.35 31.24 -13.43
C LEU B 966 -21.89 31.68 -13.61
N GLY B 967 -21.54 32.83 -13.02
CA GLY B 967 -20.19 33.37 -13.09
C GLY B 967 -19.98 34.53 -12.12
N ALA B 968 -18.72 34.76 -11.72
CA ALA B 968 -18.42 35.66 -10.61
C ALA B 968 -17.59 36.85 -11.08
N GLU B 969 -18.27 37.89 -11.59
CA GLU B 969 -17.59 39.09 -12.09
C GLU B 969 -17.25 40.01 -10.93
N ASN B 970 -16.67 41.16 -11.23
CA ASN B 970 -15.82 41.88 -10.28
C ASN B 970 -16.65 42.48 -9.15
N ALA B 971 -15.97 42.59 -7.99
CA ALA B 971 -16.50 43.16 -6.76
C ALA B 971 -17.31 42.11 -5.99
N PHE B 972 -16.83 40.86 -6.02
CA PHE B 972 -17.42 39.79 -5.25
C PHE B 972 -18.88 39.63 -5.65
N ASN B 973 -19.12 39.38 -6.94
CA ASN B 973 -20.48 39.37 -7.46
C ASN B 973 -20.78 38.05 -8.13
N LEU B 974 -22.07 37.81 -8.35
CA LEU B 974 -22.56 36.72 -9.20
C LEU B 974 -23.37 37.34 -10.32
N PHE B 975 -23.57 36.54 -11.37
CA PHE B 975 -24.44 36.91 -12.48
C PHE B 975 -24.76 35.66 -13.30
N VAL B 976 -25.89 35.69 -13.99
CA VAL B 976 -26.32 34.53 -14.74
C VAL B 976 -26.82 35.02 -16.09
N CYS B 977 -26.33 34.41 -17.16
CA CYS B 977 -26.76 34.73 -18.51
C CYS B 977 -27.67 33.61 -19.02
N GLN B 978 -28.52 33.93 -20.00
CA GLN B 978 -29.57 33.04 -20.46
C GLN B 978 -29.60 33.03 -21.99
N LYS B 979 -29.90 31.86 -22.56
CA LYS B 979 -29.71 31.59 -23.97
C LYS B 979 -30.82 32.21 -24.82
N ASP B 980 -32.09 31.93 -24.50
CA ASP B 980 -33.22 32.48 -25.24
C ASP B 980 -33.89 33.60 -24.43
N GLU B 987 -31.09 35.47 -37.03
CA GLU B 987 -31.99 36.18 -36.08
C GLU B 987 -31.11 36.90 -35.06
N GLU B 988 -31.61 37.11 -33.83
CA GLU B 988 -30.77 37.64 -32.77
C GLU B 988 -30.87 36.73 -31.54
N ARG B 989 -30.45 35.48 -31.73
CA ARG B 989 -30.42 34.47 -30.68
C ARG B 989 -29.02 34.42 -30.05
N GLN B 990 -27.99 34.88 -30.78
CA GLN B 990 -26.61 34.72 -30.36
C GLN B 990 -26.23 35.75 -29.28
N HIS B 991 -27.24 36.32 -28.60
CA HIS B 991 -27.01 37.22 -27.48
C HIS B 991 -27.48 36.54 -26.20
N LEU B 992 -26.54 36.33 -25.28
CA LEU B 992 -26.85 35.86 -23.95
C LEU B 992 -27.32 37.05 -23.12
N GLN B 993 -28.57 36.97 -22.62
CA GLN B 993 -29.20 38.04 -21.86
C GLN B 993 -28.58 38.11 -20.47
N GLU B 994 -28.66 39.29 -19.85
CA GLU B 994 -28.42 39.43 -18.43
C GLU B 994 -29.75 39.11 -17.73
N VAL B 995 -29.78 38.10 -16.85
CA VAL B 995 -31.02 37.72 -16.18
C VAL B 995 -30.83 37.53 -14.68
N GLY B 996 -29.71 38.01 -14.12
CA GLY B 996 -29.53 37.93 -12.68
C GLY B 996 -28.18 38.44 -12.22
N LEU B 997 -28.20 39.33 -11.22
CA LEU B 997 -27.00 39.82 -10.56
C LEU B 997 -27.20 39.72 -9.05
N PHE B 998 -26.09 39.61 -8.32
CA PHE B 998 -26.13 39.54 -6.86
C PHE B 998 -24.76 39.91 -6.30
N HIS B 999 -24.74 40.42 -5.06
CA HIS B 999 -23.48 40.79 -4.44
C HIS B 999 -23.14 39.72 -3.39
N LEU B 1000 -22.21 38.82 -3.74
CA LEU B 1000 -21.90 37.67 -2.91
C LEU B 1000 -21.16 38.13 -1.66
N GLY B 1001 -20.04 38.81 -1.89
CA GLY B 1001 -19.16 39.25 -0.83
C GLY B 1001 -17.96 38.33 -0.67
N GLU B 1002 -17.89 37.28 -1.49
CA GLU B 1002 -16.79 36.32 -1.42
C GLU B 1002 -16.15 36.17 -2.80
N PHE B 1003 -14.82 35.96 -2.81
CA PHE B 1003 -14.12 35.78 -4.07
C PHE B 1003 -14.20 34.30 -4.47
N VAL B 1004 -15.09 34.04 -5.45
CA VAL B 1004 -15.28 32.71 -6.01
C VAL B 1004 -14.06 32.36 -6.85
N ASN B 1005 -13.47 31.18 -6.63
CA ASN B 1005 -12.46 30.67 -7.55
C ASN B 1005 -13.04 29.56 -8.42
N VAL B 1006 -14.00 28.77 -7.89
CA VAL B 1006 -14.36 27.51 -8.52
C VAL B 1006 -15.82 27.14 -8.26
N PHE B 1007 -16.50 26.74 -9.34
CA PHE B 1007 -17.84 26.17 -9.27
C PHE B 1007 -17.77 24.72 -9.75
N CYS B 1008 -18.46 23.83 -9.03
CA CYS B 1008 -18.67 22.45 -9.48
C CYS B 1008 -20.04 21.95 -9.04
N HIS B 1009 -20.67 21.14 -9.89
CA HIS B 1009 -21.95 20.55 -9.56
C HIS B 1009 -21.75 19.55 -8.41
N GLY B 1010 -22.73 19.45 -7.52
CA GLY B 1010 -22.74 18.44 -6.48
C GLY B 1010 -23.49 18.89 -5.21
N SER B 1011 -23.69 17.93 -4.30
CA SER B 1011 -24.40 18.16 -3.05
C SER B 1011 -23.62 17.61 -1.86
N LEU B 1012 -24.18 17.82 -0.66
CA LEU B 1012 -23.63 17.22 0.55
C LEU B 1012 -24.72 16.54 1.38
N VAL B 1013 -25.74 15.98 0.71
CA VAL B 1013 -26.73 15.13 1.35
C VAL B 1013 -27.09 13.99 0.38
N MET B 1014 -27.63 12.89 0.93
CA MET B 1014 -27.94 11.68 0.19
C MET B 1014 -28.57 12.03 -1.17
N GLN B 1015 -28.87 10.99 -1.97
CA GLN B 1015 -29.19 11.18 -3.39
C GLN B 1015 -30.44 12.04 -3.56
N ASN B 1016 -31.63 11.44 -3.36
CA ASN B 1016 -32.91 12.07 -3.66
C ASN B 1016 -32.83 12.77 -5.03
N PRO B 1023 -39.23 20.73 -4.87
CA PRO B 1023 -38.43 21.67 -4.10
C PRO B 1023 -37.44 22.41 -5.00
N THR B 1024 -36.13 22.23 -4.76
CA THR B 1024 -35.10 22.80 -5.62
C THR B 1024 -34.99 22.01 -6.92
N GLN B 1025 -34.24 22.56 -7.88
CA GLN B 1025 -33.74 21.80 -9.01
C GLN B 1025 -32.22 21.97 -9.07
N GLY B 1026 -31.50 20.85 -9.03
CA GLY B 1026 -30.06 20.83 -9.26
C GLY B 1026 -29.29 21.29 -8.02
N SER B 1027 -28.01 21.60 -8.24
CA SER B 1027 -27.14 22.09 -7.19
C SER B 1027 -25.81 22.53 -7.81
N VAL B 1028 -25.15 23.51 -7.14
CA VAL B 1028 -23.80 23.97 -7.49
C VAL B 1028 -23.11 24.51 -6.23
N LEU B 1029 -22.19 23.71 -5.69
CA LEU B 1029 -21.28 24.19 -4.66
C LEU B 1029 -20.34 25.23 -5.25
N PHE B 1030 -19.67 25.98 -4.36
CA PHE B 1030 -18.62 26.88 -4.78
C PHE B 1030 -17.67 27.16 -3.62
N GLY B 1031 -16.38 27.19 -3.97
CA GLY B 1031 -15.29 27.57 -3.09
C GLY B 1031 -15.07 29.08 -3.15
N THR B 1032 -13.99 29.54 -2.51
CA THR B 1032 -13.91 30.93 -2.08
C THR B 1032 -12.57 31.21 -1.41
N VAL B 1033 -12.08 32.44 -1.60
CA VAL B 1033 -10.83 32.87 -1.02
C VAL B 1033 -10.95 33.00 0.50
N ASN B 1034 -12.07 33.57 0.93
CA ASN B 1034 -12.41 33.76 2.34
C ASN B 1034 -12.65 32.40 3.02
N GLY B 1035 -12.47 31.32 2.25
CA GLY B 1035 -12.62 29.97 2.78
C GLY B 1035 -14.08 29.55 2.85
N MET B 1036 -14.99 30.47 2.54
CA MET B 1036 -16.40 30.16 2.56
C MET B 1036 -16.67 29.08 1.51
N ILE B 1037 -17.69 28.26 1.77
CA ILE B 1037 -18.24 27.41 0.74
C ILE B 1037 -19.70 27.79 0.62
N GLY B 1038 -20.13 28.01 -0.63
CA GLY B 1038 -21.53 28.31 -0.90
C GLY B 1038 -22.18 27.23 -1.76
N LEU B 1039 -23.40 27.55 -2.19
CA LEU B 1039 -24.18 26.67 -3.03
C LEU B 1039 -25.18 27.50 -3.83
N VAL B 1040 -25.64 26.96 -4.96
CA VAL B 1040 -26.61 27.63 -5.81
C VAL B 1040 -27.61 26.59 -6.31
N THR B 1041 -28.85 27.02 -6.54
CA THR B 1041 -29.83 26.16 -7.18
C THR B 1041 -30.97 27.01 -7.74
N SER B 1042 -31.50 26.56 -8.88
CA SER B 1042 -32.67 27.17 -9.48
C SER B 1042 -33.92 26.83 -8.66
N LEU B 1043 -34.80 27.83 -8.48
CA LEU B 1043 -36.15 27.65 -7.97
C LEU B 1043 -37.10 27.66 -9.16
N SER B 1044 -38.30 27.11 -8.98
CA SER B 1044 -39.34 27.31 -9.98
C SER B 1044 -39.98 28.68 -9.75
N GLU B 1045 -40.82 29.11 -10.69
CA GLU B 1045 -41.31 30.48 -10.74
C GLU B 1045 -42.21 30.78 -9.54
N SER B 1046 -43.19 29.90 -9.32
CA SER B 1046 -44.11 30.01 -8.19
C SER B 1046 -43.37 30.44 -6.93
N TRP B 1047 -42.20 29.84 -6.66
CA TRP B 1047 -41.54 29.95 -5.37
C TRP B 1047 -40.62 31.17 -5.30
N TYR B 1048 -40.05 31.58 -6.44
CA TYR B 1048 -39.29 32.81 -6.52
C TYR B 1048 -40.17 33.96 -6.01
N ASN B 1049 -41.45 33.93 -6.42
CA ASN B 1049 -42.40 34.97 -6.02
C ASN B 1049 -42.41 35.12 -4.50
N LEU B 1050 -42.87 34.07 -3.80
CA LEU B 1050 -42.98 34.07 -2.35
C LEU B 1050 -41.64 34.45 -1.73
N LEU B 1051 -40.57 33.77 -2.17
CA LEU B 1051 -39.28 33.89 -1.51
C LEU B 1051 -38.57 35.19 -1.88
N LEU B 1052 -39.24 36.06 -2.66
CA LEU B 1052 -38.82 37.45 -2.75
C LEU B 1052 -39.74 38.24 -1.82
N ASP B 1053 -41.05 38.18 -2.11
CA ASP B 1053 -42.07 38.73 -1.22
C ASP B 1053 -41.61 38.50 0.22
N MET B 1054 -41.20 37.26 0.50
CA MET B 1054 -40.79 36.87 1.82
C MET B 1054 -39.73 37.83 2.36
N GLN B 1055 -38.68 38.05 1.55
CA GLN B 1055 -37.48 38.75 1.97
C GLN B 1055 -37.86 40.13 2.49
N ASN B 1056 -38.45 40.95 1.61
CA ASN B 1056 -38.88 42.28 1.99
C ASN B 1056 -39.32 42.21 3.44
N ARG B 1057 -40.31 41.33 3.68
CA ARG B 1057 -40.99 41.25 4.96
C ARG B 1057 -40.00 41.09 6.09
N LEU B 1058 -39.04 40.20 5.92
CA LEU B 1058 -38.16 39.82 7.02
C LEU B 1058 -37.21 40.96 7.40
N ASN B 1059 -36.95 41.88 6.46
CA ASN B 1059 -35.98 42.95 6.65
C ASN B 1059 -36.51 44.03 7.60
N LYS B 1060 -37.81 44.28 7.52
CA LYS B 1060 -38.50 45.23 8.38
C LYS B 1060 -38.36 44.79 9.83
N VAL B 1061 -38.49 43.47 10.02
CA VAL B 1061 -38.53 42.85 11.33
C VAL B 1061 -37.10 42.64 11.84
N ILE B 1062 -36.19 42.24 10.94
CA ILE B 1062 -34.86 41.78 11.32
C ILE B 1062 -33.95 42.99 11.55
N LYS B 1063 -33.02 42.82 12.50
CA LYS B 1063 -32.06 43.84 12.90
C LYS B 1063 -30.73 43.63 12.19
N SER B 1064 -30.23 44.67 11.52
CA SER B 1064 -28.96 44.61 10.81
C SER B 1064 -27.86 45.14 11.71
N VAL B 1065 -26.69 44.47 11.67
CA VAL B 1065 -25.69 44.65 12.71
C VAL B 1065 -25.38 46.14 12.85
N GLY B 1066 -25.21 46.82 11.71
CA GLY B 1066 -24.79 48.21 11.72
C GLY B 1066 -25.86 49.12 11.13
N LYS B 1067 -27.07 48.56 11.01
CA LYS B 1067 -28.23 49.21 10.42
C LYS B 1067 -27.98 49.43 8.92
N ILE B 1068 -27.50 48.39 8.26
CA ILE B 1068 -27.26 48.42 6.83
C ILE B 1068 -28.40 47.65 6.14
N GLU B 1069 -29.06 48.28 5.15
CA GLU B 1069 -30.25 47.71 4.55
C GLU B 1069 -29.87 46.51 3.68
N HIS B 1070 -30.68 45.44 3.78
CA HIS B 1070 -30.43 44.18 3.09
C HIS B 1070 -30.42 44.39 1.58
N SER B 1071 -31.34 45.22 1.07
CA SER B 1071 -31.49 45.35 -0.37
C SER B 1071 -30.39 46.21 -0.99
N PHE B 1072 -29.45 46.72 -0.18
CA PHE B 1072 -28.27 47.44 -0.67
C PHE B 1072 -27.08 46.48 -0.65
N TRP B 1073 -26.79 45.89 0.52
CA TRP B 1073 -25.72 44.91 0.66
C TRP B 1073 -25.68 43.97 -0.54
N ARG B 1074 -26.83 43.36 -0.83
CA ARG B 1074 -26.93 42.34 -1.87
C ARG B 1074 -27.15 43.01 -3.22
N SER B 1075 -26.88 44.33 -3.29
CA SER B 1075 -26.82 45.03 -4.55
C SER B 1075 -25.39 45.03 -5.09
N PHE B 1076 -25.30 44.72 -6.39
CA PHE B 1076 -24.08 44.63 -7.18
C PHE B 1076 -23.30 45.93 -7.11
N HIS B 1077 -21.96 45.86 -7.16
CA HIS B 1077 -21.10 47.00 -6.88
C HIS B 1077 -19.96 47.10 -7.91
N THR B 1078 -19.45 48.33 -8.13
CA THR B 1078 -18.14 48.58 -8.74
C THR B 1078 -17.49 49.75 -8.03
N LYS B 1081 -20.53 51.54 -11.38
CA LYS B 1081 -21.90 51.02 -11.64
C LYS B 1081 -22.41 50.33 -10.36
N THR B 1082 -23.73 50.42 -10.11
CA THR B 1082 -24.37 49.78 -8.96
C THR B 1082 -25.85 49.57 -9.27
N GLU B 1083 -26.35 48.34 -9.03
CA GLU B 1083 -27.77 48.03 -9.17
C GLU B 1083 -28.21 47.04 -8.09
N PRO B 1084 -29.54 46.93 -7.80
CA PRO B 1084 -30.03 46.02 -6.78
C PRO B 1084 -30.31 44.66 -7.41
N ALA B 1085 -30.05 43.60 -6.63
CA ALA B 1085 -30.04 42.25 -7.15
C ALA B 1085 -31.42 41.83 -7.66
N THR B 1086 -31.41 41.10 -8.78
CA THR B 1086 -32.59 40.37 -9.24
C THR B 1086 -32.15 38.98 -9.71
N GLY B 1087 -33.08 38.00 -9.63
CA GLY B 1087 -32.86 36.65 -10.13
C GLY B 1087 -32.23 35.71 -9.09
N PHE B 1088 -31.92 36.25 -7.90
CA PHE B 1088 -31.32 35.50 -6.82
C PHE B 1088 -32.16 35.67 -5.56
N ILE B 1089 -31.89 34.83 -4.57
CA ILE B 1089 -32.56 34.88 -3.28
C ILE B 1089 -31.59 34.47 -2.19
N ASP B 1090 -31.11 35.46 -1.43
CA ASP B 1090 -30.29 35.22 -0.27
C ASP B 1090 -31.03 34.24 0.62
N GLY B 1091 -30.66 32.95 0.53
CA GLY B 1091 -31.18 31.95 1.45
C GLY B 1091 -30.78 32.28 2.88
N ASP B 1092 -29.52 32.66 3.06
CA ASP B 1092 -28.95 33.04 4.35
C ASP B 1092 -29.85 34.04 5.08
N LEU B 1093 -30.84 34.59 4.38
CA LEU B 1093 -31.92 35.32 5.02
C LEU B 1093 -33.10 34.37 5.27
N ILE B 1094 -33.69 33.85 4.20
CA ILE B 1094 -34.85 32.97 4.29
C ILE B 1094 -34.73 32.10 5.53
N GLU B 1095 -33.55 31.49 5.69
CA GLU B 1095 -33.31 30.53 6.74
C GLU B 1095 -33.50 31.22 8.10
N SER B 1096 -33.03 32.45 8.22
CA SER B 1096 -33.06 33.17 9.47
C SER B 1096 -34.48 33.54 9.88
N PHE B 1097 -35.48 32.89 9.27
CA PHE B 1097 -36.87 32.97 9.70
C PHE B 1097 -37.12 32.04 10.89
N LEU B 1098 -36.15 31.14 11.16
CA LEU B 1098 -36.30 30.12 12.18
C LEU B 1098 -35.66 30.56 13.50
N ASP B 1099 -34.72 31.53 13.44
CA ASP B 1099 -34.04 32.01 14.63
C ASP B 1099 -34.72 33.24 15.22
N ILE B 1100 -35.94 33.57 14.74
CA ILE B 1100 -36.71 34.68 15.28
C ILE B 1100 -37.82 34.13 16.15
N SER B 1101 -38.30 34.96 17.09
CA SER B 1101 -39.31 34.56 18.05
C SER B 1101 -40.67 34.42 17.38
N ARG B 1102 -41.57 33.70 18.06
CA ARG B 1102 -42.85 33.28 17.51
C ARG B 1102 -43.75 34.48 17.17
N PRO B 1103 -43.73 35.60 17.92
CA PRO B 1103 -44.56 36.76 17.55
C PRO B 1103 -44.14 37.29 16.19
N LYS B 1104 -42.82 37.34 15.99
CA LYS B 1104 -42.22 38.01 14.86
C LYS B 1104 -42.50 37.21 13.60
N MET B 1105 -42.62 35.88 13.73
CA MET B 1105 -43.09 35.07 12.62
C MET B 1105 -44.45 35.61 12.19
N GLN B 1106 -45.46 35.48 13.08
CA GLN B 1106 -46.80 35.94 12.78
C GLN B 1106 -46.73 37.27 12.05
N GLU B 1107 -45.96 38.21 12.62
CA GLU B 1107 -45.74 39.52 12.02
C GLU B 1107 -45.45 39.34 10.53
N VAL B 1108 -44.43 38.52 10.23
CA VAL B 1108 -43.89 38.36 8.89
C VAL B 1108 -44.99 37.85 7.96
N VAL B 1109 -45.66 36.77 8.38
CA VAL B 1109 -46.57 36.03 7.53
C VAL B 1109 -47.92 36.74 7.46
N ALA B 1110 -47.96 38.02 7.88
CA ALA B 1110 -49.19 38.75 8.11
C ALA B 1110 -50.19 38.51 6.99
N ASN B 1111 -49.86 39.00 5.79
CA ASN B 1111 -50.79 39.02 4.66
C ASN B 1111 -50.18 38.32 3.45
N LEU B 1112 -50.37 36.98 3.39
CA LEU B 1112 -49.81 36.18 2.31
C LEU B 1112 -50.91 35.34 1.67
N GLN B 1113 -50.52 34.56 0.64
CA GLN B 1113 -51.41 33.65 -0.05
C GLN B 1113 -50.64 32.38 -0.43
N TYR B 1114 -50.63 31.40 0.49
CA TYR B 1114 -49.79 30.22 0.37
C TYR B 1114 -50.35 29.25 -0.67
N ASP B 1115 -49.46 28.63 -1.46
CA ASP B 1115 -49.85 27.87 -2.64
C ASP B 1115 -50.10 26.40 -2.29
N ASP B 1116 -51.38 26.03 -2.14
CA ASP B 1116 -51.86 24.67 -2.35
C ASP B 1116 -53.29 24.72 -2.89
N GLY B 1117 -53.55 24.01 -4.00
CA GLY B 1117 -54.86 23.91 -4.63
C GLY B 1117 -55.91 24.74 -3.91
N LYS B 1121 -55.92 27.80 -2.05
CA LYS B 1121 -54.91 28.81 -1.60
C LYS B 1121 -55.60 29.81 -0.68
N ARG B 1122 -55.03 30.01 0.52
CA ARG B 1122 -55.70 30.68 1.63
C ARG B 1122 -54.70 31.48 2.46
N GLU B 1123 -55.16 32.02 3.61
CA GLU B 1123 -54.35 32.87 4.45
C GLU B 1123 -53.23 32.06 5.10
N ALA B 1124 -52.09 32.73 5.32
CA ALA B 1124 -50.84 32.08 5.69
C ALA B 1124 -50.71 31.98 7.22
N THR B 1125 -49.98 30.97 7.67
CA THR B 1125 -49.61 30.82 9.07
C THR B 1125 -48.08 30.80 9.15
N ALA B 1126 -47.53 30.94 10.35
CA ALA B 1126 -46.10 30.75 10.54
C ALA B 1126 -45.72 29.29 10.27
N ASP B 1127 -46.68 28.38 10.51
CA ASP B 1127 -46.46 26.94 10.43
C ASP B 1127 -46.46 26.46 8.97
N ASP B 1128 -46.78 27.35 8.03
CA ASP B 1128 -46.70 27.03 6.61
C ASP B 1128 -45.30 27.34 6.08
N LEU B 1129 -44.65 28.34 6.67
CA LEU B 1129 -43.34 28.79 6.23
C LEU B 1129 -42.23 28.06 6.97
N ILE B 1130 -42.43 27.86 8.27
CA ILE B 1130 -41.61 26.95 9.03
C ILE B 1130 -41.37 25.70 8.18
N LYS B 1131 -42.46 25.09 7.69
CA LYS B 1131 -42.41 23.95 6.78
C LYS B 1131 -41.51 24.28 5.59
N VAL B 1132 -41.79 25.40 4.93
CA VAL B 1132 -41.10 25.76 3.71
C VAL B 1132 -39.61 25.97 3.97
N VAL B 1133 -39.28 26.79 4.97
CA VAL B 1133 -37.89 27.15 5.25
C VAL B 1133 -37.08 25.92 5.66
N GLU B 1134 -37.73 24.90 6.25
CA GLU B 1134 -37.02 23.69 6.62
C GLU B 1134 -36.74 22.87 5.35
N GLU B 1135 -37.72 22.76 4.44
CA GLU B 1135 -37.50 22.08 3.17
C GLU B 1135 -36.37 22.75 2.40
N LEU B 1136 -35.74 23.78 2.98
CA LEU B 1136 -34.67 24.53 2.34
C LEU B 1136 -33.47 24.70 3.27
N THR B 1137 -33.44 23.92 4.36
CA THR B 1137 -32.23 23.74 5.17
C THR B 1137 -31.64 22.37 4.88
N ARG B 1138 -32.27 21.64 3.93
CA ARG B 1138 -31.98 20.24 3.69
C ARG B 1138 -31.38 20.10 2.30
N ILE B 1139 -30.57 21.09 1.90
CA ILE B 1139 -29.72 21.02 0.72
C ILE B 1139 -28.29 21.38 1.11
N HIS B 1140 -27.91 21.11 2.38
CA HIS B 1140 -26.53 21.01 2.80
C HIS B 1140 -26.46 20.61 4.27
N ASN C 10 18.09 63.08 -41.98
CA ASN C 10 16.65 62.91 -41.60
C ASN C 10 16.05 64.31 -41.40
N PHE C 11 14.75 64.45 -41.72
CA PHE C 11 14.06 65.75 -41.69
C PHE C 11 13.54 65.98 -40.27
N ASP C 12 12.41 66.70 -40.13
CA ASP C 12 11.80 66.96 -38.83
C ASP C 12 10.47 66.22 -38.73
N THR C 13 10.29 65.46 -37.63
CA THR C 13 9.17 64.54 -37.47
C THR C 13 7.92 65.28 -36.98
N SER C 14 7.90 66.63 -37.11
CA SER C 14 6.81 67.45 -36.60
C SER C 14 6.05 68.14 -37.73
N LEU C 15 6.65 68.22 -38.92
CA LEU C 15 6.12 69.02 -40.00
C LEU C 15 4.86 68.39 -40.57
N PRO C 16 4.83 67.06 -40.82
CA PRO C 16 3.66 66.43 -41.44
C PRO C 16 2.40 66.58 -40.61
N THR C 17 2.55 66.51 -39.27
CA THR C 17 1.44 66.43 -38.35
C THR C 17 0.82 67.82 -38.11
N SER C 18 1.55 68.89 -38.46
CA SER C 18 0.97 70.22 -38.46
C SER C 18 0.52 70.59 -39.88
N HIS C 19 0.52 69.61 -40.80
CA HIS C 19 -0.19 69.68 -42.06
C HIS C 19 0.09 70.98 -42.79
N THR C 20 1.38 71.32 -42.95
CA THR C 20 1.81 72.66 -43.36
C THR C 20 1.49 72.92 -44.83
N TYR C 21 0.99 71.90 -45.53
CA TYR C 21 0.58 71.99 -46.92
C TYR C 21 -0.64 72.91 -47.07
N LEU C 22 -1.54 72.87 -46.08
CA LEU C 22 -2.85 73.49 -46.21
C LEU C 22 -2.70 74.99 -46.48
N GLY C 23 -2.39 75.76 -45.44
CA GLY C 23 -2.44 77.21 -45.49
C GLY C 23 -1.82 77.80 -44.23
N ALA C 24 -0.88 78.73 -44.42
CA ALA C 24 0.11 79.09 -43.42
C ALA C 24 -0.44 78.94 -42.00
N ASP C 25 -1.12 79.99 -41.51
CA ASP C 25 -1.67 79.99 -40.16
C ASP C 25 -3.18 80.11 -40.25
N MET C 26 -3.89 79.36 -39.38
CA MET C 26 -5.34 79.41 -39.29
C MET C 26 -5.70 80.08 -37.96
N GLU C 27 -6.96 79.92 -37.53
CA GLU C 27 -7.44 80.50 -36.28
C GLU C 27 -7.68 79.41 -35.25
N GLU C 28 -6.68 79.10 -34.41
CA GLU C 28 -6.75 77.95 -33.52
C GLU C 28 -7.82 78.17 -32.44
N PHE C 29 -8.25 77.06 -31.81
CA PHE C 29 -9.21 77.07 -30.72
C PHE C 29 -8.72 76.16 -29.61
N HIS C 30 -8.07 76.76 -28.61
CA HIS C 30 -7.58 76.07 -27.43
C HIS C 30 -8.75 75.60 -26.55
N GLY C 31 -9.99 75.90 -26.99
CA GLY C 31 -11.18 75.68 -26.18
C GLY C 31 -11.47 74.20 -25.95
N ARG C 32 -12.18 73.94 -24.85
CA ARG C 32 -12.63 72.60 -24.49
C ARG C 32 -14.12 72.54 -24.81
N THR C 33 -14.68 71.32 -24.83
CA THR C 33 -16.14 71.13 -24.94
C THR C 33 -16.48 69.64 -25.03
N LEU C 34 -16.35 68.91 -23.91
CA LEU C 34 -16.76 67.52 -23.82
C LEU C 34 -18.17 67.45 -23.26
N HIS C 35 -18.83 66.29 -23.45
CA HIS C 35 -20.19 66.05 -22.99
C HIS C 35 -20.22 64.89 -22.00
N ASP C 36 -20.67 65.14 -20.76
CA ASP C 36 -20.54 64.14 -19.72
C ASP C 36 -21.26 62.87 -20.14
N ASP C 37 -20.80 61.74 -19.57
CA ASP C 37 -20.87 60.44 -20.21
C ASP C 37 -22.33 59.99 -20.24
N ASP C 38 -22.66 59.10 -21.19
CA ASP C 38 -24.00 58.54 -21.37
C ASP C 38 -24.99 59.60 -21.86
N SER C 39 -24.49 60.81 -22.20
CA SER C 39 -25.35 61.96 -22.46
C SER C 39 -26.03 61.84 -23.83
N CYS C 40 -27.28 62.32 -23.93
CA CYS C 40 -28.09 62.17 -25.14
C CYS C 40 -28.14 63.47 -25.93
N GLN C 41 -27.09 63.71 -26.73
CA GLN C 41 -26.91 64.98 -27.43
C GLN C 41 -27.36 64.85 -28.88
N VAL C 42 -27.38 66.01 -29.57
CA VAL C 42 -27.64 66.09 -31.00
C VAL C 42 -26.45 66.78 -31.68
N ILE C 43 -25.97 66.17 -32.78
CA ILE C 43 -24.77 66.61 -33.47
C ILE C 43 -25.02 66.53 -34.97
N PRO C 44 -24.40 67.40 -35.81
CA PRO C 44 -24.49 67.29 -37.26
C PRO C 44 -23.29 66.70 -38.01
N VAL C 45 -23.58 66.02 -39.13
CA VAL C 45 -22.62 65.22 -39.88
C VAL C 45 -22.66 65.62 -41.35
N LEU C 46 -21.50 66.06 -41.88
CA LEU C 46 -21.36 66.54 -43.25
C LEU C 46 -21.65 65.39 -44.20
N PRO C 47 -22.07 65.66 -45.45
CA PRO C 47 -22.15 64.61 -46.45
C PRO C 47 -20.73 64.45 -46.98
N GLN C 48 -20.46 63.31 -47.62
CA GLN C 48 -19.23 63.07 -48.37
C GLN C 48 -18.17 62.40 -47.49
N VAL C 49 -17.94 62.94 -46.29
CA VAL C 49 -16.87 62.46 -45.43
C VAL C 49 -17.24 61.07 -44.92
N MET C 50 -16.81 60.05 -45.68
CA MET C 50 -16.69 58.69 -45.17
C MET C 50 -15.34 58.54 -44.52
N MET C 51 -15.29 57.64 -43.52
CA MET C 51 -14.14 57.49 -42.67
C MET C 51 -14.63 57.15 -41.27
N ILE C 52 -13.91 56.23 -40.61
CA ILE C 52 -14.16 55.98 -39.20
C ILE C 52 -13.07 56.73 -38.44
N LEU C 53 -13.49 57.60 -37.51
CA LEU C 53 -12.59 58.58 -36.94
C LEU C 53 -12.22 58.17 -35.52
N ILE C 54 -10.93 57.91 -35.30
CA ILE C 54 -10.44 57.61 -33.98
C ILE C 54 -10.27 58.91 -33.21
N PRO C 55 -10.66 58.94 -31.92
CA PRO C 55 -10.22 59.99 -31.00
C PRO C 55 -8.71 60.26 -31.03
N GLY C 56 -8.30 61.48 -30.64
CA GLY C 56 -6.90 61.87 -30.62
C GLY C 56 -6.33 62.13 -32.02
N GLN C 57 -6.98 61.53 -33.04
CA GLN C 57 -6.52 61.56 -34.42
C GLN C 57 -6.96 62.85 -35.09
N THR C 58 -6.02 63.51 -35.78
CA THR C 58 -6.28 64.80 -36.43
C THR C 58 -6.84 64.59 -37.84
N LEU C 59 -7.98 65.24 -38.12
CA LEU C 59 -8.65 65.13 -39.41
C LEU C 59 -8.68 66.49 -40.08
N PRO C 60 -7.81 66.76 -41.08
CA PRO C 60 -7.96 67.92 -41.95
C PRO C 60 -9.09 67.73 -42.94
N LEU C 61 -9.52 68.82 -43.59
CA LEU C 61 -10.70 68.83 -44.43
C LEU C 61 -10.80 70.13 -45.22
N GLN C 62 -11.08 70.01 -46.53
CA GLN C 62 -11.44 71.13 -47.37
C GLN C 62 -12.84 70.89 -47.96
N LEU C 63 -13.69 71.92 -47.87
CA LEU C 63 -15.12 71.78 -48.06
C LEU C 63 -15.60 72.82 -49.06
N PHE C 64 -16.25 72.34 -50.11
CA PHE C 64 -16.43 73.13 -51.32
C PHE C 64 -17.85 73.66 -51.41
N HIS C 65 -18.81 72.74 -51.46
CA HIS C 65 -20.20 73.10 -51.69
C HIS C 65 -20.64 74.07 -50.60
N PRO C 66 -21.68 74.90 -50.82
CA PRO C 66 -22.04 75.93 -49.84
C PRO C 66 -22.68 75.33 -48.59
N GLN C 67 -23.79 74.61 -48.79
CA GLN C 67 -24.40 73.79 -47.75
C GLN C 67 -23.36 73.31 -46.74
N GLU C 68 -22.23 72.80 -47.22
CA GLU C 68 -21.12 72.40 -46.37
C GLU C 68 -20.58 73.62 -45.62
N VAL C 69 -20.20 74.65 -46.37
CA VAL C 69 -19.58 75.83 -45.81
C VAL C 69 -20.50 76.48 -44.78
N SER C 70 -21.78 76.67 -45.16
CA SER C 70 -22.80 77.25 -44.32
C SER C 70 -22.81 76.55 -42.95
N MET C 71 -22.78 75.22 -42.98
CA MET C 71 -22.69 74.41 -41.77
C MET C 71 -21.42 74.72 -40.98
N VAL C 72 -20.27 74.75 -41.66
CA VAL C 72 -18.99 74.95 -41.00
C VAL C 72 -18.98 76.33 -40.38
N ARG C 73 -18.99 77.36 -41.24
CA ARG C 73 -18.91 78.75 -40.82
C ARG C 73 -19.70 78.98 -39.53
N ASN C 74 -20.86 78.33 -39.38
CA ASN C 74 -21.67 78.40 -38.17
C ASN C 74 -21.00 77.66 -37.01
N LEU C 75 -20.72 76.36 -37.18
CA LEU C 75 -20.24 75.55 -36.08
C LEU C 75 -18.91 76.12 -35.55
N ILE C 76 -18.63 77.40 -35.83
CA ILE C 76 -17.46 78.08 -35.29
C ILE C 76 -17.83 78.92 -34.07
N GLN C 77 -19.12 79.27 -33.93
CA GLN C 77 -19.56 80.13 -32.85
C GLN C 77 -19.82 79.30 -31.59
N LYS C 78 -20.20 78.03 -31.79
CA LYS C 78 -20.58 77.15 -30.70
C LYS C 78 -19.59 75.98 -30.60
N ASP C 79 -20.10 74.74 -30.73
CA ASP C 79 -19.38 73.55 -30.30
C ASP C 79 -18.00 73.52 -30.94
N ARG C 80 -18.01 73.60 -32.28
CA ARG C 80 -16.87 73.28 -33.11
C ARG C 80 -16.71 71.76 -33.21
N THR C 81 -17.69 71.00 -32.67
CA THR C 81 -17.67 69.55 -32.75
C THR C 81 -18.76 69.08 -33.72
N PHE C 82 -18.37 68.17 -34.60
CA PHE C 82 -19.26 67.54 -35.56
C PHE C 82 -19.02 66.04 -35.49
N ALA C 83 -19.97 65.28 -36.05
CA ALA C 83 -19.94 63.84 -35.92
C ALA C 83 -19.47 63.21 -37.24
N VAL C 84 -19.10 61.94 -37.13
CA VAL C 84 -18.54 61.16 -38.22
C VAL C 84 -18.97 59.71 -37.99
N LEU C 85 -19.61 59.12 -39.00
CA LEU C 85 -20.39 57.91 -38.80
C LEU C 85 -19.66 56.68 -39.34
N ALA C 86 -19.32 55.76 -38.43
CA ALA C 86 -18.73 54.49 -38.81
C ALA C 86 -19.67 53.71 -39.73
N TYR C 87 -19.29 53.57 -41.00
CA TYR C 87 -20.06 52.86 -42.01
C TYR C 87 -19.40 51.52 -42.35
N SER C 88 -20.21 50.45 -42.45
CA SER C 88 -19.73 49.14 -42.85
C SER C 88 -20.22 48.79 -44.26
N ASN C 89 -20.76 49.78 -44.98
CA ASN C 89 -21.12 49.66 -46.40
C ASN C 89 -22.38 48.82 -46.59
N VAL C 90 -22.38 47.60 -46.04
CA VAL C 90 -23.50 46.69 -46.14
C VAL C 90 -24.58 47.07 -45.11
N GLN C 91 -24.23 47.98 -44.19
CA GLN C 91 -25.18 48.52 -43.22
C GLN C 91 -26.35 49.17 -43.94
N GLU C 92 -26.06 50.15 -44.80
CA GLU C 92 -27.05 50.78 -45.65
C GLU C 92 -27.92 51.71 -44.81
N ARG C 93 -27.37 52.89 -44.46
CA ARG C 93 -28.01 53.86 -43.59
C ARG C 93 -28.22 53.27 -42.20
N GLU C 94 -27.50 52.20 -41.89
CA GLU C 94 -27.51 51.60 -40.55
C GLU C 94 -26.23 52.01 -39.83
N ALA C 95 -25.89 53.30 -39.92
CA ALA C 95 -24.75 53.85 -39.19
C ALA C 95 -25.07 53.81 -37.71
N GLN C 96 -24.34 52.99 -36.95
CA GLN C 96 -24.74 52.71 -35.58
C GLN C 96 -23.79 53.38 -34.58
N PHE C 97 -22.53 53.59 -34.96
CA PHE C 97 -21.56 54.21 -34.07
C PHE C 97 -20.95 55.40 -34.80
N GLY C 98 -19.98 56.07 -34.17
CA GLY C 98 -19.30 57.21 -34.78
C GLY C 98 -18.47 58.00 -33.77
N THR C 99 -17.99 59.17 -34.17
CA THR C 99 -17.08 59.92 -33.33
C THR C 99 -17.24 61.44 -33.50
N THR C 100 -16.99 62.15 -32.40
CA THR C 100 -17.10 63.61 -32.32
C THR C 100 -15.79 64.24 -32.76
N ALA C 101 -15.84 65.00 -33.86
CA ALA C 101 -14.65 65.66 -34.38
C ALA C 101 -14.70 67.16 -34.09
N GLU C 102 -13.78 67.64 -33.25
CA GLU C 102 -13.72 69.03 -32.82
C GLU C 102 -12.80 69.82 -33.74
N ILE C 103 -13.24 71.01 -34.17
CA ILE C 103 -12.47 71.87 -35.05
C ILE C 103 -11.49 72.67 -34.21
N TYR C 104 -10.21 72.28 -34.25
CA TYR C 104 -9.17 72.97 -33.52
C TYR C 104 -8.53 74.02 -34.44
N ALA C 105 -8.97 74.08 -35.71
CA ALA C 105 -8.40 75.05 -36.65
C ALA C 105 -9.39 75.33 -37.78
N TYR C 106 -9.22 76.51 -38.40
CA TYR C 106 -10.18 77.03 -39.37
C TYR C 106 -9.70 78.31 -40.05
N ARG C 107 -9.47 78.19 -41.36
CA ARG C 107 -9.20 79.34 -42.22
C ARG C 107 -10.06 79.18 -43.47
N GLU C 108 -10.67 80.29 -43.88
CA GLU C 108 -11.43 80.33 -45.13
C GLU C 108 -10.96 81.57 -45.89
N GLU C 109 -11.08 81.52 -47.22
CA GLU C 109 -10.48 82.54 -48.07
C GLU C 109 -11.30 82.70 -49.36
N GLN C 110 -11.62 83.97 -49.67
CA GLN C 110 -12.53 84.34 -50.74
C GLN C 110 -11.76 84.83 -51.97
N ASP C 111 -10.42 84.67 -51.93
CA ASP C 111 -9.52 85.43 -52.80
C ASP C 111 -9.13 84.63 -54.04
N PHE C 112 -9.54 83.36 -54.11
CA PHE C 112 -9.24 82.50 -55.27
C PHE C 112 -10.23 82.85 -56.38
N GLY C 113 -11.50 83.07 -56.01
CA GLY C 113 -12.58 83.28 -56.95
C GLY C 113 -13.67 82.22 -56.78
N ILE C 114 -13.88 81.80 -55.53
CA ILE C 114 -14.79 80.71 -55.17
C ILE C 114 -14.72 80.53 -53.65
N GLU C 115 -15.84 80.10 -53.03
CA GLU C 115 -15.86 79.83 -51.60
C GLU C 115 -15.05 78.57 -51.32
N ILE C 116 -14.09 78.69 -50.38
CA ILE C 116 -13.27 77.59 -49.89
C ILE C 116 -13.16 77.65 -48.38
N VAL C 117 -12.99 76.48 -47.76
CA VAL C 117 -12.83 76.36 -46.33
C VAL C 117 -11.76 75.31 -46.04
N LYS C 118 -10.92 75.58 -45.04
CA LYS C 118 -10.05 74.56 -44.49
C LYS C 118 -10.37 74.45 -43.00
N VAL C 119 -10.17 73.27 -42.43
CA VAL C 119 -10.25 73.10 -40.98
C VAL C 119 -9.21 72.08 -40.55
N LYS C 120 -9.08 71.90 -39.25
CA LYS C 120 -8.41 70.76 -38.68
C LYS C 120 -9.20 70.33 -37.45
N ALA C 121 -9.91 69.20 -37.59
CA ALA C 121 -10.73 68.65 -36.52
C ALA C 121 -9.89 67.69 -35.67
N ILE C 122 -10.54 67.12 -34.64
CA ILE C 122 -9.94 66.09 -33.82
C ILE C 122 -11.07 65.34 -33.13
N GLY C 123 -11.05 64.01 -33.25
CA GLY C 123 -12.00 63.16 -32.54
C GLY C 123 -11.95 63.42 -31.03
N ARG C 124 -13.10 63.33 -30.36
CA ARG C 124 -13.18 63.58 -28.94
C ARG C 124 -13.82 62.40 -28.22
N GLN C 125 -15.01 61.99 -28.68
CA GLN C 125 -15.78 60.96 -28.01
C GLN C 125 -16.42 60.02 -29.03
N ARG C 126 -16.29 58.71 -28.79
CA ARG C 126 -17.05 57.72 -29.54
C ARG C 126 -18.51 57.86 -29.15
N PHE C 127 -19.43 57.22 -29.88
CA PHE C 127 -20.84 57.31 -29.53
C PHE C 127 -21.69 56.34 -30.33
N LYS C 128 -22.94 56.19 -29.85
CA LYS C 128 -23.93 55.31 -30.44
C LYS C 128 -24.95 56.16 -31.18
N VAL C 129 -25.37 55.70 -32.37
CA VAL C 129 -26.43 56.35 -33.11
C VAL C 129 -27.76 55.82 -32.60
N LEU C 130 -28.68 56.74 -32.35
CA LEU C 130 -30.03 56.39 -31.96
C LEU C 130 -30.94 56.59 -33.17
N GLU C 131 -31.07 57.85 -33.60
CA GLU C 131 -31.89 58.22 -34.74
C GLU C 131 -31.17 59.28 -35.56
N LEU C 132 -31.34 59.23 -36.88
CA LEU C 132 -30.73 60.16 -37.82
C LEU C 132 -31.81 60.91 -38.58
N ARG C 133 -31.78 62.24 -38.50
CA ARG C 133 -32.82 63.10 -39.08
C ARG C 133 -32.21 64.00 -40.17
N THR C 134 -32.92 64.09 -41.31
CA THR C 134 -32.41 64.71 -42.52
C THR C 134 -33.09 66.05 -42.75
N GLN C 135 -32.40 67.13 -42.37
CA GLN C 135 -32.76 68.45 -42.86
C GLN C 135 -32.58 68.41 -44.39
N SER C 136 -33.36 69.23 -45.11
CA SER C 136 -33.40 69.15 -46.57
C SER C 136 -32.26 69.95 -47.21
N ASP C 137 -31.35 70.47 -46.36
CA ASP C 137 -30.12 71.09 -46.82
C ASP C 137 -29.14 69.99 -47.24
N GLY C 138 -29.41 68.75 -46.79
CA GLY C 138 -28.58 67.60 -47.11
C GLY C 138 -27.81 67.11 -45.88
N ILE C 139 -27.44 68.06 -45.01
CA ILE C 139 -26.77 67.76 -43.77
C ILE C 139 -27.71 66.96 -42.87
N GLN C 140 -27.11 66.11 -42.04
CA GLN C 140 -27.84 65.35 -41.04
C GLN C 140 -27.65 66.01 -39.68
N GLN C 141 -28.60 65.74 -38.77
CA GLN C 141 -28.35 65.84 -37.34
C GLN C 141 -28.58 64.47 -36.71
N ALA C 142 -27.93 64.24 -35.57
CA ALA C 142 -27.75 62.90 -35.06
C ALA C 142 -28.19 62.82 -33.60
N LYS C 143 -29.23 62.01 -33.35
CA LYS C 143 -29.57 61.64 -31.99
C LYS C 143 -28.53 60.61 -31.54
N VAL C 144 -27.80 60.95 -30.47
CA VAL C 144 -26.55 60.28 -30.17
C VAL C 144 -26.35 60.15 -28.66
N GLN C 145 -26.33 58.90 -28.18
CA GLN C 145 -25.81 58.60 -26.86
C GLN C 145 -24.29 58.68 -26.96
N ILE C 146 -23.65 59.19 -25.92
CA ILE C 146 -22.21 59.12 -25.78
C ILE C 146 -21.85 57.75 -25.23
N LEU C 147 -20.66 57.25 -25.58
CA LEU C 147 -20.04 56.14 -24.87
C LEU C 147 -19.04 56.72 -23.88
N PRO C 148 -18.91 56.15 -22.67
CA PRO C 148 -17.90 56.59 -21.72
C PRO C 148 -16.62 55.85 -22.05
N GLU C 149 -15.68 55.82 -21.11
CA GLU C 149 -14.62 54.84 -21.15
C GLU C 149 -14.77 53.95 -19.93
N CYS C 150 -14.96 52.64 -20.16
CA CYS C 150 -14.92 51.64 -19.11
C CYS C 150 -13.47 51.33 -18.80
N VAL C 151 -13.13 51.45 -17.52
CA VAL C 151 -11.75 51.37 -17.05
C VAL C 151 -11.73 50.50 -15.80
N LEU C 152 -11.33 49.24 -15.95
CA LEU C 152 -11.35 48.34 -14.83
C LEU C 152 -10.20 48.69 -13.90
N PRO C 153 -10.37 48.51 -12.58
CA PRO C 153 -9.24 48.60 -11.64
C PRO C 153 -8.40 47.33 -11.67
N SER C 154 -7.24 47.34 -10.99
CA SER C 154 -6.30 46.24 -11.01
C SER C 154 -7.01 44.91 -10.75
N THR C 155 -6.77 43.94 -11.63
CA THR C 155 -7.18 42.56 -11.44
C THR C 155 -7.11 42.19 -9.95
N MET C 156 -5.98 42.52 -9.32
CA MET C 156 -5.64 42.08 -7.97
C MET C 156 -6.29 42.94 -6.88
N SER C 157 -7.18 43.86 -7.28
CA SER C 157 -7.93 44.65 -6.32
C SER C 157 -8.77 43.74 -5.42
N ALA C 158 -9.81 43.14 -6.01
CA ALA C 158 -10.75 42.29 -5.30
C ALA C 158 -10.02 41.38 -4.31
N VAL C 159 -8.90 40.81 -4.75
CA VAL C 159 -8.31 39.69 -4.05
C VAL C 159 -7.04 40.12 -3.30
N GLN C 160 -6.70 41.42 -3.30
CA GLN C 160 -5.50 41.86 -2.63
C GLN C 160 -5.60 41.54 -1.14
N LEU C 161 -4.43 41.27 -0.53
CA LEU C 161 -4.33 41.02 0.91
C LEU C 161 -4.20 42.36 1.64
N GLU C 162 -4.90 42.48 2.78
CA GLU C 162 -5.16 43.76 3.44
C GLU C 162 -4.00 44.19 4.34
N SER C 163 -2.96 43.35 4.44
CA SER C 163 -1.67 43.74 5.01
C SER C 163 -0.64 43.93 3.89
N LEU C 164 -0.92 43.36 2.71
CA LEU C 164 -0.04 43.51 1.55
C LEU C 164 -0.63 44.57 0.62
N ASN C 165 -1.23 45.61 1.21
CA ASN C 165 -1.65 46.82 0.50
C ASN C 165 -0.56 47.88 0.56
N LYS C 166 0.33 47.78 1.56
CA LYS C 166 1.33 48.80 1.83
C LYS C 166 2.49 48.72 0.85
N CYS C 167 2.71 47.53 0.26
CA CYS C 167 3.73 47.34 -0.77
C CYS C 167 3.07 46.93 -2.09
N GLN C 168 1.93 47.55 -2.39
CA GLN C 168 1.37 47.58 -3.74
C GLN C 168 2.07 48.68 -4.53
N ILE C 169 2.70 49.64 -3.82
CA ILE C 169 3.30 50.81 -4.46
C ILE C 169 4.81 50.62 -4.57
N PHE C 170 5.36 51.08 -5.71
CA PHE C 170 6.78 50.97 -6.03
C PHE C 170 7.33 52.37 -6.33
N PRO C 171 8.61 52.67 -5.99
CA PRO C 171 9.26 53.91 -6.41
C PRO C 171 9.25 54.09 -7.93
N SER C 182 17.22 46.28 -15.99
CA SER C 182 16.42 47.07 -16.98
C SER C 182 15.07 46.39 -17.22
N TYR C 183 15.08 45.12 -17.64
CA TYR C 183 13.85 44.33 -17.73
C TYR C 183 13.77 43.36 -16.57
N LYS C 184 14.72 43.44 -15.63
CA LYS C 184 14.61 42.73 -14.35
C LYS C 184 13.58 43.45 -13.49
N TRP C 185 13.40 44.74 -13.77
CA TRP C 185 12.42 45.56 -13.08
C TRP C 185 11.01 45.01 -13.30
N TRP C 186 10.77 44.46 -14.49
CA TRP C 186 9.49 43.84 -14.81
C TRP C 186 9.32 42.51 -14.08
N GLN C 187 10.43 41.85 -13.74
CA GLN C 187 10.42 40.63 -12.94
C GLN C 187 10.38 40.98 -11.46
N LYS C 188 10.68 42.24 -11.13
CA LYS C 188 10.46 42.78 -9.79
C LYS C 188 9.19 43.62 -9.76
N TYR C 189 8.42 43.60 -10.86
CA TYR C 189 7.11 44.21 -10.91
C TYR C 189 6.04 43.14 -10.70
N GLN C 190 6.14 42.07 -11.51
CA GLN C 190 5.12 41.03 -11.58
C GLN C 190 5.06 40.26 -10.26
N LYS C 191 6.22 39.96 -9.67
CA LYS C 191 6.29 39.18 -8.43
C LYS C 191 5.79 39.99 -7.24
N ARG C 192 5.85 41.33 -7.34
CA ARG C 192 5.45 42.20 -6.24
C ARG C 192 4.04 42.76 -6.47
N LYS C 193 3.58 42.79 -7.73
CA LYS C 193 2.29 43.36 -8.05
C LYS C 193 1.19 42.29 -7.93
N PHE C 194 1.41 41.13 -8.56
CA PHE C 194 0.38 40.12 -8.66
C PHE C 194 0.63 39.00 -7.65
N HIS C 195 1.30 39.33 -6.54
CA HIS C 195 1.63 38.37 -5.50
C HIS C 195 0.39 37.56 -5.12
N CYS C 196 -0.77 38.22 -5.13
CA CYS C 196 -1.99 37.59 -4.65
C CYS C 196 -2.60 36.70 -5.72
N ALA C 197 -1.97 36.62 -6.90
CA ALA C 197 -2.30 35.60 -7.88
C ALA C 197 -2.57 34.28 -7.17
N ASN C 198 -1.66 33.91 -6.26
CA ASN C 198 -1.79 32.68 -5.50
C ASN C 198 -3.22 32.52 -4.99
N LEU C 199 -3.85 33.60 -4.52
CA LEU C 199 -5.20 33.53 -3.94
C LEU C 199 -6.25 33.23 -5.01
N THR C 200 -5.90 33.45 -6.28
CA THR C 200 -6.84 33.35 -7.37
C THR C 200 -6.77 31.95 -7.96
N SER C 201 -7.47 31.76 -9.09
CA SER C 201 -7.44 30.52 -9.83
C SER C 201 -6.34 30.54 -10.91
N TRP C 202 -5.32 31.40 -10.75
CA TRP C 202 -4.40 31.70 -11.84
C TRP C 202 -3.12 32.39 -11.38
N PRO C 203 -2.04 32.29 -12.20
CA PRO C 203 -0.71 32.74 -11.79
C PRO C 203 -0.32 34.16 -12.18
N ARG C 204 0.79 34.61 -11.61
CA ARG C 204 1.30 35.95 -11.85
C ARG C 204 1.23 36.26 -13.34
N TRP C 205 1.91 35.45 -14.16
CA TRP C 205 2.15 35.76 -15.57
C TRP C 205 0.86 35.86 -16.38
N LEU C 206 -0.25 35.26 -15.94
CA LEU C 206 -1.49 35.43 -16.70
C LEU C 206 -2.03 36.83 -16.48
N TYR C 207 -2.15 37.23 -15.21
CA TYR C 207 -2.77 38.50 -14.86
C TYR C 207 -2.06 39.65 -15.59
N SER C 208 -0.78 39.45 -15.93
CA SER C 208 0.01 40.41 -16.67
C SER C 208 -0.45 40.56 -18.12
N LEU C 209 -0.98 39.49 -18.72
CA LEU C 209 -1.43 39.54 -20.10
C LEU C 209 -2.68 40.42 -20.23
N TYR C 210 -3.18 40.86 -19.07
CA TYR C 210 -4.36 41.70 -19.02
C TYR C 210 -4.06 42.99 -18.24
N ASP C 211 -2.78 43.31 -18.06
CA ASP C 211 -2.40 44.45 -17.22
C ASP C 211 -2.00 45.64 -18.10
N ALA C 212 -2.81 46.71 -18.04
CA ALA C 212 -2.61 47.92 -18.82
C ALA C 212 -1.13 48.26 -18.94
N GLU C 213 -0.56 48.71 -17.81
CA GLU C 213 0.82 49.16 -17.76
C GLU C 213 1.69 48.31 -18.68
N THR C 214 1.59 46.98 -18.49
CA THR C 214 2.47 46.04 -19.17
C THR C 214 2.18 46.07 -20.67
N LEU C 215 0.89 46.10 -21.03
CA LEU C 215 0.43 46.00 -22.42
C LEU C 215 1.04 47.13 -23.26
N MET C 216 0.79 48.37 -22.85
CA MET C 216 1.34 49.51 -23.55
C MET C 216 2.84 49.26 -23.77
N ASP C 217 3.53 48.87 -22.70
CA ASP C 217 4.97 48.76 -22.75
C ASP C 217 5.40 47.75 -23.82
N ARG C 218 4.55 46.76 -24.09
CA ARG C 218 4.80 45.81 -25.16
C ARG C 218 4.51 46.46 -26.51
N ILE C 219 3.53 47.40 -26.54
CA ILE C 219 3.26 48.15 -27.75
C ILE C 219 4.38 49.18 -27.97
N LYS C 220 4.89 49.78 -26.88
CA LYS C 220 6.00 50.72 -26.98
C LYS C 220 7.19 50.10 -27.70
N LYS C 221 7.44 48.80 -27.47
CA LYS C 221 8.55 48.09 -28.11
C LYS C 221 8.26 47.92 -29.60
N GLN C 222 6.97 47.85 -29.98
CA GLN C 222 6.55 47.60 -31.35
C GLN C 222 6.44 48.91 -32.14
N LEU C 223 6.61 50.06 -31.48
CA LEU C 223 6.66 51.36 -32.15
C LEU C 223 8.09 51.89 -32.19
N ARG C 224 9.02 51.22 -31.49
CA ARG C 224 10.40 51.64 -31.40
C ARG C 224 11.18 51.07 -32.59
N GLU C 225 10.71 49.94 -33.14
CA GLU C 225 11.21 49.43 -34.41
C GLU C 225 10.74 50.33 -35.55
N TRP C 226 9.94 51.36 -35.20
CA TRP C 226 9.46 52.33 -36.18
C TRP C 226 10.13 53.69 -35.98
N ASP C 227 10.67 53.93 -34.77
CA ASP C 227 11.97 54.56 -34.60
C ASP C 227 11.89 56.00 -34.07
N GLU C 228 12.59 56.21 -32.95
CA GLU C 228 13.30 57.44 -32.54
C GLU C 228 12.44 58.34 -31.65
N ASN C 229 11.82 57.73 -30.62
CA ASN C 229 10.84 58.40 -29.77
C ASN C 229 11.51 58.67 -28.42
N SER C 234 6.95 61.98 -24.35
CA SER C 234 6.97 61.31 -25.68
C SER C 234 5.54 61.09 -26.19
N LEU C 235 4.69 60.46 -25.35
CA LEU C 235 3.31 60.12 -25.68
C LEU C 235 2.53 59.89 -24.37
N PRO C 236 1.21 59.58 -24.38
CA PRO C 236 0.42 59.56 -23.13
C PRO C 236 0.87 58.59 -22.02
N SER C 237 0.40 58.89 -20.80
CA SER C 237 0.52 58.03 -19.63
C SER C 237 -0.78 57.24 -19.43
N ASN C 238 -1.91 57.90 -19.70
CA ASN C 238 -3.23 57.31 -19.56
C ASN C 238 -3.44 56.36 -20.73
N PRO C 239 -3.66 55.05 -20.47
CA PRO C 239 -3.77 54.03 -21.53
C PRO C 239 -4.93 54.27 -22.49
N ILE C 240 -6.02 54.82 -21.96
CA ILE C 240 -7.19 55.15 -22.75
C ILE C 240 -6.75 55.92 -24.00
N ASP C 241 -5.86 56.89 -23.77
CA ASP C 241 -5.34 57.75 -24.82
C ASP C 241 -4.28 57.02 -25.64
N PHE C 242 -3.47 56.16 -24.98
CA PHE C 242 -2.47 55.34 -25.65
C PHE C 242 -3.15 54.38 -26.64
N SER C 243 -4.31 53.86 -26.26
CA SER C 243 -5.05 52.92 -27.09
C SER C 243 -5.50 53.59 -28.38
N TYR C 244 -6.24 54.71 -28.21
CA TYR C 244 -6.83 55.46 -29.30
C TYR C 244 -5.75 56.00 -30.23
N ARG C 245 -4.62 56.40 -29.64
CA ARG C 245 -3.45 56.78 -30.41
C ARG C 245 -3.05 55.65 -31.33
N VAL C 246 -2.58 54.53 -30.76
CA VAL C 246 -1.92 53.50 -31.55
C VAL C 246 -2.89 53.02 -32.64
N ALA C 247 -4.20 53.21 -32.42
CA ALA C 247 -5.22 52.71 -33.34
C ALA C 247 -5.25 53.48 -34.65
N ALA C 248 -4.67 54.70 -34.64
CA ALA C 248 -4.55 55.51 -35.83
C ALA C 248 -3.39 55.02 -36.70
N CYS C 249 -2.46 54.30 -36.07
CA CYS C 249 -1.24 53.84 -36.71
C CYS C 249 -1.49 52.50 -37.40
N LEU C 250 -2.39 51.69 -36.82
CA LEU C 250 -2.71 50.39 -37.38
C LEU C 250 -3.40 50.57 -38.73
N PRO C 251 -2.83 50.01 -39.82
CA PRO C 251 -3.31 50.23 -41.17
C PRO C 251 -4.32 49.16 -41.57
N ILE C 252 -5.47 49.15 -40.89
CA ILE C 252 -6.39 48.04 -40.99
C ILE C 252 -7.50 48.43 -41.96
N ASP C 253 -8.30 47.46 -42.39
CA ASP C 253 -9.36 47.75 -43.34
C ASP C 253 -10.48 48.48 -42.60
N ASP C 254 -11.61 48.71 -43.29
CA ASP C 254 -12.78 49.32 -42.69
C ASP C 254 -13.28 48.46 -41.53
N VAL C 255 -13.87 47.30 -41.85
CA VAL C 255 -14.68 46.54 -40.91
C VAL C 255 -13.89 46.24 -39.62
N LEU C 256 -12.56 46.13 -39.73
CA LEU C 256 -11.69 45.90 -38.58
C LEU C 256 -11.61 47.17 -37.74
N ARG C 257 -11.14 48.26 -38.37
CA ARG C 257 -11.04 49.54 -37.70
C ARG C 257 -12.16 49.67 -36.66
N ILE C 258 -13.40 49.37 -37.07
CA ILE C 258 -14.55 49.43 -36.18
C ILE C 258 -14.25 48.65 -34.89
N GLN C 259 -14.11 47.31 -34.94
CA GLN C 259 -14.08 46.51 -33.71
C GLN C 259 -13.28 47.30 -32.67
N LEU C 260 -12.17 47.94 -33.09
CA LEU C 260 -11.32 48.72 -32.19
C LEU C 260 -12.10 49.80 -31.46
N LEU C 261 -12.78 50.64 -32.23
CA LEU C 261 -13.58 51.73 -31.69
C LEU C 261 -14.59 51.16 -30.69
N LYS C 262 -15.39 50.19 -31.13
CA LYS C 262 -16.46 49.64 -30.31
C LYS C 262 -15.89 49.15 -28.98
N ILE C 263 -14.86 48.29 -29.03
CA ILE C 263 -14.21 47.81 -27.82
C ILE C 263 -13.93 49.00 -26.91
N GLY C 264 -14.66 49.05 -25.80
CA GLY C 264 -14.55 50.12 -24.82
C GLY C 264 -13.22 50.06 -24.06
N SER C 265 -13.06 49.04 -23.20
CA SER C 265 -11.90 48.96 -22.34
C SER C 265 -10.63 49.27 -23.12
N ALA C 266 -9.74 50.03 -22.48
CA ALA C 266 -8.41 50.24 -23.02
C ALA C 266 -7.68 48.90 -23.13
N ILE C 267 -7.70 48.14 -22.02
CA ILE C 267 -7.09 46.82 -21.97
C ILE C 267 -7.54 46.07 -23.20
N GLN C 268 -8.87 45.89 -23.32
CA GLN C 268 -9.45 45.15 -24.43
C GLN C 268 -8.95 45.70 -25.75
N ARG C 269 -8.72 47.02 -25.80
CA ARG C 269 -8.26 47.65 -27.03
C ARG C 269 -6.77 47.38 -27.21
N LEU C 270 -5.96 47.88 -26.27
CA LEU C 270 -4.53 47.59 -26.22
C LEU C 270 -4.21 46.17 -26.70
N ARG C 271 -5.00 45.19 -26.23
CA ARG C 271 -4.83 43.79 -26.62
C ARG C 271 -5.16 43.61 -28.10
N CYS C 272 -6.41 43.90 -28.51
CA CYS C 272 -6.84 43.69 -29.88
C CYS C 272 -6.17 44.70 -30.81
N GLU C 273 -5.09 45.30 -30.33
CA GLU C 273 -4.14 46.04 -31.16
C GLU C 273 -2.89 45.20 -31.37
N LEU C 274 -2.38 44.65 -30.27
CA LEU C 274 -1.16 43.84 -30.27
C LEU C 274 -1.35 42.52 -31.01
N ASP C 275 -2.57 41.96 -30.95
CA ASP C 275 -2.92 40.82 -31.79
C ASP C 275 -2.72 41.20 -33.25
N ILE C 276 -2.93 42.48 -33.58
CA ILE C 276 -2.93 42.94 -34.96
C ILE C 276 -1.50 43.21 -35.45
N MET C 277 -0.74 44.01 -34.69
CA MET C 277 0.64 44.33 -35.05
C MET C 277 1.44 43.05 -35.30
N ASN C 278 1.23 42.03 -34.44
CA ASN C 278 2.05 40.83 -34.42
C ASN C 278 1.63 39.91 -35.58
N LYS C 279 0.32 39.63 -35.71
CA LYS C 279 -0.16 38.71 -36.73
C LYS C 279 -0.06 39.31 -38.14
N CYS C 280 -0.70 40.47 -38.39
CA CYS C 280 -0.86 41.00 -39.73
C CYS C 280 0.44 41.62 -40.26
N THR C 281 1.30 40.79 -40.86
CA THR C 281 2.60 41.23 -41.34
C THR C 281 2.49 41.79 -42.76
N SER C 282 1.64 41.16 -43.60
CA SER C 282 1.61 41.48 -45.02
C SER C 282 0.47 42.45 -45.32
N LEU C 283 0.80 43.50 -46.08
CA LEU C 283 -0.15 44.47 -46.61
C LEU C 283 -0.29 44.25 -48.11
N CYS C 284 -1.34 43.52 -48.50
CA CYS C 284 -1.58 43.18 -49.89
C CYS C 284 -2.44 44.27 -50.53
N CYS C 285 -2.62 44.19 -51.84
CA CYS C 285 -3.53 45.08 -52.57
C CYS C 285 -4.96 44.64 -52.35
N LYS C 286 -5.87 45.60 -52.12
CA LYS C 286 -7.21 45.30 -51.65
C LYS C 286 -8.15 44.99 -52.81
N GLN C 287 -7.69 45.12 -54.07
CA GLN C 287 -8.51 44.76 -55.22
C GLN C 287 -8.38 43.27 -55.50
N CYS C 288 -7.23 42.85 -56.05
CA CYS C 288 -7.05 41.50 -56.54
C CYS C 288 -6.76 40.55 -55.38
N GLN C 289 -6.36 41.10 -54.22
CA GLN C 289 -6.50 40.47 -52.92
C GLN C 289 -5.18 39.81 -52.52
N GLU C 290 -4.63 38.99 -53.42
CA GLU C 290 -3.35 38.32 -53.21
C GLU C 290 -2.30 38.96 -54.14
N THR C 291 -1.83 40.16 -53.77
CA THR C 291 -0.77 40.86 -54.49
C THR C 291 0.04 41.68 -53.50
N GLU C 292 1.10 41.10 -52.93
CA GLU C 292 1.80 41.74 -51.82
C GLU C 292 2.27 43.12 -52.29
N ILE C 293 2.27 44.08 -51.35
CA ILE C 293 2.70 45.45 -51.65
C ILE C 293 3.73 45.91 -50.64
N THR C 294 3.58 45.53 -49.35
CA THR C 294 4.64 45.72 -48.39
C THR C 294 4.41 44.87 -47.14
N THR C 295 5.37 44.93 -46.21
CA THR C 295 5.47 44.04 -45.07
C THR C 295 5.56 44.88 -43.80
N LYS C 296 5.49 44.21 -42.64
CA LYS C 296 5.66 44.89 -41.35
C LYS C 296 7.04 45.52 -41.29
N ASN C 297 8.06 44.76 -41.72
CA ASN C 297 9.45 45.18 -41.56
C ASN C 297 9.65 46.60 -42.09
N GLU C 298 8.91 46.96 -43.16
CA GLU C 298 9.26 48.09 -44.02
C GLU C 298 8.33 49.28 -43.78
N ILE C 299 7.60 49.28 -42.65
CA ILE C 299 6.88 50.45 -42.14
C ILE C 299 7.86 51.27 -41.29
N PHE C 300 7.65 52.58 -41.20
CA PHE C 300 8.44 53.40 -40.29
C PHE C 300 7.78 54.73 -39.99
N SER C 301 7.96 55.21 -38.75
CA SER C 301 7.42 56.50 -38.32
C SER C 301 8.13 57.61 -39.07
N LEU C 302 7.37 58.32 -39.93
CA LEU C 302 7.78 59.61 -40.48
C LEU C 302 7.18 60.72 -39.64
N SER C 303 5.85 60.70 -39.49
CA SER C 303 5.14 61.62 -38.62
C SER C 303 5.29 61.16 -37.18
N LEU C 304 5.14 62.10 -36.24
CA LEU C 304 5.16 61.78 -34.82
C LEU C 304 3.91 60.95 -34.48
N CYS C 305 2.79 61.29 -35.14
CA CYS C 305 1.54 60.55 -34.97
C CYS C 305 1.70 59.10 -35.45
N GLY C 306 2.83 58.81 -36.10
CA GLY C 306 3.20 57.45 -36.47
C GLY C 306 3.44 57.35 -37.97
N PRO C 307 3.42 56.14 -38.55
CA PRO C 307 3.56 56.01 -40.00
C PRO C 307 2.35 56.58 -40.74
N MET C 308 1.16 56.07 -40.40
CA MET C 308 -0.06 56.49 -41.08
C MET C 308 -0.72 57.61 -40.30
N ALA C 309 -1.11 58.65 -41.03
CA ALA C 309 -2.07 59.64 -40.56
C ALA C 309 -2.92 60.08 -41.75
N ALA C 310 -3.92 60.92 -41.46
CA ALA C 310 -4.91 61.35 -42.46
C ALA C 310 -4.54 62.73 -43.00
N TYR C 311 -4.27 62.79 -44.31
CA TYR C 311 -3.93 64.03 -45.02
C TYR C 311 -5.01 64.27 -46.09
N VAL C 312 -5.16 65.53 -46.52
CA VAL C 312 -6.19 65.88 -47.48
C VAL C 312 -5.56 66.47 -48.72
N ASN C 313 -6.21 66.18 -49.85
CA ASN C 313 -5.76 66.59 -51.17
C ASN C 313 -6.58 67.81 -51.56
N PRO C 314 -6.26 68.45 -52.71
CA PRO C 314 -6.87 69.70 -53.07
C PRO C 314 -8.09 69.45 -53.94
N HIS C 315 -9.04 68.67 -53.43
CA HIS C 315 -10.34 68.54 -54.04
C HIS C 315 -11.39 68.03 -53.06
N GLY C 316 -10.96 67.82 -51.80
CA GLY C 316 -11.85 67.38 -50.75
C GLY C 316 -11.82 65.87 -50.57
N TYR C 317 -10.59 65.32 -50.51
CA TYR C 317 -10.39 63.90 -50.28
C TYR C 317 -9.39 63.74 -49.13
N VAL C 318 -9.45 62.56 -48.50
CA VAL C 318 -8.61 62.21 -47.36
C VAL C 318 -7.77 61.00 -47.73
N HIS C 319 -6.56 60.90 -47.17
CA HIS C 319 -5.70 59.74 -47.39
C HIS C 319 -4.97 59.35 -46.11
N GLU C 320 -5.67 58.59 -45.26
CA GLU C 320 -4.98 57.86 -44.21
C GLU C 320 -3.86 57.11 -44.93
N THR C 321 -2.64 57.66 -44.92
CA THR C 321 -1.62 57.15 -45.82
C THR C 321 -0.34 56.82 -45.07
N LEU C 322 0.31 55.73 -45.51
CA LEU C 322 1.35 55.07 -44.74
C LEU C 322 2.73 55.35 -45.32
N THR C 323 3.70 55.47 -44.41
CA THR C 323 5.09 55.75 -44.74
C THR C 323 5.92 54.47 -44.61
N VAL C 324 6.19 53.83 -45.76
CA VAL C 324 6.94 52.59 -45.81
C VAL C 324 8.13 52.79 -46.73
N TYR C 325 9.28 52.20 -46.37
CA TYR C 325 10.51 52.35 -47.15
C TYR C 325 10.25 51.85 -48.58
N LYS C 326 10.24 50.52 -48.77
CA LYS C 326 10.14 49.96 -50.12
C LYS C 326 8.75 49.35 -50.32
N ALA C 327 8.49 48.82 -51.52
CA ALA C 327 7.21 48.19 -51.83
C ALA C 327 7.24 47.45 -53.16
N CYS C 328 6.80 46.18 -53.14
CA CYS C 328 6.79 45.30 -54.30
C CYS C 328 5.54 45.54 -55.15
N ASN C 329 5.70 45.34 -56.47
CA ASN C 329 4.59 45.18 -57.41
C ASN C 329 3.91 46.52 -57.69
N LEU C 330 4.72 47.57 -57.94
CA LEU C 330 4.18 48.88 -58.29
C LEU C 330 4.77 49.38 -59.60
N ASN C 331 3.88 49.89 -60.47
CA ASN C 331 4.25 50.75 -61.59
C ASN C 331 4.56 52.15 -61.06
N LEU C 332 4.83 53.07 -62.00
CA LEU C 332 4.67 54.50 -61.75
C LEU C 332 4.01 55.11 -62.99
N ILE C 333 3.40 56.30 -62.83
CA ILE C 333 2.96 57.11 -63.96
C ILE C 333 3.04 58.60 -63.59
N GLY C 334 3.22 59.43 -64.63
CA GLY C 334 3.50 60.85 -64.48
C GLY C 334 4.97 61.07 -64.16
N ARG C 335 5.30 62.26 -63.63
CA ARG C 335 6.65 62.60 -63.24
C ARG C 335 6.63 63.37 -61.93
N PRO C 336 7.74 63.38 -61.13
CA PRO C 336 7.75 63.95 -59.78
C PRO C 336 7.36 65.43 -59.67
N SER C 337 6.29 65.65 -58.89
CA SER C 337 5.69 66.97 -58.70
C SER C 337 5.71 67.32 -57.22
N THR C 338 5.84 68.62 -56.92
CA THR C 338 5.81 69.10 -55.54
C THR C 338 4.62 70.02 -55.31
N GLU C 339 3.58 69.90 -56.16
CA GLU C 339 2.30 70.55 -55.96
C GLU C 339 1.59 69.93 -54.76
N HIS C 340 1.29 70.76 -53.75
CA HIS C 340 0.42 70.33 -52.66
C HIS C 340 0.97 69.03 -52.09
N SER C 341 2.24 69.05 -51.66
CA SER C 341 2.84 67.89 -51.05
C SER C 341 2.76 68.01 -49.54
N TRP C 342 1.94 67.13 -48.95
CA TRP C 342 1.80 67.02 -47.52
C TRP C 342 3.16 67.07 -46.84
N PHE C 343 4.14 66.40 -47.48
CA PHE C 343 5.50 66.31 -46.99
C PHE C 343 6.34 67.42 -47.64
N PRO C 344 6.97 68.31 -46.86
CA PRO C 344 7.69 69.45 -47.41
C PRO C 344 9.14 69.10 -47.70
N GLY C 345 9.50 69.17 -48.99
CA GLY C 345 10.84 68.84 -49.43
C GLY C 345 10.88 67.47 -50.11
N TYR C 346 9.74 66.78 -50.12
CA TYR C 346 9.55 65.56 -50.89
C TYR C 346 8.63 65.86 -52.04
N ALA C 347 8.45 64.86 -52.91
CA ALA C 347 7.75 65.06 -54.16
C ALA C 347 7.18 63.74 -54.64
N TRP C 348 5.91 63.78 -55.03
CA TRP C 348 5.12 62.58 -55.22
C TRP C 348 5.01 62.22 -56.70
N THR C 349 4.90 60.91 -56.96
CA THR C 349 4.56 60.40 -58.27
C THR C 349 3.51 59.32 -58.09
N VAL C 350 2.45 59.36 -58.90
CA VAL C 350 1.33 58.45 -58.72
C VAL C 350 1.83 57.01 -58.90
N ALA C 351 1.40 56.10 -58.01
CA ALA C 351 1.71 54.68 -58.10
C ALA C 351 0.44 53.87 -58.39
N GLN C 352 0.59 52.62 -58.86
CA GLN C 352 -0.56 51.72 -58.95
C GLN C 352 -0.14 50.25 -59.07
N CYS C 353 -1.15 49.39 -58.92
CA CYS C 353 -1.02 47.95 -58.99
C CYS C 353 -0.53 47.60 -60.39
N LYS C 354 0.49 46.73 -60.47
CA LYS C 354 0.92 46.17 -61.74
C LYS C 354 -0.26 45.42 -62.37
N ILE C 355 -0.99 44.67 -61.51
CA ILE C 355 -1.93 43.65 -61.94
C ILE C 355 -3.22 44.33 -62.41
N CYS C 356 -3.97 44.84 -61.43
CA CYS C 356 -5.36 45.26 -61.60
C CYS C 356 -5.44 46.75 -61.90
N ALA C 357 -4.29 47.44 -61.85
CA ALA C 357 -4.13 48.81 -62.28
C ALA C 357 -4.68 49.82 -61.28
N SER C 358 -5.45 49.37 -60.28
CA SER C 358 -6.08 50.28 -59.32
C SER C 358 -5.01 50.99 -58.50
N HIS C 359 -5.35 52.21 -58.02
CA HIS C 359 -4.42 53.08 -57.33
C HIS C 359 -4.11 52.55 -55.93
N ILE C 360 -2.88 52.76 -55.47
CA ILE C 360 -2.44 52.28 -54.17
C ILE C 360 -1.88 53.42 -53.32
N GLY C 361 -1.12 54.31 -53.97
CA GLY C 361 -0.56 55.45 -53.27
C GLY C 361 0.34 56.28 -54.19
N TRP C 362 1.29 56.98 -53.59
CA TRP C 362 2.15 57.89 -54.30
C TRP C 362 3.60 57.63 -53.92
N LYS C 363 4.50 57.58 -54.91
CA LYS C 363 5.91 57.43 -54.62
C LYS C 363 6.53 58.80 -54.39
N PHE C 364 7.14 58.98 -53.21
CA PHE C 364 7.73 60.24 -52.78
C PHE C 364 9.24 60.22 -53.02
N THR C 365 9.70 61.31 -53.65
CA THR C 365 11.08 61.46 -54.08
C THR C 365 11.58 62.77 -53.51
N ALA C 366 12.84 62.78 -53.05
CA ALA C 366 13.40 63.98 -52.43
C ALA C 366 13.80 64.98 -53.51
N THR C 367 14.04 66.22 -53.07
CA THR C 367 14.49 67.29 -53.94
C THR C 367 15.93 67.66 -53.55
N LYS C 368 16.14 67.95 -52.26
CA LYS C 368 17.47 68.21 -51.75
C LYS C 368 18.22 66.88 -51.61
N LYS C 369 19.56 66.96 -51.62
CA LYS C 369 20.41 65.78 -51.72
C LYS C 369 21.04 65.47 -50.36
N ASP C 370 20.54 66.12 -49.30
CA ASP C 370 21.04 65.93 -47.94
C ASP C 370 19.88 65.64 -46.99
N MET C 371 18.84 64.97 -47.53
CA MET C 371 17.74 64.44 -46.75
C MET C 371 17.89 62.93 -46.69
N SER C 372 17.36 62.31 -45.62
CA SER C 372 17.36 60.87 -45.52
C SER C 372 16.25 60.32 -46.43
N PRO C 373 15.34 59.42 -46.00
CA PRO C 373 14.69 58.49 -46.93
C PRO C 373 14.61 58.96 -48.38
N GLN C 374 15.76 58.94 -49.08
CA GLN C 374 15.86 59.53 -50.41
C GLN C 374 14.64 59.15 -51.27
N LYS C 375 14.12 57.93 -51.07
CA LYS C 375 12.87 57.52 -51.67
C LYS C 375 12.00 56.85 -50.61
N PHE C 376 10.67 56.87 -50.82
CA PHE C 376 9.74 56.10 -49.98
C PHE C 376 8.42 55.90 -50.72
N TRP C 377 7.46 55.27 -50.03
CA TRP C 377 6.14 55.06 -50.57
C TRP C 377 5.06 55.44 -49.55
N GLY C 378 4.24 56.42 -49.93
CA GLY C 378 2.98 56.71 -49.28
C GLY C 378 1.86 55.91 -49.95
N LEU C 379 1.18 55.10 -49.14
CA LEU C 379 0.10 54.26 -49.61
C LEU C 379 -1.18 54.60 -48.85
N THR C 380 -2.27 54.86 -49.58
CA THR C 380 -3.55 55.17 -48.96
C THR C 380 -4.16 53.88 -48.41
N ARG C 381 -4.78 53.99 -47.22
CA ARG C 381 -5.35 52.85 -46.51
C ARG C 381 -6.46 52.17 -47.33
N SER C 382 -7.26 52.95 -48.05
CA SER C 382 -8.41 52.43 -48.77
C SER C 382 -8.00 51.38 -49.80
N ALA C 383 -6.67 51.14 -49.94
CA ALA C 383 -6.10 50.27 -50.95
C ALA C 383 -5.35 49.08 -50.36
N LEU C 384 -5.35 48.95 -49.02
CA LEU C 384 -4.56 47.93 -48.34
C LEU C 384 -5.48 46.91 -47.67
N LEU C 385 -4.91 45.73 -47.38
CA LEU C 385 -5.64 44.59 -46.83
C LEU C 385 -4.67 43.74 -46.02
N PRO C 386 -4.54 43.97 -44.68
CA PRO C 386 -3.62 43.20 -43.85
C PRO C 386 -3.97 41.72 -43.91
N THR C 387 -2.96 40.87 -44.17
CA THR C 387 -3.17 39.44 -44.25
C THR C 387 -2.19 38.72 -43.32
N ILE C 388 -2.63 37.55 -42.85
CA ILE C 388 -1.83 36.63 -42.06
C ILE C 388 -1.24 35.59 -43.02
N PRO C 389 0.10 35.36 -43.05
CA PRO C 389 0.69 34.40 -43.97
C PRO C 389 0.21 32.97 -43.75
N ASP C 390 0.45 32.10 -44.75
CA ASP C 390 0.10 30.69 -44.72
C ASP C 390 -1.38 30.51 -45.05
N THR C 391 -1.84 29.25 -45.11
CA THR C 391 -3.25 28.91 -45.22
C THR C 391 -3.64 27.97 -44.07
N GLU C 392 -3.02 28.18 -42.88
CA GLU C 392 -3.18 27.29 -41.73
C GLU C 392 -4.18 27.92 -40.75
N ASP C 393 -3.73 28.94 -40.01
CA ASP C 393 -4.52 29.65 -39.00
C ASP C 393 -5.48 30.61 -39.69
N GLU C 394 -4.98 31.26 -40.75
CA GLU C 394 -5.75 32.12 -41.64
C GLU C 394 -7.26 31.77 -41.58
N PRO D 2 -4.89 -87.18 64.22
CA PRO D 2 -5.87 -87.64 63.25
C PRO D 2 -5.27 -88.70 62.31
N ILE D 3 -5.38 -89.98 62.70
CA ILE D 3 -4.58 -91.04 62.10
C ILE D 3 -5.41 -92.00 61.27
N ARG D 4 -4.76 -92.48 60.19
CA ARG D 4 -5.22 -93.62 59.42
C ARG D 4 -3.98 -94.44 59.05
N LEU D 5 -4.19 -95.66 58.54
CA LEU D 5 -3.08 -96.50 58.09
C LEU D 5 -3.61 -97.62 57.19
N PRO D 6 -3.60 -97.43 55.83
CA PRO D 6 -3.90 -98.50 54.88
C PRO D 6 -3.01 -99.72 55.10
N ILE D 7 -3.64 -100.83 55.50
CA ILE D 7 -2.94 -102.05 55.84
C ILE D 7 -2.63 -102.81 54.56
N VAL D 8 -1.32 -103.02 54.31
CA VAL D 8 -0.85 -103.59 53.06
C VAL D 8 -0.90 -105.12 53.17
N ASP D 9 -0.34 -105.67 54.26
CA ASP D 9 -0.40 -107.11 54.49
C ASP D 9 -0.13 -107.40 55.98
N LYS D 10 -0.67 -108.54 56.44
CA LYS D 10 -0.85 -108.85 57.85
C LYS D 10 -0.04 -110.08 58.24
N TYR D 11 1.29 -109.93 58.25
CA TYR D 11 2.16 -111.08 58.41
C TYR D 11 2.10 -111.54 59.87
N LYS D 12 1.96 -112.85 60.03
CA LYS D 12 1.63 -113.47 61.31
C LYS D 12 2.88 -114.18 61.86
N ASP D 13 3.53 -113.55 62.85
CA ASP D 13 4.84 -113.94 63.34
C ASP D 13 4.88 -113.83 64.87
N MET D 14 5.53 -112.78 65.42
CA MET D 14 5.84 -112.70 66.84
C MET D 14 4.60 -112.29 67.64
N GLY D 15 3.47 -112.95 67.38
CA GLY D 15 2.15 -112.49 67.80
C GLY D 15 1.24 -112.28 66.59
N THR D 16 1.17 -111.02 66.12
CA THR D 16 0.68 -110.66 64.79
C THR D 16 1.30 -109.32 64.43
N VAL D 17 1.49 -109.04 63.13
CA VAL D 17 2.06 -107.77 62.69
C VAL D 17 1.31 -107.31 61.44
N VAL D 18 1.76 -106.20 60.84
CA VAL D 18 1.06 -105.56 59.74
C VAL D 18 2.06 -104.74 58.91
N LEU D 19 1.60 -104.25 57.74
CA LEU D 19 2.35 -103.32 56.91
C LEU D 19 1.47 -102.16 56.46
N GLY D 20 2.08 -101.00 56.21
CA GLY D 20 1.39 -99.90 55.55
C GLY D 20 2.11 -98.56 55.68
N LYS D 21 1.99 -97.74 54.63
CA LYS D 21 2.41 -96.35 54.66
C LYS D 21 1.42 -95.56 55.50
N LEU D 22 1.93 -94.68 56.37
CA LEU D 22 1.14 -93.95 57.36
C LEU D 22 0.80 -92.56 56.82
N GLU D 23 -0.34 -92.46 56.11
CA GLU D 23 -0.64 -91.33 55.24
C GLU D 23 -1.09 -90.12 56.06
N SER D 24 -1.75 -90.36 57.21
CA SER D 24 -2.28 -89.29 58.02
C SER D 24 -2.01 -89.58 59.51
N GLY D 25 -1.55 -88.56 60.22
CA GLY D 25 -1.59 -88.52 61.68
C GLY D 25 -0.52 -89.37 62.34
N SER D 26 0.12 -88.79 63.35
CA SER D 26 1.20 -89.42 64.09
C SER D 26 0.66 -90.55 64.96
N ILE D 27 1.56 -91.47 65.32
CA ILE D 27 1.15 -92.71 65.95
C ILE D 27 2.14 -93.07 67.08
N CYS D 28 1.68 -92.86 68.32
CA CYS D 28 2.48 -93.10 69.52
C CYS D 28 2.68 -94.62 69.72
N LYS D 29 3.51 -94.98 70.70
CA LYS D 29 3.69 -96.36 71.10
C LYS D 29 2.57 -96.74 72.07
N GLY D 30 2.14 -98.01 72.01
CA GLY D 30 1.05 -98.49 72.86
C GLY D 30 -0.26 -97.76 72.59
N GLN D 31 -0.25 -96.80 71.64
CA GLN D 31 -1.44 -96.07 71.23
C GLN D 31 -2.45 -97.09 70.72
N GLN D 32 -3.38 -97.51 71.57
CA GLN D 32 -4.43 -98.43 71.17
C GLN D 32 -5.23 -97.80 70.04
N LEU D 33 -5.42 -98.55 68.95
CA LEU D 33 -6.08 -98.02 67.77
C LEU D 33 -7.22 -98.93 67.36
N VAL D 34 -8.19 -98.36 66.65
CA VAL D 34 -9.32 -99.09 66.11
C VAL D 34 -8.92 -99.47 64.69
N MET D 35 -9.61 -100.47 64.14
CA MET D 35 -9.24 -101.00 62.84
C MET D 35 -10.38 -101.84 62.30
N MET D 36 -10.50 -101.87 60.96
CA MET D 36 -11.44 -102.74 60.28
C MET D 36 -12.80 -102.07 60.28
N PRO D 37 -13.65 -102.42 59.29
CA PRO D 37 -15.11 -102.27 59.40
C PRO D 37 -15.85 -102.76 60.65
N ASN D 38 -15.81 -104.07 60.91
CA ASN D 38 -16.63 -104.72 61.93
C ASN D 38 -16.26 -104.25 63.34
N LYS D 39 -15.51 -103.14 63.44
CA LYS D 39 -15.11 -102.55 64.70
C LYS D 39 -14.18 -103.50 65.43
N HIS D 40 -12.86 -103.29 65.30
CA HIS D 40 -11.92 -104.01 66.14
C HIS D 40 -10.87 -103.09 66.75
N ASN D 41 -10.94 -103.06 68.09
CA ASN D 41 -9.94 -102.46 68.94
C ASN D 41 -8.84 -103.49 69.19
N VAL D 42 -7.70 -103.00 69.67
CA VAL D 42 -6.48 -103.78 69.72
C VAL D 42 -5.38 -102.95 70.39
N GLU D 43 -4.43 -103.65 71.01
CA GLU D 43 -3.34 -103.06 71.76
C GLU D 43 -2.07 -103.17 70.90
N VAL D 44 -0.94 -102.66 71.40
CA VAL D 44 0.30 -102.64 70.61
C VAL D 44 1.50 -102.83 71.54
N LEU D 45 2.46 -103.65 71.08
CA LEU D 45 3.58 -104.14 71.87
C LEU D 45 4.90 -103.54 71.37
N GLY D 46 5.15 -103.67 70.06
CA GLY D 46 6.36 -103.17 69.43
C GLY D 46 6.07 -102.60 68.04
N ILE D 47 6.61 -101.41 67.78
CA ILE D 47 6.46 -100.76 66.48
C ILE D 47 7.81 -100.81 65.77
N LEU D 48 7.81 -101.40 64.57
CA LEU D 48 8.99 -101.46 63.72
C LEU D 48 8.80 -100.52 62.54
N SER D 49 9.53 -99.40 62.54
CA SER D 49 9.37 -98.35 61.54
C SER D 49 10.11 -98.73 60.27
N ASP D 50 9.62 -99.77 59.57
CA ASP D 50 10.28 -100.30 58.39
C ASP D 50 11.71 -100.70 58.74
N ASP D 51 12.53 -99.70 59.06
CA ASP D 51 13.88 -99.90 59.57
C ASP D 51 13.85 -100.84 60.77
N VAL D 52 13.50 -100.31 61.96
CA VAL D 52 13.77 -100.98 63.22
C VAL D 52 12.66 -100.69 64.23
N GLU D 53 12.71 -101.35 65.40
CA GLU D 53 11.68 -101.22 66.44
C GLU D 53 12.04 -100.08 67.40
N THR D 54 11.53 -98.87 67.09
CA THR D 54 11.72 -97.70 67.93
C THR D 54 10.49 -97.55 68.84
N ASP D 55 10.18 -96.30 69.20
CA ASP D 55 9.09 -95.98 70.11
C ASP D 55 7.93 -95.35 69.35
N THR D 56 8.19 -94.19 68.72
CA THR D 56 7.14 -93.38 68.10
C THR D 56 7.60 -92.91 66.71
N VAL D 57 6.63 -92.68 65.80
CA VAL D 57 6.93 -92.26 64.44
C VAL D 57 5.73 -91.52 63.85
N ALA D 58 5.92 -90.94 62.65
CA ALA D 58 5.09 -89.87 62.12
C ALA D 58 4.81 -90.04 60.63
N PRO D 59 3.92 -89.21 60.00
CA PRO D 59 3.68 -89.23 58.57
C PRO D 59 4.72 -89.77 57.59
N GLY D 60 4.23 -90.54 56.61
CA GLY D 60 5.01 -90.93 55.45
C GLY D 60 6.05 -91.99 55.79
N GLU D 61 5.61 -93.04 56.50
CA GLU D 61 6.52 -94.05 57.02
C GLU D 61 5.90 -95.44 56.82
N ASN D 62 6.65 -96.34 56.16
CA ASN D 62 6.28 -97.73 56.08
C ASN D 62 6.51 -98.39 57.44
N LEU D 63 5.50 -99.13 57.90
CA LEU D 63 5.40 -99.52 59.29
C LEU D 63 5.22 -101.03 59.38
N LYS D 64 5.86 -101.62 60.39
CA LYS D 64 5.61 -103.00 60.81
C LYS D 64 5.21 -102.96 62.29
N ILE D 65 3.93 -103.26 62.58
CA ILE D 65 3.34 -102.94 63.87
C ILE D 65 2.75 -104.20 64.48
N ARG D 66 3.14 -104.49 65.74
CA ARG D 66 2.89 -105.78 66.38
C ARG D 66 1.64 -105.70 67.26
N LEU D 67 0.61 -106.49 66.93
CA LEU D 67 -0.71 -106.39 67.54
C LEU D 67 -0.88 -107.43 68.66
N LYS D 68 -2.03 -107.37 69.34
CA LYS D 68 -2.42 -108.32 70.37
C LYS D 68 -3.93 -108.27 70.61
N GLY D 69 -4.71 -107.96 69.57
CA GLY D 69 -6.12 -107.68 69.73
C GLY D 69 -6.97 -108.96 69.67
N ILE D 70 -8.28 -108.79 69.46
CA ILE D 70 -9.17 -109.91 69.24
C ILE D 70 -8.93 -110.44 67.82
N GLU D 71 -8.78 -109.53 66.87
CA GLU D 71 -8.65 -109.87 65.46
C GLU D 71 -7.16 -110.02 65.13
N GLU D 72 -6.74 -111.28 64.91
CA GLU D 72 -5.32 -111.64 64.96
C GLU D 72 -4.84 -112.29 63.65
N GLU D 73 -5.77 -112.74 62.80
CA GLU D 73 -5.55 -112.73 61.35
C GLU D 73 -6.89 -113.02 60.67
N GLU D 74 -7.89 -112.21 61.03
CA GLU D 74 -9.07 -111.97 60.20
C GLU D 74 -9.00 -110.52 59.72
N ILE D 75 -7.77 -110.03 59.55
CA ILE D 75 -7.53 -108.71 58.97
C ILE D 75 -7.02 -108.88 57.54
N LEU D 76 -7.67 -108.19 56.59
CA LEU D 76 -7.36 -108.29 55.18
C LEU D 76 -6.80 -106.96 54.69
N PRO D 77 -5.91 -106.95 53.65
CA PRO D 77 -5.59 -105.72 52.93
C PRO D 77 -6.85 -105.00 52.41
N GLY D 78 -6.86 -103.67 52.60
CA GLY D 78 -8.01 -102.85 52.31
C GLY D 78 -8.73 -102.41 53.59
N PHE D 79 -8.12 -102.74 54.73
CA PHE D 79 -8.55 -102.23 56.02
C PHE D 79 -7.48 -101.24 56.51
N ILE D 80 -7.81 -100.52 57.60
CA ILE D 80 -7.04 -99.35 58.02
C ILE D 80 -6.88 -99.40 59.53
N LEU D 81 -6.14 -98.43 60.09
CA LEU D 81 -6.01 -98.29 61.53
C LEU D 81 -6.51 -96.91 61.98
N CYS D 82 -7.80 -96.83 62.29
CA CYS D 82 -8.48 -95.55 62.50
C CYS D 82 -8.08 -94.97 63.85
N ASP D 83 -8.32 -93.66 64.04
CA ASP D 83 -8.17 -92.99 65.32
C ASP D 83 -9.54 -93.01 66.02
N PRO D 84 -9.61 -93.38 67.32
CA PRO D 84 -10.91 -93.58 67.99
C PRO D 84 -11.72 -92.36 68.42
N ASN D 85 -11.57 -91.23 67.72
CA ASN D 85 -12.37 -90.02 67.95
C ASN D 85 -12.99 -89.57 66.63
N ASN D 86 -12.13 -89.25 65.66
CA ASN D 86 -12.55 -88.94 64.30
C ASN D 86 -12.14 -90.12 63.41
N LEU D 87 -13.03 -91.11 63.31
CA LEU D 87 -12.69 -92.40 62.72
C LEU D 87 -13.11 -92.43 61.26
N CYS D 88 -12.83 -93.57 60.60
CA CYS D 88 -12.91 -93.69 59.15
C CYS D 88 -14.20 -94.38 58.74
N HIS D 89 -15.02 -93.61 58.04
CA HIS D 89 -16.34 -94.04 57.61
C HIS D 89 -16.16 -95.27 56.73
N SER D 90 -16.90 -96.33 57.04
CA SER D 90 -17.00 -97.47 56.13
C SER D 90 -18.32 -97.43 55.38
N GLY D 91 -18.48 -98.38 54.46
CA GLY D 91 -19.74 -98.52 53.74
C GLY D 91 -19.62 -99.59 52.66
N ARG D 92 -20.59 -99.61 51.76
CA ARG D 92 -20.54 -100.48 50.59
C ARG D 92 -20.99 -99.72 49.34
N THR D 93 -21.46 -98.49 49.51
CA THR D 93 -21.88 -97.67 48.38
C THR D 93 -21.24 -96.30 48.54
N PHE D 94 -21.14 -95.57 47.41
CA PHE D 94 -20.63 -94.21 47.38
C PHE D 94 -20.94 -93.58 46.03
N ASP D 95 -20.74 -92.26 45.95
CA ASP D 95 -20.77 -91.53 44.70
C ASP D 95 -19.34 -91.12 44.33
N ALA D 96 -19.04 -91.16 43.04
CA ALA D 96 -17.74 -90.74 42.58
C ALA D 96 -17.92 -89.78 41.41
N GLN D 97 -16.92 -88.91 41.21
CA GLN D 97 -16.66 -88.28 39.92
C GLN D 97 -15.73 -89.23 39.19
N ILE D 98 -16.04 -89.47 37.90
CA ILE D 98 -15.33 -90.50 37.17
C ILE D 98 -15.00 -89.99 35.77
N VAL D 99 -13.70 -90.02 35.45
CA VAL D 99 -13.20 -89.70 34.13
C VAL D 99 -12.69 -90.99 33.51
N ILE D 100 -13.34 -91.36 32.40
CA ILE D 100 -13.02 -92.54 31.60
C ILE D 100 -11.77 -92.24 30.78
N ILE D 101 -10.86 -93.20 30.66
CA ILE D 101 -9.56 -92.92 30.07
C ILE D 101 -9.26 -93.82 28.88
N GLU D 102 -9.70 -95.09 28.93
CA GLU D 102 -9.54 -96.02 27.83
C GLU D 102 -10.76 -96.92 27.71
N HIS D 103 -11.44 -96.89 26.56
CA HIS D 103 -12.54 -97.81 26.34
C HIS D 103 -13.13 -97.62 24.95
N LYS D 104 -12.90 -98.63 24.11
CA LYS D 104 -13.18 -98.61 22.68
C LYS D 104 -14.65 -98.31 22.42
N SER D 105 -15.53 -98.79 23.31
CA SER D 105 -16.96 -98.56 23.17
C SER D 105 -17.53 -98.05 24.49
N ILE D 106 -18.88 -98.10 24.58
CA ILE D 106 -19.65 -97.32 25.54
C ILE D 106 -19.81 -98.11 26.83
N ILE D 107 -19.59 -97.44 27.97
CA ILE D 107 -19.78 -98.03 29.28
C ILE D 107 -21.10 -97.54 29.86
N CYS D 108 -21.99 -98.50 30.17
CA CYS D 108 -23.40 -98.24 30.40
C CYS D 108 -23.80 -98.88 31.72
N PRO D 109 -24.88 -98.37 32.36
CA PRO D 109 -25.16 -98.64 33.76
C PRO D 109 -25.13 -100.13 34.06
N GLY D 110 -24.53 -100.48 35.19
CA GLY D 110 -24.31 -101.87 35.53
C GLY D 110 -23.16 -102.45 34.71
N TYR D 111 -22.14 -101.62 34.48
CA TYR D 111 -20.84 -102.12 34.08
C TYR D 111 -20.22 -102.80 35.31
N ASN D 112 -19.15 -103.55 35.10
CA ASN D 112 -18.50 -104.30 36.16
C ASN D 112 -16.99 -104.23 36.02
N ALA D 113 -16.30 -104.05 37.15
CA ALA D 113 -14.85 -103.94 37.16
C ALA D 113 -14.29 -104.12 38.58
N VAL D 114 -12.98 -103.93 38.72
CA VAL D 114 -12.32 -104.02 40.01
C VAL D 114 -11.98 -102.63 40.49
N LEU D 115 -11.89 -102.46 41.81
CA LEU D 115 -11.79 -101.14 42.40
C LEU D 115 -10.54 -101.01 43.26
N HIS D 116 -9.46 -100.50 42.68
CA HIS D 116 -8.21 -100.35 43.41
C HIS D 116 -8.27 -99.07 44.22
N ILE D 117 -8.75 -99.17 45.47
CA ILE D 117 -8.68 -98.08 46.42
C ILE D 117 -7.56 -98.38 47.40
N HIS D 118 -7.06 -97.35 48.10
CA HIS D 118 -6.20 -97.58 49.25
C HIS D 118 -5.16 -98.64 48.88
N THR D 119 -5.13 -99.70 49.69
CA THR D 119 -4.54 -100.98 49.36
C THR D 119 -5.64 -101.97 48.99
N CYS D 120 -6.91 -101.64 49.26
CA CYS D 120 -8.00 -102.58 49.04
C CYS D 120 -8.13 -102.89 47.55
N ILE D 121 -8.52 -104.12 47.26
CA ILE D 121 -8.84 -104.55 45.91
C ILE D 121 -10.09 -105.43 45.95
N GLU D 122 -11.16 -105.00 45.27
CA GLU D 122 -12.43 -105.72 45.29
C GLU D 122 -13.31 -105.27 44.14
N GLU D 123 -14.27 -106.11 43.74
CA GLU D 123 -15.09 -105.86 42.57
C GLU D 123 -15.99 -104.64 42.82
N VAL D 124 -16.51 -104.04 41.75
CA VAL D 124 -17.49 -102.96 41.86
C VAL D 124 -18.43 -102.94 40.65
N GLU D 125 -19.67 -102.49 40.93
CA GLU D 125 -20.67 -102.20 39.92
C GLU D 125 -20.96 -100.69 39.97
N ILE D 126 -20.76 -100.01 38.83
CA ILE D 126 -21.38 -98.71 38.65
C ILE D 126 -22.86 -98.98 38.41
N THR D 127 -23.65 -98.70 39.45
CA THR D 127 -25.08 -98.97 39.47
C THR D 127 -25.86 -97.84 38.80
N ALA D 128 -25.31 -96.63 38.96
CA ALA D 128 -25.77 -95.46 38.24
C ALA D 128 -24.62 -94.50 37.99
N LEU D 129 -24.59 -93.93 36.79
CA LEU D 129 -23.92 -92.67 36.56
C LEU D 129 -24.95 -91.56 36.75
N ILE D 130 -24.54 -90.47 37.41
CA ILE D 130 -25.41 -89.34 37.72
C ILE D 130 -25.43 -88.41 36.50
N CYS D 131 -24.37 -87.62 36.35
CA CYS D 131 -24.34 -86.50 35.42
C CYS D 131 -22.97 -86.45 34.75
N LEU D 132 -22.94 -85.95 33.52
CA LEU D 132 -21.73 -85.68 32.78
C LEU D 132 -21.07 -84.41 33.33
N VAL D 133 -19.94 -84.01 32.75
CA VAL D 133 -19.33 -82.73 33.05
C VAL D 133 -18.28 -82.40 31.98
N ASP D 134 -18.64 -81.51 31.05
CA ASP D 134 -17.72 -80.94 30.08
C ASP D 134 -16.43 -80.49 30.77
N LYS D 135 -15.31 -81.11 30.36
CA LYS D 135 -14.03 -80.88 31.01
C LYS D 135 -13.65 -79.39 30.96
N LYS D 136 -14.00 -78.69 29.88
CA LYS D 136 -13.59 -77.31 29.74
C LYS D 136 -13.87 -76.56 31.04
N SER D 137 -15.14 -76.61 31.49
CA SER D 137 -15.64 -75.70 32.50
C SER D 137 -15.88 -76.36 33.86
N GLY D 138 -16.32 -77.62 33.85
CA GLY D 138 -16.85 -78.25 35.05
C GLY D 138 -18.37 -78.15 35.11
N GLU D 139 -18.98 -77.79 33.96
CA GLU D 139 -20.42 -77.65 33.83
C GLU D 139 -21.10 -78.99 34.05
N LYS D 140 -21.57 -79.20 35.28
CA LYS D 140 -22.39 -80.35 35.63
C LYS D 140 -23.55 -80.47 34.64
N SER D 141 -23.83 -81.68 34.17
CA SER D 141 -24.67 -81.90 33.01
C SER D 141 -26.14 -81.61 33.30
N LYS D 142 -26.81 -81.04 32.28
CA LYS D 142 -28.19 -80.63 32.37
C LYS D 142 -29.02 -81.87 32.69
N THR D 143 -29.13 -82.75 31.67
CA THR D 143 -29.74 -84.06 31.83
C THR D 143 -28.76 -84.95 32.58
N ARG D 144 -29.16 -86.22 32.73
CA ARG D 144 -28.28 -87.26 33.24
C ARG D 144 -28.01 -88.26 32.13
N PRO D 145 -26.77 -88.78 31.98
CA PRO D 145 -26.38 -89.54 30.80
C PRO D 145 -26.78 -91.00 30.93
N ARG D 146 -26.77 -91.71 29.79
CA ARG D 146 -27.24 -93.08 29.70
C ARG D 146 -26.06 -94.02 29.48
N PHE D 147 -24.83 -93.47 29.57
CA PHE D 147 -23.58 -94.17 29.34
C PHE D 147 -22.47 -93.18 29.03
N VAL D 148 -21.24 -93.50 29.43
CA VAL D 148 -20.18 -92.51 29.40
C VAL D 148 -18.99 -93.04 28.60
N LYS D 149 -18.57 -92.32 27.55
CA LYS D 149 -17.60 -92.81 26.58
C LYS D 149 -16.18 -92.62 27.12
N GLN D 150 -15.17 -92.77 26.23
CA GLN D 150 -13.78 -92.58 26.58
C GLN D 150 -13.48 -91.09 26.74
N ASP D 151 -12.53 -90.78 27.63
CA ASP D 151 -12.08 -89.43 27.95
C ASP D 151 -13.27 -88.48 28.10
N GLN D 152 -14.30 -88.97 28.81
CA GLN D 152 -15.51 -88.23 29.12
C GLN D 152 -15.68 -88.29 30.64
N VAL D 153 -16.29 -87.27 31.22
CA VAL D 153 -16.35 -87.26 32.67
C VAL D 153 -17.81 -87.46 33.08
N CYS D 154 -17.97 -88.12 34.24
CA CYS D 154 -19.28 -88.41 34.82
C CYS D 154 -19.13 -88.57 36.34
N ILE D 155 -20.17 -88.11 37.04
CA ILE D 155 -20.35 -88.29 38.47
C ILE D 155 -21.29 -89.48 38.68
N ALA D 156 -20.86 -90.48 39.45
CA ALA D 156 -21.52 -91.77 39.40
C ALA D 156 -21.47 -92.48 40.75
N ARG D 157 -22.43 -93.41 40.91
CA ARG D 157 -22.63 -94.16 42.14
C ARG D 157 -22.21 -95.61 41.91
N LEU D 158 -21.31 -96.09 42.77
CA LEU D 158 -20.76 -97.43 42.69
C LEU D 158 -21.18 -98.22 43.93
N ARG D 159 -21.56 -99.50 43.73
CA ARG D 159 -21.82 -100.41 44.83
C ARG D 159 -20.83 -101.58 44.78
N THR D 160 -19.88 -101.57 45.72
CA THR D 160 -18.88 -102.62 45.82
C THR D 160 -19.58 -103.88 46.32
N ALA D 161 -19.27 -105.02 45.71
CA ALA D 161 -19.94 -106.27 46.07
C ALA D 161 -19.32 -106.89 47.31
N GLY D 162 -18.71 -106.05 48.18
CA GLY D 162 -18.33 -106.47 49.51
C GLY D 162 -18.45 -105.32 50.51
N THR D 163 -17.31 -104.87 51.06
CA THR D 163 -17.30 -103.76 52.01
C THR D 163 -15.86 -103.24 52.14
N ILE D 164 -15.72 -101.91 51.99
CA ILE D 164 -14.42 -101.26 51.86
C ILE D 164 -14.10 -100.62 53.21
N CYS D 165 -13.42 -99.46 53.18
CA CYS D 165 -13.67 -98.36 54.10
C CYS D 165 -13.15 -97.05 53.50
N LEU D 166 -14.06 -96.27 52.90
CA LEU D 166 -13.73 -95.18 51.98
C LEU D 166 -13.31 -93.90 52.71
N GLU D 167 -13.11 -92.84 51.92
CA GLU D 167 -13.24 -91.46 52.37
C GLU D 167 -13.82 -90.65 51.22
N THR D 168 -14.44 -89.50 51.52
CA THR D 168 -14.61 -88.47 50.52
C THR D 168 -13.22 -87.91 50.19
N PHE D 169 -12.95 -87.65 48.91
CA PHE D 169 -11.67 -87.06 48.53
C PHE D 169 -11.46 -85.78 49.33
N LYS D 170 -12.45 -84.86 49.28
CA LYS D 170 -12.32 -83.54 49.88
C LYS D 170 -11.94 -83.67 51.36
N ASP D 171 -12.40 -84.74 52.03
CA ASP D 171 -12.11 -84.96 53.44
C ASP D 171 -10.72 -85.58 53.58
N PHE D 172 -10.39 -86.54 52.70
CA PHE D 172 -9.06 -87.13 52.64
C PHE D 172 -8.66 -87.46 51.20
N PRO D 173 -7.52 -86.93 50.70
CA PRO D 173 -7.14 -87.12 49.30
C PRO D 173 -6.70 -88.54 48.93
N GLN D 174 -5.69 -89.05 49.66
CA GLN D 174 -4.98 -90.24 49.22
C GLN D 174 -5.74 -91.50 49.58
N MET D 175 -6.80 -91.38 50.40
CA MET D 175 -7.63 -92.53 50.74
C MET D 175 -8.99 -92.41 50.05
N GLY D 176 -9.14 -91.37 49.21
CA GLY D 176 -10.33 -91.19 48.40
C GLY D 176 -10.05 -91.50 46.93
N ARG D 177 -8.81 -91.23 46.49
CA ARG D 177 -8.42 -91.44 45.11
C ARG D 177 -8.25 -92.94 44.86
N PHE D 178 -8.95 -93.43 43.84
CA PHE D 178 -9.00 -94.84 43.53
C PHE D 178 -8.87 -95.01 42.02
N THR D 179 -8.73 -96.27 41.61
CA THR D 179 -8.62 -96.65 40.22
C THR D 179 -9.54 -97.84 39.92
N LEU D 180 -10.52 -97.61 39.04
CA LEU D 180 -11.16 -98.69 38.32
C LEU D 180 -10.11 -99.33 37.42
N ARG D 181 -10.09 -100.66 37.37
CA ARG D 181 -9.03 -101.40 36.71
C ARG D 181 -9.58 -102.71 36.15
N ASP D 182 -10.29 -102.61 35.02
CA ASP D 182 -10.78 -103.79 34.32
C ASP D 182 -9.64 -104.45 33.55
N GLU D 183 -9.81 -105.74 33.23
CA GLU D 183 -8.81 -106.51 32.51
C GLU D 183 -7.44 -106.18 33.14
N GLY D 184 -6.57 -105.50 32.38
CA GLY D 184 -5.30 -105.02 32.90
C GLY D 184 -5.33 -103.52 33.15
N LYS D 185 -5.66 -102.75 32.09
CA LYS D 185 -5.45 -101.32 32.08
C LYS D 185 -6.41 -100.66 33.07
N THR D 186 -5.88 -99.65 33.76
CA THR D 186 -6.71 -98.64 34.37
C THR D 186 -7.74 -98.20 33.32
N ILE D 187 -9.04 -98.31 33.62
CA ILE D 187 -10.04 -97.91 32.66
C ILE D 187 -10.73 -96.63 33.11
N ALA D 188 -10.50 -96.22 34.36
CA ALA D 188 -10.81 -94.88 34.83
C ALA D 188 -10.11 -94.60 36.17
N ILE D 189 -9.82 -93.32 36.41
CA ILE D 189 -9.66 -92.80 37.76
C ILE D 189 -10.87 -91.96 38.11
N GLY D 190 -11.34 -92.09 39.35
CA GLY D 190 -12.45 -91.32 39.86
C GLY D 190 -12.13 -90.79 41.26
N LYS D 191 -12.97 -89.87 41.72
CA LYS D 191 -12.91 -89.36 43.07
C LYS D 191 -14.17 -89.85 43.79
N VAL D 192 -14.11 -90.00 45.11
CA VAL D 192 -15.26 -90.45 45.88
C VAL D 192 -15.90 -89.23 46.53
N LEU D 193 -16.98 -88.75 45.92
CA LEU D 193 -17.63 -87.51 46.32
C LEU D 193 -18.35 -87.74 47.64
N LYS D 194 -19.42 -88.55 47.59
CA LYS D 194 -20.31 -88.75 48.71
C LYS D 194 -20.16 -90.18 49.19
N LEU D 195 -20.80 -90.50 50.31
CA LEU D 195 -21.02 -91.87 50.74
C LEU D 195 -22.51 -92.03 50.99
N VAL D 196 -23.12 -93.00 50.30
CA VAL D 196 -24.53 -93.31 50.53
C VAL D 196 -24.52 -94.39 51.60
N PRO D 197 -25.67 -94.89 52.14
CA PRO D 197 -25.69 -95.65 53.39
C PRO D 197 -24.36 -96.25 53.85
N SER E 2 13.98 -47.43 -8.60
CA SER E 2 14.31 -46.05 -9.05
C SER E 2 15.76 -45.74 -8.74
N TYR E 3 16.30 -44.80 -9.52
CA TYR E 3 17.70 -44.39 -9.45
C TYR E 3 17.72 -42.87 -9.49
N ASN E 4 18.41 -42.27 -8.50
CA ASN E 4 18.19 -40.88 -8.13
C ASN E 4 19.51 -40.13 -8.21
N TYR E 5 19.44 -38.80 -8.09
CA TYR E 5 20.62 -37.96 -8.05
C TYR E 5 20.43 -36.90 -6.96
N VAL E 6 21.42 -36.84 -6.08
CA VAL E 6 21.48 -35.89 -4.96
C VAL E 6 22.57 -34.87 -5.23
N VAL E 7 22.30 -33.61 -4.87
CA VAL E 7 23.26 -32.54 -5.06
C VAL E 7 22.92 -31.40 -4.10
N THR E 8 23.97 -30.80 -3.54
CA THR E 8 23.85 -29.67 -2.63
C THR E 8 23.73 -28.39 -3.47
N ALA E 9 22.62 -27.65 -3.29
CA ALA E 9 22.45 -26.35 -3.91
C ALA E 9 23.15 -25.29 -3.05
N GLN E 10 22.83 -25.26 -1.76
CA GLN E 10 23.49 -24.35 -0.82
C GLN E 10 24.12 -25.16 0.30
N LYS E 11 25.43 -24.97 0.45
CA LYS E 11 26.21 -25.60 1.50
C LYS E 11 25.70 -25.11 2.86
N PRO E 12 25.88 -25.92 3.93
CA PRO E 12 25.23 -25.67 5.22
C PRO E 12 25.78 -24.47 5.97
N THR E 13 24.86 -23.69 6.53
CA THR E 13 25.18 -22.32 6.93
C THR E 13 25.46 -22.26 8.43
N ALA E 14 24.70 -23.04 9.19
CA ALA E 14 24.85 -23.05 10.64
C ALA E 14 26.27 -23.48 10.98
N VAL E 15 26.71 -23.10 12.20
CA VAL E 15 28.01 -23.47 12.73
C VAL E 15 27.83 -24.53 13.81
N ASN E 16 28.81 -25.43 13.94
CA ASN E 16 28.80 -26.42 15.01
C ASN E 16 29.68 -25.91 16.14
N GLY E 17 30.96 -25.71 15.81
CA GLY E 17 31.95 -25.20 16.74
C GLY E 17 32.99 -24.34 16.01
N CYS E 18 33.85 -23.67 16.80
CA CYS E 18 34.89 -22.79 16.28
C CYS E 18 36.03 -22.71 17.30
N VAL E 19 37.25 -22.44 16.82
CA VAL E 19 38.39 -22.37 17.71
C VAL E 19 39.51 -21.54 17.08
N THR E 20 40.15 -20.72 17.92
CA THR E 20 41.29 -19.90 17.51
C THR E 20 42.58 -20.68 17.77
N GLY E 21 43.50 -20.59 16.80
CA GLY E 21 44.83 -21.17 16.93
C GLY E 21 45.74 -20.70 15.80
N HIS E 22 47.01 -21.12 15.89
CA HIS E 22 48.01 -20.85 14.87
C HIS E 22 48.16 -22.11 14.01
N PHE E 23 47.34 -22.24 12.97
CA PHE E 23 47.22 -23.49 12.25
C PHE E 23 47.88 -23.38 10.88
N THR E 24 47.69 -22.24 10.20
CA THR E 24 48.27 -22.04 8.88
C THR E 24 49.78 -21.82 9.03
N SER E 25 50.14 -20.82 9.84
CA SER E 25 51.53 -20.51 10.13
C SER E 25 51.74 -20.54 11.64
N ALA E 26 52.93 -20.13 12.11
CA ALA E 26 53.25 -20.09 13.52
C ALA E 26 53.24 -18.66 14.07
N GLU E 27 52.91 -17.70 13.19
CA GLU E 27 52.95 -16.27 13.51
C GLU E 27 51.55 -15.66 13.41
N ASP E 28 50.82 -16.05 12.35
CA ASP E 28 49.52 -15.48 12.02
C ASP E 28 48.48 -15.99 13.04
N LEU E 29 47.23 -15.54 12.89
CA LEU E 29 46.15 -16.02 13.75
C LEU E 29 44.97 -16.46 12.90
N ASN E 30 44.34 -17.58 13.29
CA ASN E 30 43.26 -18.20 12.52
C ASN E 30 42.05 -18.50 13.39
N LEU E 31 40.90 -17.98 12.95
CA LEU E 31 39.61 -18.58 13.26
C LEU E 31 39.47 -19.81 12.39
N LEU E 32 38.99 -20.91 13.00
CA LEU E 32 38.48 -22.07 12.30
C LEU E 32 37.02 -22.26 12.67
N ILE E 33 36.18 -22.39 11.63
CA ILE E 33 34.75 -22.60 11.80
C ILE E 33 34.43 -24.00 11.28
N ALA E 34 33.46 -24.67 11.93
CA ALA E 34 33.00 -25.98 11.47
C ALA E 34 31.52 -25.90 11.13
N LYS E 35 31.23 -25.90 9.84
CA LYS E 35 29.85 -25.93 9.37
C LYS E 35 29.54 -27.36 8.94
N ASN E 36 29.50 -28.27 9.93
CA ASN E 36 28.85 -29.56 9.80
C ASN E 36 29.72 -30.53 9.00
N THR E 37 29.47 -30.64 7.69
CA THR E 37 30.28 -31.51 6.84
C THR E 37 31.44 -30.69 6.26
N ARG E 38 31.61 -29.44 6.74
CA ARG E 38 32.58 -28.53 6.16
C ARG E 38 33.43 -27.89 7.25
N LEU E 39 34.66 -27.53 6.84
CA LEU E 39 35.62 -26.84 7.68
C LEU E 39 36.12 -25.59 6.95
N GLU E 40 35.84 -24.42 7.55
CA GLU E 40 36.37 -23.14 7.08
C GLU E 40 37.53 -22.73 7.98
N ILE E 41 38.55 -22.13 7.34
CA ILE E 41 39.74 -21.60 7.97
C ILE E 41 39.90 -20.14 7.55
N TYR E 42 39.92 -19.21 8.50
CA TYR E 42 40.11 -17.80 8.19
C TYR E 42 41.42 -17.34 8.80
N VAL E 43 41.82 -16.09 8.50
CA VAL E 43 42.94 -15.43 9.16
C VAL E 43 42.50 -14.03 9.61
N VAL E 44 43.13 -13.56 10.71
CA VAL E 44 42.67 -12.37 11.42
C VAL E 44 43.47 -11.13 10.99
N THR E 45 42.73 -10.04 10.72
CA THR E 45 43.28 -8.69 10.74
C THR E 45 42.29 -7.81 11.50
N ALA E 46 42.64 -6.52 11.62
CA ALA E 46 41.70 -5.54 12.12
C ALA E 46 40.86 -5.01 10.94
N LEU E 49 38.71 -10.38 8.95
CA LEU E 49 39.03 -11.79 8.61
C LEU E 49 39.24 -11.91 7.11
N ARG E 50 40.18 -12.79 6.72
CA ARG E 50 40.57 -12.93 5.33
C ARG E 50 40.46 -14.41 4.90
N PRO E 51 39.54 -14.73 3.96
CA PRO E 51 39.24 -16.12 3.60
C PRO E 51 40.41 -16.85 2.96
N VAL E 52 40.65 -18.09 3.42
CA VAL E 52 41.85 -18.83 3.05
C VAL E 52 41.47 -20.16 2.39
N LYS E 53 41.02 -21.14 3.19
CA LYS E 53 40.78 -22.50 2.71
C LYS E 53 39.60 -23.15 3.44
N GLU E 54 38.61 -23.61 2.65
CA GLU E 54 37.46 -24.37 3.12
C GLU E 54 37.48 -25.77 2.51
N VAL E 55 37.16 -26.78 3.32
CA VAL E 55 37.21 -28.18 2.89
C VAL E 55 35.98 -28.92 3.41
N GLY E 56 35.52 -29.88 2.60
CA GLY E 56 34.38 -30.72 2.94
C GLY E 56 34.82 -32.14 3.33
N MET E 57 34.41 -32.57 4.53
CA MET E 57 34.71 -33.89 5.06
C MET E 57 33.75 -34.92 4.50
N TYR E 58 33.99 -36.20 4.85
CA TYR E 58 33.06 -37.29 4.60
C TYR E 58 32.48 -37.74 5.94
N GLY E 59 31.91 -36.77 6.66
CA GLY E 59 31.54 -36.96 8.05
C GLY E 59 30.89 -35.68 8.60
N LYS E 60 30.15 -35.83 9.69
CA LYS E 60 29.64 -34.68 10.42
C LYS E 60 30.62 -34.35 11.54
N ILE E 61 31.33 -33.22 11.40
CA ILE E 61 32.40 -32.86 12.31
C ILE E 61 31.83 -32.73 13.72
N ALA E 62 32.11 -33.73 14.56
CA ALA E 62 31.49 -33.80 15.87
C ALA E 62 32.45 -33.29 16.96
N VAL E 63 33.77 -33.41 16.73
CA VAL E 63 34.73 -32.71 17.56
C VAL E 63 35.82 -32.14 16.66
N MET E 64 36.26 -30.93 17.00
CA MET E 64 37.24 -30.16 16.25
C MET E 64 38.08 -29.39 17.25
N GLU E 65 39.33 -29.83 17.45
CA GLU E 65 40.19 -29.26 18.46
C GLU E 65 41.59 -29.04 17.89
N LEU E 66 42.10 -27.82 18.12
CA LEU E 66 43.47 -27.45 17.82
C LEU E 66 44.32 -27.70 19.06
N PHE E 67 45.59 -28.07 18.83
CA PHE E 67 46.48 -28.49 19.90
C PHE E 67 47.92 -28.49 19.38
N ARG E 68 48.83 -27.98 20.22
CA ARG E 68 50.21 -27.72 19.84
C ARG E 68 51.11 -28.69 20.59
N PRO E 69 51.49 -29.85 19.99
CA PRO E 69 52.44 -30.78 20.63
C PRO E 69 53.82 -30.16 20.84
N LYS E 70 54.74 -30.94 21.41
CA LYS E 70 56.03 -30.43 21.85
C LYS E 70 57.05 -30.52 20.72
N GLY E 71 57.37 -29.38 20.09
CA GLY E 71 58.40 -29.31 19.07
C GLY E 71 57.84 -29.37 17.64
N GLU E 72 56.73 -28.67 17.42
CA GLU E 72 56.11 -28.58 16.10
C GLU E 72 55.90 -27.11 15.75
N SER E 73 56.05 -26.79 14.46
CA SER E 73 56.08 -25.42 13.98
C SER E 73 54.82 -24.66 14.41
N LYS E 74 53.67 -25.25 14.06
CA LYS E 74 52.38 -24.63 14.32
C LYS E 74 51.50 -25.66 15.04
N ASP E 75 50.21 -25.36 15.16
CA ASP E 75 49.29 -26.24 15.86
C ASP E 75 48.77 -27.29 14.87
N LEU E 76 48.19 -28.37 15.41
CA LEU E 76 47.54 -29.39 14.60
C LEU E 76 46.06 -29.50 14.98
N LEU E 77 45.23 -29.71 13.96
CA LEU E 77 43.79 -29.81 14.16
C LEU E 77 43.42 -31.28 14.25
N PHE E 78 42.60 -31.62 15.26
CA PHE E 78 41.99 -32.93 15.35
C PHE E 78 40.51 -32.80 15.01
N ILE E 79 40.00 -33.76 14.21
CA ILE E 79 38.57 -33.85 13.90
C ILE E 79 38.06 -35.16 14.50
N LEU E 80 36.74 -35.25 14.69
CA LEU E 80 36.06 -36.52 14.96
C LEU E 80 34.62 -36.40 14.49
N THR E 81 34.15 -37.33 13.65
CA THR E 81 32.85 -37.19 13.02
C THR E 81 31.79 -38.08 13.70
N ALA E 82 30.56 -37.98 13.18
CA ALA E 82 29.36 -38.53 13.81
C ALA E 82 29.03 -39.92 13.25
N LYS E 83 29.97 -40.48 12.48
CA LYS E 83 30.06 -41.92 12.30
C LYS E 83 31.34 -42.43 12.95
N TYR E 84 32.09 -41.50 13.58
CA TYR E 84 33.07 -41.77 14.63
C TYR E 84 34.51 -41.63 14.10
N ASN E 85 34.67 -41.32 12.81
CA ASN E 85 36.01 -41.18 12.23
C ASN E 85 36.79 -40.10 12.95
N ALA E 86 38.02 -40.47 13.33
CA ALA E 86 38.96 -39.55 13.94
C ALA E 86 40.04 -39.19 12.92
N CYS E 87 40.61 -37.99 13.07
CA CYS E 87 41.73 -37.56 12.24
C CYS E 87 42.39 -36.32 12.85
N ILE E 88 43.68 -36.17 12.52
CA ILE E 88 44.46 -34.97 12.77
C ILE E 88 44.94 -34.47 11.41
N LEU E 89 45.16 -33.17 11.27
CA LEU E 89 45.50 -32.61 9.98
C LEU E 89 46.67 -31.63 10.12
N GLU E 90 47.13 -31.10 8.98
CA GLU E 90 48.10 -30.01 8.93
C GLU E 90 47.87 -29.17 7.68
N TYR E 91 48.07 -27.85 7.80
CA TYR E 91 48.08 -26.91 6.68
C TYR E 91 49.46 -26.96 6.04
N LYS E 92 49.55 -26.99 4.70
CA LYS E 92 50.84 -27.16 4.04
C LYS E 92 50.91 -26.39 2.72
N GLN E 93 52.07 -25.78 2.48
CA GLN E 93 52.30 -24.88 1.33
C GLN E 93 53.40 -25.48 0.43
N SER E 97 48.98 -25.28 -4.49
CA SER E 97 49.93 -25.12 -3.35
C SER E 97 49.25 -25.50 -2.03
N ILE E 98 48.04 -24.97 -1.78
CA ILE E 98 47.34 -25.19 -0.52
C ILE E 98 46.79 -26.62 -0.50
N ASP E 99 47.46 -27.49 0.27
CA ASP E 99 47.02 -28.87 0.46
C ASP E 99 46.88 -29.16 1.96
N ILE E 100 45.64 -29.40 2.42
CA ILE E 100 45.36 -29.92 3.75
C ILE E 100 45.63 -31.43 3.72
N ILE E 101 46.46 -31.87 4.68
CA ILE E 101 47.13 -33.15 4.56
C ILE E 101 46.96 -33.94 5.85
N THR E 102 46.52 -35.18 5.69
CA THR E 102 46.10 -36.01 6.81
C THR E 102 47.32 -36.74 7.36
N ARG E 103 47.71 -36.35 8.59
CA ARG E 103 48.77 -37.02 9.32
C ARG E 103 48.31 -38.40 9.76
N ALA E 104 47.27 -38.43 10.62
CA ALA E 104 46.81 -39.65 11.26
C ALA E 104 45.29 -39.80 11.12
N HIS E 105 44.83 -41.04 10.89
CA HIS E 105 43.42 -41.34 10.64
C HIS E 105 43.01 -42.64 11.33
N GLY E 106 41.72 -42.78 11.62
CA GLY E 106 41.19 -44.02 12.18
C GLY E 106 39.76 -43.86 12.66
N ASN E 107 38.88 -44.77 12.22
CA ASN E 107 37.56 -44.92 12.79
C ASN E 107 37.72 -45.51 14.20
N VAL E 108 36.95 -44.99 15.15
CA VAL E 108 37.11 -45.35 16.55
C VAL E 108 35.81 -45.96 17.09
N GLN E 109 35.00 -46.53 16.18
CA GLN E 109 33.71 -47.08 16.55
C GLN E 109 33.92 -48.37 17.35
N ASP E 110 33.18 -48.52 18.45
CA ASP E 110 33.16 -49.76 19.22
C ASP E 110 31.89 -50.54 18.87
N ARG E 111 31.90 -51.86 19.10
CA ARG E 111 30.77 -52.72 18.76
C ARG E 111 29.80 -52.82 19.93
N ILE E 112 30.28 -52.58 21.15
CA ILE E 112 29.45 -52.50 22.35
C ILE E 112 29.19 -51.04 22.68
N GLY E 113 27.99 -50.73 23.18
CA GLY E 113 27.77 -49.51 23.94
C GLY E 113 26.40 -48.89 23.75
N ARG E 114 26.08 -47.95 24.66
CA ARG E 114 25.00 -46.99 24.51
C ARG E 114 25.62 -45.60 24.55
N PRO E 115 25.67 -44.86 23.42
CA PRO E 115 26.29 -43.53 23.37
C PRO E 115 25.71 -42.67 24.49
N SER E 116 26.55 -41.82 25.09
CA SER E 116 26.11 -41.03 26.23
C SER E 116 24.98 -40.11 25.80
N GLU E 117 24.07 -39.84 26.75
CA GLU E 117 22.92 -38.98 26.50
C GLU E 117 23.39 -37.53 26.43
N THR E 118 24.55 -37.26 27.06
CA THR E 118 25.23 -35.98 26.95
C THR E 118 25.83 -35.81 25.56
N GLY E 119 26.00 -36.93 24.84
CA GLY E 119 26.60 -36.91 23.52
C GLY E 119 28.12 -36.97 23.61
N ILE E 120 28.77 -36.84 22.45
CA ILE E 120 30.20 -37.08 22.32
C ILE E 120 30.96 -35.85 22.81
N ILE E 121 31.85 -36.07 23.80
CA ILE E 121 32.65 -35.00 24.38
C ILE E 121 34.11 -35.41 24.32
N GLY E 122 34.84 -34.80 23.38
CA GLY E 122 36.27 -34.99 23.21
C GLY E 122 37.04 -33.81 23.81
N ILE E 123 38.18 -34.12 24.44
CA ILE E 123 39.00 -33.12 25.12
C ILE E 123 40.47 -33.52 24.98
N ILE E 124 41.31 -32.52 24.68
CA ILE E 124 42.76 -32.71 24.64
C ILE E 124 43.32 -32.12 25.94
N ASP E 125 44.32 -32.80 26.51
CA ASP E 125 44.96 -32.31 27.71
C ASP E 125 45.94 -31.21 27.34
N PRO E 126 46.33 -30.32 28.28
CA PRO E 126 47.17 -29.17 27.97
C PRO E 126 48.61 -29.49 27.57
N GLU E 127 49.06 -30.72 27.90
CA GLU E 127 50.43 -31.11 27.64
C GLU E 127 50.56 -31.83 26.29
N CYS E 128 49.48 -31.89 25.51
CA CYS E 128 49.48 -32.64 24.27
C CYS E 128 50.03 -34.04 24.52
N ARG E 129 49.37 -34.75 25.43
CA ARG E 129 49.75 -36.11 25.81
C ARG E 129 48.68 -37.11 25.35
N MET E 130 47.43 -36.64 25.19
CA MET E 130 46.31 -37.53 24.96
C MET E 130 45.05 -36.76 24.58
N ILE E 131 44.31 -37.36 23.63
CA ILE E 131 42.92 -37.01 23.38
C ILE E 131 42.06 -37.85 24.33
N GLY E 132 41.19 -37.17 25.08
CA GLY E 132 40.12 -37.86 25.79
C GLY E 132 38.85 -37.89 24.93
N LEU E 133 38.18 -39.05 24.91
CA LEU E 133 36.95 -39.19 24.16
C LEU E 133 35.92 -39.95 25.01
N ARG E 134 35.05 -39.22 25.70
CA ARG E 134 33.88 -39.84 26.30
C ARG E 134 32.89 -40.12 25.19
N LEU E 135 32.84 -41.38 24.72
CA LEU E 135 32.04 -41.75 23.58
C LEU E 135 30.78 -42.50 24.03
N TYR E 136 30.99 -43.57 24.81
CA TYR E 136 29.89 -44.39 25.27
C TYR E 136 29.76 -44.30 26.79
N ASP E 137 28.55 -44.53 27.31
CA ASP E 137 28.27 -44.51 28.73
C ASP E 137 29.19 -45.47 29.47
N GLY E 138 29.99 -44.94 30.39
CA GLY E 138 30.83 -45.76 31.24
C GLY E 138 32.18 -46.08 30.60
N LEU E 139 32.54 -45.33 29.53
CA LEU E 139 33.72 -45.62 28.74
C LEU E 139 34.38 -44.32 28.27
N PHE E 140 35.61 -44.08 28.77
CA PHE E 140 36.41 -42.92 28.37
C PHE E 140 37.59 -43.42 27.55
N LYS E 141 37.48 -43.29 26.22
CA LYS E 141 38.56 -43.68 25.32
C LYS E 141 39.66 -42.62 25.41
N VAL E 142 40.92 -43.06 25.32
CA VAL E 142 42.08 -42.20 25.50
C VAL E 142 43.09 -42.46 24.39
N ILE E 143 43.28 -41.49 23.48
CA ILE E 143 44.25 -41.64 22.41
C ILE E 143 45.58 -41.06 22.91
N PRO E 144 46.65 -41.88 23.04
CA PRO E 144 47.95 -41.38 23.49
C PRO E 144 48.80 -40.77 22.37
N LEU E 145 48.98 -39.45 22.41
CA LEU E 145 49.76 -38.73 21.42
C LEU E 145 51.24 -38.98 21.66
N ASP E 146 51.71 -40.15 21.21
CA ASP E 146 53.08 -40.59 21.43
C ASP E 146 53.69 -41.02 20.09
N ARG E 147 53.58 -40.12 19.09
CA ARG E 147 54.23 -40.23 17.79
C ARG E 147 53.67 -41.41 17.00
N ASP E 148 54.09 -42.62 17.39
CA ASP E 148 53.81 -43.84 16.63
C ASP E 148 52.35 -44.22 16.82
N ASN E 149 51.46 -43.61 16.02
CA ASN E 149 50.05 -43.94 16.12
C ASN E 149 49.27 -43.32 14.97
N LYS E 150 49.77 -43.48 13.75
CA LYS E 150 49.13 -42.90 12.57
C LYS E 150 47.74 -43.50 12.36
N GLU E 151 47.46 -44.65 13.00
CA GLU E 151 46.15 -45.28 12.92
C GLU E 151 45.37 -45.08 14.22
N LEU E 152 45.62 -43.93 14.89
CA LEU E 152 44.85 -43.50 16.05
C LEU E 152 44.37 -44.68 16.90
N LYS E 153 45.27 -45.64 17.14
CA LYS E 153 44.90 -46.85 17.87
C LYS E 153 44.70 -46.49 19.33
N ALA E 154 43.61 -46.99 19.91
CA ALA E 154 43.05 -46.42 21.12
C ALA E 154 42.95 -47.47 22.22
N PHE E 155 42.28 -47.08 23.32
CA PHE E 155 41.96 -47.96 24.43
C PHE E 155 40.90 -47.29 25.31
N ASN E 156 40.06 -48.09 25.97
CA ASN E 156 39.01 -47.57 26.84
C ASN E 156 39.40 -47.77 28.30
N ILE E 157 38.83 -46.90 29.16
CA ILE E 157 38.97 -46.96 30.61
C ILE E 157 37.56 -47.09 31.20
N ARG E 158 37.46 -47.66 32.41
CA ARG E 158 36.18 -48.06 32.99
C ARG E 158 35.68 -46.98 33.94
N LEU E 159 34.51 -46.39 33.63
CA LEU E 159 33.86 -45.40 34.48
C LEU E 159 32.92 -46.11 35.44
N GLU E 160 32.82 -45.59 36.67
CA GLU E 160 31.90 -46.10 37.68
C GLU E 160 30.54 -45.42 37.54
N GLU E 161 30.55 -44.16 37.12
CA GLU E 161 29.34 -43.36 36.99
C GLU E 161 28.96 -43.29 35.52
N LEU E 162 27.70 -43.62 35.22
CA LEU E 162 27.25 -43.79 33.85
C LEU E 162 26.97 -42.42 33.26
N HIS E 163 26.17 -41.63 33.98
CA HIS E 163 25.72 -40.32 33.55
C HIS E 163 26.82 -39.28 33.85
N VAL E 164 27.35 -38.68 32.78
CA VAL E 164 28.38 -37.65 32.87
C VAL E 164 27.93 -36.45 32.03
N ILE E 165 27.81 -35.28 32.66
CA ILE E 165 27.19 -34.14 32.00
C ILE E 165 28.21 -33.44 31.11
N ASP E 166 29.48 -33.45 31.53
CA ASP E 166 30.54 -32.73 30.85
C ASP E 166 31.86 -33.26 31.40
N VAL E 167 32.95 -33.05 30.66
CA VAL E 167 34.28 -33.45 31.11
C VAL E 167 35.31 -32.52 30.49
N LYS E 168 36.40 -32.27 31.24
CA LYS E 168 37.44 -31.36 30.80
C LYS E 168 38.76 -31.79 31.44
N PHE E 169 39.88 -31.59 30.73
CA PHE E 169 41.20 -31.75 31.33
C PHE E 169 41.48 -30.53 32.21
N LEU E 170 42.56 -30.59 33.00
CA LEU E 170 42.86 -29.52 33.96
C LEU E 170 44.24 -28.94 33.71
N TYR E 171 44.32 -27.59 33.67
CA TYR E 171 45.56 -26.85 33.58
C TYR E 171 46.19 -26.76 34.97
N GLY E 172 47.43 -27.26 35.09
CA GLY E 172 48.23 -27.13 36.31
C GLY E 172 48.34 -28.45 37.06
N CYS E 173 48.78 -29.50 36.35
CA CYS E 173 48.84 -30.85 36.89
C CYS E 173 50.14 -31.52 36.43
N GLN E 174 50.63 -32.48 37.22
CA GLN E 174 51.85 -33.23 36.90
C GLN E 174 51.50 -34.58 36.25
N ALA E 175 50.20 -34.93 36.21
CA ALA E 175 49.74 -36.10 35.50
C ALA E 175 48.34 -35.83 34.94
N PRO E 176 48.07 -36.17 33.65
CA PRO E 176 46.90 -35.66 32.93
C PRO E 176 45.59 -35.94 33.67
N THR E 177 44.92 -34.86 34.10
CA THR E 177 43.76 -34.95 34.97
C THR E 177 42.50 -34.68 34.17
N ILE E 178 41.43 -35.44 34.47
CA ILE E 178 40.12 -35.20 33.90
C ILE E 178 39.14 -34.86 35.03
N CYS E 179 38.38 -33.79 34.80
CA CYS E 179 37.33 -33.34 35.72
C CYS E 179 35.99 -33.50 35.00
N PHE E 180 34.92 -33.74 35.77
CA PHE E 180 33.61 -33.93 35.18
C PHE E 180 32.50 -33.88 36.24
N VAL E 181 31.38 -33.26 35.85
CA VAL E 181 30.11 -33.36 36.56
C VAL E 181 29.48 -34.70 36.19
N TYR E 182 28.69 -35.24 37.12
CA TYR E 182 27.94 -36.46 36.89
C TYR E 182 26.80 -36.49 37.90
N GLN E 183 25.62 -36.96 37.46
CA GLN E 183 24.48 -37.10 38.35
C GLN E 183 24.26 -38.57 38.66
N ASP E 184 23.67 -38.81 39.84
CA ASP E 184 23.15 -40.12 40.20
C ASP E 184 22.02 -39.89 41.21
N PRO E 185 21.29 -40.95 41.64
CA PRO E 185 20.30 -40.83 42.72
C PRO E 185 20.69 -40.08 43.99
N GLN E 186 22.00 -40.03 44.29
CA GLN E 186 22.52 -39.26 45.40
C GLN E 186 22.35 -37.76 45.11
N GLY E 187 22.89 -37.31 43.97
CA GLY E 187 22.78 -35.93 43.54
C GLY E 187 23.68 -35.62 42.35
N ARG E 188 23.96 -34.32 42.14
CA ARG E 188 24.94 -33.87 41.16
C ARG E 188 26.25 -33.57 41.88
N HIS E 189 27.29 -34.38 41.61
CA HIS E 189 28.62 -34.15 42.18
C HIS E 189 29.60 -33.81 41.07
N VAL E 190 30.79 -33.35 41.48
CA VAL E 190 31.89 -33.14 40.55
C VAL E 190 33.09 -33.94 41.04
N LYS E 191 33.69 -34.71 40.12
CA LYS E 191 34.80 -35.60 40.43
C LYS E 191 35.97 -35.32 39.50
N THR E 192 37.17 -35.77 39.92
CA THR E 192 38.38 -35.69 39.11
C THR E 192 39.11 -37.03 39.17
N TYR E 193 39.73 -37.41 38.04
CA TYR E 193 40.57 -38.60 37.97
C TYR E 193 41.86 -38.23 37.25
N GLU E 194 42.98 -38.71 37.79
CA GLU E 194 44.27 -38.63 37.11
C GLU E 194 44.41 -39.84 36.20
N VAL E 195 44.76 -39.58 34.92
CA VAL E 195 44.90 -40.62 33.92
C VAL E 195 46.34 -41.12 33.98
N SER E 196 46.50 -42.45 34.08
CA SER E 196 47.80 -43.11 34.08
C SER E 196 48.12 -43.63 32.68
N LEU E 197 49.03 -42.93 31.98
CA LEU E 197 49.29 -43.17 30.57
C LEU E 197 50.07 -44.47 30.35
N ARG E 198 50.56 -45.08 31.44
CA ARG E 198 51.22 -46.38 31.38
C ARG E 198 50.21 -47.49 31.71
N GLU E 199 49.48 -47.30 32.82
CA GLU E 199 48.75 -48.39 33.46
C GLU E 199 47.33 -48.50 32.93
N LYS E 200 46.82 -47.44 32.29
CA LYS E 200 45.54 -47.46 31.59
C LYS E 200 44.39 -47.55 32.58
N GLU E 201 44.42 -46.76 33.66
CA GLU E 201 43.31 -46.71 34.59
C GLU E 201 43.34 -45.42 35.41
N PHE E 202 42.17 -45.03 35.90
CA PHE E 202 41.99 -43.81 36.68
C PHE E 202 42.65 -43.96 38.05
N ASN E 203 43.21 -42.84 38.54
CA ASN E 203 43.73 -42.73 39.89
C ASN E 203 42.93 -41.68 40.65
N LYS E 204 42.96 -41.79 41.98
CA LYS E 204 42.15 -40.95 42.85
C LYS E 204 42.57 -39.50 42.70
N GLY E 205 41.68 -38.68 42.13
CA GLY E 205 41.97 -37.30 41.80
C GLY E 205 42.20 -36.45 43.04
N PRO E 206 42.88 -35.28 42.91
CA PRO E 206 43.11 -34.39 44.06
C PRO E 206 41.87 -34.13 44.90
N TRP E 207 40.83 -33.53 44.30
CA TRP E 207 39.69 -33.02 45.06
C TRP E 207 38.38 -33.48 44.44
N LYS E 208 37.37 -33.71 45.29
CA LYS E 208 36.02 -34.03 44.87
C LYS E 208 35.01 -33.44 45.85
N GLN E 209 34.05 -32.68 45.32
CA GLN E 209 32.95 -32.15 46.11
C GLN E 209 31.82 -33.18 46.08
N GLU E 210 30.68 -32.83 46.69
CA GLU E 210 29.54 -33.73 46.77
C GLU E 210 28.33 -33.12 46.06
N ASN E 211 27.79 -32.03 46.63
CA ASN E 211 26.59 -31.40 46.09
C ASN E 211 26.96 -30.03 45.51
N VAL E 212 26.87 -29.92 44.17
CA VAL E 212 27.08 -28.67 43.45
C VAL E 212 25.73 -27.93 43.40
N GLU E 213 25.38 -27.39 42.23
CA GLU E 213 24.04 -26.90 41.99
C GLU E 213 23.19 -28.06 41.48
N ALA E 214 21.88 -27.83 41.33
CA ALA E 214 20.94 -28.84 40.87
C ALA E 214 21.11 -29.09 39.38
N GLU E 215 21.24 -28.02 38.59
CA GLU E 215 21.23 -28.08 37.13
C GLU E 215 22.56 -27.59 36.55
N ALA E 216 23.67 -27.79 37.28
CA ALA E 216 24.98 -27.34 36.81
C ALA E 216 25.46 -28.26 35.69
N SER E 217 25.66 -27.69 34.49
CA SER E 217 25.83 -28.48 33.28
C SER E 217 27.01 -27.96 32.44
N MET E 218 28.00 -27.35 33.09
CA MET E 218 29.16 -26.86 32.38
C MET E 218 30.38 -26.89 33.29
N VAL E 219 31.53 -27.17 32.67
CA VAL E 219 32.81 -27.31 33.36
C VAL E 219 33.87 -26.59 32.55
N ILE E 220 34.42 -25.52 33.13
CA ILE E 220 35.55 -24.82 32.56
C ILE E 220 36.78 -25.19 33.39
N ALA E 221 37.97 -25.18 32.75
CA ALA E 221 39.22 -25.56 33.39
C ALA E 221 40.27 -24.47 33.16
N VAL E 222 40.49 -23.63 34.18
CA VAL E 222 41.11 -22.32 34.02
C VAL E 222 42.62 -22.49 33.92
N PRO E 223 43.32 -21.64 33.11
CA PRO E 223 44.78 -21.70 32.97
C PRO E 223 45.61 -21.87 34.25
N GLU E 224 46.94 -21.99 34.07
CA GLU E 224 47.82 -22.51 35.10
C GLU E 224 48.16 -21.48 36.17
N PRO E 225 48.12 -20.15 35.91
CA PRO E 225 48.34 -19.18 36.99
C PRO E 225 47.59 -19.58 38.27
N PHE E 226 46.26 -19.76 38.13
CA PHE E 226 45.40 -20.18 39.23
C PHE E 226 45.31 -21.71 39.23
N GLY E 227 44.94 -22.27 38.07
CA GLY E 227 44.61 -23.68 37.94
C GLY E 227 43.20 -23.94 38.46
N GLY E 228 42.56 -25.00 37.95
CA GLY E 228 41.28 -25.45 38.49
C GLY E 228 40.15 -25.34 37.47
N ALA E 229 38.91 -25.25 37.96
CA ALA E 229 37.73 -25.38 37.13
C ALA E 229 36.55 -24.60 37.70
N ILE E 230 35.82 -23.93 36.79
CA ILE E 230 34.58 -23.22 37.11
C ILE E 230 33.40 -24.11 36.69
N ILE E 231 32.27 -23.96 37.39
CA ILE E 231 31.09 -24.79 37.19
C ILE E 231 29.86 -23.90 37.07
N ILE E 232 29.32 -23.82 35.84
CA ILE E 232 28.19 -22.95 35.57
C ILE E 232 26.92 -23.76 35.83
N GLY E 233 25.80 -23.07 36.01
CA GLY E 233 24.49 -23.72 36.15
C GLY E 233 23.35 -22.79 35.74
N GLN E 234 22.22 -22.93 36.45
CA GLN E 234 21.05 -22.10 36.24
C GLN E 234 21.09 -20.91 37.20
N GLU E 235 21.65 -21.13 38.41
CA GLU E 235 21.69 -20.10 39.44
C GLU E 235 22.97 -20.20 40.27
N SER E 236 24.07 -20.73 39.70
CA SER E 236 25.34 -20.81 40.40
C SER E 236 26.52 -20.91 39.43
N ILE E 237 27.48 -19.99 39.58
CA ILE E 237 28.79 -20.10 38.96
C ILE E 237 29.78 -20.44 40.06
N THR E 238 30.25 -21.69 40.05
CA THR E 238 30.92 -22.29 41.21
C THR E 238 32.37 -22.62 40.84
N TYR E 239 33.34 -21.94 41.49
CA TYR E 239 34.75 -22.18 41.23
C TYR E 239 35.26 -23.25 42.19
N HIS E 240 36.21 -24.07 41.68
CA HIS E 240 36.86 -25.12 42.46
C HIS E 240 38.31 -25.29 42.01
N ASN E 241 39.23 -25.31 42.98
CA ASN E 241 40.61 -25.73 42.76
C ASN E 241 41.23 -26.10 44.11
N GLY E 242 41.47 -27.40 44.32
CA GLY E 242 42.02 -27.90 45.57
C GLY E 242 41.00 -27.85 46.70
N ASP E 243 41.37 -27.18 47.79
CA ASP E 243 40.47 -26.97 48.93
C ASP E 243 40.12 -25.49 49.04
N LYS E 244 39.99 -24.83 47.88
CA LYS E 244 39.39 -23.51 47.77
C LYS E 244 37.91 -23.71 47.43
N TYR E 245 37.09 -22.68 47.63
CA TYR E 245 35.68 -22.76 47.27
C TYR E 245 35.09 -21.35 47.15
N LEU E 246 34.70 -20.97 45.94
CA LEU E 246 33.92 -19.76 45.69
C LEU E 246 32.51 -20.17 45.26
N ALA E 247 31.55 -19.26 45.43
CA ALA E 247 30.16 -19.51 45.05
C ALA E 247 29.38 -18.20 44.94
N ILE E 248 29.20 -17.72 43.70
CA ILE E 248 28.38 -16.53 43.45
C ILE E 248 27.07 -16.93 42.80
N ALA E 249 26.06 -16.07 42.97
CA ALA E 249 24.74 -16.26 42.41
C ALA E 249 24.11 -14.90 42.13
N PRO E 250 24.64 -14.10 41.18
CA PRO E 250 24.09 -12.77 40.89
C PRO E 250 22.72 -12.82 40.22
N PRO E 251 21.87 -11.78 40.40
CA PRO E 251 20.50 -11.77 39.85
C PRO E 251 20.46 -11.59 38.33
N ILE E 252 21.61 -11.25 37.74
CA ILE E 252 21.68 -10.78 36.38
C ILE E 252 21.50 -11.97 35.42
N ILE E 253 21.96 -13.16 35.82
CA ILE E 253 22.00 -14.31 34.93
C ILE E 253 20.78 -15.20 35.12
N LYS E 254 20.01 -14.96 36.19
CA LYS E 254 18.96 -15.88 36.62
C LYS E 254 17.98 -16.18 35.50
N GLN E 255 17.65 -15.16 34.69
CA GLN E 255 16.48 -15.16 33.84
C GLN E 255 16.56 -16.27 32.79
N SER E 256 17.78 -16.69 32.43
CA SER E 256 17.95 -17.78 31.50
C SER E 256 19.27 -18.51 31.75
N THR E 257 19.58 -19.49 30.87
CA THR E 257 20.62 -20.48 31.11
C THR E 257 21.93 -20.04 30.47
N ILE E 258 23.04 -20.58 30.99
CA ILE E 258 24.37 -20.35 30.43
C ILE E 258 24.81 -21.59 29.69
N VAL E 259 25.10 -21.43 28.39
CA VAL E 259 25.12 -22.54 27.45
C VAL E 259 26.49 -22.71 26.80
N CYS E 260 27.12 -21.60 26.38
CA CYS E 260 28.41 -21.67 25.72
C CYS E 260 29.40 -20.75 26.43
N HIS E 261 30.69 -21.04 26.23
CA HIS E 261 31.77 -20.27 26.83
C HIS E 261 33.01 -20.33 25.93
N ASN E 262 33.98 -19.45 26.23
CA ASN E 262 35.31 -19.53 25.65
C ASN E 262 36.32 -18.87 26.57
N ARG E 263 37.53 -19.46 26.62
CA ARG E 263 38.65 -18.87 27.32
C ARG E 263 39.06 -17.61 26.56
N VAL E 264 39.04 -16.46 27.27
CA VAL E 264 39.28 -15.17 26.67
C VAL E 264 40.78 -14.85 26.71
N ASP E 265 41.41 -15.01 27.86
CA ASP E 265 42.77 -14.54 28.06
C ASP E 265 43.64 -15.62 28.70
N PRO E 266 44.90 -15.82 28.21
CA PRO E 266 45.85 -16.76 28.82
C PRO E 266 46.08 -16.65 30.32
N ASN E 267 45.77 -15.47 30.89
CA ASN E 267 45.73 -15.27 32.33
C ASN E 267 44.53 -16.04 32.87
N GLY E 268 43.35 -15.76 32.31
CA GLY E 268 42.10 -16.39 32.75
C GLY E 268 41.18 -15.39 33.45
N SER E 269 41.64 -14.15 33.63
CA SER E 269 40.88 -13.12 34.32
C SER E 269 39.46 -13.02 33.77
N ARG E 270 39.36 -12.72 32.46
CA ARG E 270 38.09 -12.42 31.82
C ARG E 270 37.65 -13.67 31.04
N TYR E 271 36.33 -13.83 30.86
CA TYR E 271 35.74 -15.03 30.27
C TYR E 271 34.41 -14.68 29.63
N LEU E 272 34.20 -15.13 28.39
CA LEU E 272 32.96 -14.84 27.70
C LEU E 272 31.92 -15.88 28.12
N LEU E 273 30.64 -15.49 28.04
CA LEU E 273 29.52 -16.34 28.41
C LEU E 273 28.33 -16.04 27.50
N GLY E 274 27.83 -17.06 26.81
CA GLY E 274 26.65 -16.92 25.96
C GLY E 274 25.40 -17.46 26.65
N ASP E 275 24.31 -16.69 26.55
CA ASP E 275 23.04 -17.05 27.15
C ASP E 275 22.26 -17.90 26.13
N MET E 276 21.38 -18.77 26.63
CA MET E 276 20.54 -19.57 25.74
C MET E 276 19.61 -18.68 24.93
N GLU E 277 19.24 -17.53 25.50
CA GLU E 277 18.37 -16.56 24.85
C GLU E 277 19.18 -15.52 24.06
N GLY E 278 20.45 -15.29 24.43
CA GLY E 278 21.32 -14.44 23.63
C GLY E 278 22.36 -13.70 24.46
N ARG E 279 21.90 -13.07 25.55
CA ARG E 279 22.75 -12.25 26.40
C ARG E 279 24.19 -12.76 26.42
N LEU E 280 25.13 -11.89 26.04
CA LEU E 280 26.54 -12.24 26.02
C LEU E 280 27.21 -11.67 27.27
N PHE E 281 27.55 -12.55 28.23
CA PHE E 281 28.10 -12.11 29.51
C PHE E 281 29.61 -12.29 29.52
N MET E 282 30.31 -11.33 30.15
CA MET E 282 31.69 -11.55 30.55
C MET E 282 31.72 -11.96 32.01
N LEU E 283 32.44 -13.04 32.30
CA LEU E 283 32.79 -13.42 33.66
C LEU E 283 34.14 -12.79 33.99
N LEU E 284 34.33 -12.43 35.26
CA LEU E 284 35.59 -11.88 35.71
C LEU E 284 36.07 -12.62 36.95
N LEU E 285 37.34 -13.05 36.90
CA LEU E 285 38.10 -13.53 38.04
C LEU E 285 39.02 -12.40 38.50
N GLU E 286 39.12 -12.22 39.83
CA GLU E 286 39.90 -11.13 40.41
C GLU E 286 41.14 -11.69 41.10
N LYS E 287 42.10 -10.79 41.38
CA LYS E 287 43.29 -11.12 42.15
C LYS E 287 43.55 -10.00 43.17
N THR E 296 45.61 -15.90 45.53
CA THR E 296 45.33 -15.69 44.09
C THR E 296 43.87 -15.27 43.89
N LEU E 297 42.95 -16.25 43.89
CA LEU E 297 41.56 -15.99 43.52
C LEU E 297 40.73 -15.63 44.76
N LYS E 298 39.75 -14.75 44.54
CA LYS E 298 39.06 -14.06 45.63
C LYS E 298 37.54 -14.07 45.42
N ASP E 299 37.06 -13.44 44.33
CA ASP E 299 35.63 -13.22 44.15
C ASP E 299 35.29 -12.97 42.67
N LEU E 300 34.16 -13.55 42.22
CA LEU E 300 33.78 -13.59 40.81
C LEU E 300 32.73 -12.52 40.51
N ARG E 301 32.69 -12.04 39.26
CA ARG E 301 31.66 -11.09 38.85
C ARG E 301 31.21 -11.42 37.42
N VAL E 302 30.05 -10.86 37.05
CA VAL E 302 29.52 -10.94 35.70
C VAL E 302 28.87 -9.60 35.34
N GLU E 303 29.43 -8.92 34.32
CA GLU E 303 28.85 -7.70 33.77
C GLU E 303 28.11 -8.05 32.49
N LEU E 304 26.89 -7.51 32.33
CA LEU E 304 26.20 -7.51 31.05
C LEU E 304 27.13 -6.93 29.98
N LEU E 305 26.91 -7.33 28.73
CA LEU E 305 27.62 -6.75 27.58
C LEU E 305 26.65 -6.46 26.45
N GLY E 306 25.64 -7.33 26.27
CA GLY E 306 24.51 -7.06 25.39
C GLY E 306 23.92 -8.33 24.80
N GLU E 307 23.15 -8.14 23.73
CA GLU E 307 22.35 -9.19 23.14
C GLU E 307 22.96 -9.57 21.78
N THR E 308 23.81 -10.60 21.78
CA THR E 308 24.32 -11.17 20.54
C THR E 308 23.23 -12.06 19.95
N SER E 309 23.35 -12.33 18.65
CA SER E 309 22.57 -13.36 18.01
C SER E 309 22.76 -14.66 18.80
N ILE E 310 21.74 -15.54 18.79
CA ILE E 310 21.62 -16.58 19.80
C ILE E 310 22.85 -17.47 19.79
N ALA E 311 23.72 -17.19 20.76
CA ALA E 311 25.15 -17.48 20.66
C ALA E 311 25.42 -18.95 20.99
N GLU E 312 25.93 -19.68 19.99
CA GLU E 312 26.02 -21.13 20.07
C GLU E 312 27.42 -21.57 20.50
N CYS E 313 28.46 -20.94 19.93
CA CYS E 313 29.84 -21.22 20.30
C CYS E 313 30.70 -19.99 20.02
N LEU E 314 31.45 -19.56 21.03
CA LEU E 314 32.07 -18.25 21.03
C LEU E 314 33.60 -18.37 21.03
N THR E 315 34.26 -17.31 20.56
CA THR E 315 35.71 -17.25 20.43
C THR E 315 36.17 -15.79 20.33
N TYR E 316 37.02 -15.38 21.27
CA TYR E 316 37.65 -14.07 21.24
C TYR E 316 38.77 -14.10 20.20
N LEU E 317 38.71 -13.14 19.27
CA LEU E 317 39.69 -13.04 18.22
C LEU E 317 40.85 -12.20 18.74
N ASP E 318 40.69 -10.86 18.73
CA ASP E 318 41.67 -9.92 19.27
C ASP E 318 41.09 -8.51 19.19
N ASN E 319 41.66 -7.59 19.98
CA ASN E 319 41.36 -6.17 19.89
C ASN E 319 39.97 -5.85 20.44
N GLY E 320 39.27 -6.86 20.99
CA GLY E 320 37.94 -6.68 21.52
C GLY E 320 36.84 -6.94 20.48
N VAL E 321 37.20 -7.61 19.37
CA VAL E 321 36.23 -8.10 18.42
C VAL E 321 36.09 -9.60 18.65
N VAL E 322 34.88 -10.13 18.42
CA VAL E 322 34.55 -11.49 18.79
C VAL E 322 33.79 -12.16 17.65
N PHE E 323 33.94 -13.50 17.59
CA PHE E 323 33.24 -14.31 16.63
C PHE E 323 32.16 -15.13 17.34
N VAL E 324 30.91 -14.67 17.19
CA VAL E 324 29.74 -15.45 17.56
C VAL E 324 29.41 -16.35 16.38
N GLY E 325 29.36 -17.66 16.63
CA GLY E 325 28.90 -18.63 15.64
C GLY E 325 27.59 -19.25 16.09
N SER E 326 26.49 -18.92 15.41
CA SER E 326 25.15 -19.30 15.86
C SER E 326 24.59 -20.42 15.00
N ARG E 327 23.44 -20.97 15.44
CA ARG E 327 22.73 -22.00 14.70
C ARG E 327 21.35 -21.53 14.25
N LEU E 328 20.72 -20.67 15.04
CA LEU E 328 19.34 -20.28 14.81
C LEU E 328 19.27 -19.06 13.88
N GLY E 329 20.40 -18.35 13.74
CA GLY E 329 20.43 -17.11 12.97
C GLY E 329 21.82 -16.82 12.41
N ASP E 330 21.98 -15.61 11.87
CA ASP E 330 23.20 -15.21 11.19
C ASP E 330 24.33 -15.20 12.21
N SER E 331 25.50 -15.73 11.82
CA SER E 331 26.68 -15.65 12.67
C SER E 331 27.26 -14.23 12.61
N GLN E 332 28.02 -13.85 13.63
CA GLN E 332 28.39 -12.46 13.82
C GLN E 332 29.90 -12.29 13.99
N LEU E 333 30.36 -11.09 13.63
CA LEU E 333 31.54 -10.49 14.23
C LEU E 333 31.09 -9.29 15.05
N VAL E 334 31.55 -9.20 16.30
CA VAL E 334 31.05 -8.21 17.22
C VAL E 334 32.22 -7.50 17.92
N LYS E 335 32.19 -6.17 17.90
CA LYS E 335 33.14 -5.34 18.63
C LYS E 335 32.48 -4.98 19.97
N LEU E 336 33.28 -5.02 21.05
CA LEU E 336 32.81 -4.65 22.37
C LEU E 336 33.69 -3.52 22.90
N ASN E 337 33.06 -2.36 23.10
CA ASN E 337 33.75 -1.12 23.42
C ASN E 337 33.73 -0.93 24.93
N VAL E 338 34.92 -0.86 25.57
CA VAL E 338 35.05 -0.64 27.01
C VAL E 338 34.22 0.57 27.44
N ASP E 339 33.89 1.47 26.48
CA ASP E 339 33.02 2.61 26.72
C ASP E 339 31.57 2.26 26.31
N SER E 340 30.83 1.66 27.24
CA SER E 340 29.44 1.27 27.00
C SER E 340 28.62 2.50 26.62
N ASN E 341 27.78 2.35 25.60
CA ASN E 341 27.00 3.46 25.08
C ASN E 341 25.91 3.80 26.09
N GLU E 342 25.06 4.77 25.73
CA GLU E 342 23.78 4.97 26.38
C GLU E 342 22.65 4.58 25.41
N GLN E 343 23.06 4.16 24.20
CA GLN E 343 22.28 3.24 23.39
C GLN E 343 21.93 2.01 24.24
N GLY E 344 22.92 1.54 25.01
CA GLY E 344 22.71 0.44 25.97
C GLY E 344 24.03 -0.02 26.57
N SER E 345 24.26 -1.34 26.54
CA SER E 345 25.50 -1.94 27.02
C SER E 345 26.60 -1.83 25.94
N TYR E 346 27.57 -2.75 25.95
CA TYR E 346 28.83 -2.53 25.24
C TYR E 346 29.05 -3.64 24.20
N VAL E 347 28.19 -3.72 23.18
CA VAL E 347 28.42 -4.65 22.09
C VAL E 347 27.85 -4.08 20.81
N VAL E 348 28.72 -3.93 19.80
CA VAL E 348 28.35 -3.40 18.50
C VAL E 348 28.74 -4.42 17.44
N ALA E 349 27.95 -4.48 16.35
CA ALA E 349 28.09 -5.50 15.32
C ALA E 349 29.01 -5.03 14.21
N MET E 350 29.48 -5.98 13.39
CA MET E 350 30.40 -5.66 12.31
C MET E 350 29.97 -6.30 11.00
N GLU E 351 29.95 -7.64 10.97
CA GLU E 351 29.58 -8.38 9.78
C GLU E 351 28.46 -9.36 10.12
N THR E 352 27.41 -9.35 9.28
CA THR E 352 26.30 -10.29 9.40
C THR E 352 26.56 -11.47 8.47
N PHE E 353 26.93 -12.62 9.04
CA PHE E 353 27.17 -13.84 8.28
C PHE E 353 25.85 -14.57 8.04
N THR E 354 25.34 -14.44 6.81
CA THR E 354 24.14 -15.14 6.38
C THR E 354 24.18 -16.57 6.92
N ASN E 355 23.01 -17.09 7.32
CA ASN E 355 22.86 -18.47 7.76
C ASN E 355 21.40 -18.89 7.67
N LEU E 356 21.05 -19.70 6.67
CA LEU E 356 19.68 -20.12 6.51
C LEU E 356 19.30 -20.97 7.72
N GLY E 357 19.28 -20.33 8.89
CA GLY E 357 19.10 -21.02 10.15
C GLY E 357 17.86 -21.92 10.12
N PRO E 358 17.78 -22.89 11.06
CA PRO E 358 16.90 -24.05 10.95
C PRO E 358 15.74 -23.92 9.96
N ILE E 359 16.04 -24.07 8.67
CA ILE E 359 14.99 -24.05 7.66
C ILE E 359 13.91 -25.03 8.12
N VAL E 360 12.64 -24.61 8.01
CA VAL E 360 11.53 -25.28 8.66
C VAL E 360 10.25 -25.14 7.82
N ASP E 361 10.23 -24.25 6.84
CA ASP E 361 9.43 -24.49 5.65
C ASP E 361 10.11 -23.78 4.49
N MET E 362 9.53 -23.97 3.29
CA MET E 362 9.82 -23.14 2.12
C MET E 362 8.84 -23.49 1.00
N CYS E 363 8.62 -22.51 0.11
CA CYS E 363 7.89 -22.72 -1.13
C CYS E 363 8.54 -21.92 -2.25
N VAL E 364 8.01 -22.11 -3.46
CA VAL E 364 8.68 -21.70 -4.67
C VAL E 364 7.70 -20.90 -5.54
N VAL E 365 8.20 -19.79 -6.07
CA VAL E 365 7.37 -18.72 -6.57
C VAL E 365 8.02 -18.11 -7.79
N ASP E 366 7.21 -17.42 -8.62
CA ASP E 366 7.62 -16.88 -9.91
C ASP E 366 7.97 -18.07 -10.83
N GLN E 370 7.49 -14.39 -14.46
CA GLN E 370 7.51 -15.87 -14.37
C GLN E 370 8.75 -16.40 -15.11
N GLY E 371 8.68 -17.64 -15.64
CA GLY E 371 9.83 -18.31 -16.23
C GLY E 371 10.30 -19.48 -15.37
N GLN E 372 11.42 -19.28 -14.67
CA GLN E 372 11.70 -20.02 -13.45
C GLN E 372 11.39 -19.08 -12.29
N GLY E 373 12.28 -19.00 -11.29
CA GLY E 373 11.87 -18.44 -10.01
C GLY E 373 12.85 -18.74 -8.88
N GLN E 374 12.32 -18.56 -7.67
CA GLN E 374 13.10 -18.22 -6.48
C GLN E 374 12.53 -19.01 -5.31
N LEU E 375 13.26 -18.97 -4.19
CA LEU E 375 12.98 -19.85 -3.07
C LEU E 375 12.86 -19.02 -1.79
N VAL E 376 11.68 -19.11 -1.15
CA VAL E 376 11.36 -18.34 0.04
C VAL E 376 11.14 -19.30 1.21
N THR E 377 11.90 -19.07 2.30
CA THR E 377 11.98 -20.00 3.42
C THR E 377 11.32 -19.41 4.67
N CYS E 378 11.25 -20.24 5.70
CA CYS E 378 10.90 -19.81 7.04
C CYS E 378 12.09 -20.11 7.96
N SER E 379 13.10 -19.24 7.94
CA SER E 379 14.42 -19.63 8.41
C SER E 379 14.81 -18.93 9.71
N GLY E 380 14.94 -19.72 10.78
CA GLY E 380 15.44 -19.23 12.04
C GLY E 380 14.38 -19.32 13.13
N ALA E 381 14.79 -19.10 14.39
CA ALA E 381 13.89 -19.16 15.52
C ALA E 381 14.06 -17.93 16.42
N PHE E 382 12.94 -17.48 17.01
CA PHE E 382 12.91 -16.43 18.01
C PHE E 382 13.22 -15.07 17.38
N LYS E 383 14.43 -14.56 17.61
CA LYS E 383 14.78 -13.19 17.27
C LYS E 383 15.35 -13.17 15.85
N GLU E 384 16.23 -14.14 15.59
CA GLU E 384 16.97 -14.23 14.34
C GLU E 384 16.05 -14.79 13.25
N GLY E 385 14.97 -15.44 13.72
CA GLY E 385 13.85 -15.81 12.88
C GLY E 385 13.56 -14.75 11.82
N SER E 386 13.24 -15.27 10.63
CA SER E 386 13.39 -14.51 9.41
C SER E 386 12.87 -15.33 8.23
N LEU E 387 12.12 -14.68 7.34
CA LEU E 387 12.01 -15.21 5.99
C LEU E 387 13.40 -15.11 5.38
N ARG E 388 13.62 -15.84 4.27
CA ARG E 388 14.79 -15.68 3.44
C ARG E 388 14.39 -15.98 2.01
N ILE E 389 14.86 -15.11 1.12
CA ILE E 389 14.60 -15.27 -0.30
C ILE E 389 15.92 -15.69 -0.95
N ILE E 390 15.81 -16.63 -1.88
CA ILE E 390 16.96 -17.17 -2.57
C ILE E 390 16.66 -17.22 -4.06
N ARG E 391 17.38 -16.40 -4.84
CA ARG E 391 17.36 -16.45 -6.30
C ARG E 391 18.76 -16.83 -6.80
N ASN E 392 18.77 -17.30 -8.05
CA ASN E 392 19.87 -18.05 -8.64
C ASN E 392 20.26 -17.35 -9.93
N GLY E 393 21.17 -16.36 -9.83
CA GLY E 393 21.45 -15.49 -10.97
C GLY E 393 22.68 -14.61 -10.75
N ILE E 394 22.80 -13.57 -11.59
CA ILE E 394 24.05 -12.85 -11.77
C ILE E 394 23.93 -11.47 -11.16
N GLY E 395 24.87 -11.12 -10.27
CA GLY E 395 24.79 -9.91 -9.48
C GLY E 395 25.64 -8.79 -10.04
N ILE E 396 25.33 -7.55 -9.62
CA ILE E 396 25.96 -6.34 -10.12
C ILE E 396 26.25 -5.44 -8.93
N HIS E 397 27.47 -4.92 -8.84
CA HIS E 397 27.89 -4.11 -7.70
C HIS E 397 27.79 -2.63 -8.08
N GLU E 398 26.78 -1.93 -7.56
CA GLU E 398 26.42 -0.59 -8.03
C GLU E 398 27.37 0.47 -7.48
N HIS E 399 27.90 1.29 -8.41
CA HIS E 399 28.69 2.48 -8.09
C HIS E 399 27.80 3.72 -8.15
N ALA E 400 27.19 3.96 -9.32
CA ALA E 400 26.43 5.17 -9.54
C ALA E 400 25.06 4.86 -10.13
N SER E 401 24.02 5.39 -9.45
CA SER E 401 22.69 5.59 -10.02
C SER E 401 22.50 7.08 -10.29
N ILE E 402 21.69 7.42 -11.30
CA ILE E 402 21.53 8.79 -11.74
C ILE E 402 20.14 8.97 -12.35
N ASP E 403 19.23 9.59 -11.59
CA ASP E 403 17.89 9.91 -12.07
C ASP E 403 18.01 10.64 -13.41
N LEU E 404 17.76 9.92 -14.50
CA LEU E 404 17.93 10.44 -15.83
C LEU E 404 17.07 9.61 -16.77
N PRO E 405 15.86 10.07 -17.11
CA PRO E 405 14.89 9.22 -17.78
C PRO E 405 14.87 9.32 -19.30
N GLY E 406 14.33 8.27 -19.93
CA GLY E 406 13.89 8.29 -21.31
C GLY E 406 15.00 7.87 -22.29
N ILE E 407 16.02 7.18 -21.76
CA ILE E 407 17.19 6.86 -22.53
C ILE E 407 16.82 5.78 -23.53
N LYS E 408 17.05 6.06 -24.82
CA LYS E 408 16.66 5.16 -25.90
C LYS E 408 17.90 4.67 -26.64
N GLY E 409 19.09 4.99 -26.10
CA GLY E 409 20.35 4.48 -26.66
C GLY E 409 21.54 4.88 -25.79
N LEU E 410 22.64 4.12 -25.92
CA LEU E 410 23.81 4.24 -25.06
C LEU E 410 25.08 3.74 -25.76
N TRP E 411 26.19 4.50 -25.65
CA TRP E 411 27.44 4.17 -26.32
C TRP E 411 28.66 4.74 -25.60
N PRO E 412 29.83 4.05 -25.66
CA PRO E 412 31.10 4.58 -25.14
C PRO E 412 31.92 5.24 -26.23
N LEU E 413 32.89 6.08 -25.81
CA LEU E 413 33.63 6.92 -26.74
C LEU E 413 34.93 7.40 -26.11
N ARG E 414 35.94 7.60 -26.96
CA ARG E 414 37.31 7.80 -26.52
C ARG E 414 37.84 9.12 -27.12
N SER E 415 38.14 10.09 -26.25
CA SER E 415 38.27 11.48 -26.65
C SER E 415 39.71 11.88 -26.93
N ASP E 416 40.68 10.99 -26.70
CA ASP E 416 42.08 11.36 -26.77
C ASP E 416 42.95 10.13 -26.99
N PRO E 417 43.27 9.77 -28.25
CA PRO E 417 44.30 8.76 -28.53
C PRO E 417 45.70 9.30 -28.24
N GLU E 420 42.84 4.80 -25.83
CA GLU E 420 43.57 4.32 -24.62
C GLU E 420 42.58 3.80 -23.58
N THR E 421 41.64 4.65 -23.16
CA THR E 421 40.58 4.26 -22.23
C THR E 421 39.37 5.16 -22.46
N ASP E 422 38.19 4.55 -22.60
CA ASP E 422 36.94 5.29 -22.74
C ASP E 422 36.94 6.45 -21.75
N ASP E 423 36.12 7.48 -22.03
CA ASP E 423 35.98 8.60 -21.12
C ASP E 423 34.67 9.37 -21.36
N THR E 424 33.75 8.80 -22.13
CA THR E 424 32.66 9.57 -22.71
C THR E 424 31.48 8.66 -23.04
N LEU E 425 30.38 8.83 -22.32
CA LEU E 425 29.18 8.09 -22.65
C LEU E 425 28.28 8.97 -23.51
N VAL E 426 27.74 8.40 -24.59
CA VAL E 426 26.77 9.10 -25.44
C VAL E 426 25.39 8.51 -25.20
N LEU E 427 24.38 9.40 -25.16
CA LEU E 427 23.01 9.03 -24.86
C LEU E 427 22.08 9.65 -25.90
N SER E 428 21.06 8.90 -26.33
CA SER E 428 20.10 9.41 -27.30
C SER E 428 18.70 9.49 -26.70
N PHE E 429 17.86 10.39 -27.24
CA PHE E 429 16.47 10.56 -26.83
C PHE E 429 15.63 10.82 -28.08
N VAL E 430 14.31 10.62 -27.98
CA VAL E 430 13.46 10.69 -29.17
C VAL E 430 13.74 12.01 -29.88
N GLY E 431 14.45 11.93 -31.01
CA GLY E 431 14.75 13.10 -31.83
C GLY E 431 15.76 14.04 -31.16
N GLN E 432 16.80 13.46 -30.55
CA GLN E 432 17.88 14.23 -29.95
C GLN E 432 19.08 13.35 -29.63
N THR E 433 20.08 13.97 -28.99
CA THR E 433 21.22 13.28 -28.42
C THR E 433 21.73 14.17 -27.30
N ARG E 434 22.71 13.71 -26.54
CA ARG E 434 23.51 14.57 -25.68
C ARG E 434 24.82 13.83 -25.43
N VAL E 435 25.63 14.31 -24.47
CA VAL E 435 26.88 13.67 -24.09
C VAL E 435 27.14 13.92 -22.61
N LEU E 436 27.90 13.00 -22.00
CA LEU E 436 28.48 13.18 -20.67
C LEU E 436 29.98 12.93 -20.76
N MET E 437 30.76 13.55 -19.85
CA MET E 437 32.21 13.42 -19.87
C MET E 437 32.72 12.94 -18.50
N LEU E 438 33.51 11.88 -18.52
CA LEU E 438 33.82 11.13 -17.31
C LEU E 438 35.20 11.52 -16.78
N ASN E 439 35.22 12.07 -15.55
CA ASN E 439 36.45 12.43 -14.87
C ASN E 439 36.42 11.85 -13.46
N GLY E 440 36.80 10.57 -13.33
CA GLY E 440 36.68 9.86 -12.06
C GLY E 440 35.21 9.61 -11.72
N GLU E 441 34.88 9.66 -10.43
CA GLU E 441 33.52 9.41 -9.96
C GLU E 441 32.74 10.72 -9.93
N GLU E 442 32.58 11.33 -11.11
CA GLU E 442 31.87 12.60 -11.27
C GLU E 442 31.56 12.82 -12.74
N VAL E 443 30.31 12.53 -13.12
CA VAL E 443 29.87 12.68 -14.50
C VAL E 443 29.51 14.14 -14.74
N GLU E 444 29.71 14.61 -15.99
CA GLU E 444 29.47 15.99 -16.38
C GLU E 444 29.12 16.07 -17.87
N GLU E 445 28.19 16.96 -18.20
CA GLU E 445 27.78 17.26 -19.56
C GLU E 445 29.00 17.65 -20.40
N THR E 446 28.87 17.60 -21.73
CA THR E 446 29.90 18.09 -22.63
C THR E 446 29.31 18.22 -24.04
N GLU E 447 29.96 19.06 -24.86
CA GLU E 447 29.65 19.10 -26.29
C GLU E 447 30.83 18.46 -27.03
N LEU E 448 30.49 17.75 -28.11
CA LEU E 448 31.44 16.99 -28.91
C LEU E 448 31.35 17.51 -30.34
N MET E 449 32.29 18.38 -30.72
CA MET E 449 32.11 19.18 -31.92
C MET E 449 32.02 18.23 -33.11
N GLY E 450 31.14 18.59 -34.07
CA GLY E 450 30.94 17.77 -35.26
C GLY E 450 29.98 16.61 -34.99
N PHE E 451 29.52 16.52 -33.73
CA PHE E 451 28.35 15.72 -33.38
C PHE E 451 27.14 16.64 -33.32
N VAL E 452 26.08 16.21 -34.00
CA VAL E 452 24.82 16.93 -34.03
C VAL E 452 24.01 16.56 -32.79
N ASP E 453 23.72 17.56 -31.94
CA ASP E 453 23.00 17.38 -30.70
C ASP E 453 21.54 17.77 -30.90
N ASP E 454 20.90 17.23 -31.95
CA ASP E 454 19.55 17.62 -32.32
C ASP E 454 18.91 16.62 -33.29
N GLN E 455 19.44 15.41 -33.36
CA GLN E 455 18.81 14.32 -34.10
C GLN E 455 19.01 13.04 -33.29
N GLN E 456 18.20 12.02 -33.58
CA GLN E 456 18.28 10.79 -32.81
C GLN E 456 19.51 10.00 -33.25
N THR E 457 20.43 9.74 -32.30
CA THR E 457 21.59 8.90 -32.55
C THR E 457 21.16 7.44 -32.57
N PHE E 458 21.63 6.71 -33.60
CA PHE E 458 21.39 5.28 -33.76
C PHE E 458 22.70 4.48 -33.68
N PHE E 459 23.85 5.15 -33.59
CA PHE E 459 25.10 4.51 -33.20
C PHE E 459 26.20 5.55 -33.11
N CYS E 460 27.16 5.32 -32.21
CA CYS E 460 28.45 6.00 -32.32
C CYS E 460 29.51 5.23 -31.54
N GLY E 461 30.77 5.60 -31.80
CA GLY E 461 31.93 4.82 -31.37
C GLY E 461 33.22 5.35 -31.99
N ASN E 462 34.35 4.81 -31.52
CA ASN E 462 35.66 5.10 -32.10
C ASN E 462 35.85 4.16 -33.28
N VAL E 463 36.40 4.69 -34.37
CA VAL E 463 36.62 3.93 -35.60
C VAL E 463 38.05 4.18 -36.06
N ALA E 464 38.26 4.10 -37.39
CA ALA E 464 39.57 3.86 -37.97
C ALA E 464 40.21 5.16 -38.44
N HIS E 465 41.55 5.16 -38.45
CA HIS E 465 42.36 6.29 -38.92
C HIS E 465 42.28 7.43 -37.91
N GLN E 466 42.00 7.09 -36.64
CA GLN E 466 41.90 8.05 -35.55
C GLN E 466 40.70 8.98 -35.79
N GLN E 467 39.50 8.46 -35.52
CA GLN E 467 38.26 9.15 -35.86
C GLN E 467 37.13 8.80 -34.88
N LEU E 468 36.03 9.56 -34.99
CA LEU E 468 34.76 9.33 -34.33
C LEU E 468 33.68 9.28 -35.41
N ILE E 469 32.56 8.61 -35.13
CA ILE E 469 31.44 8.61 -36.05
C ILE E 469 30.13 8.46 -35.29
N GLN E 470 29.31 9.51 -35.35
CA GLN E 470 27.90 9.43 -35.05
C GLN E 470 27.13 8.89 -36.25
N ILE E 471 25.98 8.29 -35.98
CA ILE E 471 25.04 7.94 -37.03
C ILE E 471 23.66 8.41 -36.59
N THR E 472 22.95 9.10 -37.49
CA THR E 472 21.69 9.74 -37.15
C THR E 472 20.56 9.18 -38.01
N SER E 473 19.35 9.56 -37.63
CA SER E 473 18.18 9.40 -38.48
C SER E 473 18.50 9.84 -39.90
N ALA E 474 19.43 10.79 -40.05
CA ALA E 474 19.64 11.47 -41.32
C ALA E 474 21.07 11.30 -41.85
N SER E 475 22.05 11.62 -41.01
CA SER E 475 23.44 11.70 -41.44
C SER E 475 24.19 10.46 -41.00
N VAL E 476 25.45 10.34 -41.46
CA VAL E 476 26.35 9.26 -41.06
C VAL E 476 27.75 9.84 -40.94
N ARG E 477 28.02 10.42 -39.77
CA ARG E 477 28.96 11.52 -39.70
C ARG E 477 30.32 11.03 -39.22
N LEU E 478 31.31 11.14 -40.10
CA LEU E 478 32.70 10.90 -39.76
C LEU E 478 33.28 12.20 -39.21
N VAL E 479 34.05 12.09 -38.13
CA VAL E 479 34.59 13.23 -37.42
C VAL E 479 36.08 12.99 -37.23
N SER E 480 36.84 14.03 -36.90
CA SER E 480 38.25 13.89 -36.57
C SER E 480 38.45 13.76 -35.07
N GLN E 481 39.56 13.13 -34.68
CA GLN E 481 39.96 13.07 -33.27
C GLN E 481 40.82 14.31 -32.99
N GLU E 482 41.79 14.56 -33.87
CA GLU E 482 42.62 15.75 -33.76
C GLU E 482 41.86 16.89 -34.43
N PRO E 483 41.94 18.13 -33.88
CA PRO E 483 40.78 18.98 -33.68
C PRO E 483 39.45 18.41 -34.17
N LYS E 484 38.63 17.98 -33.20
CA LYS E 484 37.38 17.30 -33.49
C LYS E 484 36.53 18.21 -34.37
N ALA E 485 36.05 17.65 -35.48
CA ALA E 485 35.06 18.30 -36.33
C ALA E 485 34.67 17.38 -37.47
N LEU E 486 33.45 17.59 -37.97
CA LEU E 486 32.91 16.82 -39.08
C LEU E 486 33.86 16.94 -40.26
N VAL E 487 34.24 15.79 -40.83
CA VAL E 487 35.18 15.77 -41.92
C VAL E 487 34.57 15.05 -43.13
N SER E 488 33.43 14.37 -42.97
CA SER E 488 32.60 14.00 -44.11
C SER E 488 31.23 13.51 -43.65
N GLU E 489 30.19 13.89 -44.41
CA GLU E 489 28.80 13.63 -44.07
C GLU E 489 28.12 12.92 -45.25
N TRP E 490 27.55 11.74 -44.95
CA TRP E 490 26.74 11.01 -45.91
C TRP E 490 25.27 11.24 -45.58
N LYS E 491 24.50 11.66 -46.59
CA LYS E 491 23.04 11.65 -46.49
C LYS E 491 22.49 10.77 -47.60
N GLU E 492 21.21 10.41 -47.49
CA GLU E 492 20.54 9.58 -48.48
C GLU E 492 20.41 10.38 -49.77
N PRO E 493 20.75 9.80 -50.94
CA PRO E 493 20.51 10.45 -52.24
C PRO E 493 19.17 11.14 -52.51
N GLN E 494 18.10 10.73 -51.79
CA GLN E 494 16.84 11.44 -51.79
C GLN E 494 16.62 12.15 -50.45
N ALA E 495 17.61 12.09 -49.56
CA ALA E 495 17.66 12.86 -48.31
C ALA E 495 16.60 12.38 -47.32
N LYS E 496 16.20 11.12 -47.45
CA LYS E 496 15.17 10.51 -46.59
C LYS E 496 15.75 10.25 -45.20
N ASN E 497 14.89 9.70 -44.32
CA ASN E 497 15.29 9.26 -42.99
C ASN E 497 15.82 7.83 -43.06
N ILE E 498 16.90 7.59 -42.29
CA ILE E 498 17.45 6.26 -42.08
C ILE E 498 16.66 5.58 -40.95
N SER E 499 16.28 4.33 -41.21
CA SER E 499 15.55 3.52 -40.25
C SER E 499 16.53 2.81 -39.31
N VAL E 500 17.40 1.96 -39.86
CA VAL E 500 18.26 1.09 -39.07
C VAL E 500 19.72 1.30 -39.48
N ALA E 501 20.64 1.13 -38.53
CA ALA E 501 22.05 1.39 -38.81
C ALA E 501 22.95 0.44 -38.04
N SER E 502 24.08 0.07 -38.66
CA SER E 502 24.96 -0.98 -38.18
C SER E 502 26.40 -0.63 -38.49
N CYS E 503 27.21 -0.47 -37.44
CA CYS E 503 28.59 -0.08 -37.64
C CYS E 503 29.52 -1.01 -36.87
N ASN E 504 30.82 -0.78 -37.09
CA ASN E 504 31.89 -1.53 -36.42
C ASN E 504 33.11 -0.61 -36.31
N SER E 505 34.19 -1.00 -36.98
CA SER E 505 35.48 -0.32 -36.90
C SER E 505 35.79 0.39 -38.23
N SER E 506 34.98 0.10 -39.26
CA SER E 506 35.44 0.19 -40.65
C SER E 506 34.29 0.26 -41.64
N GLN E 507 33.30 -0.62 -41.46
CA GLN E 507 32.21 -0.76 -42.40
C GLN E 507 30.88 -0.33 -41.77
N VAL E 508 30.07 0.37 -42.56
CA VAL E 508 28.75 0.77 -42.13
C VAL E 508 27.72 0.24 -43.12
N VAL E 509 26.58 -0.24 -42.60
CA VAL E 509 25.53 -0.77 -43.43
C VAL E 509 24.19 -0.23 -42.94
N VAL E 510 23.91 1.03 -43.24
CA VAL E 510 22.67 1.64 -42.80
C VAL E 510 21.59 1.27 -43.83
N ALA E 511 20.33 1.43 -43.42
CA ALA E 511 19.19 1.09 -44.25
C ALA E 511 18.22 2.26 -44.32
N VAL E 512 17.20 2.13 -45.18
CA VAL E 512 16.17 3.14 -45.30
C VAL E 512 14.86 2.45 -45.62
N GLY E 513 14.09 2.12 -44.58
CA GLY E 513 12.90 1.29 -44.75
C GLY E 513 13.24 -0.02 -45.44
N ARG E 514 13.25 0.00 -46.78
CA ARG E 514 13.30 -1.22 -47.58
C ARG E 514 14.68 -1.44 -48.19
N ALA E 515 15.43 -0.37 -48.49
CA ALA E 515 16.73 -0.49 -49.15
C ALA E 515 17.86 -0.27 -48.14
N LEU E 516 19.11 -0.59 -48.56
CA LEU E 516 20.25 -0.50 -47.66
C LEU E 516 21.56 -0.36 -48.44
N TYR E 517 22.57 0.18 -47.75
CA TYR E 517 23.79 0.70 -48.36
C TYR E 517 24.98 0.34 -47.48
N TYR E 518 26.13 0.11 -48.15
CA TYR E 518 27.36 -0.33 -47.50
C TYR E 518 28.40 0.78 -47.60
N LEU E 519 28.72 1.40 -46.46
CA LEU E 519 29.69 2.48 -46.40
C LEU E 519 31.03 1.95 -45.88
N GLN E 520 32.12 2.56 -46.36
CA GLN E 520 33.46 2.22 -45.91
C GLN E 520 34.09 3.42 -45.21
N ILE E 521 34.88 3.12 -44.18
CA ILE E 521 35.65 4.15 -43.50
C ILE E 521 37.05 4.15 -44.08
N HIS E 522 37.40 5.25 -44.73
CA HIS E 522 38.77 5.66 -44.94
C HIS E 522 39.02 6.90 -44.10
N PRO E 523 40.23 7.51 -44.16
CA PRO E 523 40.42 8.90 -43.72
C PRO E 523 39.58 9.90 -44.51
N GLN E 524 38.93 10.80 -43.75
CA GLN E 524 38.31 12.03 -44.23
C GLN E 524 37.19 11.71 -45.22
N GLU E 525 36.77 10.44 -45.31
CA GLU E 525 35.79 10.02 -46.31
C GLU E 525 35.12 8.72 -45.87
N LEU E 526 33.79 8.69 -46.01
CA LEU E 526 33.03 7.44 -46.02
C LEU E 526 32.47 7.28 -47.44
N ARG E 527 32.99 6.34 -48.23
CA ARG E 527 32.61 6.28 -49.64
C ARG E 527 31.83 5.00 -49.95
N GLN E 528 30.77 5.18 -50.75
CA GLN E 528 29.73 4.19 -50.98
C GLN E 528 30.26 3.08 -51.89
N ILE E 529 29.59 1.91 -51.87
CA ILE E 529 30.04 0.74 -52.61
C ILE E 529 28.86 -0.07 -53.13
N SER E 530 27.97 -0.52 -52.24
CA SER E 530 26.92 -1.47 -52.62
C SER E 530 25.54 -0.93 -52.24
N HIS E 531 24.59 -1.07 -53.17
CA HIS E 531 23.26 -0.50 -53.01
C HIS E 531 22.23 -1.52 -53.52
N THR E 532 21.49 -2.12 -52.59
CA THR E 532 20.64 -3.26 -52.87
C THR E 532 19.19 -2.88 -52.57
N GLU E 533 18.28 -3.84 -52.80
CA GLU E 533 16.85 -3.65 -52.55
C GLU E 533 16.28 -4.96 -52.04
N MET E 534 15.73 -4.95 -50.82
CA MET E 534 15.37 -6.16 -50.10
C MET E 534 13.95 -6.57 -50.48
N GLU E 535 13.50 -7.74 -50.03
CA GLU E 535 12.14 -8.20 -50.28
C GLU E 535 11.16 -7.38 -49.46
N HIS E 536 11.43 -7.21 -48.15
CA HIS E 536 10.55 -6.48 -47.24
C HIS E 536 11.38 -5.72 -46.21
N GLU E 537 10.76 -4.69 -45.60
CA GLU E 537 11.48 -3.65 -44.89
C GLU E 537 12.24 -4.25 -43.71
N VAL E 538 13.53 -3.92 -43.63
CA VAL E 538 14.41 -4.49 -42.62
C VAL E 538 14.06 -3.89 -41.26
N ALA E 539 14.50 -4.57 -40.18
CA ALA E 539 14.21 -4.15 -38.82
C ALA E 539 15.41 -4.28 -37.88
N CYS E 540 16.36 -5.19 -38.20
CA CYS E 540 17.53 -5.40 -37.36
C CYS E 540 18.72 -5.78 -38.22
N LEU E 541 19.92 -5.38 -37.79
CA LEU E 541 21.11 -5.53 -38.60
C LEU E 541 22.29 -5.91 -37.73
N ASP E 542 23.31 -6.51 -38.34
CA ASP E 542 24.62 -6.60 -37.73
C ASP E 542 25.71 -6.97 -38.74
N ILE E 543 26.97 -6.80 -38.31
CA ILE E 543 28.11 -6.80 -39.21
C ILE E 543 29.40 -7.16 -38.47
N THR E 544 29.31 -7.73 -37.25
CA THR E 544 30.45 -7.82 -36.35
C THR E 544 31.52 -8.74 -36.97
N PRO E 545 32.84 -8.44 -36.79
CA PRO E 545 33.90 -9.10 -37.55
C PRO E 545 34.55 -10.34 -36.93
N LEU E 546 34.32 -11.48 -37.58
CA LEU E 546 34.86 -12.75 -37.12
C LEU E 546 35.78 -13.35 -38.20
N SER E 549 39.01 -12.67 -39.19
CA SER E 549 39.12 -11.46 -38.32
C SER E 549 39.81 -10.33 -39.11
N ASN E 550 40.69 -9.57 -38.46
CA ASN E 550 41.48 -8.51 -39.06
C ASN E 550 40.87 -7.14 -38.74
N GLY E 551 39.55 -7.01 -38.93
CA GLY E 551 38.86 -5.75 -38.76
C GLY E 551 37.64 -5.64 -39.67
N LEU E 552 37.76 -6.19 -40.89
CA LEU E 552 36.69 -6.17 -41.87
C LEU E 552 35.92 -7.49 -41.82
N SER E 553 34.58 -7.41 -41.73
CA SER E 553 33.73 -8.59 -41.75
C SER E 553 33.04 -8.71 -43.11
N PRO E 554 33.21 -9.84 -43.81
CA PRO E 554 32.65 -9.99 -45.16
C PRO E 554 31.20 -10.44 -45.24
N LEU E 555 30.52 -10.49 -44.08
CA LEU E 555 29.17 -10.99 -43.99
C LEU E 555 28.34 -10.06 -43.11
N CYS E 556 27.02 -10.31 -43.07
CA CYS E 556 26.04 -9.27 -42.78
C CYS E 556 24.66 -9.85 -42.52
N ALA E 557 24.21 -9.80 -41.26
CA ALA E 557 22.95 -10.41 -40.85
C ALA E 557 21.80 -9.42 -41.01
N ILE E 558 20.68 -9.90 -41.56
CA ILE E 558 19.49 -9.10 -41.82
C ILE E 558 18.30 -9.69 -41.06
N GLY E 559 17.23 -8.90 -40.90
CA GLY E 559 15.97 -9.37 -40.36
C GLY E 559 14.80 -8.53 -40.86
N LEU E 560 13.93 -9.16 -41.66
CA LEU E 560 12.92 -8.47 -42.46
C LEU E 560 11.65 -8.27 -41.64
N TRP E 561 10.74 -7.42 -42.15
CA TRP E 561 9.56 -7.01 -41.40
C TRP E 561 8.40 -7.97 -41.67
N THR E 562 8.10 -8.19 -42.96
CA THR E 562 6.96 -9.01 -43.36
C THR E 562 7.39 -10.47 -43.48
N ASP E 563 8.51 -10.69 -44.18
CA ASP E 563 9.05 -12.01 -44.49
C ASP E 563 9.53 -12.71 -43.22
N ILE E 564 9.82 -11.91 -42.19
CA ILE E 564 10.12 -12.40 -40.85
C ILE E 564 11.19 -13.49 -40.94
N SER E 565 12.37 -13.09 -41.42
CA SER E 565 13.49 -14.01 -41.61
C SER E 565 14.79 -13.36 -41.15
N ALA E 566 15.65 -14.16 -40.52
CA ALA E 566 17.04 -13.79 -40.31
C ALA E 566 17.88 -14.37 -41.45
N ARG E 567 18.34 -13.50 -42.36
CA ARG E 567 19.20 -13.89 -43.48
C ARG E 567 20.66 -13.56 -43.17
N ILE E 568 21.58 -14.27 -43.82
CA ILE E 568 22.96 -13.84 -43.92
C ILE E 568 23.23 -13.46 -45.37
N LEU E 569 24.06 -12.43 -45.58
CA LEU E 569 24.44 -11.95 -46.89
C LEU E 569 25.96 -11.94 -47.00
N LYS E 570 26.46 -11.86 -48.24
CA LYS E 570 27.84 -11.52 -48.52
C LYS E 570 27.97 -10.00 -48.60
N LEU E 571 29.18 -9.50 -48.32
CA LEU E 571 29.52 -8.13 -48.67
C LEU E 571 30.17 -8.14 -50.05
N PRO E 572 30.86 -7.06 -50.49
CA PRO E 572 30.61 -6.45 -51.80
C PRO E 572 29.54 -6.96 -52.77
N SER E 573 28.73 -7.94 -52.36
CA SER E 573 27.79 -8.58 -53.26
C SER E 573 26.35 -8.27 -52.82
N PHE E 574 25.99 -8.72 -51.61
CA PHE E 574 24.62 -8.76 -51.13
C PHE E 574 23.83 -9.78 -51.96
N GLU E 575 24.38 -11.00 -52.01
CA GLU E 575 23.70 -12.14 -52.61
C GLU E 575 23.38 -13.13 -51.48
N LEU E 576 22.11 -13.55 -51.41
CA LEU E 576 21.60 -14.33 -50.29
C LEU E 576 22.56 -15.48 -50.02
N LEU E 577 23.39 -15.33 -48.98
CA LEU E 577 24.29 -16.38 -48.55
C LEU E 577 23.62 -17.20 -47.44
N HIS E 578 22.62 -17.99 -47.86
CA HIS E 578 22.01 -19.07 -47.09
C HIS E 578 21.14 -18.54 -45.95
N LYS E 579 19.83 -18.78 -46.10
CA LYS E 579 18.81 -18.25 -45.22
C LYS E 579 18.14 -19.41 -44.49
N GLU E 580 18.00 -19.24 -43.16
CA GLU E 580 17.04 -19.99 -42.38
C GLU E 580 15.85 -19.07 -42.10
N MET E 581 14.66 -19.65 -41.93
CA MET E 581 13.43 -18.87 -41.87
C MET E 581 12.56 -19.33 -40.71
N LEU E 582 12.17 -18.36 -39.86
CA LEU E 582 11.28 -18.58 -38.74
C LEU E 582 9.85 -18.30 -39.20
N GLY E 583 8.86 -18.45 -38.31
CA GLY E 583 7.47 -18.28 -38.69
C GLY E 583 6.70 -17.42 -37.69
N GLY E 584 5.81 -16.54 -38.19
CA GLY E 584 5.13 -15.58 -37.32
C GLY E 584 4.50 -14.42 -38.08
N ILE E 586 5.50 -12.34 -36.03
CA ILE E 586 5.99 -11.19 -35.23
C ILE E 586 7.48 -10.98 -35.57
N ILE E 587 7.94 -9.73 -35.41
CA ILE E 587 9.07 -9.15 -36.14
C ILE E 587 10.38 -9.36 -35.39
N PRO E 588 11.50 -9.65 -36.12
CA PRO E 588 12.84 -9.70 -35.51
C PRO E 588 13.29 -8.36 -34.95
N ARG E 589 13.74 -8.32 -33.69
CA ARG E 589 14.00 -7.05 -33.03
C ARG E 589 15.48 -6.69 -33.09
N SER E 590 16.35 -7.62 -32.70
CA SER E 590 17.77 -7.46 -32.97
C SER E 590 18.33 -8.77 -33.50
N ILE E 591 19.61 -8.72 -33.92
CA ILE E 591 20.33 -9.86 -34.46
C ILE E 591 21.81 -9.65 -34.20
N LEU E 592 22.59 -10.73 -34.19
CA LEU E 592 24.00 -10.62 -33.88
C LEU E 592 24.71 -11.89 -34.36
N MET E 593 26.01 -11.71 -34.64
CA MET E 593 26.96 -12.78 -34.87
C MET E 593 28.09 -12.59 -33.88
N THR E 594 28.29 -13.52 -32.94
CA THR E 594 29.43 -13.40 -32.04
C THR E 594 29.96 -14.79 -31.68
N THR E 595 31.00 -14.82 -30.83
CA THR E 595 31.78 -16.02 -30.56
C THR E 595 31.80 -16.30 -29.07
N PHE E 596 31.62 -17.58 -28.72
CA PHE E 596 31.86 -18.08 -27.37
C PHE E 596 32.83 -19.25 -27.47
N GLU E 597 33.83 -19.28 -26.58
CA GLU E 597 34.83 -20.34 -26.52
C GLU E 597 35.72 -20.28 -27.76
N SER E 598 35.23 -20.79 -28.89
CA SER E 598 35.91 -20.58 -30.17
C SER E 598 35.01 -20.97 -31.35
N SER E 599 33.69 -20.78 -31.16
CA SER E 599 32.71 -21.24 -32.13
C SER E 599 31.66 -20.15 -32.36
N HIS E 600 31.36 -19.88 -33.64
CA HIS E 600 30.63 -18.70 -34.03
C HIS E 600 29.14 -19.01 -34.12
N TYR E 601 28.34 -18.12 -33.56
CA TYR E 601 26.89 -18.25 -33.61
C TYR E 601 26.30 -17.01 -34.26
N LEU E 602 25.06 -17.14 -34.75
CA LEU E 602 24.22 -16.00 -35.08
C LEU E 602 22.95 -16.03 -34.23
N LEU E 603 22.80 -15.06 -33.32
CA LEU E 603 21.60 -14.94 -32.53
C LEU E 603 20.57 -14.16 -33.33
N CYS E 604 19.33 -14.10 -32.81
CA CYS E 604 18.29 -13.29 -33.43
C CYS E 604 17.09 -13.17 -32.49
N ALA E 605 17.17 -12.25 -31.53
CA ALA E 605 16.07 -12.01 -30.60
C ALA E 605 14.86 -11.47 -31.37
N LEU E 606 13.68 -11.58 -30.76
CA LEU E 606 12.43 -11.18 -31.39
C LEU E 606 11.70 -10.18 -30.49
N GLY E 607 10.60 -9.64 -31.05
CA GLY E 607 9.71 -8.74 -30.33
C GLY E 607 8.92 -9.47 -29.26
N ASP E 608 8.34 -10.63 -29.65
CA ASP E 608 7.61 -11.47 -28.70
C ASP E 608 8.55 -11.94 -27.59
N GLY E 609 9.85 -11.62 -27.73
CA GLY E 609 10.81 -11.76 -26.66
C GLY E 609 11.51 -13.11 -26.70
N ALA E 610 11.38 -13.80 -27.84
CA ALA E 610 12.00 -15.10 -28.10
C ALA E 610 13.38 -14.92 -28.74
N LEU E 611 14.31 -15.82 -28.44
CA LEU E 611 15.66 -15.75 -29.00
C LEU E 611 15.96 -17.04 -29.76
N PHE E 612 16.23 -16.91 -31.06
CA PHE E 612 16.75 -18.01 -31.84
C PHE E 612 18.27 -17.88 -31.88
N TYR E 613 18.96 -18.99 -31.61
CA TYR E 613 20.42 -18.99 -31.57
C TYR E 613 20.94 -20.17 -32.41
N PHE E 614 21.82 -19.86 -33.37
CA PHE E 614 22.25 -20.80 -34.39
C PHE E 614 23.78 -20.96 -34.38
N GLY E 615 24.23 -22.10 -34.93
CA GLY E 615 25.61 -22.24 -35.35
C GLY E 615 25.84 -21.50 -36.65
N LEU E 616 26.92 -20.72 -36.70
CA LEU E 616 27.25 -19.93 -37.87
C LEU E 616 28.56 -20.42 -38.46
N ASN E 617 28.72 -20.18 -39.77
CA ASN E 617 29.93 -20.50 -40.50
C ASN E 617 30.48 -19.25 -41.15
N ILE E 618 31.61 -18.75 -40.64
CA ILE E 618 32.23 -17.53 -41.14
C ILE E 618 32.56 -17.73 -42.62
N GLU E 619 33.38 -18.76 -42.86
CA GLU E 619 33.98 -19.03 -44.16
C GLU E 619 32.89 -19.39 -45.18
N THR E 620 31.91 -20.21 -44.77
CA THR E 620 30.88 -20.69 -45.69
C THR E 620 29.70 -19.71 -45.66
N GLY E 621 29.05 -19.63 -44.49
CA GLY E 621 27.80 -18.91 -44.32
C GLY E 621 26.74 -19.79 -43.66
N LEU E 622 26.11 -20.66 -44.48
CA LEU E 622 24.94 -21.43 -44.14
C LEU E 622 24.75 -21.55 -42.62
N LEU E 623 23.56 -21.16 -42.16
CA LEU E 623 23.20 -21.34 -40.76
C LEU E 623 22.83 -22.81 -40.54
N SER E 624 23.27 -23.33 -39.39
CA SER E 624 23.15 -24.74 -39.07
C SER E 624 22.70 -24.88 -37.61
N ASP E 625 22.10 -26.03 -37.28
CA ASP E 625 21.44 -26.26 -36.01
C ASP E 625 20.16 -25.42 -35.94
N ARG E 626 19.53 -25.39 -34.76
CA ARG E 626 18.42 -24.51 -34.46
C ARG E 626 18.08 -24.67 -32.98
N LYS E 627 18.07 -23.56 -32.24
CA LYS E 627 17.81 -23.61 -30.81
C LYS E 627 17.04 -22.34 -30.42
N LYS E 628 15.73 -22.51 -30.19
CA LYS E 628 14.85 -21.44 -29.75
C LYS E 628 14.76 -21.45 -28.24
N VAL E 629 14.52 -20.27 -27.65
CA VAL E 629 14.37 -20.14 -26.21
C VAL E 629 13.81 -18.75 -25.91
N THR E 630 12.82 -18.70 -25.02
CA THR E 630 12.10 -17.48 -24.74
C THR E 630 12.69 -16.80 -23.50
N LEU E 631 12.82 -15.46 -23.57
CA LEU E 631 13.37 -14.65 -22.48
C LEU E 631 12.30 -13.72 -21.90
N GLY E 632 11.26 -13.39 -22.66
CA GLY E 632 10.14 -12.62 -22.13
C GLY E 632 9.02 -12.41 -23.16
N THR E 633 8.01 -11.62 -22.79
CA THR E 633 7.00 -11.13 -23.72
C THR E 633 7.18 -9.62 -23.91
N GLN E 634 8.34 -9.10 -23.48
CA GLN E 634 8.84 -7.80 -23.93
C GLN E 634 10.03 -8.05 -24.86
N PRO E 635 10.11 -7.36 -26.01
CA PRO E 635 11.27 -7.44 -26.91
C PRO E 635 12.62 -7.39 -26.21
N THR E 636 13.63 -7.97 -26.87
CA THR E 636 14.94 -8.18 -26.27
C THR E 636 16.03 -7.73 -27.25
N VAL E 637 17.16 -7.25 -26.70
CA VAL E 637 18.17 -6.49 -27.44
C VAL E 637 19.57 -6.99 -27.09
N LEU E 638 20.42 -7.14 -28.11
CA LEU E 638 21.64 -7.94 -28.01
C LEU E 638 22.89 -7.06 -28.01
N ARG E 639 23.81 -7.29 -27.06
CA ARG E 639 25.04 -6.50 -26.97
C ARG E 639 26.22 -7.34 -26.47
N THR E 640 27.32 -7.28 -27.24
CA THR E 640 28.61 -7.88 -26.91
C THR E 640 29.12 -7.29 -25.61
N PHE E 641 30.20 -7.85 -25.05
CA PHE E 641 30.96 -7.20 -24.01
C PHE E 641 32.02 -8.13 -23.41
N ARG E 642 33.11 -7.52 -22.89
CA ARG E 642 34.16 -8.23 -22.15
C ARG E 642 34.03 -7.94 -20.66
N SER E 643 34.11 -9.00 -19.83
CA SER E 643 34.30 -8.86 -18.40
C SER E 643 34.55 -10.25 -17.78
N SER E 645 37.18 -11.28 -19.47
CA SER E 645 38.37 -11.94 -20.09
C SER E 645 38.01 -12.55 -21.45
N THR E 646 36.73 -12.94 -21.62
CA THR E 646 36.21 -13.43 -22.89
C THR E 646 34.99 -12.59 -23.30
N THR E 647 34.36 -12.97 -24.41
CA THR E 647 33.24 -12.22 -24.98
C THR E 647 31.91 -12.88 -24.57
N ASN E 648 30.97 -12.06 -24.08
CA ASN E 648 29.67 -12.50 -23.59
C ASN E 648 28.58 -11.98 -24.52
N VAL E 649 27.33 -12.07 -24.08
CA VAL E 649 26.22 -11.36 -24.69
C VAL E 649 25.30 -10.88 -23.58
N PHE E 650 24.78 -9.66 -23.75
CA PHE E 650 23.82 -9.11 -22.81
C PHE E 650 22.47 -8.96 -23.50
N ALA E 651 21.41 -9.33 -22.80
CA ALA E 651 20.09 -9.29 -23.38
C ALA E 651 19.20 -8.40 -22.54
N CYS E 652 18.72 -7.31 -23.14
CA CYS E 652 17.86 -6.36 -22.44
C CYS E 652 16.40 -6.74 -22.70
N SER E 653 15.64 -6.95 -21.61
CA SER E 653 14.19 -7.12 -21.69
C SER E 653 13.61 -7.11 -20.27
N ASP E 654 12.32 -7.43 -20.12
CA ASP E 654 11.77 -7.71 -18.81
C ASP E 654 12.86 -8.41 -18.00
N ARG E 655 13.39 -9.51 -18.58
CA ARG E 655 14.43 -10.29 -17.93
C ARG E 655 15.81 -9.89 -18.48
N PRO E 656 16.70 -9.35 -17.62
CA PRO E 656 18.09 -9.11 -17.99
C PRO E 656 18.84 -10.44 -18.03
N THR E 657 19.34 -10.77 -19.23
CA THR E 657 19.85 -12.10 -19.54
C THR E 657 21.29 -12.01 -20.04
N VAL E 658 22.22 -12.56 -19.26
CA VAL E 658 23.58 -12.78 -19.72
C VAL E 658 23.59 -14.07 -20.55
N ILE E 659 24.62 -14.19 -21.41
CA ILE E 659 24.96 -15.41 -22.09
C ILE E 659 26.47 -15.55 -22.04
N TYR E 660 27.00 -16.78 -22.08
CA TYR E 660 28.44 -17.00 -22.04
C TYR E 660 28.77 -18.46 -22.35
N SER E 661 30.04 -18.68 -22.71
CA SER E 661 30.61 -19.99 -23.01
C SER E 661 29.57 -20.92 -23.67
N ASN E 663 33.30 -24.07 -22.25
CA ASN E 663 32.75 -25.33 -21.67
C ASN E 663 31.74 -25.95 -22.66
N HIS E 664 31.34 -25.16 -23.67
CA HIS E 664 30.86 -25.64 -24.96
C HIS E 664 29.36 -25.94 -24.96
N LYS E 665 28.61 -24.97 -24.43
CA LYS E 665 27.16 -24.91 -24.56
C LYS E 665 26.76 -23.48 -24.24
N LEU E 666 25.85 -22.89 -25.01
CA LEU E 666 25.35 -21.56 -24.67
C LEU E 666 24.52 -21.68 -23.40
N VAL E 667 24.78 -20.77 -22.46
CA VAL E 667 24.27 -20.86 -21.10
C VAL E 667 23.62 -19.54 -20.71
N PHE E 668 22.30 -19.47 -20.82
CA PHE E 668 21.58 -18.29 -20.39
C PHE E 668 21.62 -18.20 -18.87
N SER E 669 21.26 -17.03 -18.33
CA SER E 669 21.15 -16.87 -16.88
C SER E 669 20.52 -15.53 -16.58
N ASN E 670 19.59 -15.55 -15.61
CA ASN E 670 18.91 -14.36 -15.14
C ASN E 670 19.93 -13.51 -14.38
N VAL E 671 19.84 -12.19 -14.58
CA VAL E 671 20.69 -11.23 -13.93
C VAL E 671 19.85 -10.55 -12.86
N ASN E 672 20.47 -10.18 -11.73
CA ASN E 672 19.77 -9.63 -10.58
C ASN E 672 19.58 -8.12 -10.75
N LEU E 673 18.48 -7.75 -11.43
CA LEU E 673 18.12 -6.37 -11.68
C LEU E 673 16.70 -6.32 -12.24
N LYS E 674 15.97 -5.24 -11.95
CA LYS E 674 14.72 -4.92 -12.63
C LYS E 674 15.04 -4.59 -14.09
N GLU E 675 14.02 -4.55 -14.95
CA GLU E 675 14.22 -4.51 -16.40
C GLU E 675 15.36 -3.56 -16.74
N VAL E 676 16.21 -3.98 -17.68
CA VAL E 676 17.21 -3.13 -18.33
C VAL E 676 16.78 -2.93 -19.78
N ASN E 677 16.71 -1.67 -20.21
CA ASN E 677 16.29 -1.34 -21.56
C ASN E 677 17.51 -1.31 -22.48
N TYR E 678 18.50 -0.48 -22.13
CA TYR E 678 19.70 -0.35 -22.93
C TYR E 678 20.91 -0.44 -22.01
N MET E 679 21.93 -1.15 -22.49
CA MET E 679 23.19 -1.26 -21.79
C MET E 679 24.34 -0.96 -22.74
N CYS E 680 25.52 -0.82 -22.16
CA CYS E 680 26.75 -0.87 -22.91
C CYS E 680 27.88 -1.19 -21.93
N PRO E 681 29.03 -1.67 -22.44
CA PRO E 681 30.24 -1.81 -21.63
C PRO E 681 30.83 -0.43 -21.36
N LEU E 682 31.80 -0.39 -20.46
CA LEU E 682 32.52 0.84 -20.20
C LEU E 682 33.95 0.48 -19.80
N ASN E 683 34.84 1.48 -19.83
CA ASN E 683 36.19 1.32 -19.33
C ASN E 683 36.78 2.71 -19.08
N SER E 684 36.28 3.39 -18.03
CA SER E 684 36.79 4.70 -17.66
C SER E 684 37.92 4.55 -16.66
N ASP E 685 38.57 5.67 -16.35
CA ASP E 685 39.62 5.70 -15.35
C ASP E 685 38.99 5.77 -13.96
N GLY E 686 37.67 5.99 -13.90
CA GLY E 686 36.92 5.96 -12.66
C GLY E 686 36.24 4.61 -12.42
N TYR E 687 35.77 3.97 -13.51
CA TYR E 687 34.94 2.78 -13.45
C TYR E 687 35.53 1.65 -14.30
N PRO E 688 36.63 0.99 -13.88
CA PRO E 688 37.31 0.01 -14.74
C PRO E 688 36.54 -1.29 -14.99
N ASP E 689 36.35 -1.63 -16.27
CA ASP E 689 35.71 -2.86 -16.72
C ASP E 689 34.32 -2.97 -16.12
N SER E 690 33.45 -2.04 -16.50
CA SER E 690 32.18 -1.84 -15.83
C SER E 690 31.05 -1.95 -16.84
N LEU E 691 29.88 -1.41 -16.49
CA LEU E 691 28.71 -1.50 -17.34
C LEU E 691 27.77 -0.33 -17.05
N ALA E 692 27.40 0.39 -18.13
CA ALA E 692 26.36 1.40 -18.08
C ALA E 692 25.04 0.75 -18.49
N LEU E 693 24.04 0.88 -17.61
CA LEU E 693 22.75 0.24 -17.77
C LEU E 693 21.67 1.32 -17.77
N ALA E 694 20.62 1.10 -18.57
CA ALA E 694 19.62 2.13 -18.76
C ALA E 694 18.22 1.52 -18.76
N ASN E 695 17.34 2.18 -18.02
CA ASN E 695 15.95 1.80 -17.89
C ASN E 695 15.11 2.97 -18.38
N ASN E 696 13.82 3.01 -18.00
CA ASN E 696 12.97 4.15 -18.35
C ASN E 696 13.45 5.39 -17.61
N SER E 697 14.06 5.21 -16.43
CA SER E 697 14.21 6.28 -15.45
C SER E 697 15.67 6.60 -15.08
N THR E 698 16.55 5.60 -15.12
CA THR E 698 17.82 5.69 -14.41
C THR E 698 18.97 5.03 -15.18
N LEU E 699 20.10 5.75 -15.24
CA LEU E 699 21.37 5.18 -15.65
C LEU E 699 21.97 4.46 -14.46
N THR E 700 22.71 3.39 -14.75
CA THR E 700 23.48 2.70 -13.74
C THR E 700 24.86 2.45 -14.32
N ILE E 701 25.86 2.47 -13.44
CA ILE E 701 27.21 2.10 -13.82
C ILE E 701 27.83 1.34 -12.66
N GLY E 702 28.23 0.09 -12.93
CA GLY E 702 28.88 -0.75 -11.93
C GLY E 702 29.63 -1.93 -12.57
N THR E 703 30.24 -2.76 -11.72
CA THR E 703 30.94 -3.97 -12.16
C THR E 703 30.08 -5.20 -11.84
N ILE E 704 30.10 -6.14 -12.80
CA ILE E 704 29.26 -7.33 -12.78
C ILE E 704 30.04 -8.44 -12.08
N ASP E 705 29.33 -9.52 -11.69
CA ASP E 705 29.92 -10.64 -10.99
C ASP E 705 30.51 -11.64 -12.00
N GLU E 706 31.42 -12.47 -11.49
CA GLU E 706 32.27 -13.36 -12.27
C GLU E 706 31.45 -14.53 -12.84
N ILE E 707 30.54 -15.09 -12.02
CA ILE E 707 29.71 -16.21 -12.41
C ILE E 707 28.49 -16.33 -11.49
N GLN E 708 27.43 -16.97 -12.00
CA GLN E 708 26.18 -17.21 -11.28
C GLN E 708 26.47 -17.73 -9.88
N LYS E 709 25.58 -17.37 -8.92
CA LYS E 709 25.56 -18.01 -7.62
C LYS E 709 24.18 -17.77 -6.98
N LEU E 710 24.14 -17.75 -5.65
CA LEU E 710 22.90 -17.51 -4.92
C LEU E 710 22.97 -16.18 -4.19
N HIS E 711 21.96 -15.33 -4.44
CA HIS E 711 21.77 -14.08 -3.72
C HIS E 711 20.60 -14.29 -2.74
N ILE E 712 20.76 -13.77 -1.52
CA ILE E 712 19.83 -14.06 -0.46
C ILE E 712 19.38 -12.77 0.21
N ARG E 713 18.07 -12.51 0.15
CA ARG E 713 17.44 -11.48 0.96
C ARG E 713 17.12 -12.01 2.36
N THR E 714 17.43 -11.17 3.34
CA THR E 714 17.26 -11.43 4.76
C THR E 714 16.12 -10.55 5.27
N VAL E 715 15.03 -11.15 5.76
CA VAL E 715 13.83 -10.42 6.16
C VAL E 715 13.51 -10.70 7.63
N PRO E 716 14.18 -10.04 8.60
CA PRO E 716 14.00 -10.35 10.02
C PRO E 716 12.60 -10.12 10.57
N LEU E 717 12.19 -11.00 11.52
CA LEU E 717 10.84 -11.05 12.06
C LEU E 717 10.84 -10.82 13.58
N TYR E 718 11.80 -11.44 14.27
CA TYR E 718 11.98 -11.28 15.70
C TYR E 718 11.00 -12.19 16.46
N GLU E 719 10.39 -13.14 15.74
CA GLU E 719 9.64 -14.24 16.34
C GLU E 719 10.04 -15.50 15.56
N SER E 720 9.38 -16.64 15.83
CA SER E 720 9.68 -17.86 15.08
C SER E 720 8.66 -18.06 13.96
N PRO E 721 9.09 -18.20 12.69
CA PRO E 721 8.18 -18.57 11.60
C PRO E 721 8.11 -20.09 11.55
N ARG E 722 7.06 -20.62 10.90
CA ARG E 722 6.87 -22.06 10.89
C ARG E 722 6.43 -22.53 9.50
N LYS E 723 5.35 -21.98 8.96
CA LYS E 723 4.86 -22.41 7.67
C LYS E 723 4.67 -21.20 6.75
N ILE E 724 4.71 -21.45 5.43
CA ILE E 724 4.58 -20.41 4.45
C ILE E 724 3.80 -20.98 3.26
N CYS E 725 3.13 -20.10 2.53
CA CYS E 725 2.57 -20.42 1.21
C CYS E 725 2.49 -19.13 0.39
N TYR E 726 1.92 -19.22 -0.82
CA TYR E 726 1.89 -18.07 -1.72
C TYR E 726 0.53 -17.94 -2.39
N GLN E 727 -0.13 -16.80 -2.15
CA GLN E 727 -1.35 -16.47 -2.83
C GLN E 727 -1.00 -15.60 -4.03
N GLU E 728 -1.03 -16.20 -5.23
CA GLU E 728 -0.59 -15.51 -6.44
C GLU E 728 -1.49 -14.31 -6.70
N VAL E 729 -2.81 -14.53 -6.57
CA VAL E 729 -3.80 -13.54 -6.99
C VAL E 729 -3.89 -12.43 -5.92
N SER E 730 -2.97 -12.42 -4.96
CA SER E 730 -2.95 -11.40 -3.92
C SER E 730 -1.51 -10.99 -3.53
N GLN E 731 -0.51 -11.39 -4.33
CA GLN E 731 0.81 -10.79 -4.28
C GLN E 731 1.29 -10.56 -2.85
N CYS E 732 1.23 -11.66 -2.08
CA CYS E 732 1.63 -11.66 -0.68
C CYS E 732 1.68 -13.10 -0.17
N PHE E 733 2.47 -13.28 0.91
CA PHE E 733 2.66 -14.57 1.53
C PHE E 733 1.85 -14.68 2.81
N GLY E 734 1.21 -15.85 3.01
CA GLY E 734 0.71 -16.25 4.31
C GLY E 734 1.82 -16.94 5.10
N VAL E 735 1.97 -16.54 6.38
CA VAL E 735 3.01 -17.05 7.26
C VAL E 735 2.41 -17.29 8.64
N LEU E 736 2.60 -18.50 9.18
CA LEU E 736 2.29 -18.74 10.59
C LEU E 736 3.56 -18.49 11.39
N SER E 737 3.40 -18.14 12.68
CA SER E 737 4.54 -17.70 13.49
C SER E 737 4.18 -17.57 14.96
N SER E 738 5.22 -17.62 15.80
CA SER E 738 5.06 -17.79 17.25
C SER E 738 6.01 -16.90 18.04
N ARG E 739 5.43 -16.11 18.94
CA ARG E 739 6.20 -15.24 19.82
C ARG E 739 6.02 -15.64 21.28
N ILE E 740 6.97 -15.16 22.09
CA ILE E 740 7.04 -15.45 23.51
C ILE E 740 6.46 -14.26 24.27
N GLU E 741 5.58 -14.54 25.25
CA GLU E 741 5.05 -13.52 26.15
C GLU E 741 5.20 -14.01 27.59
N VAL E 742 4.86 -13.15 28.56
CA VAL E 742 5.03 -13.45 29.99
C VAL E 742 3.74 -13.13 30.73
N GLN E 743 3.56 -13.77 31.90
CA GLN E 743 2.32 -13.76 32.66
C GLN E 743 1.79 -12.35 32.91
N ASP E 744 0.45 -12.22 32.90
CA ASP E 744 -0.27 -11.00 33.25
C ASP E 744 0.03 -9.91 32.21
N THR E 749 -0.91 -11.56 29.15
CA THR E 749 0.25 -11.94 28.31
C THR E 749 0.72 -10.72 27.51
N THR E 750 1.87 -10.16 27.91
CA THR E 750 2.47 -9.02 27.23
C THR E 750 3.96 -9.31 26.97
N ALA E 751 4.42 -8.91 25.77
CA ALA E 751 5.60 -9.50 25.14
C ALA E 751 6.90 -8.95 25.72
N LEU E 752 8.03 -9.49 25.21
CA LEU E 752 9.37 -9.14 25.65
C LEU E 752 9.94 -8.06 24.75
N ARG E 753 9.58 -8.13 23.46
CA ARG E 753 10.09 -7.21 22.45
C ARG E 753 9.07 -7.09 21.34
N PRO E 754 9.16 -6.07 20.47
CA PRO E 754 8.28 -5.98 19.29
C PRO E 754 8.67 -7.03 18.25
N SER E 755 7.67 -7.75 17.72
CA SER E 755 7.89 -8.80 16.75
C SER E 755 7.07 -8.48 15.50
N ALA E 756 7.15 -9.34 14.49
CA ALA E 756 6.38 -9.18 13.26
C ALA E 756 4.89 -9.11 13.56
N SER E 757 4.44 -9.86 14.58
CA SER E 757 3.02 -10.01 14.86
C SER E 757 2.51 -8.95 15.86
N THR E 758 3.39 -8.01 16.26
CA THR E 758 2.98 -6.92 17.15
C THR E 758 3.05 -5.58 16.39
N GLN E 759 3.29 -5.64 15.08
CA GLN E 759 3.53 -4.44 14.28
C GLN E 759 3.11 -4.67 12.84
N ALA E 760 1.82 -4.93 12.65
CA ALA E 760 1.24 -4.95 11.32
C ALA E 760 0.38 -3.70 11.16
N LEU E 761 -0.03 -3.44 9.91
CA LEU E 761 -1.04 -2.43 9.64
C LEU E 761 -2.34 -2.89 10.30
N SER E 762 -3.08 -3.77 9.60
CA SER E 762 -4.33 -4.30 10.11
C SER E 762 -4.06 -5.57 10.93
N SER E 763 -4.12 -5.46 12.27
CA SER E 763 -3.96 -6.59 13.18
C SER E 763 -5.33 -7.02 13.72
N SER E 764 -5.50 -8.32 14.00
CA SER E 764 -6.78 -8.84 14.47
C SER E 764 -6.57 -9.89 15.57
N VAL E 765 -7.66 -10.57 15.97
CA VAL E 765 -7.68 -11.49 17.11
C VAL E 765 -9.02 -12.25 17.13
N SER E 766 -9.19 -13.14 18.14
CA SER E 766 -10.40 -13.93 18.33
C SER E 766 -10.90 -13.95 19.78
N SER E 767 -10.21 -13.26 20.71
CA SER E 767 -10.70 -13.10 22.08
C SER E 767 -9.75 -12.23 22.90
N SER E 768 -10.31 -11.63 23.98
CA SER E 768 -9.66 -10.57 24.75
C SER E 768 -9.59 -10.91 26.24
N LYS E 769 -10.74 -11.35 26.80
CA LYS E 769 -10.92 -11.60 28.22
C LYS E 769 -11.75 -12.87 28.43
N LEU E 770 -11.15 -13.89 29.06
CA LEU E 770 -11.73 -15.22 29.15
C LEU E 770 -12.54 -15.37 30.44
N GLU E 784 6.79 -16.47 33.39
CA GLU E 784 6.73 -17.83 32.79
C GLU E 784 6.22 -17.73 31.36
N GLU E 785 6.77 -18.59 30.48
CA GLU E 785 6.66 -18.42 29.04
C GLU E 785 5.36 -19.04 28.51
N VAL E 786 4.84 -18.43 27.42
CA VAL E 786 3.69 -18.94 26.68
C VAL E 786 3.92 -18.62 25.19
N GLU E 787 3.18 -19.31 24.31
CA GLU E 787 3.37 -19.19 22.87
C GLU E 787 2.08 -18.72 22.21
N VAL E 788 2.19 -17.66 21.38
CA VAL E 788 1.03 -17.07 20.74
C VAL E 788 1.18 -17.16 19.23
N HIS E 789 0.13 -17.66 18.57
CA HIS E 789 0.19 -18.05 17.17
C HIS E 789 -0.56 -17.06 16.28
N ASN E 790 0.13 -16.63 15.22
CA ASN E 790 -0.37 -15.59 14.33
C ASN E 790 -0.17 -16.01 12.90
N LEU E 791 -1.19 -15.78 12.06
CA LEU E 791 -1.05 -15.90 10.62
C LEU E 791 -0.65 -14.54 10.05
N LEU E 792 0.64 -14.34 9.75
CA LEU E 792 1.11 -13.10 9.15
C LEU E 792 0.72 -13.09 7.68
N ILE E 793 0.39 -11.89 7.16
CA ILE E 793 0.24 -11.63 5.73
C ILE E 793 1.35 -10.69 5.31
N ILE E 794 2.13 -11.09 4.29
CA ILE E 794 3.36 -10.39 3.99
C ILE E 794 3.46 -10.13 2.49
N ASP E 795 3.86 -8.90 2.16
CA ASP E 795 3.80 -8.37 0.81
C ASP E 795 5.04 -8.80 0.05
N GLN E 796 4.82 -9.33 -1.16
CA GLN E 796 5.82 -10.08 -1.91
C GLN E 796 6.89 -9.13 -2.46
N HIS E 797 6.55 -7.83 -2.57
CA HIS E 797 7.48 -6.83 -3.06
C HIS E 797 8.16 -6.15 -1.87
N THR E 798 7.32 -5.69 -0.93
CA THR E 798 7.79 -4.86 0.17
C THR E 798 8.47 -5.72 1.23
N PHE E 799 7.79 -6.80 1.63
CA PHE E 799 8.11 -7.57 2.83
C PHE E 799 7.85 -6.69 4.04
N GLU E 800 6.60 -6.21 4.09
CA GLU E 800 6.01 -5.64 5.27
C GLU E 800 4.82 -6.50 5.66
N VAL E 801 4.34 -6.31 6.88
CA VAL E 801 3.33 -7.15 7.48
C VAL E 801 1.97 -6.49 7.32
N LEU E 802 1.18 -6.94 6.34
CA LEU E 802 -0.05 -6.26 5.98
C LEU E 802 -1.20 -6.60 6.92
N HIS E 803 -1.07 -7.72 7.66
CA HIS E 803 -2.07 -8.17 8.60
C HIS E 803 -1.46 -9.30 9.43
N ALA E 804 -1.81 -9.38 10.73
CA ALA E 804 -1.21 -10.35 11.63
C ALA E 804 -2.26 -10.93 12.61
N HIS E 805 -3.19 -11.73 12.05
CA HIS E 805 -4.25 -12.37 12.81
C HIS E 805 -3.65 -13.21 13.93
N GLN E 806 -4.37 -13.25 15.05
CA GLN E 806 -3.89 -13.93 16.26
C GLN E 806 -4.97 -14.90 16.73
N PHE E 807 -4.57 -16.17 16.83
CA PHE E 807 -5.50 -17.23 17.14
C PHE E 807 -5.83 -17.19 18.64
N LEU E 808 -6.61 -18.19 19.08
CA LEU E 808 -7.17 -18.22 20.42
C LEU E 808 -6.05 -18.43 21.43
N GLN E 809 -6.39 -18.36 22.72
CA GLN E 809 -5.41 -18.68 23.75
C GLN E 809 -5.45 -20.19 23.98
N ASN E 810 -4.24 -20.77 24.11
CA ASN E 810 -4.04 -22.21 24.09
C ASN E 810 -4.59 -22.79 22.78
N GLU E 811 -4.23 -22.13 21.67
CA GLU E 811 -4.31 -22.72 20.35
C GLU E 811 -2.91 -22.92 19.82
N TYR E 812 -2.84 -23.71 18.75
CA TYR E 812 -1.58 -24.05 18.12
C TYR E 812 -1.87 -24.28 16.63
N ALA E 813 -1.23 -23.45 15.80
CA ALA E 813 -1.44 -23.47 14.36
C ALA E 813 -0.50 -24.49 13.72
N LEU E 814 -1.10 -25.44 12.98
CA LEU E 814 -0.37 -26.57 12.44
C LEU E 814 -0.23 -26.45 10.94
N SER E 815 -1.36 -26.14 10.26
CA SER E 815 -1.46 -26.26 8.81
C SER E 815 -1.95 -24.95 8.16
N LEU E 816 -1.25 -24.56 7.08
CA LEU E 816 -1.51 -23.36 6.31
C LEU E 816 -1.51 -23.71 4.82
N VAL E 817 -2.37 -23.03 4.04
CA VAL E 817 -2.49 -23.36 2.63
C VAL E 817 -3.24 -22.28 1.88
N SER E 818 -2.66 -21.87 0.74
CA SER E 818 -3.27 -20.95 -0.21
C SER E 818 -3.91 -21.74 -1.36
N CYS E 819 -5.20 -21.48 -1.66
CA CYS E 819 -5.85 -22.13 -2.78
C CYS E 819 -7.29 -21.65 -2.98
N LYS E 820 -7.86 -22.08 -4.13
CA LYS E 820 -9.27 -21.99 -4.44
C LYS E 820 -9.95 -23.25 -3.94
N LEU E 821 -11.27 -23.35 -4.12
CA LEU E 821 -12.03 -24.55 -3.76
C LEU E 821 -13.28 -24.65 -4.64
N GLY E 822 -13.89 -25.84 -4.68
CA GLY E 822 -15.18 -26.06 -5.34
C GLY E 822 -15.20 -25.52 -6.76
N LYS E 823 -16.26 -24.77 -7.10
CA LYS E 823 -16.35 -24.02 -8.35
C LYS E 823 -16.48 -22.53 -8.04
N ASP E 824 -15.56 -22.06 -7.17
CA ASP E 824 -15.52 -20.69 -6.69
C ASP E 824 -14.26 -20.03 -7.24
N PRO E 825 -14.29 -18.73 -7.64
CA PRO E 825 -13.08 -18.02 -8.06
C PRO E 825 -12.29 -17.28 -6.98
N ASN E 826 -12.73 -17.41 -5.72
CA ASN E 826 -12.11 -16.77 -4.57
C ASN E 826 -11.01 -17.64 -3.99
N THR E 827 -9.82 -17.06 -3.79
CA THR E 827 -8.65 -17.78 -3.28
C THR E 827 -8.52 -17.49 -1.79
N TYR E 828 -8.53 -18.53 -0.96
CA TYR E 828 -8.58 -18.36 0.49
C TYR E 828 -7.28 -18.83 1.14
N PHE E 829 -6.90 -18.18 2.25
CA PHE E 829 -5.90 -18.74 3.15
C PHE E 829 -6.63 -19.68 4.13
N ILE E 830 -6.10 -20.90 4.36
CA ILE E 830 -6.79 -21.87 5.21
C ILE E 830 -5.83 -22.44 6.24
N VAL E 831 -6.31 -22.55 7.48
CA VAL E 831 -5.45 -22.89 8.58
C VAL E 831 -6.17 -23.86 9.52
N GLY E 832 -5.50 -24.97 9.81
CA GLY E 832 -5.93 -25.89 10.85
C GLY E 832 -5.17 -25.62 12.15
N THR E 833 -5.81 -25.92 13.27
CA THR E 833 -5.22 -25.69 14.57
C THR E 833 -5.44 -26.90 15.45
N ALA E 834 -4.62 -27.00 16.49
CA ALA E 834 -4.86 -27.95 17.55
C ALA E 834 -4.96 -27.21 18.88
N MET E 835 -5.97 -27.55 19.68
CA MET E 835 -6.18 -26.94 20.97
C MET E 835 -5.30 -27.64 22.00
N VAL E 836 -4.31 -26.89 22.52
CA VAL E 836 -3.21 -27.45 23.29
C VAL E 836 -3.30 -27.01 24.75
N TYR E 837 -3.96 -27.83 25.58
CA TYR E 837 -3.93 -27.65 27.02
C TYR E 837 -2.82 -28.54 27.57
N PRO E 838 -2.21 -28.21 28.72
CA PRO E 838 -1.16 -29.05 29.30
C PRO E 838 -1.59 -30.13 30.31
N GLU E 839 -2.91 -30.19 30.59
CA GLU E 839 -3.49 -31.30 31.32
C GLU E 839 -3.71 -32.47 30.35
N GLU E 840 -4.45 -32.19 29.28
CA GLU E 840 -4.71 -33.15 28.22
C GLU E 840 -3.41 -33.33 27.42
N ALA E 841 -2.90 -34.57 27.34
CA ALA E 841 -1.62 -34.82 26.69
C ALA E 841 -1.79 -35.05 25.18
N GLU E 842 -2.86 -35.77 24.78
CA GLU E 842 -3.32 -35.77 23.40
C GLU E 842 -4.23 -34.58 23.17
N PRO E 843 -4.53 -34.20 21.91
CA PRO E 843 -5.42 -33.08 21.63
C PRO E 843 -6.87 -33.50 21.35
N LYS E 844 -7.82 -32.74 21.89
CA LYS E 844 -9.21 -33.13 21.81
C LYS E 844 -9.91 -32.35 20.70
N GLN E 845 -9.66 -31.03 20.64
CA GLN E 845 -10.34 -30.17 19.71
C GLN E 845 -9.31 -29.37 18.89
N GLY E 846 -9.77 -28.92 17.72
CA GLY E 846 -9.00 -28.05 16.85
C GLY E 846 -9.89 -27.53 15.72
N ARG E 847 -9.40 -26.52 14.99
CA ARG E 847 -10.25 -25.82 14.06
C ARG E 847 -9.58 -25.78 12.69
N ILE E 848 -10.43 -25.76 11.66
CA ILE E 848 -10.04 -25.54 10.27
C ILE E 848 -10.68 -24.22 9.82
N VAL E 849 -9.89 -23.14 9.88
CA VAL E 849 -10.38 -21.80 9.61
C VAL E 849 -10.05 -21.42 8.17
N VAL E 850 -10.97 -20.68 7.58
CA VAL E 850 -10.78 -20.10 6.27
C VAL E 850 -10.65 -18.58 6.45
N PHE E 851 -9.90 -17.95 5.55
CA PHE E 851 -9.72 -16.50 5.54
C PHE E 851 -9.78 -16.01 4.10
N GLN E 852 -10.10 -14.72 3.93
CA GLN E 852 -10.06 -14.07 2.63
C GLN E 852 -9.30 -12.75 2.78
N TYR E 853 -8.18 -12.63 2.06
CA TYR E 853 -7.50 -11.35 1.97
C TYR E 853 -8.05 -10.62 0.76
N SER E 854 -8.87 -9.58 1.03
CA SER E 854 -9.50 -8.77 0.01
C SER E 854 -9.29 -7.30 0.32
N ASP E 855 -8.76 -6.56 -0.67
CA ASP E 855 -8.46 -5.14 -0.58
C ASP E 855 -7.32 -4.91 0.42
N GLY E 856 -7.65 -4.59 1.69
CA GLY E 856 -6.62 -4.25 2.66
C GLY E 856 -6.84 -4.87 4.05
N LYS E 857 -7.78 -5.82 4.15
CA LYS E 857 -8.17 -6.38 5.43
C LYS E 857 -8.26 -7.89 5.29
N LEU E 858 -8.32 -8.60 6.43
CA LEU E 858 -8.33 -10.05 6.45
C LEU E 858 -9.60 -10.55 7.14
N GLN E 859 -10.56 -10.97 6.31
CA GLN E 859 -11.88 -11.41 6.73
C GLN E 859 -11.75 -12.78 7.40
N THR E 860 -12.84 -13.23 8.04
CA THR E 860 -12.91 -14.55 8.62
C THR E 860 -14.16 -15.22 8.05
N VAL E 861 -13.98 -16.09 7.04
CA VAL E 861 -15.03 -16.45 6.09
C VAL E 861 -15.86 -17.64 6.56
N ALA E 862 -15.20 -18.61 7.20
CA ALA E 862 -15.87 -19.82 7.64
C ALA E 862 -15.05 -20.54 8.71
N GLU E 863 -15.74 -21.33 9.54
CA GLU E 863 -15.10 -22.08 10.61
C GLU E 863 -15.67 -23.50 10.68
N LYS E 864 -14.79 -24.45 11.03
CA LYS E 864 -15.17 -25.78 11.47
C LYS E 864 -14.40 -26.11 12.75
N GLU E 865 -15.16 -26.35 13.83
CA GLU E 865 -14.67 -27.03 15.01
C GLU E 865 -14.43 -28.50 14.62
N VAL E 866 -13.23 -29.00 14.89
CA VAL E 866 -12.93 -30.40 14.63
C VAL E 866 -12.35 -30.99 15.89
N LYS E 867 -12.62 -32.29 16.07
CA LYS E 867 -12.42 -32.97 17.34
C LYS E 867 -10.99 -33.51 17.40
N GLY E 868 -10.00 -32.61 17.29
CA GLY E 868 -8.61 -33.03 17.36
C GLY E 868 -7.69 -32.10 16.59
N ALA E 869 -6.58 -32.65 16.09
CA ALA E 869 -5.45 -31.89 15.56
C ALA E 869 -5.44 -31.95 14.04
N VAL E 870 -5.20 -30.80 13.41
CA VAL E 870 -5.13 -30.71 11.96
C VAL E 870 -3.65 -30.59 11.59
N TYR E 871 -2.97 -31.74 11.52
CA TYR E 871 -1.52 -31.78 11.38
C TYR E 871 -1.08 -31.34 9.98
N SER E 872 -1.98 -31.45 9.01
CA SER E 872 -1.69 -31.10 7.64
C SER E 872 -2.97 -31.08 6.80
N MET E 873 -3.07 -30.08 5.91
CA MET E 873 -4.10 -30.02 4.88
C MET E 873 -3.41 -29.95 3.51
N VAL E 874 -4.19 -30.06 2.42
CA VAL E 874 -3.65 -29.84 1.07
C VAL E 874 -4.75 -29.82 0.00
N GLU E 875 -4.51 -29.01 -1.05
CA GLU E 875 -5.44 -28.86 -2.16
C GLU E 875 -5.60 -30.20 -2.86
N PHE E 876 -6.80 -30.78 -2.78
CA PHE E 876 -7.06 -32.06 -3.44
C PHE E 876 -8.23 -31.90 -4.41
N ASN E 877 -7.95 -31.97 -5.72
CA ASN E 877 -8.97 -32.02 -6.76
C ASN E 877 -9.94 -30.83 -6.69
N GLY E 878 -9.55 -29.73 -6.03
CA GLY E 878 -10.44 -28.60 -5.81
C GLY E 878 -11.33 -28.80 -4.57
N LYS E 879 -10.92 -29.73 -3.71
CA LYS E 879 -11.55 -29.98 -2.42
C LYS E 879 -10.49 -29.84 -1.34
N LEU E 880 -10.93 -29.67 -0.10
CA LEU E 880 -10.00 -29.62 1.02
C LEU E 880 -9.84 -31.06 1.48
N LEU E 881 -8.58 -31.41 1.80
CA LEU E 881 -8.24 -32.70 2.35
C LEU E 881 -7.35 -32.49 3.57
N ALA E 882 -7.66 -33.21 4.66
CA ALA E 882 -7.12 -32.85 5.96
C ALA E 882 -6.83 -34.09 6.78
N SER E 883 -5.65 -34.09 7.41
CA SER E 883 -5.32 -35.03 8.45
C SER E 883 -5.81 -34.49 9.79
N ILE E 884 -6.55 -35.31 10.55
CA ILE E 884 -6.92 -34.95 11.91
C ILE E 884 -6.73 -36.16 12.80
N ASN E 885 -6.01 -35.96 13.91
CA ASN E 885 -5.42 -37.05 14.68
C ASN E 885 -5.09 -38.22 13.75
N SER E 886 -5.87 -39.29 13.90
CA SER E 886 -5.59 -40.56 13.25
C SER E 886 -6.61 -40.78 12.13
N THR E 887 -6.92 -39.69 11.41
CA THR E 887 -8.03 -39.66 10.49
C THR E 887 -7.66 -38.81 9.28
N VAL E 888 -8.23 -39.15 8.13
CA VAL E 888 -8.09 -38.33 6.95
C VAL E 888 -9.47 -37.98 6.45
N ARG E 889 -9.72 -36.68 6.22
CA ARG E 889 -11.05 -36.20 5.88
C ARG E 889 -11.01 -35.36 4.61
N LEU E 890 -12.07 -35.52 3.82
CA LEU E 890 -12.27 -34.72 2.63
C LEU E 890 -13.47 -33.80 2.85
N TYR E 891 -13.35 -32.56 2.34
CA TYR E 891 -14.39 -31.57 2.44
C TYR E 891 -14.73 -31.02 1.07
N GLU E 892 -16.02 -30.74 0.84
CA GLU E 892 -16.45 -29.91 -0.29
C GLU E 892 -16.65 -28.47 0.19
N TRP E 893 -16.81 -27.55 -0.76
CA TRP E 893 -17.00 -26.14 -0.48
C TRP E 893 -18.28 -25.66 -1.17
N THR E 894 -19.39 -25.72 -0.43
CA THR E 894 -20.74 -25.58 -1.00
C THR E 894 -20.96 -24.14 -1.45
N THR E 895 -22.18 -23.85 -1.88
CA THR E 895 -22.55 -22.50 -2.27
C THR E 895 -22.89 -21.65 -1.04
N GLU E 896 -23.01 -22.28 0.14
CA GLU E 896 -23.27 -21.55 1.38
C GLU E 896 -21.97 -20.99 1.96
N LYS E 897 -20.82 -21.46 1.44
CA LYS E 897 -19.51 -20.98 1.87
C LYS E 897 -19.17 -21.60 3.23
N GLU E 898 -19.35 -22.92 3.32
CA GLU E 898 -18.96 -23.74 4.45
C GLU E 898 -18.37 -25.05 3.94
N LEU E 899 -17.70 -25.79 4.83
CA LEU E 899 -17.11 -27.09 4.54
C LEU E 899 -18.08 -28.20 4.94
N ARG E 900 -18.60 -28.95 3.96
CA ARG E 900 -19.35 -30.17 4.24
C ARG E 900 -18.46 -31.39 3.98
N THR E 901 -18.35 -32.23 5.01
CA THR E 901 -17.54 -33.44 4.96
C THR E 901 -18.07 -34.37 3.87
N GLU E 902 -17.24 -34.65 2.85
CA GLU E 902 -17.66 -35.53 1.78
C GLU E 902 -17.36 -36.99 2.16
N CYS E 903 -16.10 -37.28 2.50
CA CYS E 903 -15.69 -38.63 2.81
C CYS E 903 -14.75 -38.69 4.00
N ASN E 904 -14.99 -39.70 4.85
CA ASN E 904 -14.23 -39.93 6.06
C ASN E 904 -13.34 -41.15 5.80
N HIS E 905 -12.18 -41.23 6.47
CA HIS E 905 -11.35 -42.42 6.42
C HIS E 905 -10.46 -42.51 7.67
N TYR E 906 -10.92 -43.36 8.60
CA TYR E 906 -10.17 -43.70 9.79
C TYR E 906 -9.06 -44.66 9.37
N ASN E 907 -7.82 -44.40 9.79
CA ASN E 907 -6.68 -45.27 9.51
C ASN E 907 -5.82 -45.37 10.77
N ASN E 908 -4.75 -46.18 10.70
CA ASN E 908 -4.07 -46.69 11.89
C ASN E 908 -2.98 -45.73 12.38
N ILE E 909 -2.52 -44.82 11.51
CA ILE E 909 -1.41 -43.95 11.87
C ILE E 909 -1.90 -42.53 12.08
N MET E 910 -1.29 -41.86 13.07
CA MET E 910 -1.51 -40.45 13.31
C MET E 910 -1.06 -39.71 12.06
N ALA E 911 -2.02 -39.42 11.17
CA ALA E 911 -1.74 -38.84 9.86
C ALA E 911 -0.96 -37.54 10.02
N LEU E 912 0.36 -37.67 10.16
CA LEU E 912 1.24 -36.54 10.39
C LEU E 912 1.58 -35.87 9.06
N TYR E 913 2.21 -36.65 8.18
CA TYR E 913 2.52 -36.15 6.87
C TYR E 913 1.34 -36.41 5.94
N LEU E 914 1.19 -35.52 4.97
CA LEU E 914 0.23 -35.71 3.89
C LEU E 914 0.78 -35.00 2.66
N LYS E 915 0.85 -35.75 1.55
CA LYS E 915 1.17 -35.24 0.22
C LYS E 915 0.24 -35.95 -0.76
N THR E 916 0.24 -35.50 -2.02
CA THR E 916 -0.68 -36.09 -2.98
C THR E 916 -0.35 -35.68 -4.40
N LYS E 917 -0.89 -36.49 -5.33
CA LYS E 917 -0.87 -36.25 -6.77
C LYS E 917 -2.05 -37.01 -7.35
N GLY E 918 -2.82 -36.38 -8.23
CA GLY E 918 -3.98 -37.04 -8.82
C GLY E 918 -4.88 -37.63 -7.73
N ASP E 919 -5.23 -38.91 -7.88
CA ASP E 919 -6.17 -39.57 -6.98
C ASP E 919 -5.45 -40.17 -5.77
N PHE E 920 -4.11 -40.14 -5.75
CA PHE E 920 -3.34 -40.82 -4.72
C PHE E 920 -3.07 -39.90 -3.54
N ILE E 921 -2.71 -40.51 -2.40
CA ILE E 921 -2.47 -39.81 -1.15
C ILE E 921 -1.45 -40.60 -0.33
N LEU E 922 -0.36 -39.92 0.07
CA LEU E 922 0.65 -40.52 0.92
C LEU E 922 0.48 -40.00 2.35
N VAL E 923 0.61 -40.89 3.33
CA VAL E 923 0.31 -40.53 4.71
C VAL E 923 1.43 -41.03 5.61
N GLY E 924 2.27 -40.09 6.04
CA GLY E 924 3.36 -40.42 6.95
C GLY E 924 2.89 -40.44 8.40
N ASP E 925 3.65 -41.15 9.24
CA ASP E 925 3.63 -40.89 10.67
C ASP E 925 5.07 -40.84 11.15
N LEU E 926 5.27 -40.24 12.33
CA LEU E 926 6.58 -39.98 12.89
C LEU E 926 7.41 -41.25 12.90
N MET E 927 6.73 -42.39 12.70
CA MET E 927 7.29 -43.71 12.92
C MET E 927 7.67 -44.36 11.58
N ARG E 928 7.96 -43.56 10.55
CA ARG E 928 8.47 -44.08 9.29
C ARG E 928 7.42 -44.98 8.63
N SER E 929 6.21 -44.93 9.17
CA SER E 929 5.14 -45.81 8.71
C SER E 929 4.38 -45.07 7.63
N VAL E 930 4.36 -45.67 6.43
CA VAL E 930 3.97 -44.96 5.21
C VAL E 930 2.77 -45.67 4.58
N LEU E 931 1.89 -44.91 3.93
CA LEU E 931 0.64 -45.43 3.45
C LEU E 931 0.26 -44.73 2.16
N LEU E 932 -0.39 -45.46 1.25
CA LEU E 932 -0.82 -44.85 0.01
C LEU E 932 -2.31 -45.10 -0.17
N LEU E 933 -3.10 -44.01 -0.20
CA LEU E 933 -4.54 -44.11 -0.36
C LEU E 933 -4.95 -43.62 -1.74
N ALA E 934 -6.20 -43.88 -2.11
CA ALA E 934 -6.71 -43.48 -3.41
C ALA E 934 -8.22 -43.24 -3.36
N TYR E 935 -8.61 -41.97 -3.54
CA TYR E 935 -10.00 -41.61 -3.75
C TYR E 935 -10.49 -42.36 -4.98
N LYS E 936 -11.71 -42.92 -4.88
CA LYS E 936 -12.36 -43.54 -6.02
C LYS E 936 -13.69 -42.84 -6.26
N PRO E 937 -13.77 -41.88 -7.23
CA PRO E 937 -14.96 -41.04 -7.39
C PRO E 937 -16.28 -41.80 -7.38
N MET E 938 -16.26 -42.98 -8.00
CA MET E 938 -17.48 -43.73 -8.32
C MET E 938 -17.92 -44.55 -7.10
N GLU E 939 -17.20 -44.42 -5.99
CA GLU E 939 -17.59 -44.98 -4.70
C GLU E 939 -17.72 -43.89 -3.64
N GLY E 940 -17.11 -42.72 -3.87
CA GLY E 940 -17.01 -41.69 -2.86
C GLY E 940 -16.33 -42.20 -1.59
N ASN E 941 -15.20 -42.90 -1.78
CA ASN E 941 -14.57 -43.64 -0.70
C ASN E 941 -13.07 -43.78 -0.97
N PHE E 942 -12.30 -43.80 0.13
CA PHE E 942 -10.87 -44.00 0.11
C PHE E 942 -10.58 -45.51 0.13
N GLU E 943 -9.38 -45.89 -0.35
CA GLU E 943 -9.01 -47.28 -0.55
C GLU E 943 -7.51 -47.44 -0.41
N GLU E 944 -7.07 -48.28 0.55
CA GLU E 944 -5.66 -48.39 0.91
C GLU E 944 -4.91 -49.21 -0.13
N ILE E 945 -4.12 -48.53 -0.96
CA ILE E 945 -3.49 -49.17 -2.11
C ILE E 945 -2.21 -49.85 -1.70
N ALA E 946 -1.52 -49.35 -0.66
CA ALA E 946 -0.26 -49.93 -0.23
C ALA E 946 0.24 -49.26 1.04
N ARG E 947 1.24 -49.89 1.66
CA ARG E 947 1.67 -49.54 3.01
C ARG E 947 3.08 -50.07 3.29
N ASP E 948 3.82 -49.42 4.20
CA ASP E 948 5.13 -49.93 4.63
C ASP E 948 5.55 -49.32 5.96
N PHE E 949 6.02 -50.21 6.86
CA PHE E 949 6.24 -49.88 8.26
C PHE E 949 7.58 -50.47 8.68
N ASN E 950 8.63 -49.64 8.71
CA ASN E 950 9.95 -50.07 9.16
C ASN E 950 10.37 -49.13 10.28
N PRO E 951 9.96 -49.41 11.54
CA PRO E 951 10.06 -48.45 12.64
C PRO E 951 11.26 -47.52 12.70
N ASN E 952 11.02 -46.21 12.50
CA ASN E 952 12.08 -45.21 12.53
C ASN E 952 11.47 -43.80 12.61
N TRP E 953 12.34 -42.80 12.69
CA TRP E 953 11.94 -41.42 12.90
C TRP E 953 11.92 -40.63 11.60
N MET E 954 10.77 -40.71 10.89
CA MET E 954 10.57 -39.96 9.66
C MET E 954 10.44 -38.47 9.97
N SER E 955 11.14 -37.64 9.18
CA SER E 955 11.21 -36.20 9.38
C SER E 955 10.49 -35.44 8.28
N ALA E 956 10.31 -36.08 7.11
CA ALA E 956 9.38 -35.63 6.08
C ALA E 956 9.24 -36.72 5.01
N VAL E 957 8.29 -36.51 4.09
CA VAL E 957 8.10 -37.38 2.94
C VAL E 957 7.81 -36.52 1.74
N GLU E 958 7.86 -37.14 0.56
CA GLU E 958 7.40 -36.55 -0.70
C GLU E 958 7.06 -37.66 -1.68
N ILE E 959 6.21 -37.31 -2.65
CA ILE E 959 5.94 -38.12 -3.84
C ILE E 959 6.89 -37.63 -4.92
N LEU E 960 7.68 -38.53 -5.50
CA LEU E 960 8.50 -38.16 -6.66
C LEU E 960 7.67 -38.34 -7.92
N ASP E 961 7.17 -39.56 -8.15
CA ASP E 961 6.15 -39.81 -9.16
C ASP E 961 5.25 -40.93 -8.65
N ASP E 962 4.18 -41.21 -9.38
CA ASP E 962 3.15 -42.16 -8.96
C ASP E 962 3.79 -43.29 -8.14
N ASP E 963 4.83 -43.92 -8.69
CA ASP E 963 5.35 -45.19 -8.20
C ASP E 963 6.24 -45.02 -6.96
N ASN E 964 7.00 -43.92 -6.87
CA ASN E 964 8.08 -43.83 -5.89
C ASN E 964 7.78 -42.81 -4.82
N PHE E 965 8.63 -42.74 -3.79
CA PHE E 965 8.38 -41.87 -2.65
C PHE E 965 9.68 -41.60 -1.89
N LEU E 966 10.26 -40.43 -2.14
CA LEU E 966 11.35 -39.97 -1.30
C LEU E 966 10.83 -39.81 0.14
N GLY E 967 11.75 -39.96 1.09
CA GLY E 967 11.47 -39.73 2.49
C GLY E 967 12.77 -39.69 3.29
N ALA E 968 12.79 -38.84 4.33
CA ALA E 968 13.93 -38.78 5.24
C ALA E 968 13.62 -39.63 6.46
N GLU E 969 14.68 -40.16 7.10
CA GLU E 969 14.51 -40.91 8.33
C GLU E 969 15.75 -40.74 9.19
N ASN E 970 15.81 -41.53 10.26
CA ASN E 970 16.65 -41.20 11.39
C ASN E 970 18.11 -41.25 10.99
N ALA E 971 18.91 -40.49 11.74
CA ALA E 971 20.35 -40.41 11.61
C ALA E 971 20.74 -39.66 10.33
N PHE E 972 19.86 -38.75 9.90
CA PHE E 972 20.11 -37.97 8.71
C PHE E 972 20.25 -38.92 7.53
N ASN E 973 19.12 -39.42 7.03
CA ASN E 973 19.13 -40.38 5.94
C ASN E 973 17.92 -40.19 5.04
N LEU E 974 18.12 -40.40 3.73
CA LEU E 974 17.03 -40.46 2.77
C LEU E 974 16.60 -41.92 2.61
N PHE E 975 15.52 -42.12 1.84
CA PHE E 975 15.11 -43.45 1.42
C PHE E 975 13.97 -43.33 0.41
N VAL E 976 13.92 -44.27 -0.53
CA VAL E 976 12.87 -44.30 -1.52
C VAL E 976 11.95 -45.47 -1.17
N CYS E 977 10.74 -45.46 -1.75
CA CYS E 977 9.83 -46.58 -1.73
C CYS E 977 9.16 -46.67 -3.10
N GLN E 978 8.85 -47.90 -3.52
CA GLN E 978 8.32 -48.12 -4.86
C GLN E 978 7.06 -48.96 -4.77
N LYS E 979 6.11 -48.69 -5.69
CA LYS E 979 4.79 -49.31 -5.67
C LYS E 979 4.91 -50.77 -6.11
N ASP E 980 5.31 -51.00 -7.37
CA ASP E 980 5.22 -52.29 -8.03
C ASP E 980 6.56 -53.02 -7.94
N GLU E 987 -3.42 -59.41 -4.06
CA GLU E 987 -2.18 -60.12 -4.46
C GLU E 987 -1.11 -59.81 -3.40
N GLU E 988 -0.07 -59.07 -3.79
CA GLU E 988 0.80 -58.42 -2.82
C GLU E 988 1.33 -57.10 -3.40
N ARG E 989 0.45 -56.37 -4.09
CA ARG E 989 0.78 -55.07 -4.67
C ARG E 989 0.48 -53.97 -3.65
N GLN E 990 0.37 -54.35 -2.37
CA GLN E 990 0.19 -53.40 -1.28
C GLN E 990 1.44 -53.34 -0.42
N HIS E 991 2.56 -53.92 -0.90
CA HIS E 991 3.84 -53.80 -0.22
C HIS E 991 4.70 -52.79 -0.99
N LEU E 992 5.28 -51.85 -0.23
CA LEU E 992 6.20 -50.86 -0.75
C LEU E 992 7.63 -51.29 -0.41
N GLN E 993 8.45 -51.46 -1.45
CA GLN E 993 9.79 -52.02 -1.34
C GLN E 993 10.75 -50.93 -0.87
N GLU E 994 12.01 -51.29 -0.62
CA GLU E 994 13.00 -50.36 -0.09
C GLU E 994 14.14 -50.21 -1.09
N VAL E 995 13.94 -49.41 -2.15
CA VAL E 995 14.77 -49.44 -3.34
C VAL E 995 15.90 -48.39 -3.28
N GLY E 996 15.89 -47.50 -2.28
CA GLY E 996 16.92 -46.49 -2.16
C GLY E 996 17.19 -46.08 -0.71
N LEU E 997 18.47 -46.17 -0.30
CA LEU E 997 18.91 -45.73 1.02
C LEU E 997 20.22 -44.96 0.87
N PHE E 998 20.28 -43.74 1.44
CA PHE E 998 21.46 -42.88 1.32
C PHE E 998 21.64 -42.09 2.61
N HIS E 999 22.88 -42.00 3.09
CA HIS E 999 23.18 -41.21 4.27
C HIS E 999 23.49 -39.77 3.87
N LEU E 1000 22.53 -38.85 4.07
CA LEU E 1000 22.71 -37.46 3.66
C LEU E 1000 23.79 -36.81 4.53
N GLY E 1001 23.45 -36.57 5.81
CA GLY E 1001 24.29 -35.78 6.71
C GLY E 1001 23.53 -34.57 7.24
N GLU E 1002 22.28 -34.38 6.78
CA GLU E 1002 21.47 -33.24 7.18
C GLU E 1002 20.04 -33.69 7.48
N PHE E 1003 19.52 -33.29 8.64
CA PHE E 1003 18.11 -33.48 8.95
C PHE E 1003 17.28 -32.67 7.94
N VAL E 1004 16.45 -33.36 7.17
CA VAL E 1004 15.55 -32.70 6.22
C VAL E 1004 14.23 -32.37 6.92
N ASN E 1005 13.74 -31.14 6.74
CA ASN E 1005 12.48 -30.71 7.31
C ASN E 1005 11.42 -30.48 6.23
N VAL E 1006 11.81 -30.37 4.96
CA VAL E 1006 10.83 -30.03 3.94
C VAL E 1006 11.26 -30.45 2.54
N PHE E 1007 10.27 -30.90 1.75
CA PHE E 1007 10.43 -31.27 0.35
C PHE E 1007 9.41 -30.49 -0.47
N CYS E 1008 9.84 -30.00 -1.64
CA CYS E 1008 8.97 -29.23 -2.52
C CYS E 1008 9.46 -29.31 -3.96
N HIS E 1009 8.60 -29.82 -4.84
CA HIS E 1009 8.83 -29.76 -6.28
C HIS E 1009 9.21 -28.32 -6.62
N GLY E 1010 10.26 -28.15 -7.43
CA GLY E 1010 10.65 -26.85 -7.96
C GLY E 1010 12.13 -26.82 -8.35
N SER E 1011 12.51 -25.79 -9.13
CA SER E 1011 13.86 -25.69 -9.68
C SER E 1011 14.46 -24.30 -9.47
N LEU E 1012 15.71 -24.12 -9.91
CA LEU E 1012 16.36 -22.82 -9.82
C LEU E 1012 17.02 -22.38 -11.13
N VAL E 1013 16.50 -22.85 -12.28
CA VAL E 1013 16.87 -22.30 -13.59
C VAL E 1013 15.69 -22.43 -14.56
N MET E 1014 15.61 -21.50 -15.52
CA MET E 1014 14.58 -21.46 -16.55
C MET E 1014 14.14 -22.86 -16.97
N GLN E 1015 12.85 -23.04 -17.27
CA GLN E 1015 12.35 -24.35 -17.69
C GLN E 1015 11.90 -24.29 -19.15
N ASN E 1016 11.86 -25.50 -19.74
CA ASN E 1016 11.91 -25.69 -21.19
C ASN E 1016 10.60 -26.31 -21.68
N PRO E 1023 18.15 -36.45 -20.19
CA PRO E 1023 18.71 -35.92 -18.96
C PRO E 1023 17.82 -36.14 -17.74
N THR E 1024 18.03 -35.34 -16.68
CA THR E 1024 17.29 -35.44 -15.42
C THR E 1024 15.81 -35.20 -15.65
N GLN E 1025 14.97 -36.09 -15.06
CA GLN E 1025 13.52 -36.00 -15.12
C GLN E 1025 13.00 -35.50 -13.78
N GLY E 1026 12.40 -34.30 -13.80
CA GLY E 1026 11.82 -33.69 -12.61
C GLY E 1026 12.91 -33.14 -11.68
N SER E 1027 12.47 -32.75 -10.47
CA SER E 1027 13.38 -32.28 -9.43
C SER E 1027 12.63 -32.06 -8.13
N VAL E 1028 13.35 -32.16 -7.00
CA VAL E 1028 12.80 -31.85 -5.69
C VAL E 1028 13.88 -31.19 -4.82
N LEU E 1029 13.53 -30.00 -4.30
CA LEU E 1029 14.39 -29.24 -3.42
C LEU E 1029 14.10 -29.61 -1.99
N PHE E 1030 15.08 -29.40 -1.12
CA PHE E 1030 14.87 -29.73 0.28
C PHE E 1030 15.67 -28.78 1.16
N GLY E 1031 15.10 -28.49 2.33
CA GLY E 1031 15.60 -27.53 3.29
C GLY E 1031 15.95 -28.24 4.60
N THR E 1032 16.76 -27.57 5.43
CA THR E 1032 17.61 -28.26 6.37
C THR E 1032 17.77 -27.49 7.67
N VAL E 1033 18.21 -28.22 8.69
CA VAL E 1033 18.44 -27.68 10.02
C VAL E 1033 19.74 -26.90 10.07
N ASN E 1034 20.79 -27.46 9.47
CA ASN E 1034 22.05 -26.76 9.29
C ASN E 1034 21.90 -25.74 8.16
N GLY E 1035 20.70 -25.67 7.57
CA GLY E 1035 20.37 -24.65 6.60
C GLY E 1035 20.97 -24.93 5.23
N MET E 1036 21.45 -26.15 5.02
CA MET E 1036 21.89 -26.56 3.70
C MET E 1036 20.65 -26.80 2.85
N ILE E 1037 20.63 -26.27 1.63
CA ILE E 1037 19.56 -26.61 0.70
C ILE E 1037 20.12 -27.69 -0.22
N GLY E 1038 19.30 -28.73 -0.45
CA GLY E 1038 19.68 -29.82 -1.34
C GLY E 1038 18.65 -30.04 -2.45
N LEU E 1039 18.99 -30.96 -3.34
CA LEU E 1039 18.16 -31.27 -4.48
C LEU E 1039 18.22 -32.77 -4.81
N VAL E 1040 17.18 -33.26 -5.47
CA VAL E 1040 17.06 -34.67 -5.82
C VAL E 1040 16.27 -34.80 -7.12
N THR E 1041 16.78 -35.61 -8.07
CA THR E 1041 16.02 -35.93 -9.27
C THR E 1041 16.33 -37.34 -9.74
N SER E 1042 15.29 -37.99 -10.29
CA SER E 1042 15.41 -39.31 -10.89
C SER E 1042 16.29 -39.22 -12.13
N LEU E 1043 17.10 -40.25 -12.37
CA LEU E 1043 17.91 -40.39 -13.58
C LEU E 1043 17.22 -41.36 -14.53
N SER E 1044 17.84 -41.59 -15.70
CA SER E 1044 17.51 -42.76 -16.50
C SER E 1044 18.54 -43.83 -16.17
N GLU E 1045 18.21 -45.09 -16.53
CA GLU E 1045 18.91 -46.25 -16.03
C GLU E 1045 20.32 -46.28 -16.61
N SER E 1046 20.38 -46.17 -17.93
CA SER E 1046 21.65 -46.03 -18.62
C SER E 1046 22.61 -45.15 -17.81
N TRP E 1047 22.16 -43.93 -17.48
CA TRP E 1047 23.02 -42.96 -16.82
C TRP E 1047 23.49 -43.50 -15.46
N TYR E 1048 22.53 -43.85 -14.60
CA TYR E 1048 22.83 -44.27 -13.23
C TYR E 1048 23.98 -45.27 -13.25
N ASN E 1049 23.87 -46.28 -14.12
CA ASN E 1049 24.89 -47.31 -14.24
C ASN E 1049 26.26 -46.65 -14.29
N LEU E 1050 26.48 -45.88 -15.38
CA LEU E 1050 27.76 -45.21 -15.65
C LEU E 1050 28.11 -44.33 -14.45
N LEU E 1051 27.16 -43.50 -14.03
CA LEU E 1051 27.46 -42.48 -13.04
C LEU E 1051 27.81 -43.16 -11.71
N LEU E 1052 27.27 -44.35 -11.46
CA LEU E 1052 27.69 -45.09 -10.28
C LEU E 1052 29.10 -45.60 -10.52
N ASP E 1053 29.32 -46.23 -11.68
CA ASP E 1053 30.66 -46.66 -12.08
C ASP E 1053 31.60 -45.48 -11.88
N MET E 1054 31.22 -44.35 -12.48
CA MET E 1054 32.00 -43.12 -12.37
C MET E 1054 32.49 -43.00 -10.93
N GLN E 1055 31.55 -43.15 -9.97
CA GLN E 1055 31.82 -42.91 -8.56
C GLN E 1055 33.00 -43.75 -8.10
N ASN E 1056 32.84 -45.08 -8.16
CA ASN E 1056 33.93 -45.96 -7.80
C ASN E 1056 35.22 -45.31 -8.28
N ARG E 1057 35.26 -45.05 -9.59
CA ARG E 1057 36.46 -44.58 -10.27
C ARG E 1057 37.00 -43.34 -9.57
N LEU E 1058 36.11 -42.40 -9.24
CA LEU E 1058 36.54 -41.13 -8.69
C LEU E 1058 37.00 -41.30 -7.24
N ASN E 1059 36.64 -42.41 -6.60
CA ASN E 1059 36.97 -42.62 -5.20
C ASN E 1059 38.39 -43.17 -5.03
N LYS E 1060 39.06 -43.49 -6.13
CA LYS E 1060 40.43 -43.96 -6.09
C LYS E 1060 41.39 -42.83 -6.48
N VAL E 1061 40.81 -41.73 -6.96
CA VAL E 1061 41.58 -40.57 -7.37
C VAL E 1061 41.53 -39.53 -6.24
N ILE E 1062 40.31 -39.08 -5.90
CA ILE E 1062 40.11 -37.90 -5.08
C ILE E 1062 40.66 -38.13 -3.67
N LYS E 1063 41.25 -37.07 -3.10
CA LYS E 1063 41.82 -37.09 -1.78
C LYS E 1063 40.73 -36.77 -0.76
N SER E 1064 40.51 -37.69 0.19
CA SER E 1064 39.50 -37.52 1.23
C SER E 1064 40.13 -36.83 2.43
N VAL E 1065 39.38 -35.91 3.05
CA VAL E 1065 39.96 -34.98 4.00
C VAL E 1065 40.67 -35.77 5.10
N GLY E 1066 39.89 -36.48 5.93
CA GLY E 1066 40.44 -37.23 7.05
C GLY E 1066 40.68 -38.69 6.69
N LYS E 1067 40.91 -38.94 5.40
CA LYS E 1067 40.92 -40.29 4.84
C LYS E 1067 39.72 -41.08 5.36
N ILE E 1068 38.53 -40.50 5.18
CA ILE E 1068 37.28 -41.20 5.36
C ILE E 1068 36.80 -41.64 3.98
N GLU E 1069 36.51 -42.94 3.83
CA GLU E 1069 36.20 -43.51 2.53
C GLU E 1069 34.77 -43.10 2.16
N HIS E 1070 34.58 -42.61 0.92
CA HIS E 1070 33.31 -42.05 0.48
C HIS E 1070 32.20 -43.09 0.58
N SER E 1071 32.51 -44.36 0.29
CA SER E 1071 31.50 -45.41 0.24
C SER E 1071 30.96 -45.73 1.64
N PHE E 1072 31.65 -45.26 2.68
CA PHE E 1072 31.28 -45.45 4.08
C PHE E 1072 30.32 -44.35 4.53
N TRP E 1073 30.77 -43.09 4.43
CA TRP E 1073 30.00 -41.92 4.81
C TRP E 1073 28.57 -42.07 4.28
N ARG E 1074 28.43 -42.18 2.95
CA ARG E 1074 27.12 -42.14 2.30
C ARG E 1074 26.35 -43.43 2.55
N SER E 1075 27.02 -44.46 3.07
CA SER E 1075 26.31 -45.60 3.62
C SER E 1075 25.46 -45.14 4.81
N PHE E 1076 24.21 -45.59 4.78
CA PHE E 1076 23.16 -45.37 5.78
C PHE E 1076 23.73 -45.52 7.21
N HIS E 1077 22.93 -45.18 8.24
CA HIS E 1077 23.43 -45.22 9.60
C HIS E 1077 22.30 -45.38 10.63
N THR E 1078 22.60 -46.14 11.71
CA THR E 1078 21.85 -46.13 12.97
C THR E 1078 22.80 -46.39 14.14
N LYS E 1081 22.01 -50.57 12.65
CA LYS E 1081 22.01 -51.30 11.35
C LYS E 1081 22.59 -50.42 10.23
N THR E 1082 23.81 -50.78 9.79
CA THR E 1082 24.53 -50.04 8.76
C THR E 1082 24.53 -50.88 7.48
N GLU E 1083 23.93 -50.35 6.41
CA GLU E 1083 24.03 -50.98 5.10
C GLU E 1083 24.56 -49.94 4.10
N PRO E 1084 25.22 -50.35 3.00
CA PRO E 1084 25.74 -49.39 2.02
C PRO E 1084 24.70 -48.90 1.03
N ALA E 1085 25.00 -47.74 0.44
CA ALA E 1085 24.02 -46.88 -0.19
C ALA E 1085 23.64 -47.39 -1.58
N THR E 1086 22.33 -47.36 -1.86
CA THR E 1086 21.78 -47.85 -3.12
C THR E 1086 20.82 -46.80 -3.68
N GLY E 1087 20.67 -46.79 -5.02
CA GLY E 1087 19.62 -46.05 -5.69
C GLY E 1087 19.88 -44.54 -5.73
N PHE E 1088 21.02 -44.11 -5.19
CA PHE E 1088 21.30 -42.69 -4.99
C PHE E 1088 22.74 -42.40 -5.39
N ILE E 1089 22.90 -41.45 -6.32
CA ILE E 1089 24.21 -41.01 -6.78
C ILE E 1089 24.59 -39.71 -6.10
N ASP E 1090 25.71 -39.75 -5.38
CA ASP E 1090 26.29 -38.59 -4.75
C ASP E 1090 26.71 -37.59 -5.83
N GLY E 1091 25.78 -36.73 -6.26
CA GLY E 1091 26.02 -35.74 -7.30
C GLY E 1091 27.04 -34.68 -6.87
N ASP E 1092 27.05 -34.38 -5.56
CA ASP E 1092 28.06 -33.52 -4.94
C ASP E 1092 29.46 -33.97 -5.37
N LEU E 1093 29.64 -35.28 -5.52
CA LEU E 1093 30.91 -35.86 -5.92
C LEU E 1093 31.07 -35.87 -7.44
N ILE E 1094 30.07 -36.37 -8.18
CA ILE E 1094 30.14 -36.40 -9.64
C ILE E 1094 30.76 -35.10 -10.11
N GLU E 1095 30.34 -34.01 -9.48
CA GLU E 1095 30.74 -32.68 -9.90
C GLU E 1095 32.23 -32.49 -9.67
N SER E 1096 32.71 -32.91 -8.50
CA SER E 1096 34.11 -32.74 -8.13
C SER E 1096 35.03 -33.39 -9.17
N PHE E 1097 34.45 -33.86 -10.29
CA PHE E 1097 35.17 -34.32 -11.46
C PHE E 1097 35.83 -33.16 -12.20
N LEU E 1098 35.21 -31.97 -12.15
CA LEU E 1098 35.62 -30.84 -12.96
C LEU E 1098 36.66 -30.00 -12.21
N ASP E 1099 36.76 -30.16 -10.88
CA ASP E 1099 37.78 -29.50 -10.09
C ASP E 1099 38.89 -30.50 -9.74
N ILE E 1100 39.35 -31.25 -10.75
CA ILE E 1100 40.53 -32.09 -10.65
C ILE E 1100 41.33 -31.87 -11.94
N SER E 1101 42.59 -32.30 -11.95
CA SER E 1101 43.49 -31.95 -13.05
C SER E 1101 43.24 -32.83 -14.28
N ARG E 1102 43.87 -32.45 -15.40
CA ARG E 1102 43.66 -33.06 -16.71
C ARG E 1102 44.40 -34.39 -16.87
N PRO E 1103 45.45 -34.72 -16.06
CA PRO E 1103 46.00 -36.10 -16.05
C PRO E 1103 45.05 -37.07 -15.35
N LYS E 1104 44.33 -36.54 -14.36
CA LYS E 1104 43.48 -37.34 -13.50
C LYS E 1104 42.16 -37.62 -14.23
N MET E 1105 41.62 -36.60 -14.91
CA MET E 1105 40.44 -36.81 -15.73
C MET E 1105 40.69 -38.00 -16.65
N GLN E 1106 41.90 -38.06 -17.25
CA GLN E 1106 42.29 -39.17 -18.10
C GLN E 1106 42.29 -40.47 -17.29
N GLU E 1107 42.98 -40.46 -16.15
CA GLU E 1107 43.05 -41.61 -15.25
C GLU E 1107 41.65 -42.21 -15.08
N VAL E 1108 40.67 -41.36 -14.76
CA VAL E 1108 39.31 -41.77 -14.45
C VAL E 1108 38.71 -42.44 -15.69
N VAL E 1109 38.65 -41.67 -16.79
CA VAL E 1109 37.90 -42.06 -17.97
C VAL E 1109 38.68 -43.11 -18.78
N ALA E 1110 39.50 -43.91 -18.10
CA ALA E 1110 40.49 -44.76 -18.76
C ALA E 1110 39.80 -45.83 -19.60
N ASN E 1111 38.94 -46.63 -18.95
CA ASN E 1111 38.39 -47.83 -19.56
C ASN E 1111 36.87 -47.79 -19.45
N LEU E 1112 36.22 -47.06 -20.35
CA LEU E 1112 34.80 -46.80 -20.27
C LEU E 1112 34.13 -46.93 -21.63
N GLN E 1113 32.84 -47.30 -21.59
CA GLN E 1113 31.99 -47.40 -22.78
C GLN E 1113 30.90 -46.32 -22.70
N TYR E 1114 31.09 -45.23 -23.47
CA TYR E 1114 30.16 -44.11 -23.49
C TYR E 1114 28.98 -44.43 -24.41
N ASP E 1115 27.76 -44.09 -23.97
CA ASP E 1115 26.55 -44.54 -24.63
C ASP E 1115 26.17 -43.58 -25.77
N ASP E 1116 26.32 -44.09 -27.01
CA ASP E 1116 25.74 -43.48 -28.21
C ASP E 1116 25.87 -44.46 -29.38
N GLY E 1117 24.98 -44.32 -30.38
CA GLY E 1117 24.87 -45.27 -31.47
C GLY E 1117 26.22 -45.81 -31.93
N LYS E 1121 29.02 -47.50 -29.41
CA LYS E 1121 29.74 -47.42 -28.12
C LYS E 1121 31.24 -47.66 -28.36
N ARG E 1122 32.09 -46.83 -27.72
CA ARG E 1122 33.54 -46.90 -27.87
C ARG E 1122 34.23 -46.24 -26.69
N GLU E 1123 35.58 -46.23 -26.72
CA GLU E 1123 36.40 -45.74 -25.62
C GLU E 1123 36.06 -44.28 -25.33
N ALA E 1124 36.15 -43.90 -24.05
CA ALA E 1124 35.61 -42.63 -23.56
C ALA E 1124 36.72 -41.61 -23.34
N THR E 1125 36.49 -40.37 -23.79
CA THR E 1125 37.46 -39.29 -23.68
C THR E 1125 37.35 -38.69 -22.29
N ALA E 1126 38.22 -37.73 -21.98
CA ALA E 1126 37.95 -36.82 -20.87
C ALA E 1126 36.76 -35.93 -21.23
N ASP E 1127 36.64 -35.57 -22.52
CA ASP E 1127 35.67 -34.60 -23.02
C ASP E 1127 34.34 -35.27 -23.38
N ASP E 1128 34.08 -36.46 -22.84
CA ASP E 1128 32.77 -37.07 -22.91
C ASP E 1128 32.07 -36.97 -21.55
N LEU E 1129 32.85 -37.01 -20.46
CA LEU E 1129 32.34 -36.93 -19.10
C LEU E 1129 32.23 -35.47 -18.68
N ILE E 1130 33.15 -34.65 -19.20
CA ILE E 1130 33.06 -33.20 -19.06
C ILE E 1130 31.71 -32.74 -19.59
N LYS E 1131 31.42 -33.06 -20.86
CA LYS E 1131 30.14 -32.75 -21.48
C LYS E 1131 28.98 -33.28 -20.63
N VAL E 1132 29.21 -34.39 -19.90
CA VAL E 1132 28.19 -34.99 -19.04
C VAL E 1132 28.11 -34.22 -17.72
N VAL E 1133 29.22 -34.20 -16.99
CA VAL E 1133 29.22 -33.62 -15.65
C VAL E 1133 28.76 -32.16 -15.68
N GLU E 1134 28.84 -31.50 -16.85
CA GLU E 1134 28.36 -30.13 -16.94
C GLU E 1134 26.84 -30.11 -17.09
N GLU E 1135 26.26 -30.91 -18.01
CA GLU E 1135 24.81 -30.98 -18.15
C GLU E 1135 24.17 -31.30 -16.79
N LEU E 1136 25.02 -31.69 -15.82
CA LEU E 1136 24.61 -32.10 -14.48
C LEU E 1136 24.76 -30.95 -13.46
N THR E 1137 25.30 -29.81 -13.91
CA THR E 1137 25.47 -28.65 -13.04
C THR E 1137 24.47 -27.56 -13.44
N ARG E 1138 23.56 -27.90 -14.36
CA ARG E 1138 22.64 -26.95 -14.96
C ARG E 1138 21.22 -27.24 -14.46
N ILE E 1139 21.14 -27.80 -13.24
CA ILE E 1139 19.91 -27.87 -12.46
C ILE E 1139 20.06 -26.97 -11.23
N HIS E 1140 21.12 -26.16 -11.21
CA HIS E 1140 21.23 -25.02 -10.32
C HIS E 1140 22.49 -24.22 -10.70
N ASN F 10 -9.31 -57.11 52.29
CA ASN F 10 -8.59 -57.50 51.04
C ASN F 10 -7.80 -58.77 51.30
N PHE F 11 -7.27 -59.36 50.22
CA PHE F 11 -6.51 -60.61 50.27
C PHE F 11 -5.07 -60.35 49.84
N ASP F 12 -4.35 -61.40 49.41
CA ASP F 12 -2.96 -61.29 48.98
C ASP F 12 -2.86 -61.39 47.46
N THR F 13 -2.43 -60.28 46.83
CA THR F 13 -2.45 -60.11 45.39
C THR F 13 -1.34 -60.95 44.72
N SER F 14 -0.68 -61.81 45.49
CA SER F 14 0.52 -62.51 45.05
C SER F 14 0.34 -64.03 45.01
N LEU F 15 -0.90 -64.48 45.24
CA LEU F 15 -1.16 -65.92 45.30
C LEU F 15 -1.59 -66.44 43.93
N PRO F 16 -2.65 -65.89 43.27
CA PRO F 16 -3.10 -66.45 42.00
C PRO F 16 -2.17 -66.16 40.83
N THR F 17 -1.01 -65.54 41.11
CA THR F 17 0.06 -65.37 40.12
C THR F 17 1.21 -66.33 40.41
N SER F 18 1.26 -66.90 41.63
CA SER F 18 2.15 -68.02 41.90
C SER F 18 1.40 -69.35 41.81
N HIS F 19 0.15 -69.31 41.29
CA HIS F 19 -0.62 -70.48 40.89
C HIS F 19 -0.55 -71.61 41.91
N THR F 20 -1.21 -71.41 43.07
CA THR F 20 -1.12 -72.34 44.20
C THR F 20 -2.09 -73.50 44.04
N TYR F 21 -2.90 -73.47 42.97
CA TYR F 21 -3.92 -74.48 42.72
C TYR F 21 -3.26 -75.76 42.19
N LEU F 22 -2.14 -75.63 41.47
CA LEU F 22 -1.50 -76.73 40.77
C LEU F 22 -0.96 -77.76 41.77
N GLY F 23 0.03 -77.32 42.56
CA GLY F 23 0.73 -78.22 43.47
C GLY F 23 1.36 -77.42 44.61
N ALA F 24 1.89 -78.14 45.59
CA ALA F 24 2.46 -77.55 46.79
C ALA F 24 3.75 -76.81 46.45
N ASP F 25 4.73 -77.57 45.97
CA ASP F 25 6.00 -77.02 45.50
C ASP F 25 6.50 -77.89 44.36
N MET F 26 7.22 -77.25 43.42
CA MET F 26 7.71 -77.90 42.21
C MET F 26 9.23 -77.75 42.16
N GLU F 27 9.84 -78.07 41.00
CA GLU F 27 11.25 -77.82 40.78
C GLU F 27 11.44 -76.46 40.10
N GLU F 28 12.16 -75.54 40.76
CA GLU F 28 12.37 -74.19 40.25
C GLU F 28 13.62 -74.15 39.38
N PHE F 29 13.64 -73.20 38.43
CA PHE F 29 14.77 -73.02 37.53
C PHE F 29 15.14 -71.55 37.45
N HIS F 30 16.45 -71.30 37.30
CA HIS F 30 16.96 -69.98 36.94
C HIS F 30 17.14 -69.96 35.43
N GLY F 31 16.32 -69.15 34.76
CA GLY F 31 16.22 -69.16 33.31
C GLY F 31 17.28 -68.28 32.65
N ARG F 32 18.39 -68.90 32.23
CA ARG F 32 19.51 -68.21 31.61
C ARG F 32 19.83 -68.88 30.27
N THR F 33 19.10 -68.51 29.22
CA THR F 33 19.23 -69.15 27.92
C THR F 33 18.41 -68.38 26.88
N LEU F 34 18.94 -67.22 26.45
CA LEU F 34 18.33 -66.44 25.38
C LEU F 34 19.20 -66.55 24.12
N HIS F 35 18.52 -66.54 22.95
CA HIS F 35 19.15 -66.75 21.64
C HIS F 35 19.42 -65.42 20.95
N ASP F 36 20.67 -65.23 20.51
CA ASP F 36 21.07 -63.99 19.86
C ASP F 36 20.27 -63.79 18.58
N ASP F 37 20.07 -62.52 18.21
CA ASP F 37 18.94 -62.10 17.41
C ASP F 37 19.08 -62.63 15.99
N ASP F 38 17.95 -62.70 15.28
CA ASP F 38 17.86 -63.13 13.88
C ASP F 38 18.40 -64.56 13.68
N SER F 39 18.58 -65.31 14.78
CA SER F 39 19.25 -66.61 14.74
C SER F 39 18.29 -67.70 14.27
N CYS F 40 18.83 -68.69 13.54
CA CYS F 40 18.04 -69.78 13.01
C CYS F 40 17.97 -70.93 14.02
N GLN F 41 16.79 -71.07 14.64
CA GLN F 41 16.58 -72.03 15.71
C GLN F 41 15.46 -72.99 15.35
N VAL F 42 15.66 -74.24 15.79
CA VAL F 42 14.70 -75.33 15.63
C VAL F 42 14.12 -75.68 16.99
N ILE F 43 12.81 -75.45 17.16
CA ILE F 43 12.17 -75.56 18.46
C ILE F 43 10.96 -76.46 18.34
N PRO F 44 10.62 -77.26 19.39
CA PRO F 44 9.43 -78.10 19.40
C PRO F 44 8.18 -77.52 20.07
N VAL F 45 7.02 -77.88 19.52
CA VAL F 45 5.74 -77.26 19.85
C VAL F 45 4.77 -78.33 20.32
N LEU F 46 4.30 -78.23 21.57
CA LEU F 46 3.31 -79.14 22.11
C LEU F 46 2.02 -78.95 21.34
N PRO F 47 1.32 -80.04 20.97
CA PRO F 47 0.09 -79.94 20.19
C PRO F 47 -1.02 -79.63 21.18
N GLN F 48 -2.21 -79.26 20.67
CA GLN F 48 -3.37 -78.96 21.49
C GLN F 48 -3.29 -77.55 22.11
N VAL F 49 -2.08 -77.07 22.38
CA VAL F 49 -1.87 -75.82 23.08
C VAL F 49 -2.09 -74.65 22.12
N MET F 50 -3.37 -74.30 21.90
CA MET F 50 -3.73 -73.06 21.23
C MET F 50 -3.57 -71.91 22.22
N MET F 51 -2.98 -70.81 21.75
CA MET F 51 -2.80 -69.62 22.55
C MET F 51 -1.78 -68.74 21.84
N ILE F 52 -1.93 -67.43 22.00
CA ILE F 52 -0.97 -66.48 21.49
C ILE F 52 -0.20 -65.92 22.67
N LEU F 53 0.98 -66.49 22.93
CA LEU F 53 1.68 -66.26 24.19
C LEU F 53 2.54 -65.02 24.07
N ILE F 54 2.63 -64.26 25.15
CA ILE F 54 3.39 -63.03 25.22
C ILE F 54 4.62 -63.28 26.08
N PRO F 55 5.76 -62.60 25.82
CA PRO F 55 6.87 -62.55 26.79
C PRO F 55 6.38 -62.13 28.18
N GLY F 56 7.20 -62.37 29.21
CA GLY F 56 6.89 -61.94 30.57
C GLY F 56 5.56 -62.48 31.11
N GLN F 57 4.79 -63.17 30.26
CA GLN F 57 3.52 -63.77 30.65
C GLN F 57 3.76 -65.21 31.10
N THR F 58 3.33 -65.52 32.33
CA THR F 58 3.43 -66.88 32.87
C THR F 58 2.42 -67.79 32.19
N LEU F 59 2.79 -69.08 32.09
CA LEU F 59 1.95 -70.08 31.45
C LEU F 59 2.04 -71.39 32.22
N PRO F 60 1.05 -71.71 33.07
CA PRO F 60 0.92 -73.04 33.65
C PRO F 60 0.30 -73.98 32.62
N LEU F 61 0.68 -75.26 32.71
CA LEU F 61 0.21 -76.28 31.79
C LEU F 61 0.21 -77.63 32.51
N GLN F 62 -0.81 -78.45 32.20
CA GLN F 62 -0.87 -79.84 32.61
C GLN F 62 -1.01 -80.73 31.37
N LEU F 63 -0.31 -81.87 31.39
CA LEU F 63 -0.14 -82.72 30.22
C LEU F 63 -0.40 -84.17 30.59
N PHE F 64 -1.30 -84.80 29.81
CA PHE F 64 -1.86 -86.11 30.13
C PHE F 64 -1.18 -87.20 29.30
N HIS F 65 -1.26 -87.07 27.97
CA HIS F 65 -0.83 -88.13 27.07
C HIS F 65 0.69 -88.29 27.20
N PRO F 66 1.30 -89.41 26.77
CA PRO F 66 2.72 -89.65 27.00
C PRO F 66 3.66 -89.01 25.98
N GLN F 67 3.21 -88.89 24.74
CA GLN F 67 3.98 -88.16 23.75
C GLN F 67 4.26 -86.75 24.25
N GLU F 68 3.24 -86.10 24.82
CA GLU F 68 3.42 -84.82 25.46
C GLU F 68 4.40 -84.96 26.62
N VAL F 69 4.33 -86.10 27.33
CA VAL F 69 5.16 -86.31 28.51
C VAL F 69 6.63 -86.47 28.12
N SER F 70 6.88 -87.26 27.07
CA SER F 70 8.22 -87.60 26.65
C SER F 70 8.94 -86.39 26.07
N MET F 71 8.19 -85.57 25.32
CA MET F 71 8.69 -84.30 24.80
C MET F 71 9.12 -83.39 25.96
N VAL F 72 8.34 -83.39 27.05
CA VAL F 72 8.61 -82.55 28.20
C VAL F 72 9.79 -83.09 28.99
N ARG F 73 9.64 -84.33 29.49
CA ARG F 73 10.56 -84.91 30.45
C ARG F 73 12.00 -84.92 29.93
N ASN F 74 12.18 -84.78 28.60
CA ASN F 74 13.49 -84.66 27.98
C ASN F 74 13.91 -83.20 27.84
N LEU F 75 12.91 -82.32 27.65
CA LEU F 75 13.11 -80.89 27.54
C LEU F 75 13.33 -80.29 28.94
N ILE F 76 13.77 -81.12 29.90
CA ILE F 76 14.13 -80.63 31.21
C ILE F 76 15.65 -80.63 31.36
N GLN F 77 16.36 -81.06 30.30
CA GLN F 77 17.81 -81.19 30.32
C GLN F 77 18.43 -80.14 29.39
N LYS F 78 17.85 -80.05 28.19
CA LYS F 78 18.22 -79.11 27.15
C LYS F 78 17.69 -77.71 27.49
N ASP F 79 16.93 -77.10 26.56
CA ASP F 79 16.59 -75.69 26.60
C ASP F 79 15.66 -75.41 27.77
N ARG F 80 14.56 -76.18 27.82
CA ARG F 80 13.43 -75.94 28.71
C ARG F 80 12.41 -75.06 27.98
N THR F 81 12.84 -74.45 26.87
CA THR F 81 11.96 -73.60 26.08
C THR F 81 11.21 -74.47 25.08
N PHE F 82 9.98 -74.06 24.75
CA PHE F 82 9.24 -74.63 23.65
C PHE F 82 8.28 -73.59 23.07
N ALA F 83 7.85 -73.84 21.83
CA ALA F 83 7.19 -72.82 21.04
C ALA F 83 5.69 -72.83 21.28
N VAL F 84 5.03 -71.78 20.77
CA VAL F 84 3.63 -71.53 20.97
C VAL F 84 3.16 -70.61 19.84
N LEU F 85 2.30 -71.14 18.97
CA LEU F 85 2.16 -70.55 17.66
C LEU F 85 0.88 -69.71 17.56
N ALA F 86 1.03 -68.50 17.00
CA ALA F 86 -0.08 -67.58 16.78
C ALA F 86 -0.94 -68.08 15.62
N TYR F 87 -2.26 -68.20 15.87
CA TYR F 87 -3.18 -68.86 14.95
C TYR F 87 -4.34 -67.94 14.57
N SER F 88 -4.19 -67.23 13.44
CA SER F 88 -5.28 -66.48 12.85
C SER F 88 -6.14 -67.40 11.98
N ASN F 89 -7.47 -67.15 12.02
CA ASN F 89 -8.50 -67.94 11.34
C ASN F 89 -8.01 -69.35 11.03
N VAL F 90 -7.38 -69.54 9.86
CA VAL F 90 -7.18 -70.84 9.26
C VAL F 90 -5.87 -70.81 8.43
N GLU F 94 -1.72 -73.34 8.57
CA GLU F 94 -0.31 -73.13 8.99
C GLU F 94 -0.22 -71.86 9.83
N ALA F 95 0.96 -71.68 10.46
CA ALA F 95 1.26 -70.55 11.33
C ALA F 95 2.41 -69.72 10.77
N GLN F 96 2.63 -68.53 11.35
CA GLN F 96 3.64 -67.61 10.85
C GLN F 96 4.55 -67.11 11.98
N PHE F 97 3.96 -66.55 13.04
CA PHE F 97 4.73 -66.03 14.14
C PHE F 97 4.48 -66.93 15.35
N GLY F 98 5.00 -66.54 16.52
CA GLY F 98 4.73 -67.23 17.77
C GLY F 98 5.74 -66.86 18.83
N THR F 99 5.76 -67.61 19.94
CA THR F 99 6.52 -67.22 21.11
C THR F 99 7.19 -68.43 21.75
N THR F 100 8.43 -68.24 22.19
CA THR F 100 9.15 -69.28 22.92
C THR F 100 8.71 -69.23 24.37
N ALA F 101 8.78 -70.38 25.06
CA ALA F 101 8.31 -70.49 26.43
C ALA F 101 9.22 -71.41 27.25
N GLU F 102 10.01 -70.78 28.13
CA GLU F 102 10.96 -71.45 29.00
C GLU F 102 10.27 -71.89 30.29
N ILE F 103 10.47 -73.17 30.65
CA ILE F 103 9.80 -73.78 31.78
C ILE F 103 10.58 -73.47 33.05
N TYR F 104 10.09 -72.51 33.83
CA TYR F 104 10.77 -72.09 35.05
C TYR F 104 10.43 -73.06 36.18
N ALA F 105 9.26 -73.71 36.06
CA ALA F 105 8.77 -74.63 37.07
C ALA F 105 8.15 -75.86 36.42
N TYR F 106 8.17 -76.98 37.16
CA TYR F 106 7.84 -78.29 36.61
C TYR F 106 7.73 -79.33 37.71
N ARG F 107 6.52 -79.87 37.89
CA ARG F 107 6.34 -81.06 38.70
C ARG F 107 5.52 -82.07 37.88
N GLU F 108 6.05 -83.29 37.88
CA GLU F 108 5.41 -84.44 37.28
C GLU F 108 5.02 -85.38 38.41
N GLU F 109 3.72 -85.74 38.45
CA GLU F 109 3.13 -86.46 39.57
C GLU F 109 2.94 -87.93 39.17
N GLN F 110 3.73 -88.81 39.83
CA GLN F 110 3.54 -90.26 39.75
C GLN F 110 2.65 -90.68 40.92
N ASP F 111 2.40 -91.99 41.04
CA ASP F 111 1.68 -92.55 42.17
C ASP F 111 0.17 -92.29 41.99
N PHE F 112 -0.26 -91.05 42.28
CA PHE F 112 -1.67 -90.67 42.22
C PHE F 112 -2.45 -91.66 41.37
N GLY F 113 -2.15 -91.72 40.06
CA GLY F 113 -2.93 -92.49 39.10
C GLY F 113 -2.09 -92.94 37.90
N ILE F 114 -2.30 -92.29 36.74
CA ILE F 114 -1.54 -92.59 35.52
C ILE F 114 -0.25 -91.77 35.54
N GLU F 115 -0.11 -90.83 34.60
CA GLU F 115 1.10 -90.03 34.47
C GLU F 115 0.67 -88.61 34.12
N ILE F 116 0.91 -87.65 35.02
CA ILE F 116 0.52 -86.25 34.81
C ILE F 116 1.74 -85.35 34.97
N VAL F 117 1.82 -84.32 34.10
CA VAL F 117 2.82 -83.27 34.18
C VAL F 117 2.11 -81.94 34.43
N LYS F 118 2.59 -81.19 35.43
CA LYS F 118 2.24 -79.79 35.56
C LYS F 118 3.51 -78.97 35.37
N VAL F 119 3.42 -77.87 34.62
CA VAL F 119 4.56 -77.00 34.36
C VAL F 119 4.16 -75.55 34.61
N LYS F 120 5.18 -74.69 34.68
CA LYS F 120 4.99 -73.25 34.64
C LYS F 120 6.06 -72.65 33.73
N ALA F 121 5.66 -72.34 32.50
CA ALA F 121 6.55 -71.73 31.53
C ALA F 121 6.51 -70.21 31.68
N ILE F 122 7.40 -69.53 30.94
CA ILE F 122 7.31 -68.10 30.73
C ILE F 122 7.81 -67.80 29.31
N GLY F 123 6.98 -67.10 28.54
CA GLY F 123 7.40 -66.65 27.22
C GLY F 123 8.80 -66.04 27.26
N ARG F 124 9.59 -66.23 26.21
CA ARG F 124 10.93 -65.68 26.19
C ARG F 124 11.06 -64.66 25.05
N GLN F 125 10.81 -65.10 23.80
CA GLN F 125 11.05 -64.22 22.66
C GLN F 125 9.99 -64.44 21.58
N ARG F 126 9.81 -63.40 20.76
CA ARG F 126 8.92 -63.45 19.61
C ARG F 126 9.64 -64.28 18.54
N PHE F 127 9.03 -64.45 17.36
CA PHE F 127 9.76 -65.05 16.25
C PHE F 127 8.88 -65.22 15.02
N LYS F 128 9.57 -65.38 13.89
CA LYS F 128 8.98 -65.71 12.61
C LYS F 128 9.13 -67.22 12.41
N VAL F 129 8.07 -67.83 11.89
CA VAL F 129 8.16 -69.20 11.42
C VAL F 129 8.71 -69.15 10.00
N LEU F 130 9.51 -70.18 9.68
CA LEU F 130 10.08 -70.37 8.35
C LEU F 130 9.50 -71.66 7.73
N GLU F 131 9.56 -72.75 8.50
CA GLU F 131 9.05 -74.05 8.06
C GLU F 131 8.71 -74.89 9.28
N LEU F 132 7.71 -75.76 9.12
CA LEU F 132 7.22 -76.62 10.20
C LEU F 132 7.29 -78.09 9.77
N ARG F 133 8.26 -78.83 10.34
CA ARG F 133 8.48 -80.23 10.01
C ARG F 133 7.76 -81.13 11.02
N THR F 134 6.67 -81.74 10.57
CA THR F 134 5.89 -82.67 11.38
C THR F 134 6.68 -83.95 11.60
N GLN F 135 7.13 -84.19 12.84
CA GLN F 135 7.66 -85.50 13.19
C GLN F 135 6.47 -86.46 13.32
N SER F 136 6.75 -87.73 13.64
CA SER F 136 5.75 -88.79 13.58
C SER F 136 5.01 -88.94 14.92
N ASP F 137 5.63 -88.49 16.02
CA ASP F 137 5.08 -88.65 17.35
C ASP F 137 4.11 -87.52 17.68
N GLY F 138 3.48 -86.94 16.66
CA GLY F 138 2.55 -85.82 16.84
C GLY F 138 3.27 -84.49 17.02
N ILE F 139 4.33 -84.51 17.85
CA ILE F 139 5.16 -83.36 18.12
C ILE F 139 5.64 -82.75 16.80
N GLN F 140 5.80 -81.41 16.78
CA GLN F 140 6.43 -80.69 15.69
C GLN F 140 7.78 -80.14 16.14
N GLN F 141 8.68 -79.92 15.17
CA GLN F 141 9.84 -79.05 15.38
C GLN F 141 9.81 -77.93 14.34
N ALA F 142 10.08 -76.71 14.81
CA ALA F 142 9.83 -75.50 14.03
C ALA F 142 11.16 -74.82 13.69
N LYS F 143 11.38 -74.62 12.37
CA LYS F 143 12.46 -73.79 11.87
C LYS F 143 12.03 -72.33 12.01
N VAL F 144 12.72 -71.60 12.89
CA VAL F 144 12.20 -70.34 13.38
C VAL F 144 13.33 -69.32 13.52
N GLN F 145 13.08 -68.12 12.98
CA GLN F 145 13.98 -66.99 13.14
C GLN F 145 13.47 -66.16 14.32
N ILE F 146 14.40 -65.84 15.23
CA ILE F 146 14.10 -64.96 16.34
C ILE F 146 13.71 -63.59 15.78
N LEU F 147 12.87 -62.86 16.53
CA LEU F 147 12.70 -61.43 16.30
C LEU F 147 13.46 -60.68 17.41
N PRO F 148 14.22 -59.62 17.06
CA PRO F 148 14.75 -58.70 18.06
C PRO F 148 13.65 -57.68 18.37
N GLU F 149 13.86 -56.86 19.39
CA GLU F 149 13.00 -55.71 19.64
C GLU F 149 13.73 -54.46 19.13
N CYS F 150 13.26 -53.89 18.02
CA CYS F 150 13.91 -52.71 17.44
C CYS F 150 13.62 -51.53 18.38
N VAL F 151 14.71 -50.86 18.80
CA VAL F 151 14.66 -49.75 19.74
C VAL F 151 15.14 -48.51 19.01
N LEU F 152 14.34 -47.44 19.09
CA LEU F 152 14.77 -46.14 18.59
C LEU F 152 15.24 -45.31 19.78
N PRO F 153 16.35 -44.54 19.65
CA PRO F 153 16.71 -43.55 20.66
C PRO F 153 15.76 -42.36 20.49
N SER F 154 15.93 -41.35 21.36
CA SER F 154 15.03 -40.22 21.41
C SER F 154 14.86 -39.61 20.02
N THR F 155 13.62 -39.25 19.67
CA THR F 155 13.34 -38.45 18.49
C THR F 155 14.40 -37.35 18.29
N MET F 156 14.76 -36.69 19.40
CA MET F 156 15.47 -35.42 19.41
C MET F 156 17.00 -35.59 19.33
N SER F 157 17.51 -36.79 19.55
CA SER F 157 18.95 -37.01 19.56
C SER F 157 19.53 -36.81 18.15
N ALA F 158 18.69 -36.97 17.13
CA ALA F 158 19.05 -36.61 15.77
C ALA F 158 19.36 -35.11 15.71
N VAL F 159 18.34 -34.32 15.99
CA VAL F 159 18.36 -32.89 15.69
C VAL F 159 18.86 -32.09 16.90
N GLN F 160 19.49 -32.76 17.87
CA GLN F 160 19.86 -32.12 19.12
C GLN F 160 21.04 -31.18 18.89
N LEU F 161 20.93 -29.96 19.44
CA LEU F 161 22.04 -29.01 19.48
C LEU F 161 23.13 -29.55 20.40
N GLU F 162 24.39 -29.26 20.07
CA GLU F 162 25.54 -29.82 20.75
C GLU F 162 25.89 -28.99 22.00
N SER F 163 25.18 -27.88 22.20
CA SER F 163 25.28 -27.07 23.41
C SER F 163 24.14 -27.40 24.38
N LEU F 164 22.96 -27.71 23.84
CA LEU F 164 21.78 -27.97 24.66
C LEU F 164 21.69 -29.45 24.99
N ASN F 165 22.78 -30.19 24.75
CA ASN F 165 22.95 -31.56 25.24
C ASN F 165 22.99 -31.55 26.76
N LYS F 166 23.73 -30.60 27.34
CA LYS F 166 24.11 -30.65 28.75
C LYS F 166 22.92 -30.32 29.66
N CYS F 167 21.81 -29.81 29.08
CA CYS F 167 20.57 -29.60 29.80
C CYS F 167 19.52 -30.66 29.47
N GLN F 168 19.97 -31.86 29.03
CA GLN F 168 19.08 -32.93 28.61
C GLN F 168 18.79 -33.91 29.76
N ILE F 169 19.65 -33.95 30.79
CA ILE F 169 19.39 -34.78 31.96
C ILE F 169 18.80 -33.89 33.06
N PHE F 170 17.86 -34.47 33.81
CA PHE F 170 17.13 -33.76 34.85
C PHE F 170 17.25 -34.50 36.17
N PRO F 171 17.17 -33.81 37.35
CA PRO F 171 17.05 -34.49 38.64
C PRO F 171 15.70 -35.18 38.82
N SER F 182 3.19 -32.00 41.15
CA SER F 182 3.36 -33.43 40.79
C SER F 182 3.06 -33.67 39.30
N TYR F 183 2.59 -32.64 38.58
CA TYR F 183 2.48 -32.70 37.13
C TYR F 183 3.05 -31.45 36.48
N LYS F 184 3.60 -30.52 37.28
CA LYS F 184 4.36 -29.39 36.74
C LYS F 184 5.76 -29.86 36.38
N TRP F 185 6.16 -31.02 36.91
CA TRP F 185 7.37 -31.70 36.49
C TRP F 185 7.24 -32.14 35.03
N TRP F 186 6.08 -32.70 34.67
CA TRP F 186 5.83 -33.20 33.31
C TRP F 186 5.85 -32.05 32.30
N GLN F 187 5.49 -30.84 32.72
CA GLN F 187 5.64 -29.66 31.87
C GLN F 187 7.11 -29.23 31.91
N LYS F 188 7.78 -29.44 33.04
CA LYS F 188 9.20 -29.13 33.21
C LYS F 188 10.09 -30.28 32.69
N TYR F 189 9.45 -31.25 32.04
CA TYR F 189 10.15 -32.29 31.31
C TYR F 189 10.10 -31.97 29.82
N GLN F 190 8.87 -31.86 29.29
CA GLN F 190 8.61 -31.73 27.87
C GLN F 190 9.25 -30.48 27.28
N LYS F 191 9.17 -29.36 28.00
CA LYS F 191 9.77 -28.11 27.56
C LYS F 191 11.30 -28.21 27.62
N ARG F 192 11.80 -29.11 28.48
CA ARG F 192 13.23 -29.29 28.69
C ARG F 192 13.77 -30.47 27.90
N LYS F 193 12.89 -31.34 27.38
CA LYS F 193 13.31 -32.48 26.58
C LYS F 193 13.18 -32.15 25.10
N PHE F 194 12.04 -31.56 24.72
CA PHE F 194 11.74 -31.28 23.33
C PHE F 194 11.93 -29.79 23.05
N HIS F 195 13.09 -29.26 23.48
CA HIS F 195 13.42 -27.86 23.26
C HIS F 195 13.86 -27.68 21.81
N CYS F 196 14.46 -28.72 21.22
CA CYS F 196 15.01 -28.65 19.87
C CYS F 196 13.94 -29.04 18.85
N ALA F 197 12.74 -29.33 19.34
CA ALA F 197 11.55 -29.39 18.50
C ALA F 197 11.54 -28.20 17.54
N ASN F 198 11.90 -27.03 18.08
CA ASN F 198 11.84 -25.78 17.33
C ASN F 198 12.69 -25.87 16.05
N LEU F 199 13.64 -26.83 16.00
CA LEU F 199 14.48 -27.02 14.82
C LEU F 199 13.78 -27.94 13.81
N THR F 200 12.73 -28.64 14.26
CA THR F 200 11.94 -29.53 13.44
C THR F 200 10.68 -28.80 12.99
N SER F 201 10.03 -29.35 11.97
CA SER F 201 8.72 -28.83 11.57
C SER F 201 7.62 -29.37 12.47
N TRP F 202 7.93 -29.62 13.76
CA TRP F 202 6.91 -30.08 14.70
C TRP F 202 7.22 -29.67 16.15
N PRO F 203 6.18 -29.60 17.01
CA PRO F 203 6.30 -29.07 18.37
C PRO F 203 6.53 -30.04 19.52
N ARG F 204 6.89 -29.46 20.66
CA ARG F 204 7.22 -30.22 21.87
C ARG F 204 6.21 -31.34 22.06
N TRP F 205 4.94 -30.94 22.17
CA TRP F 205 3.88 -31.82 22.64
C TRP F 205 3.63 -32.99 21.68
N LEU F 206 3.96 -32.85 20.39
CA LEU F 206 3.78 -33.97 19.47
C LEU F 206 4.89 -34.99 19.68
N TYR F 207 6.14 -34.52 19.74
CA TYR F 207 7.27 -35.41 19.94
C TYR F 207 7.22 -36.07 21.33
N SER F 208 6.14 -35.81 22.09
CA SER F 208 5.88 -36.46 23.36
C SER F 208 4.94 -37.66 23.17
N LEU F 209 4.03 -37.57 22.21
CA LEU F 209 3.09 -38.65 21.93
C LEU F 209 3.81 -39.89 21.40
N TYR F 210 5.06 -39.69 20.95
CA TYR F 210 5.89 -40.79 20.52
C TYR F 210 7.08 -40.93 21.47
N ASP F 211 6.94 -40.38 22.68
CA ASP F 211 7.93 -40.54 23.74
C ASP F 211 7.59 -41.79 24.54
N ALA F 212 8.58 -42.65 24.75
CA ALA F 212 8.42 -43.84 25.57
C ALA F 212 7.86 -43.45 26.94
N GLU F 213 8.66 -42.70 27.71
CA GLU F 213 8.42 -42.46 29.13
C GLU F 213 7.02 -41.92 29.36
N THR F 214 6.63 -40.92 28.55
CA THR F 214 5.31 -40.33 28.59
C THR F 214 4.26 -41.42 28.46
N LEU F 215 4.44 -42.30 27.46
CA LEU F 215 3.45 -43.32 27.11
C LEU F 215 3.26 -44.28 28.28
N MET F 216 4.35 -44.60 28.99
CA MET F 216 4.30 -45.56 30.08
C MET F 216 3.45 -44.99 31.22
N ASP F 217 3.75 -43.75 31.61
CA ASP F 217 2.99 -43.12 32.68
C ASP F 217 1.54 -42.94 32.28
N ARG F 218 1.30 -42.56 31.02
CA ARG F 218 -0.05 -42.42 30.50
C ARG F 218 -0.80 -43.74 30.71
N ILE F 219 -0.03 -44.85 30.64
CA ILE F 219 -0.56 -46.18 30.86
C ILE F 219 -0.64 -46.46 32.35
N LYS F 220 0.42 -46.11 33.11
CA LYS F 220 0.37 -46.26 34.56
C LYS F 220 -0.97 -45.76 35.11
N LYS F 221 -1.36 -44.54 34.73
CA LYS F 221 -2.49 -43.82 35.30
C LYS F 221 -3.81 -44.51 34.94
N GLN F 222 -3.80 -45.34 33.89
CA GLN F 222 -5.00 -46.04 33.44
C GLN F 222 -5.06 -47.44 34.06
N LEU F 223 -3.95 -47.92 34.63
CA LEU F 223 -3.91 -49.19 35.36
C LEU F 223 -4.08 -48.92 36.86
N ARG F 224 -4.02 -47.65 37.26
CA ARG F 224 -4.00 -47.27 38.66
C ARG F 224 -5.42 -47.23 39.22
N GLU F 225 -6.44 -47.24 38.34
CA GLU F 225 -7.83 -47.39 38.73
C GLU F 225 -8.22 -48.86 38.73
N TRP F 226 -7.23 -49.73 38.50
CA TRP F 226 -7.36 -51.16 38.70
C TRP F 226 -6.66 -51.58 40.00
N ASP F 227 -5.94 -50.63 40.63
CA ASP F 227 -5.42 -50.80 41.98
C ASP F 227 -5.95 -49.62 42.82
N SER F 234 8.22 -51.72 41.76
CA SER F 234 6.80 -51.98 41.43
C SER F 234 6.69 -52.83 40.17
N LEU F 235 7.23 -52.32 39.04
CA LEU F 235 7.22 -53.00 37.75
C LEU F 235 8.38 -52.45 36.90
N PRO F 236 8.51 -52.74 35.57
CA PRO F 236 9.75 -52.43 34.86
C PRO F 236 10.07 -50.97 34.49
N SER F 237 11.39 -50.70 34.36
CA SER F 237 11.94 -49.44 33.88
C SER F 237 11.88 -49.39 32.35
N ASN F 238 12.33 -50.49 31.73
CA ASN F 238 12.42 -50.62 30.30
C ASN F 238 11.02 -50.79 29.71
N PRO F 239 10.58 -49.88 28.81
CA PRO F 239 9.27 -49.98 28.17
C PRO F 239 9.04 -51.26 27.36
N ILE F 240 10.12 -51.88 26.90
CA ILE F 240 9.98 -53.14 26.18
C ILE F 240 9.24 -54.10 27.08
N ASP F 241 9.82 -54.35 28.26
CA ASP F 241 9.22 -55.24 29.24
C ASP F 241 7.81 -54.76 29.55
N PHE F 242 7.67 -53.44 29.74
CA PHE F 242 6.41 -52.82 30.12
C PHE F 242 5.34 -53.08 29.05
N SER F 243 5.70 -52.83 27.79
CA SER F 243 4.77 -52.99 26.68
C SER F 243 4.21 -54.41 26.70
N TYR F 244 5.14 -55.38 26.64
CA TYR F 244 4.81 -56.79 26.65
C TYR F 244 3.89 -57.08 27.84
N ARG F 245 4.27 -56.57 29.00
CA ARG F 245 3.62 -56.90 30.26
C ARG F 245 2.17 -56.44 30.27
N VAL F 246 1.91 -55.23 29.77
CA VAL F 246 0.56 -54.69 29.81
C VAL F 246 -0.28 -55.37 28.74
N ALA F 247 0.38 -55.98 27.75
CA ALA F 247 -0.28 -56.67 26.65
C ALA F 247 -0.94 -57.97 27.13
N ALA F 248 -0.58 -58.41 28.35
CA ALA F 248 -1.18 -59.59 28.94
C ALA F 248 -2.51 -59.27 29.61
N CYS F 249 -2.80 -57.98 29.81
CA CYS F 249 -3.99 -57.52 30.51
C CYS F 249 -5.10 -57.16 29.53
N LEU F 250 -4.69 -56.75 28.32
CA LEU F 250 -5.62 -56.40 27.26
C LEU F 250 -6.47 -57.61 26.86
N PRO F 251 -7.76 -57.63 27.24
CA PRO F 251 -8.61 -58.78 27.00
C PRO F 251 -9.12 -58.72 25.57
N ILE F 252 -8.19 -58.87 24.63
CA ILE F 252 -8.48 -58.65 23.22
C ILE F 252 -8.94 -59.97 22.61
N ASP F 253 -9.59 -59.88 21.44
CA ASP F 253 -9.93 -61.07 20.68
C ASP F 253 -8.62 -61.66 20.16
N ASP F 254 -8.68 -62.74 19.37
CA ASP F 254 -7.48 -63.32 18.81
C ASP F 254 -6.84 -62.33 17.84
N VAL F 255 -7.60 -61.97 16.80
CA VAL F 255 -7.05 -61.26 15.64
C VAL F 255 -6.36 -59.97 16.10
N LEU F 256 -6.89 -59.35 17.16
CA LEU F 256 -6.25 -58.20 17.80
C LEU F 256 -4.89 -58.63 18.35
N ARG F 257 -4.92 -59.48 19.39
CA ARG F 257 -3.74 -59.83 20.17
C ARG F 257 -2.50 -59.94 19.28
N ILE F 258 -2.65 -60.56 18.10
CA ILE F 258 -1.53 -60.73 17.20
C ILE F 258 -0.93 -59.37 16.84
N GLN F 259 -1.74 -58.45 16.31
CA GLN F 259 -1.18 -57.20 15.82
C GLN F 259 -0.21 -56.66 16.88
N LEU F 260 -0.48 -56.92 18.17
CA LEU F 260 0.41 -56.53 19.26
C LEU F 260 1.76 -57.22 19.15
N LEU F 261 1.72 -58.50 18.79
CA LEU F 261 2.90 -59.35 18.82
C LEU F 261 3.83 -58.95 17.68
N LYS F 262 3.25 -58.76 16.49
CA LYS F 262 4.00 -58.39 15.30
C LYS F 262 4.67 -57.03 15.50
N ILE F 263 3.91 -56.05 16.03
CA ILE F 263 4.41 -54.70 16.24
C ILE F 263 5.65 -54.75 17.13
N GLY F 264 6.81 -54.51 16.51
CA GLY F 264 8.09 -54.58 17.19
C GLY F 264 8.22 -53.51 18.28
N SER F 265 8.36 -52.25 17.86
CA SER F 265 8.82 -51.17 18.72
C SER F 265 7.99 -51.06 20.00
N ALA F 266 8.71 -50.90 21.12
CA ALA F 266 8.09 -50.64 22.41
C ALA F 266 7.12 -49.45 22.28
N ILE F 267 7.63 -48.37 21.69
CA ILE F 267 6.84 -47.18 21.46
C ILE F 267 5.56 -47.61 20.74
N GLN F 268 5.72 -48.09 19.50
CA GLN F 268 4.61 -48.43 18.64
C GLN F 268 3.51 -49.13 19.43
N ARG F 269 3.95 -50.06 20.28
CA ARG F 269 3.04 -50.95 21.01
C ARG F 269 2.31 -50.17 22.09
N LEU F 270 3.09 -49.53 22.98
CA LEU F 270 2.51 -48.73 24.03
C LEU F 270 1.37 -47.91 23.46
N ARG F 271 1.64 -47.18 22.37
CA ARG F 271 0.63 -46.38 21.68
C ARG F 271 -0.56 -47.26 21.29
N CYS F 272 -0.27 -48.45 20.72
CA CYS F 272 -1.31 -49.40 20.32
C CYS F 272 -1.99 -50.00 21.54
N GLU F 273 -1.34 -49.96 22.70
CA GLU F 273 -1.97 -50.40 23.93
C GLU F 273 -2.92 -49.32 24.45
N LEU F 274 -2.44 -48.08 24.49
CA LEU F 274 -3.25 -46.99 24.99
C LEU F 274 -4.49 -46.80 24.13
N ASP F 275 -4.30 -46.75 22.80
CA ASP F 275 -5.42 -46.52 21.91
C ASP F 275 -6.44 -47.65 22.03
N ILE F 276 -6.04 -48.79 22.60
CA ILE F 276 -6.95 -49.88 22.90
C ILE F 276 -7.70 -49.62 24.20
N MET F 277 -6.96 -49.32 25.27
CA MET F 277 -7.55 -49.17 26.59
C MET F 277 -8.73 -48.19 26.54
N ASN F 278 -8.50 -47.00 25.99
CA ASN F 278 -9.51 -45.94 25.96
C ASN F 278 -10.67 -46.32 25.06
N LYS F 279 -10.36 -46.90 23.90
CA LYS F 279 -11.31 -47.05 22.81
C LYS F 279 -12.17 -48.30 22.97
N CYS F 280 -11.72 -49.28 23.77
CA CYS F 280 -12.38 -50.57 23.90
C CYS F 280 -13.17 -50.66 25.22
N THR F 281 -14.36 -50.05 25.20
CA THR F 281 -15.16 -49.86 26.40
C THR F 281 -15.84 -51.18 26.81
N SER F 282 -16.69 -51.73 25.93
CA SER F 282 -17.64 -52.77 26.29
C SER F 282 -17.09 -54.16 25.95
N LEU F 283 -17.16 -55.07 26.92
CA LEU F 283 -16.85 -56.48 26.72
C LEU F 283 -18.13 -57.24 26.50
N CYS F 284 -18.48 -57.45 25.23
CA CYS F 284 -19.69 -58.20 24.88
C CYS F 284 -19.36 -59.69 24.83
N CYS F 285 -20.38 -60.53 24.67
CA CYS F 285 -20.17 -61.96 24.49
C CYS F 285 -19.86 -62.25 23.04
N LYS F 286 -18.80 -63.04 22.81
CA LYS F 286 -18.24 -63.21 21.48
C LYS F 286 -19.24 -63.87 20.53
N GLN F 287 -20.19 -64.64 21.07
CA GLN F 287 -21.10 -65.42 20.24
C GLN F 287 -22.10 -64.50 19.54
N CYS F 288 -23.18 -64.11 20.23
CA CYS F 288 -24.32 -63.45 19.59
C CYS F 288 -23.96 -62.03 19.18
N GLN F 289 -22.89 -61.47 19.80
CA GLN F 289 -22.15 -60.33 19.31
C GLN F 289 -22.65 -59.07 20.03
N GLU F 290 -23.89 -58.66 19.73
CA GLU F 290 -24.55 -57.59 20.47
C GLU F 290 -25.10 -58.19 21.77
N THR F 291 -24.28 -58.22 22.83
CA THR F 291 -24.75 -58.57 24.17
C THR F 291 -23.67 -58.27 25.19
N GLU F 292 -23.67 -57.04 25.74
CA GLU F 292 -22.62 -56.57 26.63
C GLU F 292 -22.60 -57.45 27.89
N ILE F 293 -21.42 -57.62 28.47
CA ILE F 293 -21.24 -58.43 29.67
C ILE F 293 -20.57 -57.59 30.77
N THR F 294 -19.56 -56.80 30.42
CA THR F 294 -19.02 -55.87 31.39
C THR F 294 -18.37 -54.69 30.67
N THR F 295 -17.74 -53.82 31.46
CA THR F 295 -17.29 -52.51 31.01
C THR F 295 -15.96 -52.20 31.66
N LYS F 296 -15.21 -51.25 31.07
CA LYS F 296 -13.91 -50.84 31.59
C LYS F 296 -14.04 -50.36 33.04
N ASN F 297 -15.23 -49.87 33.44
CA ASN F 297 -15.45 -49.43 34.80
C ASN F 297 -15.10 -50.56 35.77
N GLU F 298 -15.59 -51.78 35.45
CA GLU F 298 -15.78 -52.86 36.41
C GLU F 298 -14.61 -53.85 36.37
N ILE F 299 -13.58 -53.58 35.55
CA ILE F 299 -12.34 -54.34 35.59
C ILE F 299 -11.62 -54.04 36.91
N PHE F 300 -10.71 -54.92 37.34
CA PHE F 300 -9.84 -54.61 38.47
C PHE F 300 -8.72 -55.64 38.63
N SER F 301 -7.61 -55.19 39.23
CA SER F 301 -6.44 -56.02 39.48
C SER F 301 -6.68 -56.90 40.70
N LEU F 302 -6.91 -58.20 40.45
CA LEU F 302 -6.85 -59.21 41.50
C LEU F 302 -5.46 -59.83 41.56
N SER F 303 -4.98 -60.25 40.38
CA SER F 303 -3.65 -60.80 40.25
C SER F 303 -2.64 -59.65 40.17
N LEU F 304 -1.38 -59.95 40.50
CA LEU F 304 -0.31 -59.02 40.26
C LEU F 304 -0.17 -58.82 38.74
N CYS F 305 -0.30 -59.92 37.98
CA CYS F 305 -0.31 -59.88 36.51
C CYS F 305 -1.31 -58.87 35.99
N GLY F 306 -2.23 -58.43 36.87
CA GLY F 306 -3.16 -57.35 36.57
C GLY F 306 -4.59 -57.81 36.81
N PRO F 307 -5.50 -57.65 35.83
CA PRO F 307 -6.81 -58.29 35.90
C PRO F 307 -6.87 -59.68 35.27
N MET F 308 -6.23 -59.83 34.10
CA MET F 308 -6.29 -61.04 33.31
C MET F 308 -4.95 -61.76 33.32
N ALA F 309 -4.96 -62.96 33.90
CA ALA F 309 -3.85 -63.89 33.80
C ALA F 309 -4.35 -65.21 33.22
N ALA F 310 -3.39 -66.05 32.80
CA ALA F 310 -3.69 -67.37 32.25
C ALA F 310 -3.64 -68.42 33.35
N TYR F 311 -4.74 -69.18 33.49
CA TYR F 311 -4.85 -70.26 34.46
C TYR F 311 -5.27 -71.53 33.72
N VAL F 312 -4.89 -72.70 34.30
CA VAL F 312 -5.26 -74.00 33.75
C VAL F 312 -6.15 -74.74 34.75
N ASN F 313 -7.17 -75.41 34.19
CA ASN F 313 -8.16 -76.15 34.96
C ASN F 313 -7.55 -77.54 35.23
N PRO F 314 -8.27 -78.46 35.90
CA PRO F 314 -7.67 -79.76 36.21
C PRO F 314 -7.74 -80.68 35.00
N HIS F 315 -7.56 -80.10 33.80
CA HIS F 315 -7.60 -80.85 32.57
C HIS F 315 -6.73 -80.20 31.49
N GLY F 316 -5.75 -79.39 31.92
CA GLY F 316 -4.78 -78.79 31.02
C GLY F 316 -5.41 -77.80 30.04
N TYR F 317 -6.65 -77.36 30.35
CA TYR F 317 -7.33 -76.35 29.57
C TYR F 317 -6.94 -74.99 30.12
N VAL F 318 -6.80 -73.99 29.25
CA VAL F 318 -6.19 -72.73 29.66
C VAL F 318 -7.29 -71.66 29.64
N HIS F 319 -7.24 -70.76 30.63
CA HIS F 319 -8.22 -69.71 30.75
C HIS F 319 -7.58 -68.40 31.19
N GLU F 320 -7.07 -67.65 30.21
CA GLU F 320 -6.78 -66.24 30.43
C GLU F 320 -8.09 -65.60 30.87
N THR F 321 -8.22 -65.26 32.15
CA THR F 321 -9.53 -64.92 32.69
C THR F 321 -9.52 -63.58 33.45
N LEU F 322 -10.47 -62.71 33.09
CA LEU F 322 -10.59 -61.36 33.63
C LEU F 322 -11.26 -61.39 34.99
N THR F 323 -10.63 -60.69 35.93
CA THR F 323 -11.19 -60.46 37.25
C THR F 323 -11.99 -59.15 37.21
N VAL F 324 -13.33 -59.28 37.21
CA VAL F 324 -14.21 -58.13 37.07
C VAL F 324 -15.25 -58.15 38.19
N TYR F 325 -15.65 -56.96 38.67
CA TYR F 325 -16.41 -56.79 39.88
C TYR F 325 -17.87 -57.19 39.66
N LYS F 326 -18.42 -56.85 38.50
CA LYS F 326 -19.76 -57.32 38.17
C LYS F 326 -19.80 -57.62 36.68
N ALA F 327 -20.92 -58.20 36.24
CA ALA F 327 -21.17 -58.43 34.83
C ALA F 327 -22.65 -58.69 34.59
N CYS F 328 -23.15 -58.08 33.50
CA CYS F 328 -24.57 -58.07 33.14
C CYS F 328 -24.85 -59.22 32.17
N ASN F 329 -26.06 -59.81 32.27
CA ASN F 329 -26.56 -60.82 31.35
C ASN F 329 -25.86 -62.16 31.57
N LEU F 330 -26.07 -62.77 32.75
CA LEU F 330 -25.49 -64.07 33.08
C LEU F 330 -26.48 -64.92 33.89
N ASN F 331 -26.62 -66.19 33.49
CA ASN F 331 -27.24 -67.24 34.31
C ASN F 331 -26.16 -68.01 35.05
N LEU F 332 -26.53 -68.63 36.17
CA LEU F 332 -25.64 -69.53 36.89
C LEU F 332 -26.19 -70.95 36.75
N ILE F 333 -25.32 -71.93 37.01
CA ILE F 333 -25.72 -73.32 37.20
C ILE F 333 -24.70 -74.01 38.10
N GLY F 334 -25.12 -75.18 38.61
CA GLY F 334 -24.38 -75.87 39.64
C GLY F 334 -24.56 -75.17 40.97
N ARG F 335 -23.53 -75.27 41.82
CA ARG F 335 -23.49 -74.60 43.11
C ARG F 335 -22.03 -74.34 43.45
N PRO F 336 -21.69 -73.22 44.12
CA PRO F 336 -20.30 -72.86 44.38
C PRO F 336 -19.47 -74.04 44.87
N SER F 337 -18.23 -74.13 44.35
CA SER F 337 -17.29 -75.19 44.69
C SER F 337 -15.90 -74.59 44.88
N THR F 338 -15.11 -75.12 45.84
CA THR F 338 -13.74 -74.66 46.09
C THR F 338 -12.71 -75.70 45.61
N GLU F 339 -13.18 -76.63 44.78
CA GLU F 339 -12.31 -77.63 44.14
C GLU F 339 -11.53 -76.96 43.02
N HIS F 340 -10.19 -76.99 43.14
CA HIS F 340 -9.28 -76.51 42.11
C HIS F 340 -9.62 -75.05 41.79
N SER F 341 -9.45 -74.18 42.78
CA SER F 341 -9.73 -72.76 42.59
C SER F 341 -8.41 -72.03 42.37
N TRP F 342 -8.33 -71.29 41.27
CA TRP F 342 -7.16 -70.52 40.93
C TRP F 342 -6.97 -69.36 41.92
N PHE F 343 -8.09 -68.87 42.42
CA PHE F 343 -8.12 -67.90 43.50
C PHE F 343 -8.28 -68.65 44.83
N PRO F 344 -7.27 -68.62 45.73
CA PRO F 344 -7.39 -69.27 47.03
C PRO F 344 -8.36 -68.56 47.99
N GLY F 345 -9.53 -69.17 48.21
CA GLY F 345 -10.50 -68.66 49.15
C GLY F 345 -11.88 -68.47 48.53
N TYR F 346 -11.90 -68.18 47.22
CA TYR F 346 -13.15 -68.02 46.51
C TYR F 346 -13.68 -69.40 46.15
N ALA F 347 -14.90 -69.40 45.63
CA ALA F 347 -15.55 -70.63 45.19
C ALA F 347 -16.33 -70.36 43.91
N TRP F 348 -15.87 -70.96 42.82
CA TRP F 348 -16.47 -70.74 41.51
C TRP F 348 -17.87 -71.34 41.46
N THR F 349 -18.70 -70.75 40.59
CA THR F 349 -19.91 -71.38 40.06
C THR F 349 -19.95 -71.08 38.57
N VAL F 350 -20.36 -72.05 37.75
CA VAL F 350 -20.25 -71.87 36.30
C VAL F 350 -21.24 -70.80 35.83
N ALA F 351 -20.81 -70.00 34.85
CA ALA F 351 -21.63 -68.94 34.25
C ALA F 351 -21.82 -69.18 32.76
N GLN F 352 -22.89 -68.62 32.17
CA GLN F 352 -23.06 -68.62 30.73
C GLN F 352 -23.97 -67.47 30.30
N CYS F 353 -24.18 -67.35 28.99
CA CYS F 353 -24.91 -66.24 28.39
C CYS F 353 -26.42 -66.51 28.45
N LYS F 354 -27.17 -65.54 28.96
CA LYS F 354 -28.63 -65.64 29.04
C LYS F 354 -29.21 -66.02 27.68
N ILE F 355 -28.68 -65.43 26.63
CA ILE F 355 -29.29 -65.49 25.30
C ILE F 355 -28.96 -66.83 24.67
N CYS F 356 -27.70 -66.95 24.23
CA CYS F 356 -27.27 -67.97 23.28
C CYS F 356 -26.80 -69.21 24.04
N ALA F 357 -26.32 -68.99 25.27
CA ALA F 357 -26.07 -70.03 26.27
C ALA F 357 -24.58 -70.37 26.40
N SER F 358 -23.74 -69.93 25.45
CA SER F 358 -22.33 -70.29 25.47
C SER F 358 -21.72 -69.91 26.82
N HIS F 359 -20.67 -70.64 27.22
CA HIS F 359 -20.04 -70.43 28.52
C HIS F 359 -19.16 -69.19 28.47
N ILE F 360 -19.26 -68.37 29.51
CA ILE F 360 -18.48 -67.12 29.59
C ILE F 360 -17.37 -67.28 30.61
N GLY F 361 -17.74 -67.72 31.83
CA GLY F 361 -16.78 -67.91 32.89
C GLY F 361 -17.44 -68.45 34.17
N TRP F 362 -16.90 -68.03 35.31
CA TRP F 362 -17.30 -68.52 36.62
C TRP F 362 -17.49 -67.37 37.60
N LYS F 363 -18.52 -67.46 38.45
CA LYS F 363 -18.78 -66.43 39.45
C LYS F 363 -18.20 -66.86 40.81
N PHE F 364 -17.21 -66.09 41.28
CA PHE F 364 -16.45 -66.44 42.47
C PHE F 364 -17.07 -65.78 43.68
N THR F 365 -17.53 -66.61 44.61
CA THR F 365 -18.05 -66.16 45.89
C THR F 365 -17.06 -66.57 46.98
N ALA F 366 -16.91 -65.71 48.00
CA ALA F 366 -16.01 -66.00 49.09
C ALA F 366 -16.68 -67.02 50.02
N THR F 367 -15.84 -67.76 50.76
CA THR F 367 -16.31 -68.68 51.78
C THR F 367 -16.37 -67.94 53.10
N LYS F 368 -15.25 -67.29 53.45
CA LYS F 368 -15.16 -66.47 54.65
C LYS F 368 -15.90 -65.15 54.43
N LYS F 369 -16.28 -64.50 55.54
CA LYS F 369 -17.07 -63.28 55.51
C LYS F 369 -16.21 -62.13 56.04
N ASP F 370 -14.90 -62.19 55.77
CA ASP F 370 -13.96 -61.16 56.18
C ASP F 370 -12.89 -60.99 55.10
N MET F 371 -13.33 -61.03 53.84
CA MET F 371 -12.49 -60.75 52.67
C MET F 371 -13.13 -59.60 51.89
N SER F 372 -12.32 -58.88 51.11
CA SER F 372 -12.86 -57.86 50.23
C SER F 372 -13.63 -58.57 49.11
N PRO F 373 -13.50 -58.24 47.80
CA PRO F 373 -14.57 -58.53 46.84
C PRO F 373 -15.42 -59.74 47.21
N GLN F 374 -16.58 -59.50 47.84
CA GLN F 374 -17.42 -60.59 48.33
C GLN F 374 -18.03 -61.38 47.18
N LYS F 375 -18.07 -60.77 45.98
CA LYS F 375 -18.56 -61.43 44.77
C LYS F 375 -17.87 -60.79 43.56
N PHE F 376 -17.49 -61.61 42.56
CA PHE F 376 -16.93 -61.09 41.31
C PHE F 376 -17.20 -62.07 40.17
N TRP F 377 -16.51 -61.88 39.05
CA TRP F 377 -16.60 -62.78 37.92
C TRP F 377 -15.22 -62.96 37.27
N GLY F 378 -14.84 -64.22 37.10
CA GLY F 378 -13.79 -64.58 36.16
C GLY F 378 -14.41 -64.91 34.81
N LEU F 379 -14.01 -64.15 33.78
CA LEU F 379 -14.42 -64.45 32.42
C LEU F 379 -13.22 -64.99 31.64
N THR F 380 -13.48 -65.85 30.65
CA THR F 380 -12.42 -66.37 29.81
C THR F 380 -12.33 -65.56 28.52
N ARG F 381 -11.10 -65.15 28.16
CA ARG F 381 -10.81 -64.30 27.01
C ARG F 381 -11.38 -64.88 25.70
N SER F 382 -11.53 -66.21 25.65
CA SER F 382 -12.01 -66.87 24.44
C SER F 382 -13.44 -66.47 24.12
N ALA F 383 -14.18 -65.98 25.12
CA ALA F 383 -15.61 -65.74 25.01
C ALA F 383 -15.95 -64.25 24.85
N LEU F 384 -14.94 -63.40 24.63
CA LEU F 384 -15.12 -61.96 24.75
C LEU F 384 -14.79 -61.26 23.43
N LEU F 385 -15.29 -60.01 23.33
CA LEU F 385 -15.21 -59.18 22.14
C LEU F 385 -15.31 -57.72 22.56
N PRO F 386 -14.19 -57.01 22.79
CA PRO F 386 -14.21 -55.55 22.97
C PRO F 386 -14.82 -54.74 21.82
N THR F 387 -15.80 -53.88 22.14
CA THR F 387 -16.49 -53.04 21.16
C THR F 387 -16.44 -51.58 21.65
N ILE F 388 -17.00 -50.66 20.85
CA ILE F 388 -16.58 -49.26 20.84
C ILE F 388 -17.74 -48.34 20.48
N PRO F 389 -19.01 -48.64 20.88
CA PRO F 389 -20.18 -48.23 20.10
C PRO F 389 -20.22 -46.79 19.58
N ASP F 390 -20.44 -46.65 18.25
CA ASP F 390 -20.60 -45.38 17.54
C ASP F 390 -19.42 -45.12 16.60
N THR F 391 -18.93 -46.16 15.91
CA THR F 391 -17.80 -46.03 15.00
C THR F 391 -18.29 -45.58 13.63
N ILE F 401 -11.68 -53.03 16.53
CA ILE F 401 -12.00 -53.35 15.11
C ILE F 401 -10.96 -52.69 14.20
N LEU F 402 -10.73 -51.38 14.40
CA LEU F 402 -9.84 -50.60 13.55
C LEU F 402 -8.38 -50.78 13.99
N CYS F 403 -8.12 -50.75 15.31
CA CYS F 403 -6.81 -50.96 15.92
C CYS F 403 -6.13 -49.62 16.22
N LEU F 404 -4.81 -49.66 16.51
CA LEU F 404 -4.05 -48.48 16.88
C LEU F 404 -4.30 -47.36 15.86
#